data_4WY0
#
_entry.id   4WY0
#
_cell.length_a   94.680
_cell.length_b   107.198
_cell.length_c   178.215
_cell.angle_alpha   90.000
_cell.angle_beta   92.240
_cell.angle_gamma   90.000
#
_symmetry.space_group_name_H-M   'P 1 21 1'
#
loop_
_entity.id
_entity.type
_entity.pdbx_description
1 polymer 'Pyridoxal biosynthesis lyase PdxS'
2 polymer 'Pyridoxal biosynthesis lyase PdxS'
3 polymer 'Pyridoxal biosynthesis lyase PdxS'
4 non-polymer 'CACODYLATE ION'
5 non-polymer 'PHOSPHATE ION'
6 non-polymer RIBOSE-5-PHOSPHATE
7 non-polymer 1,2-ETHANEDIOL
8 water water
#
loop_
_entity_poly.entity_id
_entity_poly.type
_entity_poly.pdbx_seq_one_letter_code
_entity_poly.pdbx_strand_id
1 'polypeptide(L)'
;ENLTPQHMASMALTGTDRVKRGMAEMQKGGVIMDVVNAEQAKIAEAAGAVAVMALERVPADIRAAGGVARMADPTVIEEV
MNAVSIPVMA(L5P)VRIGHYVEARVLEALGVDYIDESEVLTPADEEFHIDKRQFTVPFVCGCRDLGEAARRIAEGASML
RTKGEPGTGNIVEAVRHMRKVNAQIRKVVNMSEDELVAEAKQLGAPVEVLREIKRLGRLPVVNFAAGGVTTPADAALMMH
LGADGVFVGSGIFKSENPEKYARAIVEATTHYEDYELIAHLSKGLGGAMRGIDIATLLPEHRMQERGWA
;
A,C,E,G,I,J,K,L
2 'polypeptide(L)'
;ENLTPQHMASMALTGTDRVKRGMAEMQKGGVIMDVVNAEQAKIAEAAGAVAVMALERVPADIRAAGGVARMADPTVIEEV
MNAVSIPVMAKVRIGHYVEARVLEALGVDYIDESEVLTPADEEFHIDKRQFTVPFVCGCRDLGEAARRIAEGASMLRTKG
EPGTGNIVEAVRHMRKVNAQIRKVVNMSEDELVAEAKQLGAPVEVLREIKRLGRLPVVNFAAGGVTTPADAALMMHLGAD
GVFVGSGIFKSENPEKYARAIVEATTHYEDYELIAHLSKGLGGAMRGIDIATLLPEHRMQERGWA
;
B,D,H
3 'polypeptide(L)'
;ENLTPQHMASMALTGTDRVKRGMAEMQKGGVIMDVVNAEQAKIAEAAGAVAVMALERVPADIRAAGGVARMADPTVIEEV
MNAVSIPVMA(3ZL)VRIGHYVEARVLEALGVDYIDESEVLTPADEEFHIDKRQFTVPFVCGCRDLGEAARRIAEGASML
RTKGEPGTGNIVEAVRHMRKVNAQIRKVVNMSEDELVAEAKQLGAPVEVLREIKRLGRLPVVNFAAGGVTTPADAALMMH
LGADGVFVGSGIFKSENPEKYARAIVEATTHYEDYELIAHLSKGLGGAMRGIDIATLLPEHRMQERGW
;
F
#
# COMPACT_ATOMS: atom_id res chain seq x y z
N GLU A 25 31.78 38.04 25.68
CA GLU A 25 30.35 38.12 25.28
C GLU A 25 30.13 37.99 23.76
N MET A 26 31.18 38.23 22.97
CA MET A 26 31.11 38.30 21.50
C MET A 26 30.30 39.50 21.02
N GLN A 27 31.01 40.49 20.48
CA GLN A 27 30.39 41.76 20.13
C GLN A 27 29.27 41.59 19.11
N LYS A 28 28.03 41.74 19.61
CA LYS A 28 26.85 41.87 18.78
C LYS A 28 27.06 42.89 17.66
N GLY A 29 26.40 42.67 16.53
CA GLY A 29 26.57 43.48 15.33
C GLY A 29 27.79 43.12 14.49
N GLY A 30 28.58 42.15 14.95
CA GLY A 30 29.87 41.86 14.35
C GLY A 30 29.86 40.84 13.21
N VAL A 31 30.98 40.77 12.52
CA VAL A 31 31.19 39.81 11.45
C VAL A 31 32.39 38.93 11.80
N ILE A 32 32.21 37.61 11.67
CA ILE A 32 33.29 36.67 11.88
C ILE A 32 33.68 36.09 10.55
N MET A 33 34.97 36.07 10.26
CA MET A 33 35.46 35.73 8.93
C MET A 33 36.33 34.49 8.94
N ASP A 34 36.11 33.61 7.97
CA ASP A 34 36.98 32.44 7.75
C ASP A 34 38.29 32.91 7.13
N VAL A 35 39.41 32.45 7.70
CA VAL A 35 40.74 32.74 7.18
C VAL A 35 41.59 31.48 7.17
N VAL A 36 42.42 31.31 6.13
CA VAL A 36 43.31 30.14 6.02
C VAL A 36 44.77 30.44 6.35
N ASN A 37 45.13 31.71 6.56
CA ASN A 37 46.50 32.08 6.87
C ASN A 37 46.60 33.45 7.53
N ALA A 38 47.82 33.83 7.91
CA ALA A 38 48.07 35.09 8.59
C ALA A 38 47.68 36.30 7.75
N GLU A 39 47.94 36.25 6.45
CA GLU A 39 47.66 37.36 5.55
C GLU A 39 46.16 37.68 5.53
N GLN A 40 45.36 36.64 5.32
CA GLN A 40 43.91 36.77 5.34
C GLN A 40 43.40 37.25 6.69
N ALA A 41 43.98 36.72 7.76
CA ALA A 41 43.61 37.12 9.11
C ALA A 41 43.82 38.60 9.35
N LYS A 42 44.94 39.13 8.89
CA LYS A 42 45.25 40.56 9.06
C LYS A 42 44.26 41.43 8.29
N ILE A 43 43.96 41.04 7.06
CA ILE A 43 42.97 41.71 6.26
C ILE A 43 41.61 41.74 6.98
N ALA A 44 41.19 40.60 7.53
CA ALA A 44 39.93 40.52 8.26
C ALA A 44 39.91 41.48 9.45
N GLU A 45 40.99 41.47 10.22
CA GLU A 45 41.12 42.37 11.36
C GLU A 45 41.07 43.83 10.90
N ALA A 46 41.80 44.13 9.84
CA ALA A 46 41.84 45.49 9.29
C ALA A 46 40.46 45.94 8.80
N ALA A 47 39.70 45.03 8.21
CA ALA A 47 38.35 45.35 7.72
C ALA A 47 37.33 45.57 8.83
N GLY A 48 37.66 45.19 10.06
CA GLY A 48 36.76 45.40 11.19
C GLY A 48 36.04 44.16 11.70
N ALA A 49 36.47 42.97 11.27
CA ALA A 49 35.92 41.71 11.82
C ALA A 49 36.06 41.69 13.34
N VAL A 50 35.06 41.15 14.03
CA VAL A 50 35.13 41.00 15.49
C VAL A 50 35.90 39.75 15.88
N ALA A 51 36.05 38.81 14.97
CA ALA A 51 36.84 37.61 15.21
C ALA A 51 37.14 36.94 13.89
N VAL A 52 38.09 36.01 13.93
CA VAL A 52 38.37 35.19 12.76
C VAL A 52 38.25 33.72 13.09
N MET A 53 37.93 32.95 12.06
CA MET A 53 37.75 31.50 12.16
C MET A 53 38.87 30.89 11.35
N ALA A 54 39.83 30.26 12.02
CA ALA A 54 41.00 29.70 11.35
C ALA A 54 40.62 28.37 10.71
N LEU A 55 40.94 28.20 9.43
CA LEU A 55 40.70 26.96 8.70
C LEU A 55 41.92 26.46 7.97
N GLU A 56 41.92 25.18 7.63
CA GLU A 56 42.93 24.60 6.74
C GLU A 56 42.43 24.68 5.30
N ARG A 57 41.24 24.12 5.07
CA ARG A 57 40.58 24.20 3.75
C ARG A 57 39.08 23.98 3.90
N GLY A 67 35.92 13.57 0.89
CA GLY A 67 36.96 13.21 1.86
C GLY A 67 36.59 13.62 3.28
N VAL A 68 37.43 13.24 4.24
CA VAL A 68 37.14 13.51 5.65
C VAL A 68 37.73 14.85 6.09
N ALA A 69 36.88 15.71 6.66
CA ALA A 69 37.33 17.02 7.12
C ALA A 69 37.46 17.04 8.63
N ARG A 70 38.67 17.34 9.11
CA ARG A 70 39.01 17.26 10.53
C ARG A 70 39.46 18.61 11.07
N MET A 71 39.74 18.63 12.37
CA MET A 71 40.39 19.77 13.00
C MET A 71 41.60 20.15 12.16
N ALA A 72 41.86 21.45 12.06
CA ALA A 72 43.01 21.93 11.29
C ALA A 72 44.33 21.64 12.02
N ASP A 73 45.41 21.54 11.26
CA ASP A 73 46.77 21.42 11.80
C ASP A 73 46.99 22.57 12.78
N PRO A 74 47.42 22.24 13.99
CA PRO A 74 47.70 23.27 15.01
C PRO A 74 48.64 24.39 14.53
N THR A 75 49.57 24.05 13.64
CA THR A 75 50.48 25.05 13.08
C THR A 75 49.74 26.19 12.40
N VAL A 76 48.73 25.83 11.61
CA VAL A 76 47.92 26.83 10.89
C VAL A 76 47.16 27.71 11.87
N ILE A 77 46.66 27.10 12.94
CA ILE A 77 45.90 27.84 13.93
C ILE A 77 46.80 28.81 14.69
N GLU A 78 48.00 28.36 15.04
CA GLU A 78 48.96 29.22 15.72
C GLU A 78 49.40 30.38 14.82
N GLU A 79 49.60 30.11 13.54
CA GLU A 79 49.93 31.16 12.58
C GLU A 79 48.88 32.28 12.63
N VAL A 80 47.60 31.89 12.65
CA VAL A 80 46.51 32.86 12.71
C VAL A 80 46.46 33.55 14.05
N MET A 81 46.63 32.81 15.14
CA MET A 81 46.64 33.41 16.49
C MET A 81 47.72 34.48 16.66
N ASN A 82 48.90 34.24 16.10
CA ASN A 82 50.01 35.19 16.21
C ASN A 82 49.85 36.40 15.30
N ALA A 83 49.01 36.30 14.27
CA ALA A 83 48.86 37.34 13.28
C ALA A 83 47.91 38.46 13.68
N VAL A 84 47.05 38.25 14.68
CA VAL A 84 46.01 39.23 15.01
C VAL A 84 45.76 39.31 16.51
N SER A 85 45.12 40.40 16.92
CA SER A 85 44.79 40.65 18.32
C SER A 85 43.33 40.36 18.66
N ILE A 86 42.47 40.30 17.64
CA ILE A 86 41.06 39.93 17.84
C ILE A 86 40.95 38.43 18.14
N PRO A 87 39.84 38.01 18.75
CA PRO A 87 39.63 36.59 19.07
C PRO A 87 39.75 35.67 17.86
N VAL A 88 40.31 34.49 18.10
CA VAL A 88 40.47 33.48 17.06
C VAL A 88 39.65 32.25 17.41
N MET A 89 38.87 31.79 16.44
CA MET A 89 38.07 30.61 16.61
C MET A 89 38.62 29.52 15.71
N ALA A 90 38.34 28.27 16.06
CA ALA A 90 38.67 27.14 15.19
C ALA A 90 37.64 26.04 15.36
N VAL A 92 36.00 22.12 15.24
CA VAL A 92 36.19 20.70 15.44
C VAL A 92 35.00 19.92 14.88
N ARG A 93 35.20 18.63 14.65
CA ARG A 93 34.14 17.74 14.22
C ARG A 93 33.15 17.51 15.34
N ILE A 94 31.87 17.37 14.98
CA ILE A 94 30.80 17.17 15.96
C ILE A 94 31.11 15.92 16.78
N GLY A 95 31.08 16.09 18.10
CA GLY A 95 31.34 14.97 19.00
C GLY A 95 32.80 14.65 19.26
N HIS A 96 33.73 15.35 18.61
CA HIS A 96 35.15 15.03 18.76
C HIS A 96 35.74 15.73 19.99
N TYR A 97 35.50 15.12 21.13
CA TYR A 97 35.93 15.64 22.42
C TYR A 97 37.42 15.97 22.47
N VAL A 98 38.25 15.11 21.90
CA VAL A 98 39.71 15.32 21.97
C VAL A 98 40.19 16.44 21.05
N GLU A 99 39.65 16.52 19.83
CA GLU A 99 39.95 17.68 18.97
C GLU A 99 39.69 18.95 19.74
N ALA A 100 38.58 19.01 20.45
CA ALA A 100 38.21 20.20 21.20
C ALA A 100 39.23 20.47 22.31
N ARG A 101 39.62 19.42 23.05
CA ARG A 101 40.62 19.56 24.10
C ARG A 101 41.96 20.04 23.54
N VAL A 102 42.31 19.58 22.35
CA VAL A 102 43.53 20.01 21.68
C VAL A 102 43.48 21.52 21.41
N LEU A 103 42.38 21.99 20.84
CA LEU A 103 42.22 23.42 20.56
C LEU A 103 42.22 24.23 21.85
N GLU A 104 41.61 23.69 22.89
CA GLU A 104 41.62 24.34 24.19
C GLU A 104 43.06 24.51 24.66
N ALA A 105 43.86 23.45 24.54
CA ALA A 105 45.26 23.49 24.96
C ALA A 105 46.09 24.46 24.13
N LEU A 106 45.74 24.63 22.86
CA LEU A 106 46.43 25.59 22.00
C LEU A 106 46.15 27.05 22.36
N GLY A 107 45.12 27.31 23.16
CA GLY A 107 44.80 28.69 23.59
C GLY A 107 43.85 29.43 22.68
N VAL A 108 43.19 28.71 21.79
CA VAL A 108 42.09 29.22 20.98
C VAL A 108 41.06 29.97 21.85
N ASP A 109 40.43 31.00 21.31
CA ASP A 109 39.44 31.79 22.08
C ASP A 109 38.03 31.18 22.03
N TYR A 110 37.66 30.57 20.91
CA TYR A 110 36.37 29.88 20.79
C TYR A 110 36.53 28.62 19.98
N ILE A 111 35.77 27.59 20.34
CA ILE A 111 35.71 26.37 19.56
C ILE A 111 34.37 26.29 18.86
N ASP A 112 34.41 26.02 17.56
CA ASP A 112 33.21 25.85 16.77
C ASP A 112 32.99 24.36 16.49
N GLU A 113 32.02 23.77 17.18
CA GLU A 113 31.63 22.40 16.93
C GLU A 113 30.78 22.42 15.67
N SER A 114 31.40 22.06 14.55
CA SER A 114 30.91 22.46 13.25
C SER A 114 30.40 21.32 12.39
N GLU A 115 29.21 21.52 11.87
CA GLU A 115 28.57 20.56 10.97
C GLU A 115 29.20 20.52 9.56
N VAL A 116 30.00 21.51 9.18
CA VAL A 116 30.65 21.47 7.88
C VAL A 116 31.87 20.56 7.87
N LEU A 117 32.44 20.29 9.05
CA LEU A 117 33.43 19.23 9.15
C LEU A 117 32.71 17.91 9.21
N THR A 118 33.45 16.82 8.99
CA THR A 118 32.84 15.50 8.94
C THR A 118 32.51 15.01 10.35
N PRO A 119 31.19 14.84 10.66
CA PRO A 119 30.87 14.47 12.04
C PRO A 119 31.65 13.24 12.54
N ALA A 120 32.14 13.33 13.77
CA ALA A 120 32.79 12.20 14.43
C ALA A 120 31.81 11.37 15.22
N ASP A 121 30.71 11.99 15.63
CA ASP A 121 29.64 11.30 16.38
C ASP A 121 28.29 11.73 15.82
N GLU A 122 27.53 10.79 15.26
CA GLU A 122 26.20 11.07 14.69
C GLU A 122 25.12 11.31 15.73
N GLU A 123 25.34 10.90 16.98
CA GLU A 123 24.29 10.91 18.01
C GLU A 123 24.53 11.88 19.16
N PHE A 124 25.78 12.07 19.56
CA PHE A 124 26.08 12.83 20.76
C PHE A 124 27.06 13.94 20.45
N HIS A 125 26.69 15.16 20.78
CA HIS A 125 27.59 16.30 20.68
C HIS A 125 28.49 16.34 21.91
N ILE A 126 29.54 17.15 21.82
CA ILE A 126 30.48 17.32 22.91
C ILE A 126 29.78 17.89 24.15
N ASP A 127 30.12 17.37 25.32
CA ASP A 127 29.66 17.97 26.56
C ASP A 127 30.52 19.18 26.86
N LYS A 128 30.07 20.32 26.34
CA LYS A 128 30.83 21.54 26.36
C LYS A 128 30.90 22.20 27.73
N ARG A 129 30.05 21.76 28.65
CA ARG A 129 30.09 22.23 30.03
C ARG A 129 31.43 21.92 30.71
N GLN A 130 32.12 20.87 30.24
CA GLN A 130 33.35 20.41 30.87
C GLN A 130 34.59 21.22 30.44
N PHE A 131 34.38 22.26 29.63
CA PHE A 131 35.48 23.01 29.03
C PHE A 131 35.57 24.42 29.60
N THR A 132 36.78 24.96 29.55
CA THR A 132 37.05 26.35 29.93
C THR A 132 36.71 27.30 28.78
N VAL A 133 37.16 26.94 27.58
CA VAL A 133 36.92 27.74 26.40
C VAL A 133 35.45 27.66 25.95
N PRO A 134 34.87 28.78 25.50
CA PRO A 134 33.49 28.77 25.03
C PRO A 134 33.29 28.14 23.65
N PHE A 135 32.12 27.56 23.43
CA PHE A 135 31.80 26.92 22.16
C PHE A 135 30.72 27.68 21.43
N VAL A 136 30.84 27.71 20.11
CA VAL A 136 29.74 28.05 19.23
C VAL A 136 29.25 26.77 18.58
N CYS A 137 27.92 26.63 18.48
CA CYS A 137 27.31 25.48 17.84
C CYS A 137 26.27 25.93 16.82
N GLY A 138 26.02 25.08 15.83
CA GLY A 138 25.01 25.35 14.82
C GLY A 138 23.62 24.96 15.31
N CYS A 139 22.59 25.55 14.71
CA CYS A 139 21.22 25.11 14.93
C CYS A 139 20.36 25.48 13.76
N ARG A 140 19.29 24.71 13.54
CA ARG A 140 18.34 24.97 12.47
C ARG A 140 16.95 25.33 12.97
N ASP A 141 16.70 25.10 14.26
CA ASP A 141 15.42 25.42 14.88
C ASP A 141 15.62 25.57 16.38
N LEU A 142 14.57 25.93 17.10
CA LEU A 142 14.70 26.21 18.52
C LEU A 142 15.02 24.99 19.37
N GLY A 143 14.51 23.82 18.95
CA GLY A 143 14.80 22.58 19.62
C GLY A 143 16.28 22.29 19.62
N GLU A 144 16.90 22.37 18.45
CA GLU A 144 18.35 22.19 18.34
C GLU A 144 19.08 23.23 19.15
N ALA A 145 18.67 24.48 19.05
CA ALA A 145 19.31 25.55 19.79
C ALA A 145 19.33 25.26 21.27
N ALA A 146 18.18 24.83 21.78
CA ALA A 146 18.03 24.57 23.21
C ALA A 146 18.85 23.36 23.66
N ARG A 147 18.95 22.35 22.80
CA ARG A 147 19.76 21.19 23.11
C ARG A 147 21.24 21.55 23.13
N ARG A 148 21.67 22.37 22.17
CA ARG A 148 23.06 22.85 22.17
C ARG A 148 23.38 23.66 23.43
N ILE A 149 22.44 24.49 23.85
CA ILE A 149 22.61 25.27 25.07
C ILE A 149 22.70 24.36 26.29
N ALA A 150 21.87 23.34 26.34
CA ALA A 150 21.90 22.40 27.48
C ALA A 150 23.21 21.61 27.55
N GLU A 151 23.84 21.42 26.39
CA GLU A 151 25.16 20.80 26.34
C GLU A 151 26.30 21.74 26.72
N GLY A 152 25.99 23.03 26.89
CA GLY A 152 26.95 24.02 27.35
C GLY A 152 27.42 25.03 26.30
N ALA A 153 26.75 25.09 25.15
CA ALA A 153 27.11 26.07 24.11
C ALA A 153 27.01 27.50 24.65
N SER A 154 28.01 28.32 24.34
CA SER A 154 28.04 29.72 24.77
C SER A 154 27.56 30.65 23.66
N MET A 155 27.41 30.13 22.45
CA MET A 155 27.04 30.94 21.31
C MET A 155 26.41 30.05 20.23
N LEU A 156 25.51 30.62 19.44
CA LEU A 156 24.87 29.86 18.40
C LEU A 156 25.09 30.47 17.04
N ARG A 157 25.06 29.59 16.05
CA ARG A 157 25.15 29.94 14.66
C ARG A 157 23.92 29.29 14.02
N THR A 158 23.00 30.11 13.56
CA THR A 158 21.81 29.60 12.91
C THR A 158 22.09 29.47 11.43
N LYS A 159 22.11 28.23 10.96
CA LYS A 159 22.59 27.96 9.61
C LYS A 159 22.00 26.74 8.97
N GLY A 160 21.72 26.85 7.68
CA GLY A 160 21.32 25.70 6.86
C GLY A 160 22.50 25.04 6.18
N GLU A 161 22.41 24.89 4.86
CA GLU A 161 23.48 24.28 4.07
C GLU A 161 24.59 25.31 3.79
N PRO A 162 25.87 24.85 3.79
CA PRO A 162 27.04 25.71 3.55
C PRO A 162 27.54 25.68 2.12
N GLY A 163 28.30 26.71 1.74
CA GLY A 163 29.00 26.74 0.46
C GLY A 163 28.19 27.01 -0.80
N THR A 164 26.91 27.37 -0.64
CA THR A 164 26.03 27.56 -1.79
C THR A 164 26.05 28.99 -2.35
N GLY A 165 26.49 29.94 -1.52
CA GLY A 165 26.30 31.35 -1.84
C GLY A 165 24.84 31.80 -1.80
N ASN A 166 23.96 30.92 -1.31
CA ASN A 166 22.52 31.15 -1.35
C ASN A 166 22.04 31.46 0.05
N ILE A 167 21.53 32.67 0.24
CA ILE A 167 21.13 33.13 1.57
C ILE A 167 19.88 32.41 2.12
N VAL A 168 19.16 31.68 1.27
CA VAL A 168 17.88 31.07 1.68
C VAL A 168 18.05 30.12 2.87
N GLU A 169 19.23 29.54 2.96
CA GLU A 169 19.56 28.61 4.02
C GLU A 169 19.52 29.35 5.35
N ALA A 170 20.30 30.42 5.46
CA ALA A 170 20.32 31.26 6.63
C ALA A 170 18.92 31.80 6.95
N VAL A 171 18.21 32.30 5.94
CA VAL A 171 16.92 32.96 6.14
C VAL A 171 15.87 31.99 6.70
N ARG A 172 15.76 30.82 6.08
CA ARG A 172 14.81 29.79 6.53
C ARG A 172 14.96 29.56 8.03
N HIS A 173 16.20 29.39 8.47
CA HIS A 173 16.43 28.98 9.83
C HIS A 173 16.41 30.12 10.84
N MET A 174 16.85 31.31 10.42
CA MET A 174 16.72 32.45 11.31
C MET A 174 15.22 32.78 11.50
N ARG A 175 14.43 32.71 10.43
CA ARG A 175 12.99 32.94 10.54
C ARG A 175 12.33 31.91 11.45
N LYS A 176 12.71 30.64 11.30
CA LYS A 176 12.16 29.57 12.12
C LYS A 176 12.52 29.79 13.60
N VAL A 177 13.80 29.94 13.88
CA VAL A 177 14.27 30.07 15.26
C VAL A 177 13.60 31.27 15.94
N ASN A 178 13.58 32.41 15.27
CA ASN A 178 13.04 33.62 15.86
C ASN A 178 11.52 33.59 15.98
N ALA A 179 10.83 33.00 15.01
CA ALA A 179 9.40 32.81 15.12
C ALA A 179 9.09 31.92 16.32
N GLN A 180 9.85 30.84 16.49
CA GLN A 180 9.64 29.94 17.63
C GLN A 180 9.94 30.63 18.96
N ILE A 181 10.96 31.48 18.97
CA ILE A 181 11.26 32.24 20.18
C ILE A 181 10.10 33.20 20.54
N ARG A 182 9.62 33.96 19.56
CA ARG A 182 8.51 34.88 19.80
C ARG A 182 7.29 34.13 20.36
N LYS A 183 7.02 32.95 19.82
CA LYS A 183 5.91 32.13 20.30
C LYS A 183 6.12 31.80 21.78
N VAL A 184 7.30 31.30 22.12
CA VAL A 184 7.62 30.92 23.49
C VAL A 184 7.56 32.12 24.45
N VAL A 185 8.09 33.25 24.02
CA VAL A 185 8.12 34.45 24.86
C VAL A 185 6.71 34.89 25.27
N ASN A 186 5.75 34.75 24.39
CA ASN A 186 4.40 35.24 24.64
C ASN A 186 3.41 34.15 25.05
N MET A 187 3.82 32.89 25.06
CA MET A 187 2.86 31.83 25.34
C MET A 187 2.55 31.68 26.83
N SER A 188 1.40 31.11 27.10
CA SER A 188 0.95 30.84 28.45
C SER A 188 1.98 29.96 29.16
N GLU A 189 2.38 30.37 30.36
CA GLU A 189 3.42 29.69 31.13
C GLU A 189 3.15 28.20 31.29
N ASP A 190 1.89 27.84 31.52
CA ASP A 190 1.56 26.45 31.77
C ASP A 190 1.60 25.55 30.51
N GLU A 191 1.86 26.15 29.35
CA GLU A 191 1.96 25.38 28.11
C GLU A 191 3.40 25.04 27.71
N LEU A 192 4.38 25.51 28.48
CA LEU A 192 5.79 25.37 28.09
C LEU A 192 6.33 23.95 28.13
N VAL A 193 5.89 23.16 29.11
CA VAL A 193 6.35 21.78 29.20
C VAL A 193 5.94 21.04 27.94
N ALA A 194 4.69 21.19 27.54
CA ALA A 194 4.22 20.53 26.32
C ALA A 194 4.93 21.07 25.08
N GLU A 195 5.19 22.37 25.05
CA GLU A 195 5.93 22.98 23.94
C GLU A 195 7.33 22.40 23.85
N ALA A 196 7.97 22.25 25.01
CA ALA A 196 9.30 21.64 25.08
C ALA A 196 9.28 20.24 24.51
N LYS A 197 8.29 19.44 24.89
CA LYS A 197 8.17 18.07 24.40
C LYS A 197 8.06 18.07 22.88
N GLN A 198 7.22 18.95 22.36
CA GLN A 198 6.98 19.02 20.93
C GLN A 198 8.21 19.48 20.14
N LEU A 199 8.96 20.43 20.68
CA LEU A 199 10.19 20.91 20.05
C LEU A 199 11.39 19.97 20.23
N GLY A 200 11.33 19.08 21.22
CA GLY A 200 12.52 18.32 21.63
C GLY A 200 13.50 19.19 22.40
N ALA A 201 12.99 20.22 23.07
CA ALA A 201 13.83 21.15 23.84
C ALA A 201 13.79 20.85 25.33
N PRO A 202 14.87 21.17 26.06
CA PRO A 202 14.82 21.23 27.52
C PRO A 202 13.95 22.38 28.00
N VAL A 203 12.99 22.07 28.86
CA VAL A 203 12.02 23.07 29.30
C VAL A 203 12.70 24.24 30.03
N GLU A 204 13.73 23.97 30.82
CA GLU A 204 14.42 25.04 31.57
C GLU A 204 15.03 26.08 30.63
N VAL A 205 15.45 25.66 29.45
CA VAL A 205 15.95 26.61 28.46
C VAL A 205 14.80 27.46 27.93
N LEU A 206 13.66 26.83 27.65
CA LEU A 206 12.49 27.58 27.21
C LEU A 206 12.04 28.57 28.27
N ARG A 207 12.08 28.15 29.54
CA ARG A 207 11.73 29.03 30.64
C ARG A 207 12.66 30.23 30.72
N GLU A 208 13.95 29.98 30.55
CA GLU A 208 14.94 31.04 30.50
C GLU A 208 14.66 31.99 29.30
N ILE A 209 14.33 31.43 28.15
CA ILE A 209 14.02 32.23 26.97
C ILE A 209 12.83 33.14 27.23
N LYS A 210 11.79 32.59 27.82
CA LYS A 210 10.60 33.36 28.15
C LYS A 210 10.93 34.48 29.13
N ARG A 211 11.77 34.17 30.10
CA ARG A 211 12.19 35.14 31.10
C ARG A 211 12.98 36.31 30.49
N LEU A 212 13.94 36.00 29.62
CA LEU A 212 14.77 37.04 28.98
C LEU A 212 14.12 37.73 27.78
N GLY A 213 13.13 37.09 27.17
CA GLY A 213 12.57 37.61 25.93
C GLY A 213 13.43 37.35 24.72
N ARG A 214 14.44 36.49 24.87
CA ARG A 214 15.34 36.10 23.77
C ARG A 214 16.20 34.93 24.20
N LEU A 215 17.04 34.43 23.29
CA LEU A 215 17.99 33.40 23.65
C LEU A 215 18.96 33.93 24.69
N PRO A 216 19.36 33.09 25.64
CA PRO A 216 20.36 33.47 26.64
C PRO A 216 21.80 33.51 26.10
N VAL A 217 22.00 33.19 24.83
CA VAL A 217 23.29 33.37 24.17
C VAL A 217 23.11 34.12 22.87
N VAL A 218 24.22 34.64 22.38
CA VAL A 218 24.28 35.32 21.09
C VAL A 218 24.02 34.33 19.95
N ASN A 219 23.32 34.78 18.93
CA ASN A 219 22.94 33.93 17.79
C ASN A 219 23.26 34.63 16.47
N PHE A 220 24.30 34.15 15.79
CA PHE A 220 24.76 34.74 14.54
C PHE A 220 24.17 33.96 13.38
N ALA A 221 23.98 34.63 12.26
CA ALA A 221 23.55 33.97 11.04
C ALA A 221 24.75 33.48 10.26
N ALA A 222 24.57 32.39 9.54
CA ALA A 222 25.61 31.86 8.68
C ALA A 222 24.97 31.02 7.59
N GLY A 223 25.62 30.95 6.44
CA GLY A 223 25.11 30.19 5.30
C GLY A 223 24.77 31.07 4.12
N GLY A 224 25.73 31.23 3.22
CA GLY A 224 25.50 31.93 1.97
C GLY A 224 25.46 33.45 2.05
N VAL A 225 25.91 34.00 3.16
CA VAL A 225 25.98 35.46 3.31
C VAL A 225 27.08 35.95 2.37
N THR A 226 26.68 36.57 1.27
CA THR A 226 27.57 36.91 0.18
C THR A 226 27.67 38.42 -0.01
N THR A 227 26.55 39.10 -0.13
CA THR A 227 26.55 40.54 -0.40
C THR A 227 26.30 41.36 0.85
N PRO A 228 26.61 42.67 0.80
CA PRO A 228 26.28 43.54 1.91
C PRO A 228 24.79 43.53 2.23
N ALA A 229 23.95 43.48 1.21
CA ALA A 229 22.52 43.38 1.41
C ALA A 229 22.17 42.10 2.19
N ASP A 230 22.81 40.97 1.84
CA ASP A 230 22.60 39.71 2.59
C ASP A 230 22.87 39.87 4.08
N ALA A 231 24.00 40.49 4.39
CA ALA A 231 24.42 40.64 5.77
C ALA A 231 23.44 41.50 6.55
N ALA A 232 23.02 42.61 5.95
CA ALA A 232 22.06 43.48 6.59
C ALA A 232 20.70 42.79 6.74
N LEU A 233 20.31 41.99 5.76
CA LEU A 233 19.06 41.24 5.82
C LEU A 233 19.02 40.32 7.04
N MET A 234 20.11 39.62 7.29
CA MET A 234 20.16 38.74 8.44
C MET A 234 19.96 39.53 9.73
N MET A 235 20.53 40.74 9.80
CA MET A 235 20.33 41.59 10.96
C MET A 235 18.87 42.03 11.04
N HIS A 236 18.30 42.39 9.89
CA HIS A 236 16.89 42.75 9.84
C HIS A 236 16.00 41.61 10.39
N LEU A 237 16.40 40.37 10.12
CA LEU A 237 15.66 39.20 10.57
C LEU A 237 15.96 38.79 12.01
N GLY A 238 16.79 39.57 12.70
CA GLY A 238 16.99 39.39 14.14
C GLY A 238 18.26 38.68 14.53
N ALA A 239 19.19 38.48 13.60
CA ALA A 239 20.49 37.91 13.92
C ALA A 239 21.26 38.89 14.82
N ASP A 240 22.17 38.36 15.64
CA ASP A 240 23.07 39.21 16.44
C ASP A 240 24.35 39.57 15.67
N GLY A 241 24.55 38.96 14.51
CA GLY A 241 25.79 39.13 13.74
C GLY A 241 25.84 38.10 12.65
N VAL A 242 26.93 38.05 11.90
CA VAL A 242 27.03 37.12 10.79
C VAL A 242 28.41 36.48 10.68
N PHE A 243 28.43 35.24 10.20
CA PHE A 243 29.66 34.57 9.76
C PHE A 243 29.74 34.70 8.25
N VAL A 244 30.95 34.92 7.74
CA VAL A 244 31.17 34.93 6.30
C VAL A 244 32.35 34.03 5.99
N GLY A 245 32.29 33.38 4.84
CA GLY A 245 33.29 32.40 4.42
C GLY A 245 34.41 32.94 3.56
N SER A 246 35.18 32.03 2.98
CA SER A 246 36.39 32.35 2.21
C SER A 246 36.13 33.08 0.89
N GLY A 247 34.89 33.10 0.43
CA GLY A 247 34.50 33.86 -0.76
C GLY A 247 35.07 35.26 -0.80
N ILE A 248 35.12 35.92 0.36
CA ILE A 248 35.72 37.26 0.48
C ILE A 248 37.11 37.36 -0.17
N PHE A 249 37.95 36.37 0.08
CA PHE A 249 39.34 36.41 -0.38
C PHE A 249 39.54 35.93 -1.81
N LYS A 250 38.46 35.46 -2.44
CA LYS A 250 38.47 35.16 -3.87
C LYS A 250 38.01 36.34 -4.71
N SER A 251 37.65 37.45 -4.08
CA SER A 251 37.30 38.67 -4.81
C SER A 251 38.54 39.42 -5.30
N GLU A 252 38.31 40.42 -6.13
CA GLU A 252 39.42 41.23 -6.67
C GLU A 252 40.04 42.12 -5.60
N ASN A 253 39.21 42.60 -4.67
CA ASN A 253 39.65 43.48 -3.60
C ASN A 253 39.06 43.02 -2.25
N PRO A 254 39.67 42.00 -1.64
CA PRO A 254 39.20 41.42 -0.38
C PRO A 254 38.99 42.40 0.76
N GLU A 255 39.92 43.32 0.97
CA GLU A 255 39.81 44.27 2.07
C GLU A 255 38.60 45.18 1.89
N LYS A 256 38.32 45.61 0.65
CA LYS A 256 37.17 46.45 0.38
C LYS A 256 35.87 45.66 0.60
N TYR A 257 35.88 44.42 0.14
CA TYR A 257 34.72 43.53 0.24
C TYR A 257 34.42 43.22 1.71
N ALA A 258 35.43 42.81 2.45
CA ALA A 258 35.28 42.52 3.87
C ALA A 258 34.73 43.74 4.60
N ARG A 259 35.33 44.88 4.28
CA ARG A 259 34.91 46.16 4.81
C ARG A 259 33.42 46.44 4.55
N ALA A 260 32.96 46.19 3.33
CA ALA A 260 31.58 46.45 2.97
C ALA A 260 30.61 45.59 3.80
N ILE A 261 30.99 44.33 4.03
CA ILE A 261 30.18 43.43 4.84
C ILE A 261 30.13 43.92 6.28
N VAL A 262 31.29 44.30 6.81
CA VAL A 262 31.37 44.83 8.18
C VAL A 262 30.47 46.06 8.36
N GLU A 263 30.54 47.00 7.43
CA GLU A 263 29.77 48.24 7.57
C GLU A 263 28.27 47.98 7.40
N ALA A 264 27.93 47.14 6.44
CA ALA A 264 26.53 46.77 6.21
C ALA A 264 25.93 46.08 7.43
N THR A 265 26.71 45.23 8.08
CA THR A 265 26.23 44.48 9.23
C THR A 265 26.02 45.42 10.43
N THR A 266 26.92 46.37 10.60
CA THR A 266 26.80 47.35 11.68
C THR A 266 25.67 48.33 11.40
N HIS A 267 25.65 48.89 10.19
CA HIS A 267 24.66 49.90 9.82
C HIS A 267 23.58 49.28 8.94
N TYR A 268 22.90 48.28 9.49
CA TYR A 268 22.02 47.42 8.70
C TYR A 268 20.71 48.07 8.26
N GLU A 269 20.38 49.24 8.82
CA GLU A 269 19.23 50.01 8.35
C GLU A 269 19.58 51.26 7.54
N ASP A 270 20.86 51.45 7.24
CA ASP A 270 21.29 52.58 6.43
C ASP A 270 21.37 52.17 4.98
N TYR A 271 20.24 52.27 4.30
CA TYR A 271 20.11 51.70 2.96
C TYR A 271 20.88 52.47 1.90
N GLU A 272 21.03 53.77 2.09
CA GLU A 272 21.88 54.58 1.19
C GLU A 272 23.34 54.14 1.26
N LEU A 273 23.84 53.92 2.46
CA LEU A 273 25.19 53.40 2.66
C LEU A 273 25.33 52.02 2.04
N ILE A 274 24.37 51.15 2.32
CA ILE A 274 24.44 49.77 1.80
C ILE A 274 24.41 49.77 0.27
N ALA A 275 23.58 50.65 -0.30
CA ALA A 275 23.55 50.83 -1.76
C ALA A 275 24.90 51.25 -2.31
N HIS A 276 25.50 52.25 -1.66
CA HIS A 276 26.84 52.70 -2.05
C HIS A 276 27.87 51.58 -1.92
N LEU A 277 27.83 50.86 -0.79
CA LEU A 277 28.77 49.78 -0.55
C LEU A 277 28.64 48.64 -1.54
N SER A 278 27.47 48.48 -2.14
CA SER A 278 27.24 47.41 -3.09
C SER A 278 27.82 47.67 -4.49
N LYS A 279 28.15 48.93 -4.79
CA LYS A 279 28.62 49.31 -6.14
C LYS A 279 29.92 48.62 -6.55
N GLY A 280 30.95 48.75 -5.71
CA GLY A 280 32.25 48.14 -5.99
C GLY A 280 32.13 46.69 -6.41
N LEU A 281 31.39 45.93 -5.62
CA LEU A 281 31.36 44.48 -5.72
C LEU A 281 30.57 44.00 -6.93
N THR B 16 -24.45 48.74 10.75
CA THR B 16 -22.95 48.77 10.75
C THR B 16 -22.39 47.86 11.85
N ASP B 17 -21.26 47.24 11.55
CA ASP B 17 -20.64 46.28 12.46
C ASP B 17 -20.31 46.92 13.81
N ARG B 18 -19.76 48.13 13.79
CA ARG B 18 -19.37 48.83 15.01
C ARG B 18 -20.47 48.84 16.09
N VAL B 19 -21.72 49.05 15.69
CA VAL B 19 -22.84 49.12 16.65
C VAL B 19 -23.24 47.72 17.15
N LYS B 20 -23.28 46.75 16.24
CA LYS B 20 -23.56 45.36 16.62
C LYS B 20 -22.52 44.88 17.62
N ARG B 21 -21.26 45.24 17.39
CA ARG B 21 -20.19 44.88 18.31
C ARG B 21 -20.37 45.52 19.67
N GLY B 22 -20.74 46.79 19.70
CA GLY B 22 -20.99 47.48 20.95
C GLY B 22 -22.07 46.77 21.75
N MET B 23 -23.07 46.26 21.04
CA MET B 23 -24.12 45.50 21.71
C MET B 23 -23.56 44.19 22.29
N ALA B 24 -22.78 43.47 21.48
CA ALA B 24 -22.10 42.24 21.91
C ALA B 24 -21.22 42.41 23.13
N GLU B 25 -20.52 43.54 23.21
CA GLU B 25 -19.66 43.85 24.38
C GLU B 25 -20.38 43.67 25.70
N MET B 26 -21.66 44.00 25.74
CA MET B 26 -22.37 44.07 26.99
C MET B 26 -22.59 42.71 27.64
N GLN B 27 -21.81 41.73 27.20
CA GLN B 27 -21.81 40.43 27.79
C GLN B 27 -20.53 39.95 28.55
N LYS B 28 -19.43 40.71 28.79
CA LYS B 28 -18.24 40.05 29.38
C LYS B 28 -18.42 39.60 30.83
N GLY B 29 -17.85 38.44 31.15
CA GLY B 29 -17.98 37.84 32.46
C GLY B 29 -19.31 37.16 32.69
N GLY B 30 -20.17 37.16 31.68
CA GLY B 30 -21.54 36.68 31.84
C GLY B 30 -21.76 35.22 31.48
N VAL B 31 -22.94 34.72 31.86
CA VAL B 31 -23.38 33.37 31.55
C VAL B 31 -24.64 33.45 30.74
N ILE B 32 -24.68 32.72 29.62
CA ILE B 32 -25.87 32.62 28.78
C ILE B 32 -26.45 31.23 28.95
N MET B 33 -27.76 31.15 29.18
CA MET B 33 -28.39 29.90 29.56
C MET B 33 -29.46 29.47 28.56
N ASP B 34 -29.46 28.17 28.26
CA ASP B 34 -30.49 27.55 27.45
C ASP B 34 -31.79 27.39 28.23
N VAL B 35 -32.90 27.85 27.65
CA VAL B 35 -34.21 27.74 28.29
C VAL B 35 -35.24 27.27 27.28
N VAL B 36 -36.18 26.43 27.73
CA VAL B 36 -37.23 25.93 26.82
C VAL B 36 -38.59 26.57 27.04
N ASN B 37 -38.74 27.38 28.09
CA ASN B 37 -40.01 28.03 28.39
C ASN B 37 -39.84 29.26 29.29
N ALA B 38 -40.95 29.94 29.55
CA ALA B 38 -40.96 31.16 30.35
C ALA B 38 -40.47 30.94 31.78
N GLU B 39 -40.86 29.81 32.37
CA GLU B 39 -40.47 29.51 33.75
C GLU B 39 -38.95 29.43 33.88
N GLN B 40 -38.33 28.67 32.99
CA GLN B 40 -36.88 28.51 32.98
C GLN B 40 -36.17 29.83 32.70
N ALA B 41 -36.73 30.59 31.78
CA ALA B 41 -36.20 31.90 31.43
C ALA B 41 -36.17 32.83 32.63
N LYS B 42 -37.23 32.84 33.42
CA LYS B 42 -37.31 33.69 34.62
C LYS B 42 -36.30 33.28 35.65
N ILE B 43 -36.16 31.98 35.85
CA ILE B 43 -35.14 31.44 36.75
C ILE B 43 -33.73 31.86 36.33
N ALA B 44 -33.46 31.75 35.03
CA ALA B 44 -32.16 32.18 34.49
C ALA B 44 -31.90 33.65 34.75
N GLU B 45 -32.90 34.49 34.46
CA GLU B 45 -32.80 35.92 34.74
C GLU B 45 -32.55 36.16 36.21
N ALA B 46 -33.32 35.48 37.06
CA ALA B 46 -33.21 35.65 38.51
C ALA B 46 -31.85 35.21 39.04
N ALA B 47 -31.28 34.18 38.45
CA ALA B 47 -29.95 33.72 38.84
C ALA B 47 -28.80 34.63 38.40
N GLY B 48 -29.07 35.58 37.51
CA GLY B 48 -28.04 36.54 37.06
C GLY B 48 -27.45 36.28 35.68
N ALA B 49 -28.13 35.46 34.87
CA ALA B 49 -27.74 35.29 33.47
C ALA B 49 -27.73 36.61 32.74
N VAL B 50 -26.76 36.80 31.85
CA VAL B 50 -26.72 38.01 31.01
C VAL B 50 -27.63 37.92 29.80
N ALA B 51 -28.01 36.70 29.43
CA ALA B 51 -28.94 36.48 28.35
C ALA B 51 -29.44 35.07 28.40
N VAL B 52 -30.52 34.79 27.67
CA VAL B 52 -31.02 33.44 27.56
C VAL B 52 -31.07 33.01 26.11
N MET B 53 -30.97 31.71 25.90
CA MET B 53 -31.01 31.10 24.60
C MET B 53 -32.29 30.27 24.56
N ALA B 54 -33.25 30.69 23.74
CA ALA B 54 -34.55 30.03 23.67
C ALA B 54 -34.45 28.80 22.76
N LEU B 55 -34.90 27.65 23.27
CA LEU B 55 -34.89 26.38 22.52
C LEU B 55 -36.23 25.69 22.55
N GLU B 56 -36.45 24.80 21.60
CA GLU B 56 -37.62 23.91 21.61
C GLU B 56 -37.25 22.63 22.35
N ARG B 57 -36.16 21.97 21.94
CA ARG B 57 -35.71 20.75 22.62
C ARG B 57 -34.29 20.37 22.22
N ALA B 65 -32.03 12.14 20.21
CA ALA B 65 -32.89 11.06 19.74
C ALA B 65 -32.54 10.63 18.30
N GLY B 66 -32.18 11.59 17.45
CA GLY B 66 -31.92 11.31 16.03
C GLY B 66 -33.07 11.83 15.19
N GLY B 67 -32.78 12.73 14.26
CA GLY B 67 -33.79 13.49 13.50
C GLY B 67 -33.26 14.86 13.15
N VAL B 68 -34.05 15.66 12.43
CA VAL B 68 -33.60 16.97 11.94
C VAL B 68 -33.94 18.03 12.98
N ALA B 69 -32.94 18.81 13.37
CA ALA B 69 -33.15 19.90 14.33
C ALA B 69 -33.15 21.25 13.65
N ARG B 70 -34.25 21.99 13.79
CA ARG B 70 -34.49 23.24 13.06
C ARG B 70 -34.68 24.40 13.99
N MET B 71 -34.84 25.58 13.43
CA MET B 71 -35.27 26.75 14.18
C MET B 71 -36.50 26.38 15.02
N ALA B 72 -36.55 26.92 16.23
CA ALA B 72 -37.68 26.66 17.11
C ALA B 72 -38.96 27.36 16.64
N ASP B 73 -40.10 26.80 17.02
CA ASP B 73 -41.41 27.41 16.79
C ASP B 73 -41.38 28.84 17.32
N PRO B 74 -41.75 29.81 16.47
CA PRO B 74 -41.79 31.20 16.90
C PRO B 74 -42.59 31.44 18.19
N THR B 75 -43.63 30.65 18.40
CA THR B 75 -44.44 30.75 19.63
C THR B 75 -43.60 30.57 20.88
N VAL B 76 -42.71 29.58 20.86
CA VAL B 76 -41.84 29.30 22.01
C VAL B 76 -40.87 30.46 22.24
N ILE B 77 -40.37 31.03 21.15
CA ILE B 77 -39.43 32.14 21.25
C ILE B 77 -40.11 33.38 21.81
N GLU B 78 -41.33 33.63 21.36
CA GLU B 78 -42.11 34.77 21.87
C GLU B 78 -42.43 34.60 23.34
N GLU B 79 -42.79 33.39 23.73
CA GLU B 79 -43.03 33.08 25.15
C GLU B 79 -41.83 33.50 26.01
N VAL B 80 -40.63 33.16 25.55
CA VAL B 80 -39.41 33.48 26.28
C VAL B 80 -39.14 34.98 26.24
N MET B 81 -39.33 35.61 25.08
CA MET B 81 -39.12 37.05 24.95
C MET B 81 -40.00 37.87 25.90
N ASN B 82 -41.25 37.45 26.06
CA ASN B 82 -42.20 38.13 26.93
C ASN B 82 -41.92 37.88 28.41
N ALA B 83 -41.21 36.80 28.72
CA ALA B 83 -41.00 36.41 30.11
C ALA B 83 -39.83 37.13 30.82
N VAL B 84 -38.95 37.78 30.06
CA VAL B 84 -37.75 38.38 30.66
C VAL B 84 -37.38 39.69 30.02
N SER B 85 -36.54 40.45 30.71
CA SER B 85 -36.05 41.74 30.23
C SER B 85 -34.63 41.69 29.70
N ILE B 86 -33.89 40.65 30.06
CA ILE B 86 -32.55 40.44 29.52
C ILE B 86 -32.63 40.00 28.04
N PRO B 87 -31.52 40.14 27.29
CA PRO B 87 -31.51 39.74 25.88
C PRO B 87 -31.87 38.29 25.66
N VAL B 88 -32.59 38.04 24.57
CA VAL B 88 -32.99 36.70 24.18
C VAL B 88 -32.32 36.33 22.87
N MET B 89 -31.69 35.17 22.86
CA MET B 89 -31.06 34.63 21.67
C MET B 89 -31.85 33.41 21.22
N ALA B 90 -31.75 33.11 19.93
CA ALA B 90 -32.29 31.87 19.40
C ALA B 90 -31.38 31.34 18.27
N LYS B 91 -31.37 30.03 18.13
CA LYS B 91 -30.53 29.32 17.18
C LYS B 91 -31.20 29.18 15.80
N VAL B 92 -30.38 29.24 14.74
CA VAL B 92 -30.77 28.81 13.39
C VAL B 92 -29.76 27.79 12.89
N ARG B 93 -30.17 27.02 11.88
CA ARG B 93 -29.31 26.07 11.21
C ARG B 93 -28.24 26.84 10.41
N ILE B 94 -27.05 26.26 10.33
CA ILE B 94 -25.97 26.87 9.56
C ILE B 94 -26.41 27.05 8.11
N GLY B 95 -26.24 28.26 7.59
CA GLY B 95 -26.57 28.59 6.21
C GLY B 95 -28.03 28.91 5.95
N HIS B 96 -28.89 28.78 6.97
CA HIS B 96 -30.32 28.96 6.74
C HIS B 96 -30.68 30.43 6.83
N TYR B 97 -30.43 31.12 5.73
CA TYR B 97 -30.66 32.55 5.60
C TYR B 97 -32.09 32.94 6.05
N VAL B 98 -33.09 32.16 5.64
CA VAL B 98 -34.48 32.55 5.90
C VAL B 98 -34.87 32.34 7.36
N GLU B 99 -34.43 31.24 7.97
CA GLU B 99 -34.64 31.07 9.41
C GLU B 99 -34.09 32.27 10.18
N ALA B 100 -32.93 32.76 9.77
CA ALA B 100 -32.34 33.94 10.38
C ALA B 100 -33.21 35.19 10.17
N ARG B 101 -33.70 35.40 8.96
CA ARG B 101 -34.57 36.53 8.68
C ARG B 101 -35.85 36.46 9.49
N VAL B 102 -36.36 35.26 9.67
CA VAL B 102 -37.56 35.06 10.49
C VAL B 102 -37.29 35.52 11.92
N LEU B 103 -36.20 35.05 12.50
CA LEU B 103 -35.86 35.45 13.86
C LEU B 103 -35.61 36.94 13.97
N GLU B 104 -34.99 37.52 12.95
CA GLU B 104 -34.80 38.96 12.89
C GLU B 104 -36.16 39.66 12.95
N ALA B 105 -37.12 39.18 12.15
CA ALA B 105 -38.46 39.78 12.10
C ALA B 105 -39.20 39.62 13.42
N LEU B 106 -38.93 38.54 14.14
CA LEU B 106 -39.55 38.33 15.47
C LEU B 106 -39.02 39.28 16.55
N GLY B 107 -37.90 39.96 16.31
CA GLY B 107 -37.35 40.92 17.27
C GLY B 107 -36.37 40.32 18.26
N VAL B 108 -35.90 39.10 17.97
CA VAL B 108 -34.82 38.47 18.72
C VAL B 108 -33.62 39.44 18.86
N ASP B 109 -32.89 39.34 19.97
CA ASP B 109 -31.73 40.22 20.19
C ASP B 109 -30.46 39.71 19.54
N TYR B 110 -30.27 38.38 19.53
CA TYR B 110 -29.12 37.76 18.87
C TYR B 110 -29.54 36.49 18.15
N ILE B 111 -28.92 36.24 17.00
CA ILE B 111 -29.10 34.98 16.31
C ILE B 111 -27.83 34.13 16.47
N ASP B 112 -28.03 32.88 16.85
CA ASP B 112 -26.94 31.95 16.97
C ASP B 112 -26.98 30.97 15.79
N GLU B 113 -26.07 31.16 14.84
CA GLU B 113 -25.91 30.23 13.73
C GLU B 113 -25.18 29.02 14.29
N SER B 114 -25.93 27.97 14.57
CA SER B 114 -25.50 26.95 15.49
C SER B 114 -25.25 25.59 14.86
N GLU B 115 -24.09 25.03 15.18
CA GLU B 115 -23.68 23.73 14.69
C GLU B 115 -24.41 22.57 15.38
N VAL B 116 -25.09 22.82 16.50
CA VAL B 116 -25.86 21.75 17.14
C VAL B 116 -27.21 21.50 16.46
N LEU B 117 -27.71 22.49 15.72
CA LEU B 117 -28.84 22.23 14.84
C LEU B 117 -28.30 21.55 13.59
N THR B 118 -29.20 20.97 12.79
CA THR B 118 -28.81 20.23 11.61
C THR B 118 -28.43 21.22 10.52
N PRO B 119 -27.15 21.24 10.09
CA PRO B 119 -26.77 22.21 9.07
C PRO B 119 -27.67 22.19 7.84
N ALA B 120 -28.02 23.38 7.35
CA ALA B 120 -28.79 23.51 6.11
C ALA B 120 -27.88 23.66 4.92
N ASP B 121 -26.65 24.14 5.16
CA ASP B 121 -25.67 24.34 4.10
C ASP B 121 -24.32 23.86 4.63
N GLU B 122 -23.74 22.85 3.98
CA GLU B 122 -22.45 22.28 4.39
C GLU B 122 -21.26 23.14 4.00
N GLU B 123 -21.44 24.06 3.06
CA GLU B 123 -20.32 24.81 2.49
C GLU B 123 -20.30 26.30 2.81
N PHE B 124 -21.47 26.92 2.91
CA PHE B 124 -21.56 28.37 3.02
C PHE B 124 -22.39 28.75 4.24
N HIS B 125 -21.80 29.55 5.11
CA HIS B 125 -22.52 30.14 6.23
C HIS B 125 -23.29 31.36 5.78
N ILE B 126 -24.23 31.79 6.62
CA ILE B 126 -25.03 32.98 6.34
C ILE B 126 -24.14 34.20 6.18
N ASP B 127 -24.45 35.03 5.20
CA ASP B 127 -23.79 36.33 5.08
C ASP B 127 -24.43 37.29 6.09
N LYS B 128 -23.85 37.28 7.29
CA LYS B 128 -24.42 37.97 8.43
C LYS B 128 -24.29 39.50 8.35
N ARG B 129 -23.44 39.98 7.46
CA ARG B 129 -23.28 41.41 7.22
C ARG B 129 -24.58 42.06 6.73
N GLN B 130 -25.45 41.28 6.11
CA GLN B 130 -26.69 41.79 5.51
C GLN B 130 -27.82 41.96 6.54
N PHE B 131 -27.54 41.69 7.82
CA PHE B 131 -28.55 41.68 8.85
C PHE B 131 -28.39 42.83 9.83
N THR B 132 -29.50 43.22 10.45
CA THR B 132 -29.52 44.23 11.49
C THR B 132 -29.14 43.62 12.83
N VAL B 133 -29.72 42.46 13.12
CA VAL B 133 -29.47 41.77 14.37
C VAL B 133 -28.06 41.13 14.37
N PRO B 134 -27.36 41.20 15.51
CA PRO B 134 -26.05 40.58 15.59
C PRO B 134 -26.09 39.06 15.70
N PHE B 135 -25.06 38.40 15.18
CA PHE B 135 -24.95 36.94 15.22
C PHE B 135 -23.83 36.51 16.16
N VAL B 136 -24.05 35.38 16.82
CA VAL B 136 -22.98 34.61 17.42
C VAL B 136 -22.77 33.37 16.54
N CYS B 137 -21.50 33.01 16.33
CA CYS B 137 -21.10 31.82 15.58
C CYS B 137 -20.11 30.98 16.35
N GLY B 138 -20.08 29.69 16.05
CA GLY B 138 -19.13 28.76 16.67
C GLY B 138 -17.77 28.79 15.97
N CYS B 139 -16.73 28.39 16.68
CA CYS B 139 -15.42 28.20 16.07
C CYS B 139 -14.61 27.21 16.89
N ARG B 140 -13.69 26.51 16.22
CA ARG B 140 -12.82 25.53 16.86
C ARG B 140 -11.36 25.95 16.79
N ASP B 141 -11.04 26.95 15.96
CA ASP B 141 -9.69 27.43 15.83
C ASP B 141 -9.73 28.83 15.23
N LEU B 142 -8.58 29.48 15.13
CA LEU B 142 -8.55 30.88 14.74
C LEU B 142 -8.95 31.08 13.28
N GLY B 143 -8.67 30.11 12.43
CA GLY B 143 -9.08 30.17 11.03
C GLY B 143 -10.59 30.26 10.91
N GLU B 144 -11.30 29.38 11.61
CA GLU B 144 -12.75 29.41 11.65
C GLU B 144 -13.24 30.72 12.22
N ALA B 145 -12.65 31.15 13.33
CA ALA B 145 -13.06 32.36 13.99
C ALA B 145 -12.97 33.53 13.02
N ALA B 146 -11.86 33.60 12.29
CA ALA B 146 -11.63 34.71 11.37
C ALA B 146 -12.58 34.66 10.17
N ARG B 147 -12.90 33.47 9.70
CA ARG B 147 -13.86 33.32 8.61
C ARG B 147 -15.27 33.74 9.06
N ARG B 148 -15.69 33.32 10.25
CA ARG B 148 -16.97 33.75 10.82
C ARG B 148 -17.02 35.30 10.95
N ILE B 149 -15.93 35.90 11.41
CA ILE B 149 -15.87 37.35 11.52
C ILE B 149 -15.99 38.03 10.16
N ALA B 150 -15.31 37.49 9.16
CA ALA B 150 -15.41 38.06 7.81
C ALA B 150 -16.81 37.93 7.20
N GLU B 151 -17.57 36.94 7.64
CA GLU B 151 -18.97 36.79 7.24
C GLU B 151 -19.90 37.72 8.00
N GLY B 152 -19.38 38.40 9.03
CA GLY B 152 -20.14 39.41 9.76
C GLY B 152 -20.54 39.03 11.18
N ALA B 153 -20.00 37.93 11.71
CA ALA B 153 -20.29 37.53 13.08
C ALA B 153 -19.93 38.65 14.05
N SER B 154 -20.78 38.90 15.04
CA SER B 154 -20.56 39.93 16.06
C SER B 154 -20.05 39.34 17.37
N MET B 155 -20.09 38.02 17.49
CA MET B 155 -19.70 37.36 18.71
C MET B 155 -19.31 35.92 18.36
N LEU B 156 -18.39 35.34 19.13
CA LEU B 156 -17.98 33.96 18.92
C LEU B 156 -18.22 33.09 20.12
N ARG B 157 -18.41 31.80 19.82
CA ARG B 157 -18.60 30.75 20.78
C ARG B 157 -17.55 29.69 20.41
N THR B 158 -16.53 29.55 21.24
CA THR B 158 -15.49 28.58 20.98
C THR B 158 -15.92 27.29 21.61
N LYS B 159 -16.15 26.27 20.78
CA LYS B 159 -16.81 25.04 21.24
C LYS B 159 -16.47 23.83 20.41
N GLY B 160 -16.28 22.70 21.09
CA GLY B 160 -16.13 21.41 20.42
C GLY B 160 -17.46 20.68 20.28
N GLU B 161 -17.51 19.44 20.76
CA GLU B 161 -18.73 18.64 20.72
C GLU B 161 -19.69 19.02 21.85
N PRO B 162 -21.01 19.03 21.57
CA PRO B 162 -22.06 19.37 22.54
C PRO B 162 -22.67 18.17 23.24
N GLY B 163 -23.31 18.42 24.38
CA GLY B 163 -24.11 17.41 25.08
C GLY B 163 -23.36 16.30 25.81
N THR B 164 -22.05 16.42 25.95
CA THR B 164 -21.25 15.38 26.59
C THR B 164 -21.10 15.55 28.11
N GLY B 165 -21.30 16.77 28.61
CA GLY B 165 -20.94 17.11 29.98
C GLY B 165 -19.44 17.14 30.19
N ASN B 166 -18.66 17.03 29.11
CA ASN B 166 -17.22 16.89 29.21
C ASN B 166 -16.57 18.19 28.76
N ILE B 167 -15.87 18.84 29.68
CA ILE B 167 -15.30 20.16 29.43
C ILE B 167 -14.11 20.13 28.45
N VAL B 168 -13.57 18.96 28.14
CA VAL B 168 -12.38 18.85 27.28
C VAL B 168 -12.60 19.48 25.90
N GLU B 169 -13.85 19.45 25.46
CA GLU B 169 -14.24 20.01 24.19
C GLU B 169 -13.97 21.51 24.18
N ALA B 170 -14.57 22.20 25.15
CA ALA B 170 -14.35 23.62 25.33
C ALA B 170 -12.86 23.96 25.54
N VAL B 171 -12.19 23.20 26.40
CA VAL B 171 -10.78 23.46 26.74
C VAL B 171 -9.86 23.37 25.52
N ARG B 172 -9.96 22.26 24.79
CA ARG B 172 -9.14 22.04 23.58
C ARG B 172 -9.19 23.26 22.68
N HIS B 173 -10.39 23.75 22.42
CA HIS B 173 -10.56 24.79 21.43
C HIS B 173 -10.27 26.18 21.96
N MET B 174 -10.56 26.43 23.22
CA MET B 174 -10.19 27.72 23.80
C MET B 174 -8.66 27.81 23.89
N ARG B 175 -7.99 26.71 24.26
CA ARG B 175 -6.53 26.70 24.26
C ARG B 175 -5.94 26.94 22.87
N LYS B 176 -6.53 26.29 21.87
CA LYS B 176 -6.08 26.43 20.49
C LYS B 176 -6.26 27.87 20.00
N VAL B 177 -7.47 28.39 20.11
CA VAL B 177 -7.78 29.71 19.61
C VAL B 177 -6.90 30.76 20.27
N ASN B 178 -6.78 30.70 21.60
CA ASN B 178 -6.01 31.71 22.32
C ASN B 178 -4.51 31.57 22.11
N ALA B 179 -4.03 30.35 21.98
CA ALA B 179 -2.63 30.14 21.61
C ALA B 179 -2.34 30.75 20.27
N GLN B 180 -3.24 30.53 19.31
CA GLN B 180 -3.05 31.07 17.96
C GLN B 180 -3.12 32.59 17.95
N ILE B 181 -3.99 33.14 18.78
CA ILE B 181 -4.08 34.60 18.90
C ILE B 181 -2.77 35.17 19.46
N ARG B 182 -2.28 34.59 20.55
CA ARG B 182 -1.01 35.07 21.15
C ARG B 182 0.13 35.04 20.13
N LYS B 183 0.17 33.99 19.31
CA LYS B 183 1.18 33.87 18.26
C LYS B 183 1.06 35.03 17.27
N VAL B 184 -0.15 35.27 16.80
CA VAL B 184 -0.40 36.34 15.83
C VAL B 184 -0.07 37.72 16.41
N VAL B 185 -0.48 37.95 17.65
CA VAL B 185 -0.25 39.24 18.31
C VAL B 185 1.24 39.58 18.35
N ASN B 186 2.09 38.59 18.62
CA ASN B 186 3.51 38.84 18.79
C ASN B 186 4.36 38.59 17.54
N MET B 187 3.77 38.07 16.46
CA MET B 187 4.58 37.67 15.32
C MET B 187 4.98 38.84 14.46
N SER B 188 6.05 38.64 13.71
CA SER B 188 6.56 39.65 12.80
C SER B 188 5.48 40.02 11.78
N GLU B 189 5.27 41.32 11.60
CA GLU B 189 4.20 41.85 10.75
C GLU B 189 4.24 41.25 9.33
N ASP B 190 5.45 41.10 8.80
CA ASP B 190 5.60 40.60 7.42
C ASP B 190 5.28 39.12 7.24
N GLU B 191 5.05 38.40 8.35
CA GLU B 191 4.73 36.98 8.28
C GLU B 191 3.22 36.69 8.29
N LEU B 192 2.40 37.75 8.43
CA LEU B 192 0.96 37.54 8.63
C LEU B 192 0.24 36.98 7.41
N VAL B 193 0.61 37.44 6.22
CA VAL B 193 -0.03 36.95 5.01
C VAL B 193 0.14 35.44 4.87
N ALA B 194 1.35 34.94 5.12
CA ALA B 194 1.61 33.51 5.09
C ALA B 194 0.91 32.78 6.22
N GLU B 195 0.85 33.40 7.40
CA GLU B 195 0.11 32.83 8.52
C GLU B 195 -1.36 32.68 8.14
N ALA B 196 -1.92 33.73 7.55
CA ALA B 196 -3.31 33.71 7.13
C ALA B 196 -3.58 32.57 6.17
N LYS B 197 -2.70 32.40 5.20
CA LYS B 197 -2.82 31.32 4.21
C LYS B 197 -2.86 29.96 4.92
N GLN B 198 -1.94 29.76 5.84
CA GLN B 198 -1.81 28.52 6.58
C GLN B 198 -3.03 28.23 7.45
N LEU B 199 -3.57 29.26 8.11
CA LEU B 199 -4.76 29.11 8.95
C LEU B 199 -6.07 29.04 8.17
N GLY B 200 -6.07 29.47 6.91
CA GLY B 200 -7.30 29.64 6.15
C GLY B 200 -8.09 30.86 6.62
N ALA B 201 -7.38 31.86 7.15
CA ALA B 201 -7.98 33.07 7.69
C ALA B 201 -7.84 34.23 6.72
N PRO B 202 -8.81 35.18 6.74
CA PRO B 202 -8.62 36.48 6.10
C PRO B 202 -7.54 37.31 6.79
N VAL B 203 -6.56 37.77 6.03
CA VAL B 203 -5.42 38.47 6.62
C VAL B 203 -5.83 39.76 7.33
N GLU B 204 -6.84 40.46 6.82
CA GLU B 204 -7.28 41.70 7.48
C GLU B 204 -7.81 41.46 8.88
N VAL B 205 -8.39 40.30 9.12
CA VAL B 205 -8.83 39.94 10.47
C VAL B 205 -7.62 39.70 11.37
N LEU B 206 -6.62 38.98 10.86
CA LEU B 206 -5.38 38.78 11.61
C LEU B 206 -4.70 40.09 11.92
N ARG B 207 -4.70 41.01 10.96
CA ARG B 207 -4.11 42.34 11.15
C ARG B 207 -4.81 43.12 12.23
N GLU B 208 -6.14 43.04 12.24
CA GLU B 208 -6.97 43.61 13.29
C GLU B 208 -6.64 42.97 14.64
N ILE B 209 -6.52 41.65 14.66
CA ILE B 209 -6.20 40.94 15.91
C ILE B 209 -4.87 41.41 16.48
N LYS B 210 -3.87 41.52 15.61
CA LYS B 210 -2.56 41.98 16.03
C LYS B 210 -2.62 43.41 16.57
N ARG B 211 -3.41 44.24 15.92
CA ARG B 211 -3.60 45.62 16.34
C ARG B 211 -4.25 45.72 17.75
N LEU B 212 -5.31 44.97 17.99
CA LEU B 212 -6.02 45.01 19.26
C LEU B 212 -5.38 44.19 20.38
N GLY B 213 -4.56 43.22 20.03
CA GLY B 213 -4.03 42.27 21.00
C GLY B 213 -5.03 41.20 21.40
N ARG B 214 -6.15 41.11 20.68
CA ARG B 214 -7.17 40.10 20.96
C ARG B 214 -8.14 40.06 19.81
N LEU B 215 -9.13 39.16 19.86
CA LEU B 215 -10.20 39.15 18.87
C LEU B 215 -10.95 40.46 18.94
N PRO B 216 -11.42 40.98 17.79
CA PRO B 216 -12.27 42.16 17.74
C PRO B 216 -13.72 41.92 18.18
N VAL B 217 -14.08 40.68 18.52
CA VAL B 217 -15.39 40.39 19.09
C VAL B 217 -15.21 39.57 20.34
N VAL B 218 -16.26 39.54 21.14
CA VAL B 218 -16.35 38.73 22.35
C VAL B 218 -16.31 37.25 21.97
N ASN B 219 -15.66 36.45 22.81
CA ASN B 219 -15.53 35.02 22.58
C ASN B 219 -15.83 34.20 23.83
N PHE B 220 -16.99 33.55 23.85
CA PHE B 220 -17.46 32.80 25.01
C PHE B 220 -17.07 31.34 24.82
N ALA B 221 -16.92 30.64 25.93
CA ALA B 221 -16.70 29.21 25.88
C ALA B 221 -18.04 28.49 25.92
N ALA B 222 -18.08 27.32 25.31
CA ALA B 222 -19.26 26.46 25.37
C ALA B 222 -18.83 25.02 25.10
N GLY B 223 -19.59 24.08 25.65
CA GLY B 223 -19.30 22.67 25.45
C GLY B 223 -18.94 21.97 26.73
N GLY B 224 -19.94 21.41 27.40
CA GLY B 224 -19.72 20.60 28.59
C GLY B 224 -19.47 21.38 29.87
N VAL B 225 -19.72 22.68 29.86
CA VAL B 225 -19.57 23.47 31.08
C VAL B 225 -20.66 23.03 32.05
N THR B 226 -20.26 22.30 33.09
CA THR B 226 -21.18 21.62 33.99
C THR B 226 -21.08 22.13 35.43
N THR B 227 -19.87 22.19 35.97
CA THR B 227 -19.68 22.61 37.35
C THR B 227 -19.23 24.05 37.44
N PRO B 228 -19.34 24.67 38.63
CA PRO B 228 -18.78 26.00 38.83
C PRO B 228 -17.30 26.06 38.53
N ALA B 229 -16.57 25.01 38.91
CA ALA B 229 -15.14 24.93 38.60
C ALA B 229 -14.92 24.97 37.08
N ASP B 230 -15.75 24.26 36.32
CA ASP B 230 -15.67 24.29 34.85
C ASP B 230 -15.80 25.70 34.30
N ALA B 231 -16.79 26.43 34.80
CA ALA B 231 -17.05 27.77 34.32
C ALA B 231 -15.89 28.71 34.62
N ALA B 232 -15.37 28.63 35.83
CA ALA B 232 -14.22 29.46 36.23
C ALA B 232 -12.96 29.08 35.44
N LEU B 233 -12.80 27.78 35.15
CA LEU B 233 -11.68 27.31 34.33
C LEU B 233 -11.67 27.97 32.98
N MET B 234 -12.83 28.05 32.34
CA MET B 234 -12.91 28.64 31.02
C MET B 234 -12.50 30.09 31.06
N MET B 235 -12.87 30.79 32.13
CA MET B 235 -12.43 32.16 32.31
C MET B 235 -10.93 32.23 32.56
N HIS B 236 -10.41 31.30 33.34
CA HIS B 236 -8.96 31.20 33.54
C HIS B 236 -8.23 31.02 32.21
N LEU B 237 -8.83 30.27 31.28
CA LEU B 237 -8.23 30.03 29.97
C LEU B 237 -8.43 31.16 28.98
N GLY B 238 -9.08 32.24 29.40
CA GLY B 238 -9.18 33.45 28.57
C GLY B 238 -10.51 33.64 27.87
N ALA B 239 -11.53 32.86 28.24
CA ALA B 239 -12.87 33.09 27.71
C ALA B 239 -13.41 34.43 28.20
N ASP B 240 -14.30 35.03 27.43
CA ASP B 240 -14.99 36.24 27.85
C ASP B 240 -16.31 35.95 28.56
N GLY B 241 -16.67 34.68 28.66
CA GLY B 241 -17.91 34.27 29.32
C GLY B 241 -18.21 32.83 28.95
N VAL B 242 -19.36 32.30 29.39
CA VAL B 242 -19.72 30.92 29.09
C VAL B 242 -21.20 30.74 28.71
N PHE B 243 -21.44 29.74 27.85
CA PHE B 243 -22.77 29.25 27.58
C PHE B 243 -22.97 27.98 28.40
N VAL B 244 -24.16 27.81 28.94
CA VAL B 244 -24.50 26.61 29.68
C VAL B 244 -25.83 26.09 29.15
N GLY B 245 -25.97 24.77 29.14
CA GLY B 245 -27.14 24.12 28.56
C GLY B 245 -28.24 23.78 29.56
N SER B 246 -29.18 22.96 29.11
CA SER B 246 -30.39 22.62 29.86
C SER B 246 -30.15 21.77 31.11
N GLY B 247 -28.96 21.19 31.23
CA GLY B 247 -28.57 20.43 32.42
C GLY B 247 -28.92 21.13 33.72
N ILE B 248 -28.78 22.45 33.76
CA ILE B 248 -29.15 23.26 34.93
C ILE B 248 -30.56 22.95 35.44
N PHE B 249 -31.51 22.84 34.52
CA PHE B 249 -32.91 22.67 34.91
C PHE B 249 -33.31 21.22 35.18
N LYS B 250 -32.37 20.29 34.97
CA LYS B 250 -32.56 18.91 35.38
C LYS B 250 -32.02 18.65 36.79
N SER B 251 -31.43 19.64 37.43
CA SER B 251 -30.94 19.50 38.81
C SER B 251 -32.10 19.61 39.80
N GLU B 252 -31.81 19.31 41.06
CA GLU B 252 -32.81 19.37 42.12
C GLU B 252 -33.19 20.81 42.46
N ASN B 253 -32.22 21.72 42.37
CA ASN B 253 -32.43 23.14 42.66
C ASN B 253 -31.80 24.01 41.56
N PRO B 254 -32.50 24.15 40.42
CA PRO B 254 -32.00 24.92 39.28
C PRO B 254 -31.54 26.33 39.62
N GLU B 255 -32.32 27.08 40.41
CA GLU B 255 -31.98 28.46 40.71
C GLU B 255 -30.67 28.55 41.48
N LYS B 256 -30.43 27.61 42.38
CA LYS B 256 -29.18 27.58 43.14
C LYS B 256 -27.99 27.20 42.23
N TYR B 257 -28.25 26.25 41.34
CA TYR B 257 -27.24 25.76 40.42
C TYR B 257 -26.85 26.84 39.39
N ALA B 258 -27.85 27.45 38.78
CA ALA B 258 -27.63 28.55 37.85
C ALA B 258 -26.85 29.67 38.53
N ARG B 259 -27.27 30.00 39.74
CA ARG B 259 -26.63 31.00 40.58
C ARG B 259 -25.15 30.69 40.79
N ALA B 260 -24.85 29.44 41.11
CA ALA B 260 -23.46 29.03 41.38
C ALA B 260 -22.57 29.21 40.15
N ILE B 261 -23.11 28.90 38.98
CA ILE B 261 -22.39 29.08 37.73
C ILE B 261 -22.13 30.55 37.45
N VAL B 262 -23.16 31.38 37.64
CA VAL B 262 -23.03 32.82 37.46
C VAL B 262 -21.95 33.39 38.36
N GLU B 263 -21.96 33.02 39.64
CA GLU B 263 -21.01 33.60 40.60
C GLU B 263 -19.60 33.12 40.32
N ALA B 264 -19.46 31.83 39.99
CA ALA B 264 -18.17 31.26 39.66
C ALA B 264 -17.56 31.90 38.42
N THR B 265 -18.40 32.21 37.43
CA THR B 265 -17.94 32.84 36.21
C THR B 265 -17.50 34.28 36.45
N THR B 266 -18.25 34.99 37.27
CA THR B 266 -17.90 36.38 37.64
C THR B 266 -16.67 36.46 38.53
N HIS B 267 -16.64 35.63 39.56
CA HIS B 267 -15.54 35.62 40.52
C HIS B 267 -14.65 34.40 40.29
N TYR B 268 -14.08 34.33 39.10
CA TYR B 268 -13.40 33.11 38.64
C TYR B 268 -12.07 32.83 39.30
N GLU B 269 -11.52 33.79 40.05
CA GLU B 269 -10.29 33.57 40.81
C GLU B 269 -10.51 33.49 42.33
N ASP B 270 -11.77 33.49 42.75
CA ASP B 270 -12.11 33.39 44.16
C ASP B 270 -12.39 31.93 44.51
N TYR B 271 -11.33 31.21 44.82
CA TYR B 271 -11.39 29.75 44.93
C TYR B 271 -12.14 29.30 46.20
N GLU B 272 -12.05 30.09 47.27
CA GLU B 272 -12.85 29.82 48.45
C GLU B 272 -14.34 29.89 48.18
N LEU B 273 -14.76 30.93 47.48
CA LEU B 273 -16.15 31.05 47.05
C LEU B 273 -16.56 29.91 46.13
N ILE B 274 -15.73 29.60 45.13
CA ILE B 274 -16.04 28.51 44.19
C ILE B 274 -16.15 27.18 44.93
N ALA B 275 -15.25 26.95 45.89
CA ALA B 275 -15.29 25.75 46.71
C ALA B 275 -16.63 25.67 47.47
N HIS B 276 -17.00 26.79 48.09
CA HIS B 276 -18.27 26.85 48.80
C HIS B 276 -19.44 26.61 47.86
N LEU B 277 -19.44 27.27 46.70
CA LEU B 277 -20.50 27.11 45.72
C LEU B 277 -20.62 25.69 45.16
N SER B 278 -19.55 24.92 45.20
CA SER B 278 -19.58 23.54 44.70
C SER B 278 -20.22 22.53 45.65
N LYS B 279 -20.39 22.89 46.92
CA LYS B 279 -20.90 21.95 47.93
C LYS B 279 -22.32 21.47 47.66
N GLY B 280 -23.23 22.41 47.46
CA GLY B 280 -24.62 22.08 47.17
C GLY B 280 -24.85 21.03 46.09
N LEU B 281 -24.37 21.29 44.88
CA LEU B 281 -24.85 20.56 43.69
C LEU B 281 -24.91 19.03 43.80
N GLY B 282 -25.92 18.43 43.16
CA GLY B 282 -26.08 16.97 43.11
C GLY B 282 -25.25 16.33 42.02
N GLU C 25 7.44 -26.03 -46.71
CA GLU C 25 6.58 -26.19 -45.50
C GLU C 25 5.87 -27.53 -45.47
N MET C 26 5.06 -27.80 -46.50
CA MET C 26 4.29 -29.05 -46.60
C MET C 26 5.02 -30.22 -45.95
N GLN C 27 6.29 -30.40 -46.32
CA GLN C 27 7.10 -31.49 -45.77
C GLN C 27 7.58 -31.19 -44.35
N LYS C 28 6.84 -31.75 -43.41
CA LYS C 28 7.31 -32.03 -42.06
C LYS C 28 8.73 -32.57 -42.07
N GLY C 29 9.48 -32.32 -40.99
CA GLY C 29 10.90 -32.66 -40.91
C GLY C 29 11.83 -31.63 -41.55
N GLY C 30 11.26 -30.61 -42.18
CA GLY C 30 12.03 -29.70 -43.02
C GLY C 30 12.62 -28.49 -42.32
N VAL C 31 13.53 -27.84 -43.02
CA VAL C 31 14.17 -26.63 -42.55
C VAL C 31 13.85 -25.49 -43.51
N ILE C 32 13.41 -24.37 -42.97
CA ILE C 32 13.15 -23.16 -43.76
C ILE C 32 14.23 -22.15 -43.43
N MET C 33 14.84 -21.57 -44.46
CA MET C 33 16.02 -20.72 -44.28
C MET C 33 15.80 -19.28 -44.75
N ASP C 34 16.28 -18.34 -43.95
CA ASP C 34 16.28 -16.93 -44.33
C ASP C 34 17.36 -16.66 -45.39
N VAL C 35 16.97 -16.01 -46.48
CA VAL C 35 17.91 -15.63 -47.53
C VAL C 35 17.67 -14.20 -47.96
N VAL C 36 18.74 -13.47 -48.26
CA VAL C 36 18.63 -12.06 -48.70
C VAL C 36 18.84 -11.86 -50.20
N ASN C 37 19.23 -12.92 -50.92
CA ASN C 37 19.48 -12.82 -52.35
C ASN C 37 19.45 -14.18 -53.05
N ALA C 38 19.60 -14.16 -54.38
CA ALA C 38 19.54 -15.37 -55.21
C ALA C 38 20.64 -16.37 -54.88
N GLU C 39 21.83 -15.86 -54.60
CA GLU C 39 22.96 -16.73 -54.27
C GLU C 39 22.66 -17.55 -53.01
N GLN C 40 22.23 -16.88 -51.95
CA GLN C 40 21.88 -17.55 -50.70
C GLN C 40 20.73 -18.53 -50.89
N ALA C 41 19.75 -18.13 -51.68
CA ALA C 41 18.60 -18.96 -51.97
C ALA C 41 19.00 -20.27 -52.64
N LYS C 42 19.91 -20.19 -53.59
CA LYS C 42 20.38 -21.38 -54.30
C LYS C 42 21.11 -22.32 -53.36
N ILE C 43 21.96 -21.76 -52.52
CA ILE C 43 22.67 -22.53 -51.49
C ILE C 43 21.69 -23.27 -50.58
N ALA C 44 20.66 -22.55 -50.12
CA ALA C 44 19.64 -23.14 -49.25
C ALA C 44 18.95 -24.30 -49.94
N GLU C 45 18.54 -24.09 -51.19
CA GLU C 45 17.92 -25.14 -51.99
C GLU C 45 18.87 -26.33 -52.13
N ALA C 46 20.13 -26.05 -52.45
CA ALA C 46 21.12 -27.09 -52.65
C ALA C 46 21.38 -27.89 -51.36
N ALA C 47 21.34 -27.21 -50.21
CA ALA C 47 21.53 -27.86 -48.91
C ALA C 47 20.34 -28.73 -48.47
N GLY C 48 19.20 -28.59 -49.14
CA GLY C 48 18.03 -29.43 -48.84
C GLY C 48 16.90 -28.72 -48.08
N ALA C 49 16.94 -27.40 -48.00
CA ALA C 49 15.84 -26.63 -47.39
C ALA C 49 14.52 -26.96 -48.07
N VAL C 50 13.43 -27.02 -47.29
CA VAL C 50 12.12 -27.26 -47.88
C VAL C 50 11.47 -25.97 -48.37
N ALA C 51 12.00 -24.83 -47.93
CA ALA C 51 11.54 -23.54 -48.42
C ALA C 51 12.51 -22.47 -47.98
N VAL C 52 12.42 -21.31 -48.61
CA VAL C 52 13.23 -20.17 -48.22
C VAL C 52 12.36 -18.99 -47.84
N MET C 53 12.91 -18.14 -46.98
CA MET C 53 12.23 -16.97 -46.47
C MET C 53 13.02 -15.78 -47.00
N ALA C 54 12.42 -15.03 -47.92
CA ALA C 54 13.11 -13.92 -48.56
C ALA C 54 13.07 -12.69 -47.68
N LEU C 55 14.23 -12.11 -47.41
CA LEU C 55 14.35 -10.92 -46.56
C LEU C 55 15.16 -9.83 -47.23
N GLU C 56 14.97 -8.59 -46.77
CA GLU C 56 15.81 -7.46 -47.17
C GLU C 56 16.95 -7.31 -46.18
N GLY C 66 17.81 0.87 -33.72
CA GLY C 66 16.75 0.24 -34.51
C GLY C 66 16.23 1.11 -35.64
N GLY C 67 14.91 1.07 -35.84
CA GLY C 67 14.20 1.67 -36.99
C GLY C 67 12.98 0.81 -37.33
N VAL C 68 12.21 1.20 -38.33
CA VAL C 68 10.98 0.49 -38.69
C VAL C 68 11.25 -0.61 -39.73
N ALA C 69 10.85 -1.84 -39.41
CA ALA C 69 11.06 -2.95 -40.33
C ALA C 69 9.75 -3.32 -41.05
N ARG C 70 9.79 -3.26 -42.37
CA ARG C 70 8.59 -3.43 -43.20
C ARG C 70 8.74 -4.62 -44.14
N MET C 71 7.69 -4.85 -44.92
CA MET C 71 7.74 -5.78 -46.04
C MET C 71 8.94 -5.44 -46.91
N ALA C 72 9.60 -6.46 -47.43
CA ALA C 72 10.76 -6.25 -48.29
C ALA C 72 10.36 -5.70 -49.65
N ASP C 73 11.31 -5.00 -50.28
CA ASP C 73 11.15 -4.54 -51.65
C ASP C 73 10.78 -5.73 -52.53
N PRO C 74 9.69 -5.60 -53.30
CA PRO C 74 9.26 -6.67 -54.20
C PRO C 74 10.36 -7.19 -55.14
N THR C 75 11.27 -6.31 -55.55
CA THR C 75 12.39 -6.68 -56.40
C THR C 75 13.24 -7.79 -55.77
N VAL C 76 13.51 -7.65 -54.48
CA VAL C 76 14.31 -8.64 -53.75
C VAL C 76 13.57 -9.97 -53.66
N ILE C 77 12.27 -9.91 -53.48
CA ILE C 77 11.45 -11.11 -53.39
C ILE C 77 11.40 -11.85 -54.74
N GLU C 78 11.25 -11.08 -55.82
CA GLU C 78 11.23 -11.66 -57.16
C GLU C 78 12.58 -12.31 -57.52
N GLU C 79 13.67 -11.65 -57.14
CA GLU C 79 15.00 -12.19 -57.32
C GLU C 79 15.09 -13.58 -56.70
N VAL C 80 14.57 -13.74 -55.49
CA VAL C 80 14.60 -15.03 -54.79
C VAL C 80 13.65 -16.02 -55.44
N MET C 81 12.45 -15.58 -55.83
CA MET C 81 11.49 -16.45 -56.49
C MET C 81 12.04 -17.06 -57.79
N ASN C 82 12.75 -16.25 -58.56
CA ASN C 82 13.33 -16.69 -59.84
C ASN C 82 14.53 -17.61 -59.66
N ALA C 83 15.18 -17.54 -58.50
CA ALA C 83 16.41 -18.27 -58.26
C ALA C 83 16.23 -19.74 -57.86
N VAL C 84 15.03 -20.13 -57.42
CA VAL C 84 14.81 -21.47 -56.88
C VAL C 84 13.46 -22.03 -57.27
N SER C 85 13.34 -23.35 -57.14
CA SER C 85 12.10 -24.07 -57.44
C SER C 85 11.30 -24.44 -56.20
N ILE C 86 11.96 -24.45 -55.05
CA ILE C 86 11.26 -24.69 -53.78
C ILE C 86 10.41 -23.49 -53.39
N PRO C 87 9.41 -23.70 -52.51
CA PRO C 87 8.54 -22.60 -52.08
C PRO C 87 9.27 -21.39 -51.49
N VAL C 88 8.79 -20.20 -51.80
CA VAL C 88 9.35 -18.97 -51.28
C VAL C 88 8.33 -18.29 -50.37
N MET C 89 8.80 -17.93 -49.17
CA MET C 89 7.99 -17.22 -48.20
C MET C 89 8.53 -15.80 -48.08
N ALA C 90 7.67 -14.90 -47.64
CA ALA C 90 8.10 -13.54 -47.30
C ALA C 90 7.23 -12.98 -46.18
N VAL C 92 5.30 -10.08 -43.72
CA VAL C 92 4.59 -8.81 -43.59
C VAL C 92 4.44 -8.43 -42.12
N ARG C 93 4.20 -7.15 -41.87
CA ARG C 93 3.94 -6.66 -40.53
C ARG C 93 2.58 -7.16 -40.06
N ILE C 94 2.48 -7.44 -38.75
CA ILE C 94 1.24 -7.90 -38.17
C ILE C 94 0.12 -6.91 -38.43
N GLY C 95 -0.99 -7.41 -38.96
CA GLY C 95 -2.13 -6.60 -39.29
C GLY C 95 -2.07 -5.83 -40.60
N HIS C 96 -0.96 -5.93 -41.33
CA HIS C 96 -0.81 -5.13 -42.55
C HIS C 96 -1.45 -5.86 -43.72
N TYR C 97 -2.77 -5.73 -43.80
CA TYR C 97 -3.58 -6.34 -44.85
C TYR C 97 -3.06 -6.06 -46.26
N VAL C 98 -2.65 -4.82 -46.55
CA VAL C 98 -2.22 -4.48 -47.90
C VAL C 98 -0.83 -5.04 -48.25
N GLU C 99 0.12 -5.01 -47.31
CA GLU C 99 1.41 -5.66 -47.54
C GLU C 99 1.17 -7.12 -47.94
N ALA C 100 0.24 -7.77 -47.25
CA ALA C 100 -0.07 -9.17 -47.56
C ALA C 100 -0.67 -9.33 -48.95
N ARG C 101 -1.59 -8.44 -49.33
CA ARG C 101 -2.16 -8.46 -50.67
C ARG C 101 -1.10 -8.22 -51.74
N VAL C 102 -0.15 -7.35 -51.45
CA VAL C 102 0.95 -7.09 -52.37
C VAL C 102 1.75 -8.38 -52.61
N LEU C 103 2.14 -9.05 -51.53
CA LEU C 103 2.89 -10.29 -51.66
C LEU C 103 2.08 -11.36 -52.37
N GLU C 104 0.78 -11.39 -52.11
CA GLU C 104 -0.10 -12.30 -52.81
C GLU C 104 -0.03 -12.04 -54.31
N ALA C 105 -0.12 -10.77 -54.69
CA ALA C 105 -0.07 -10.38 -56.11
C ALA C 105 1.27 -10.72 -56.75
N LEU C 106 2.37 -10.66 -55.99
CA LEU C 106 3.69 -11.01 -56.48
C LEU C 106 3.87 -12.51 -56.76
N GLY C 107 2.96 -13.34 -56.26
CA GLY C 107 3.04 -14.78 -56.50
C GLY C 107 3.85 -15.57 -55.47
N VAL C 108 4.16 -14.93 -54.35
CA VAL C 108 4.76 -15.59 -53.19
C VAL C 108 4.00 -16.86 -52.83
N ASP C 109 4.69 -17.87 -52.33
CA ASP C 109 4.04 -19.15 -51.97
C ASP C 109 3.44 -19.16 -50.56
N TYR C 110 4.08 -18.46 -49.62
CA TYR C 110 3.56 -18.31 -48.27
C TYR C 110 3.81 -16.91 -47.75
N ILE C 111 2.86 -16.37 -46.99
CA ILE C 111 3.06 -15.12 -46.30
C ILE C 111 3.28 -15.39 -44.82
N ASP C 112 4.31 -14.77 -44.27
CA ASP C 112 4.60 -14.87 -42.86
C ASP C 112 4.21 -13.57 -42.14
N GLU C 113 3.10 -13.59 -41.45
CA GLU C 113 2.67 -12.46 -40.64
C GLU C 113 3.55 -12.47 -39.40
N SER C 114 4.55 -11.60 -39.41
CA SER C 114 5.71 -11.79 -38.55
C SER C 114 5.89 -10.75 -37.46
N GLU C 115 6.07 -11.25 -36.24
CA GLU C 115 6.29 -10.41 -35.07
C GLU C 115 7.69 -9.77 -35.03
N VAL C 116 8.63 -10.23 -35.85
CA VAL C 116 9.95 -9.59 -35.90
C VAL C 116 9.93 -8.30 -36.72
N LEU C 117 8.98 -8.17 -37.63
CA LEU C 117 8.75 -6.88 -38.27
C LEU C 117 7.98 -6.01 -37.29
N THR C 118 7.96 -4.71 -37.56
CA THR C 118 7.31 -3.75 -36.67
C THR C 118 5.79 -3.84 -36.83
N PRO C 119 5.07 -4.28 -35.79
CA PRO C 119 3.63 -4.44 -35.95
C PRO C 119 2.93 -3.20 -36.50
N ALA C 120 2.03 -3.41 -37.46
CA ALA C 120 1.21 -2.33 -38.00
C ALA C 120 -0.08 -2.18 -37.21
N ASP C 121 -0.53 -3.27 -36.58
CA ASP C 121 -1.76 -3.27 -35.79
C ASP C 121 -1.51 -4.04 -34.50
N GLU C 122 -1.59 -3.35 -33.36
CA GLU C 122 -1.36 -3.94 -32.04
C GLU C 122 -2.49 -4.83 -31.56
N GLU C 123 -3.67 -4.72 -32.16
CA GLU C 123 -4.87 -5.41 -31.65
C GLU C 123 -5.43 -6.49 -32.57
N PHE C 124 -5.36 -6.28 -33.87
CA PHE C 124 -6.02 -7.16 -34.82
C PHE C 124 -5.02 -7.70 -35.84
N HIS C 125 -4.96 -9.02 -35.95
CA HIS C 125 -4.17 -9.66 -37.01
C HIS C 125 -4.98 -9.69 -38.30
N ILE C 126 -4.28 -9.95 -39.40
CA ILE C 126 -4.90 -10.02 -40.71
C ILE C 126 -5.95 -11.12 -40.73
N ASP C 127 -7.07 -10.86 -41.40
CA ASP C 127 -8.07 -11.90 -41.61
C ASP C 127 -7.62 -12.75 -42.81
N LYS C 128 -6.86 -13.78 -42.49
CA LYS C 128 -6.16 -14.56 -43.50
C LYS C 128 -7.09 -15.47 -44.28
N ARG C 129 -8.31 -15.64 -43.80
CA ARG C 129 -9.33 -16.43 -44.50
C ARG C 129 -9.68 -15.83 -45.85
N GLN C 130 -9.46 -14.53 -46.02
CA GLN C 130 -9.83 -13.81 -47.24
C GLN C 130 -8.77 -13.93 -48.35
N PHE C 131 -7.72 -14.72 -48.12
CA PHE C 131 -6.59 -14.79 -49.04
C PHE C 131 -6.48 -16.15 -49.71
N THR C 132 -5.90 -16.17 -50.89
CA THR C 132 -5.62 -17.38 -51.64
C THR C 132 -4.35 -18.03 -51.14
N VAL C 133 -3.31 -17.22 -50.94
CA VAL C 133 -2.02 -17.71 -50.46
C VAL C 133 -2.10 -18.08 -48.98
N PRO C 134 -1.45 -19.18 -48.58
CA PRO C 134 -1.44 -19.57 -47.17
C PRO C 134 -0.51 -18.71 -46.29
N PHE C 135 -0.87 -18.59 -45.02
CA PHE C 135 -0.11 -17.82 -44.06
C PHE C 135 0.51 -18.70 -42.99
N VAL C 136 1.73 -18.34 -42.59
CA VAL C 136 2.30 -18.82 -41.36
C VAL C 136 2.22 -17.68 -40.35
N CYS C 137 1.88 -18.01 -39.11
CA CYS C 137 1.83 -17.07 -38.00
C CYS C 137 2.62 -17.58 -36.82
N GLY C 138 3.06 -16.66 -35.98
CA GLY C 138 3.75 -17.01 -34.73
C GLY C 138 2.79 -17.32 -33.60
N CYS C 139 3.25 -18.07 -32.61
CA CYS C 139 2.50 -18.29 -31.38
C CYS C 139 3.44 -18.64 -30.23
N ARG C 140 3.01 -18.33 -29.02
CA ARG C 140 3.79 -18.62 -27.80
C ARG C 140 3.09 -19.59 -26.88
N ASP C 141 1.80 -19.83 -27.13
CA ASP C 141 1.00 -20.76 -26.35
C ASP C 141 -0.21 -21.19 -27.17
N LEU C 142 -0.97 -22.12 -26.65
CA LEU C 142 -2.05 -22.72 -27.41
C LEU C 142 -3.17 -21.72 -27.70
N GLY C 143 -3.41 -20.80 -26.77
CA GLY C 143 -4.42 -19.77 -26.97
C GLY C 143 -4.11 -18.93 -28.20
N GLU C 144 -2.88 -18.45 -28.29
CA GLU C 144 -2.43 -17.73 -29.48
C GLU C 144 -2.56 -18.59 -30.73
N ALA C 145 -2.09 -19.82 -30.64
CA ALA C 145 -2.11 -20.73 -31.77
C ALA C 145 -3.53 -20.86 -32.29
N ALA C 146 -4.47 -21.05 -31.38
CA ALA C 146 -5.87 -21.28 -31.76
C ALA C 146 -6.49 -20.03 -32.34
N ARG C 147 -6.10 -18.87 -31.83
CA ARG C 147 -6.60 -17.60 -32.37
C ARG C 147 -6.07 -17.36 -33.78
N ARG C 148 -4.78 -17.63 -34.00
CA ARG C 148 -4.19 -17.53 -35.34
C ARG C 148 -4.89 -18.47 -36.32
N ILE C 149 -5.19 -19.69 -35.87
CA ILE C 149 -5.92 -20.66 -36.71
C ILE C 149 -7.31 -20.16 -37.05
N ALA C 150 -8.01 -19.59 -36.08
CA ALA C 150 -9.36 -19.04 -36.32
C ALA C 150 -9.34 -17.85 -37.27
N GLU C 151 -8.22 -17.12 -37.32
CA GLU C 151 -8.04 -16.05 -38.30
C GLU C 151 -7.68 -16.57 -39.69
N GLY C 152 -7.43 -17.88 -39.82
CA GLY C 152 -7.16 -18.50 -41.12
C GLY C 152 -5.72 -18.91 -41.38
N ALA C 153 -4.87 -18.91 -40.35
CA ALA C 153 -3.48 -19.36 -40.50
C ALA C 153 -3.43 -20.79 -41.00
N SER C 154 -2.53 -21.04 -41.96
CA SER C 154 -2.35 -22.39 -42.51
C SER C 154 -1.16 -23.11 -41.91
N MET C 155 -0.34 -22.39 -41.14
CA MET C 155 0.86 -22.96 -40.57
C MET C 155 1.25 -22.13 -39.35
N LEU C 156 1.90 -22.75 -38.38
CA LEU C 156 2.36 -22.05 -37.20
C LEU C 156 3.86 -22.11 -37.01
N ARG C 157 4.36 -21.08 -36.34
CA ARG C 157 5.75 -20.97 -35.96
C ARG C 157 5.72 -20.69 -34.47
N THR C 158 6.16 -21.65 -33.68
CA THR C 158 6.18 -21.48 -32.23
C THR C 158 7.52 -20.85 -31.87
N LYS C 159 7.46 -19.63 -31.36
CA LYS C 159 8.68 -18.86 -31.19
C LYS C 159 8.58 -17.82 -30.10
N GLY C 160 9.68 -17.68 -29.35
CA GLY C 160 9.82 -16.60 -28.37
C GLY C 160 10.50 -15.38 -28.97
N GLU C 161 11.57 -14.92 -28.32
CA GLU C 161 12.33 -13.76 -28.79
C GLU C 161 13.29 -14.16 -29.91
N PRO C 162 13.48 -13.28 -30.93
CA PRO C 162 14.35 -13.52 -32.08
C PRO C 162 15.75 -12.92 -31.92
N GLY C 163 16.68 -13.42 -32.72
CA GLY C 163 18.03 -12.83 -32.82
C GLY C 163 19.01 -13.03 -31.67
N THR C 164 18.65 -13.88 -30.71
CA THR C 164 19.48 -14.08 -29.51
C THR C 164 20.53 -15.17 -29.68
N GLY C 165 20.31 -16.09 -30.63
CA GLY C 165 21.09 -17.33 -30.70
C GLY C 165 20.82 -18.27 -29.53
N ASN C 166 19.79 -17.97 -28.74
CA ASN C 166 19.49 -18.72 -27.54
C ASN C 166 18.25 -19.57 -27.75
N ILE C 167 18.41 -20.88 -27.68
CA ILE C 167 17.33 -21.80 -27.99
C ILE C 167 16.22 -21.82 -26.93
N VAL C 168 16.46 -21.20 -25.78
CA VAL C 168 15.49 -21.26 -24.67
C VAL C 168 14.13 -20.70 -25.06
N GLU C 169 14.16 -19.74 -25.99
CA GLU C 169 12.96 -19.08 -26.48
C GLU C 169 12.05 -20.07 -27.17
N ALA C 170 12.61 -20.77 -28.16
CA ALA C 170 11.93 -21.85 -28.85
C ALA C 170 11.46 -22.97 -27.90
N VAL C 171 12.34 -23.38 -26.99
CA VAL C 171 12.06 -24.50 -26.08
C VAL C 171 10.89 -24.20 -25.15
N ARG C 172 10.96 -23.06 -24.48
CA ARG C 172 9.89 -22.62 -23.57
C ARG C 172 8.54 -22.76 -24.24
N HIS C 173 8.42 -22.24 -25.45
CA HIS C 173 7.11 -22.17 -26.10
C HIS C 173 6.68 -23.45 -26.78
N MET C 174 7.63 -24.22 -27.31
CA MET C 174 7.27 -25.53 -27.85
C MET C 174 6.82 -26.46 -26.70
N ARG C 175 7.51 -26.38 -25.56
CA ARG C 175 7.08 -27.16 -24.39
C ARG C 175 5.71 -26.76 -23.92
N LYS C 176 5.45 -25.45 -23.88
CA LYS C 176 4.15 -24.94 -23.45
C LYS C 176 3.01 -25.37 -24.39
N VAL C 177 3.21 -25.11 -25.68
CA VAL C 177 2.18 -25.42 -26.68
C VAL C 177 1.87 -26.92 -26.68
N ASN C 178 2.91 -27.74 -26.69
CA ASN C 178 2.70 -29.18 -26.77
C ASN C 178 2.15 -29.77 -25.48
N ALA C 179 2.56 -29.23 -24.35
CA ALA C 179 1.98 -29.65 -23.06
C ALA C 179 0.49 -29.32 -23.02
N GLN C 180 0.14 -28.12 -23.49
CA GLN C 180 -1.25 -27.71 -23.52
C GLN C 180 -2.07 -28.55 -24.50
N ILE C 181 -1.47 -28.93 -25.63
CA ILE C 181 -2.14 -29.81 -26.57
C ILE C 181 -2.42 -31.18 -25.94
N ARG C 182 -1.40 -31.77 -25.32
CA ARG C 182 -1.56 -33.09 -24.68
C ARG C 182 -2.68 -33.06 -23.66
N LYS C 183 -2.75 -31.99 -22.87
CA LYS C 183 -3.80 -31.82 -21.89
C LYS C 183 -5.16 -31.83 -22.57
N VAL C 184 -5.32 -31.03 -23.63
CA VAL C 184 -6.59 -30.95 -24.35
C VAL C 184 -6.99 -32.28 -25.00
N VAL C 185 -6.02 -32.96 -25.61
CA VAL C 185 -6.27 -34.24 -26.27
C VAL C 185 -6.87 -35.26 -25.31
N ASN C 186 -6.38 -35.29 -24.07
CA ASN C 186 -6.78 -36.31 -23.12
C ASN C 186 -7.88 -35.84 -22.15
N MET C 187 -8.28 -34.57 -22.20
CA MET C 187 -9.21 -34.08 -21.18
C MET C 187 -10.66 -34.46 -21.47
N SER C 188 -11.44 -34.48 -20.40
CA SER C 188 -12.85 -34.78 -20.49
C SER C 188 -13.52 -33.81 -21.46
N GLU C 189 -14.30 -34.34 -22.39
CA GLU C 189 -14.94 -33.54 -23.45
C GLU C 189 -15.75 -32.36 -22.92
N ASP C 190 -16.46 -32.59 -21.81
CA ASP C 190 -17.32 -31.55 -21.23
C ASP C 190 -16.55 -30.40 -20.55
N GLU C 191 -15.22 -30.53 -20.43
CA GLU C 191 -14.41 -29.47 -19.82
C GLU C 191 -13.77 -28.51 -20.85
N LEU C 192 -14.00 -28.75 -22.13
CA LEU C 192 -13.31 -27.98 -23.18
C LEU C 192 -13.74 -26.53 -23.30
N VAL C 193 -15.02 -26.26 -23.10
CA VAL C 193 -15.52 -24.91 -23.19
C VAL C 193 -14.85 -24.03 -22.14
N ALA C 194 -14.77 -24.54 -20.91
CA ALA C 194 -14.09 -23.83 -19.83
C ALA C 194 -12.59 -23.72 -20.10
N GLU C 195 -11.99 -24.76 -20.67
CA GLU C 195 -10.57 -24.73 -21.01
C GLU C 195 -10.33 -23.63 -22.04
N ALA C 196 -11.21 -23.57 -23.04
CA ALA C 196 -11.12 -22.55 -24.08
C ALA C 196 -11.19 -21.14 -23.49
N LYS C 197 -12.13 -20.91 -22.57
CA LYS C 197 -12.25 -19.62 -21.91
C LYS C 197 -10.95 -19.24 -21.20
N GLN C 198 -10.38 -20.19 -20.47
CA GLN C 198 -9.18 -19.97 -19.71
C GLN C 198 -7.94 -19.68 -20.60
N LEU C 199 -7.84 -20.38 -21.73
CA LEU C 199 -6.75 -20.17 -22.67
C LEU C 199 -6.93 -18.94 -23.55
N GLY C 200 -8.16 -18.45 -23.68
CA GLY C 200 -8.49 -17.44 -24.68
C GLY C 200 -8.57 -18.03 -26.08
N ALA C 201 -8.88 -19.31 -26.17
CA ALA C 201 -8.95 -20.02 -27.45
C ALA C 201 -10.39 -20.17 -27.92
N PRO C 202 -10.59 -20.25 -29.25
CA PRO C 202 -11.86 -20.71 -29.82
C PRO C 202 -12.09 -22.19 -29.55
N VAL C 203 -13.23 -22.53 -28.98
CA VAL C 203 -13.49 -23.90 -28.56
C VAL C 203 -13.50 -24.87 -29.75
N GLU C 204 -14.00 -24.44 -30.90
CA GLU C 204 -14.02 -25.33 -32.07
C GLU C 204 -12.62 -25.74 -32.53
N VAL C 205 -11.63 -24.89 -32.31
CA VAL C 205 -10.24 -25.28 -32.58
C VAL C 205 -9.77 -26.31 -31.56
N LEU C 206 -10.12 -26.13 -30.30
CA LEU C 206 -9.76 -27.14 -29.29
C LEU C 206 -10.43 -28.46 -29.59
N ARG C 207 -11.68 -28.42 -30.01
CA ARG C 207 -12.42 -29.63 -30.36
C ARG C 207 -11.77 -30.37 -31.51
N GLU C 208 -11.32 -29.60 -32.50
CA GLU C 208 -10.57 -30.14 -33.62
C GLU C 208 -9.25 -30.76 -33.17
N ILE C 209 -8.55 -30.08 -32.26
CA ILE C 209 -7.29 -30.58 -31.73
C ILE C 209 -7.50 -31.92 -31.04
N LYS C 210 -8.54 -31.98 -30.21
CA LYS C 210 -8.86 -33.22 -29.48
C LYS C 210 -9.18 -34.34 -30.46
N ARG C 211 -9.90 -34.01 -31.52
CA ARG C 211 -10.27 -34.98 -32.54
C ARG C 211 -9.07 -35.53 -33.29
N LEU C 212 -8.13 -34.67 -33.69
CA LEU C 212 -6.95 -35.09 -34.43
C LEU C 212 -5.83 -35.64 -33.55
N GLY C 213 -5.82 -35.28 -32.26
CA GLY C 213 -4.70 -35.61 -31.39
C GLY C 213 -3.49 -34.70 -31.58
N ARG C 214 -3.68 -33.60 -32.32
CA ARG C 214 -2.61 -32.64 -32.56
C ARG C 214 -3.20 -31.40 -33.20
N LEU C 215 -2.36 -30.39 -33.44
CA LEU C 215 -2.80 -29.20 -34.17
C LEU C 215 -3.21 -29.58 -35.58
N PRO C 216 -4.26 -28.94 -36.11
CA PRO C 216 -4.71 -29.17 -37.49
C PRO C 216 -3.81 -28.53 -38.55
N VAL C 217 -2.77 -27.82 -38.13
CA VAL C 217 -1.77 -27.31 -39.05
C VAL C 217 -0.41 -27.70 -38.55
N VAL C 218 0.56 -27.60 -39.46
CA VAL C 218 1.96 -27.82 -39.17
C VAL C 218 2.49 -26.74 -38.24
N ASN C 219 3.38 -27.11 -37.33
CA ASN C 219 3.95 -26.21 -36.33
C ASN C 219 5.47 -26.35 -36.28
N PHE C 220 6.17 -25.35 -36.79
CA PHE C 220 7.63 -25.35 -36.82
C PHE C 220 8.18 -24.55 -35.64
N ALA C 221 9.37 -24.93 -35.18
CA ALA C 221 10.04 -24.18 -34.15
C ALA C 221 10.86 -23.07 -34.79
N ALA C 222 11.03 -21.99 -34.05
CA ALA C 222 11.88 -20.89 -34.48
C ALA C 222 12.31 -20.12 -33.25
N GLY C 223 13.47 -19.48 -33.33
CA GLY C 223 14.02 -18.70 -32.22
C GLY C 223 15.30 -19.27 -31.68
N GLY C 224 16.43 -18.79 -32.20
CA GLY C 224 17.74 -19.17 -31.68
C GLY C 224 18.28 -20.52 -32.10
N VAL C 225 17.62 -21.18 -33.06
CA VAL C 225 18.09 -22.48 -33.57
C VAL C 225 19.42 -22.22 -34.27
N THR C 226 20.50 -22.65 -33.63
CA THR C 226 21.84 -22.30 -34.06
C THR C 226 22.67 -23.52 -34.45
N THR C 227 22.69 -24.55 -33.61
CA THR C 227 23.48 -25.73 -33.87
C THR C 227 22.63 -26.88 -34.37
N PRO C 228 23.27 -27.89 -34.98
CA PRO C 228 22.54 -29.10 -35.36
C PRO C 228 21.84 -29.73 -34.18
N ALA C 229 22.48 -29.73 -33.01
CA ALA C 229 21.85 -30.26 -31.81
C ALA C 229 20.58 -29.48 -31.47
N ASP C 230 20.60 -28.16 -31.63
CA ASP C 230 19.42 -27.33 -31.40
C ASP C 230 18.24 -27.77 -32.27
N ALA C 231 18.54 -27.97 -33.56
CA ALA C 231 17.51 -28.31 -34.53
C ALA C 231 16.89 -29.67 -34.19
N ALA C 232 17.75 -30.64 -33.87
CA ALA C 232 17.27 -31.95 -33.49
C ALA C 232 16.48 -31.91 -32.18
N LEU C 233 16.90 -31.06 -31.26
CA LEU C 233 16.18 -30.90 -29.99
C LEU C 233 14.74 -30.47 -30.24
N MET C 234 14.55 -29.48 -31.12
CA MET C 234 13.22 -28.99 -31.37
C MET C 234 12.34 -30.10 -31.91
N MET C 235 12.91 -30.95 -32.76
CA MET C 235 12.17 -32.11 -33.26
C MET C 235 11.87 -33.10 -32.13
N HIS C 236 12.83 -33.31 -31.25
CA HIS C 236 12.61 -34.16 -30.08
C HIS C 236 11.45 -33.64 -29.25
N LEU C 237 11.31 -32.32 -29.16
CA LEU C 237 10.26 -31.69 -28.38
C LEU C 237 8.92 -31.62 -29.10
N GLY C 238 8.85 -32.16 -30.32
CA GLY C 238 7.59 -32.33 -31.03
C GLY C 238 7.32 -31.31 -32.14
N ALA C 239 8.33 -30.54 -32.52
CA ALA C 239 8.19 -29.63 -33.65
C ALA C 239 8.01 -30.43 -34.91
N ASP C 240 7.36 -29.83 -35.92
CA ASP C 240 7.23 -30.43 -37.24
C ASP C 240 8.38 -30.02 -38.16
N GLY C 241 9.24 -29.12 -37.71
CA GLY C 241 10.33 -28.60 -38.54
C GLY C 241 10.91 -27.36 -37.87
N VAL C 242 11.87 -26.71 -38.52
CA VAL C 242 12.50 -25.54 -37.94
C VAL C 242 12.73 -24.43 -38.95
N PHE C 243 12.68 -23.20 -38.46
CA PHE C 243 13.15 -22.03 -39.17
C PHE C 243 14.55 -21.72 -38.66
N VAL C 244 15.41 -21.28 -39.56
CA VAL C 244 16.75 -20.82 -39.20
C VAL C 244 17.01 -19.49 -39.90
N GLY C 245 17.77 -18.63 -39.21
CA GLY C 245 18.02 -17.28 -39.67
C GLY C 245 19.31 -17.09 -40.46
N SER C 246 19.68 -15.83 -40.65
CA SER C 246 20.81 -15.45 -41.50
C SER C 246 22.17 -15.85 -40.95
N GLY C 247 22.24 -16.21 -39.66
CA GLY C 247 23.47 -16.69 -39.04
C GLY C 247 24.22 -17.70 -39.90
N ILE C 248 23.48 -18.58 -40.58
CA ILE C 248 24.06 -19.56 -41.47
C ILE C 248 25.04 -18.96 -42.47
N PHE C 249 24.67 -17.82 -43.04
CA PHE C 249 25.48 -17.19 -44.09
C PHE C 249 26.60 -16.30 -43.57
N LYS C 250 26.67 -16.13 -42.26
CA LYS C 250 27.81 -15.47 -41.62
C LYS C 250 28.89 -16.47 -41.20
N SER C 251 28.66 -17.76 -41.42
CA SER C 251 29.68 -18.77 -41.10
C SER C 251 30.75 -18.82 -42.19
N GLU C 252 31.82 -19.56 -41.91
CA GLU C 252 32.90 -19.71 -42.87
C GLU C 252 32.49 -20.54 -44.07
N ASN C 253 31.64 -21.55 -43.85
CA ASN C 253 31.17 -22.45 -44.90
C ASN C 253 29.64 -22.63 -44.80
N PRO C 254 28.89 -21.67 -45.35
CA PRO C 254 27.43 -21.68 -45.27
C PRO C 254 26.77 -22.96 -45.77
N GLU C 255 27.23 -23.47 -46.91
CA GLU C 255 26.61 -24.63 -47.50
C GLU C 255 26.77 -25.87 -46.61
N LYS C 256 27.92 -25.99 -45.97
CA LYS C 256 28.16 -27.09 -45.05
C LYS C 256 27.28 -26.95 -43.79
N TYR C 257 27.18 -25.73 -43.29
CA TYR C 257 26.42 -25.43 -42.10
C TYR C 257 24.92 -25.66 -42.36
N ALA C 258 24.40 -25.09 -43.45
CA ALA C 258 23.00 -25.29 -43.82
C ALA C 258 22.68 -26.77 -43.94
N ARG C 259 23.58 -27.47 -44.60
CA ARG C 259 23.50 -28.91 -44.77
C ARG C 259 23.40 -29.65 -43.43
N ALA C 260 24.26 -29.28 -42.49
CA ALA C 260 24.27 -29.94 -41.19
C ALA C 260 22.93 -29.76 -40.46
N ILE C 261 22.35 -28.57 -40.57
CA ILE C 261 21.06 -28.30 -39.95
C ILE C 261 19.96 -29.13 -40.60
N VAL C 262 19.97 -29.19 -41.94
CA VAL C 262 19.03 -30.00 -42.69
C VAL C 262 19.08 -31.46 -42.28
N GLU C 263 20.28 -32.01 -42.20
CA GLU C 263 20.44 -33.44 -41.89
C GLU C 263 20.04 -33.72 -40.45
N ALA C 264 20.43 -32.83 -39.55
CA ALA C 264 20.13 -32.99 -38.14
C ALA C 264 18.62 -32.93 -37.88
N THR C 265 17.93 -32.07 -38.62
CA THR C 265 16.49 -31.93 -38.49
C THR C 265 15.76 -33.15 -39.02
N THR C 266 16.25 -33.69 -40.13
CA THR C 266 15.65 -34.90 -40.73
C THR C 266 15.94 -36.13 -39.90
N HIS C 267 17.20 -36.31 -39.50
CA HIS C 267 17.65 -37.48 -38.75
C HIS C 267 17.89 -37.09 -37.31
N TYR C 268 16.82 -36.63 -36.67
CA TYR C 268 16.94 -35.99 -35.35
C TYR C 268 17.22 -36.95 -34.19
N GLU C 269 17.09 -38.26 -34.42
CA GLU C 269 17.46 -39.27 -33.42
C GLU C 269 18.75 -40.02 -33.73
N ASP C 270 19.47 -39.60 -34.77
CA ASP C 270 20.73 -40.22 -35.15
C ASP C 270 21.88 -39.44 -34.53
N TYR C 271 22.20 -39.78 -33.29
CA TYR C 271 23.09 -38.96 -32.47
C TYR C 271 24.55 -39.06 -32.94
N GLU C 272 24.93 -40.21 -33.47
CA GLU C 272 26.27 -40.35 -34.06
C GLU C 272 26.44 -39.42 -35.24
N LEU C 273 25.45 -39.37 -36.11
CA LEU C 273 25.46 -38.45 -37.24
C LEU C 273 25.51 -37.00 -36.74
N ILE C 274 24.63 -36.66 -35.81
CA ILE C 274 24.57 -35.28 -35.30
C ILE C 274 25.90 -34.89 -34.67
N ALA C 275 26.50 -35.82 -33.93
CA ALA C 275 27.83 -35.59 -33.34
C ALA C 275 28.87 -35.30 -34.41
N HIS C 276 28.87 -36.10 -35.45
CA HIS C 276 29.76 -35.88 -36.57
C HIS C 276 29.50 -34.53 -37.24
N LEU C 277 28.23 -34.23 -37.50
CA LEU C 277 27.86 -32.99 -38.15
C LEU C 277 28.23 -31.76 -37.34
N SER C 278 28.37 -31.93 -36.02
CA SER C 278 28.72 -30.81 -35.15
C SER C 278 30.21 -30.46 -35.16
N LYS C 279 31.06 -31.33 -35.67
CA LYS C 279 32.52 -31.11 -35.63
C LYS C 279 32.96 -29.88 -36.45
N GLY C 280 32.57 -29.84 -37.72
CA GLY C 280 32.94 -28.73 -38.60
C GLY C 280 32.67 -27.36 -38.01
N GLU D 25 35.59 -39.30 -11.20
CA GLU D 25 34.98 -38.99 -9.87
C GLU D 25 34.79 -40.21 -8.94
N MET D 26 34.84 -41.43 -9.50
CA MET D 26 34.62 -42.67 -8.73
C MET D 26 35.64 -42.88 -7.60
N GLN D 27 36.40 -41.83 -7.26
CA GLN D 27 37.18 -41.78 -6.02
C GLN D 27 36.89 -40.48 -5.27
N LYS D 28 36.09 -40.61 -4.22
CA LYS D 28 36.01 -39.64 -3.12
C LYS D 28 37.40 -39.15 -2.72
N GLY D 29 37.46 -37.92 -2.20
CA GLY D 29 38.73 -37.23 -1.89
C GLY D 29 39.39 -36.55 -3.09
N GLY D 30 38.81 -36.73 -4.27
CA GLY D 30 39.46 -36.35 -5.54
C GLY D 30 39.23 -34.92 -5.96
N VAL D 31 40.04 -34.50 -6.92
CA VAL D 31 39.91 -33.19 -7.54
C VAL D 31 39.63 -33.37 -9.03
N ILE D 32 38.63 -32.65 -9.53
CA ILE D 32 38.30 -32.64 -10.96
C ILE D 32 38.70 -31.28 -11.53
N MET D 33 39.41 -31.29 -12.65
CA MET D 33 40.00 -30.06 -13.17
C MET D 33 39.50 -29.71 -14.55
N ASP D 34 39.22 -28.43 -14.75
CA ASP D 34 38.84 -27.90 -16.07
C ASP D 34 40.06 -27.82 -16.95
N VAL D 35 39.96 -28.36 -18.16
CA VAL D 35 41.04 -28.30 -19.14
C VAL D 35 40.50 -27.93 -20.52
N VAL D 36 41.25 -27.12 -21.27
CA VAL D 36 40.82 -26.69 -22.60
C VAL D 36 41.56 -27.41 -23.75
N ASN D 37 42.57 -28.20 -23.42
CA ASN D 37 43.35 -28.92 -24.43
C ASN D 37 44.12 -30.11 -23.85
N ALA D 38 44.79 -30.84 -24.73
CA ALA D 38 45.53 -32.06 -24.37
C ALA D 38 46.67 -31.78 -23.41
N GLU D 39 47.36 -30.68 -23.60
CA GLU D 39 48.49 -30.30 -22.74
C GLU D 39 48.02 -30.11 -21.28
N GLN D 40 46.97 -29.32 -21.10
CA GLN D 40 46.39 -29.10 -19.79
C GLN D 40 45.88 -30.40 -19.17
N ALA D 41 45.25 -31.23 -19.99
CA ALA D 41 44.72 -32.50 -19.53
C ALA D 41 45.82 -33.41 -18.97
N LYS D 42 46.95 -33.45 -19.66
CA LYS D 42 48.08 -34.29 -19.24
C LYS D 42 48.65 -33.79 -17.91
N ILE D 43 48.80 -32.48 -17.79
CA ILE D 43 49.24 -31.87 -16.54
C ILE D 43 48.29 -32.25 -15.39
N ALA D 44 46.99 -32.14 -15.63
CA ALA D 44 45.99 -32.47 -14.61
C ALA D 44 46.12 -33.91 -14.17
N GLU D 45 46.25 -34.81 -15.15
CA GLU D 45 46.44 -36.23 -14.87
C GLU D 45 47.72 -36.45 -14.07
N ALA D 46 48.80 -35.80 -14.50
CA ALA D 46 50.10 -35.92 -13.84
C ALA D 46 50.04 -35.40 -12.39
N ALA D 47 49.29 -34.33 -12.17
CA ALA D 47 49.15 -33.76 -10.81
C ALA D 47 48.32 -34.63 -9.86
N GLY D 48 47.59 -35.60 -10.39
CA GLY D 48 46.79 -36.52 -9.57
C GLY D 48 45.28 -36.28 -9.59
N ALA D 49 44.80 -35.49 -10.56
CA ALA D 49 43.35 -35.32 -10.74
C ALA D 49 42.65 -36.66 -10.93
N VAL D 50 41.46 -36.81 -10.36
CA VAL D 50 40.69 -38.05 -10.56
C VAL D 50 39.90 -38.01 -11.86
N ALA D 51 39.73 -36.82 -12.43
CA ALA D 51 39.08 -36.69 -13.72
C ALA D 51 39.33 -35.30 -14.24
N VAL D 52 39.06 -35.11 -15.53
CA VAL D 52 39.14 -33.79 -16.13
C VAL D 52 37.82 -33.41 -16.77
N MET D 53 37.60 -32.10 -16.84
CA MET D 53 36.40 -31.53 -17.41
C MET D 53 36.86 -30.78 -18.66
N ALA D 54 36.48 -31.29 -19.81
CA ALA D 54 36.89 -30.70 -21.08
C ALA D 54 36.03 -29.51 -21.44
N LEU D 55 36.65 -28.37 -21.72
CA LEU D 55 35.95 -27.13 -22.08
C LEU D 55 36.50 -26.50 -23.34
N GLU D 56 35.70 -25.65 -23.96
CA GLU D 56 36.15 -24.83 -25.07
C GLU D 56 36.64 -23.47 -24.57
N ARG D 57 35.77 -22.73 -23.89
CA ARG D 57 36.01 -21.32 -23.51
C ARG D 57 36.82 -20.53 -24.55
N GLY D 67 27.40 -13.50 -24.18
CA GLY D 67 27.14 -14.39 -25.30
C GLY D 67 26.58 -15.74 -24.85
N VAL D 68 26.23 -16.59 -25.81
CA VAL D 68 25.61 -17.88 -25.49
C VAL D 68 26.68 -18.97 -25.36
N ALA D 69 26.68 -19.68 -24.24
CA ALA D 69 27.65 -20.75 -23.99
C ALA D 69 26.98 -22.10 -24.20
N ARG D 70 27.54 -22.89 -25.11
CA ARG D 70 26.96 -24.17 -25.51
C ARG D 70 27.93 -25.33 -25.24
N MET D 71 27.47 -26.52 -25.56
CA MET D 71 28.33 -27.71 -25.60
C MET D 71 29.57 -27.40 -26.42
N ALA D 72 30.73 -27.88 -25.98
CA ALA D 72 31.97 -27.66 -26.69
C ALA D 72 32.00 -28.44 -28.02
N ASP D 73 32.79 -27.94 -28.96
CA ASP D 73 33.08 -28.64 -30.22
C ASP D 73 33.57 -30.05 -29.88
N PRO D 74 32.94 -31.07 -30.45
CA PRO D 74 33.37 -32.45 -30.24
C PRO D 74 34.86 -32.70 -30.46
N THR D 75 35.47 -31.99 -31.39
CA THR D 75 36.90 -32.10 -31.68
C THR D 75 37.73 -31.85 -30.43
N VAL D 76 37.38 -30.80 -29.69
CA VAL D 76 38.10 -30.44 -28.47
C VAL D 76 37.95 -31.53 -27.40
N ILE D 77 36.75 -32.09 -27.30
CA ILE D 77 36.49 -33.14 -26.34
C ILE D 77 37.27 -34.42 -26.68
N GLU D 78 37.32 -34.76 -27.96
CA GLU D 78 38.08 -35.93 -28.41
C GLU D 78 39.58 -35.74 -28.16
N GLU D 79 40.08 -34.54 -28.40
CA GLU D 79 41.47 -34.21 -28.13
C GLU D 79 41.80 -34.53 -26.66
N VAL D 80 40.93 -34.13 -25.76
CA VAL D 80 41.14 -34.37 -24.33
C VAL D 80 40.98 -35.86 -24.00
N MET D 81 39.99 -36.52 -24.59
CA MET D 81 39.80 -37.96 -24.35
C MET D 81 41.01 -38.79 -24.76
N ASN D 82 41.62 -38.43 -25.87
CA ASN D 82 42.79 -39.15 -26.37
C ASN D 82 44.05 -38.88 -25.56
N ALA D 83 44.09 -37.74 -24.86
CA ALA D 83 45.28 -37.29 -24.15
C ALA D 83 45.50 -37.94 -22.77
N VAL D 84 44.46 -38.54 -22.20
CA VAL D 84 44.56 -39.05 -20.83
C VAL D 84 43.80 -40.36 -20.65
N SER D 85 44.12 -41.06 -19.57
CA SER D 85 43.50 -42.33 -19.23
C SER D 85 42.46 -42.20 -18.12
N ILE D 86 42.52 -41.10 -17.37
CA ILE D 86 41.50 -40.83 -16.35
C ILE D 86 40.18 -40.41 -16.99
N PRO D 87 39.07 -40.54 -16.26
CA PRO D 87 37.75 -40.18 -16.80
C PRO D 87 37.69 -38.74 -17.33
N VAL D 88 36.97 -38.56 -18.43
CA VAL D 88 36.77 -37.25 -19.02
C VAL D 88 35.29 -36.86 -18.94
N MET D 89 35.03 -35.67 -18.41
CA MET D 89 33.70 -35.11 -18.34
C MET D 89 33.55 -33.98 -19.33
N ALA D 90 32.32 -33.69 -19.74
CA ALA D 90 32.05 -32.51 -20.54
C ALA D 90 30.65 -31.98 -20.27
N LYS D 91 30.45 -30.72 -20.65
CA LYS D 91 29.27 -29.95 -20.23
C LYS D 91 28.19 -29.91 -21.31
N VAL D 92 26.93 -30.00 -20.89
CA VAL D 92 25.81 -29.66 -21.77
C VAL D 92 24.91 -28.62 -21.12
N ARG D 93 24.14 -27.93 -21.94
CA ARG D 93 23.18 -26.96 -21.45
C ARG D 93 22.03 -27.68 -20.75
N ILE D 94 21.50 -27.06 -19.71
CA ILE D 94 20.40 -27.65 -18.96
C ILE D 94 19.21 -27.90 -19.88
N GLY D 95 18.70 -29.12 -19.84
CA GLY D 95 17.57 -29.54 -20.67
C GLY D 95 17.91 -29.93 -22.10
N HIS D 96 19.18 -29.81 -22.52
CA HIS D 96 19.54 -30.07 -23.91
C HIS D 96 19.80 -31.55 -24.13
N TYR D 97 18.70 -32.28 -24.27
CA TYR D 97 18.70 -33.71 -24.47
C TYR D 97 19.66 -34.16 -25.57
N VAL D 98 19.66 -33.44 -26.70
CA VAL D 98 20.45 -33.87 -27.86
C VAL D 98 21.93 -33.62 -27.69
N GLU D 99 22.31 -32.49 -27.11
CA GLU D 99 23.71 -32.26 -26.75
C GLU D 99 24.22 -33.41 -25.88
N ALA D 100 23.41 -33.84 -24.94
CA ALA D 100 23.77 -34.95 -24.08
C ALA D 100 23.95 -36.26 -24.88
N ARG D 101 23.01 -36.54 -25.80
CA ARG D 101 23.12 -37.73 -26.65
C ARG D 101 24.35 -37.69 -27.54
N VAL D 102 24.72 -36.50 -28.00
CA VAL D 102 25.91 -36.33 -28.80
C VAL D 102 27.14 -36.71 -27.98
N LEU D 103 27.24 -36.18 -26.76
CA LEU D 103 28.38 -36.51 -25.88
C LEU D 103 28.41 -37.98 -25.53
N GLU D 104 27.24 -38.56 -25.34
CA GLU D 104 27.14 -39.98 -25.10
C GLU D 104 27.74 -40.75 -26.29
N ALA D 105 27.37 -40.35 -27.50
CA ALA D 105 27.87 -41.00 -28.71
C ALA D 105 29.37 -40.82 -28.89
N LEU D 106 29.92 -39.70 -28.42
CA LEU D 106 31.37 -39.47 -28.48
C LEU D 106 32.17 -40.34 -27.52
N GLY D 107 31.53 -40.97 -26.54
CA GLY D 107 32.22 -41.88 -25.62
C GLY D 107 32.73 -41.20 -24.35
N VAL D 108 32.28 -39.98 -24.10
CA VAL D 108 32.54 -39.26 -22.87
C VAL D 108 32.21 -40.14 -21.65
N ASP D 109 32.96 -39.98 -20.56
CA ASP D 109 32.74 -40.78 -19.36
C ASP D 109 31.65 -40.23 -18.44
N TYR D 110 31.52 -38.90 -18.38
CA TYR D 110 30.45 -38.26 -17.61
C TYR D 110 29.93 -37.04 -18.34
N ILE D 111 28.63 -36.82 -18.24
CA ILE D 111 28.02 -35.60 -18.76
C ILE D 111 27.65 -34.69 -17.60
N ASP D 112 28.05 -33.44 -17.71
CA ASP D 112 27.73 -32.45 -16.72
C ASP D 112 26.64 -31.54 -17.26
N GLU D 113 25.42 -31.73 -16.76
CA GLU D 113 24.31 -30.85 -17.10
C GLU D 113 24.50 -29.58 -16.29
N SER D 114 25.03 -28.56 -16.93
CA SER D 114 25.69 -27.46 -16.24
C SER D 114 24.96 -26.15 -16.33
N GLU D 115 24.79 -25.52 -15.16
CA GLU D 115 24.18 -24.20 -15.05
C GLU D 115 25.07 -23.04 -15.52
N VAL D 116 26.38 -23.28 -15.70
CA VAL D 116 27.24 -22.21 -16.22
C VAL D 116 27.12 -22.04 -17.73
N LEU D 117 26.66 -23.09 -18.43
CA LEU D 117 26.27 -22.94 -19.82
C LEU D 117 24.89 -22.28 -19.86
N THR D 118 24.52 -21.76 -21.01
CA THR D 118 23.25 -21.06 -21.16
C THR D 118 22.11 -22.08 -21.19
N PRO D 119 21.23 -22.06 -20.19
CA PRO D 119 20.16 -23.05 -20.15
C PRO D 119 19.36 -23.12 -21.45
N ALA D 120 19.10 -24.34 -21.90
CA ALA D 120 18.26 -24.57 -23.08
C ALA D 120 16.80 -24.73 -22.66
N ASP D 121 16.56 -25.17 -21.43
CA ASP D 121 15.22 -25.36 -20.91
C ASP D 121 15.15 -24.81 -19.48
N GLU D 122 14.33 -23.78 -19.27
CA GLU D 122 14.19 -23.13 -17.96
C GLU D 122 13.39 -23.96 -16.96
N GLU D 123 12.61 -24.93 -17.44
CA GLU D 123 11.66 -25.65 -16.59
C GLU D 123 11.99 -27.12 -16.34
N PHE D 124 12.52 -27.79 -17.36
CA PHE D 124 12.71 -29.24 -17.30
C PHE D 124 14.15 -29.61 -17.57
N HIS D 125 14.74 -30.35 -16.64
CA HIS D 125 16.07 -30.90 -16.85
C HIS D 125 15.98 -32.18 -17.67
N ILE D 126 17.12 -32.62 -18.18
CA ILE D 126 17.20 -33.85 -18.97
C ILE D 126 16.74 -35.03 -18.13
N ASP D 127 15.97 -35.93 -18.74
CA ASP D 127 15.64 -37.21 -18.09
C ASP D 127 16.81 -38.17 -18.22
N LYS D 128 17.71 -38.08 -17.25
CA LYS D 128 19.01 -38.74 -17.30
C LYS D 128 18.91 -40.25 -17.09
N ARG D 129 17.76 -40.72 -16.64
CA ARG D 129 17.51 -42.15 -16.50
C ARG D 129 17.54 -42.89 -17.84
N GLN D 130 17.33 -42.18 -18.95
CA GLN D 130 17.28 -42.78 -20.28
C GLN D 130 18.66 -42.94 -20.93
N PHE D 131 19.72 -42.61 -20.18
CA PHE D 131 21.07 -42.59 -20.73
C PHE D 131 21.95 -43.69 -20.12
N THR D 132 22.96 -44.11 -20.89
CA THR D 132 23.95 -45.07 -20.45
C THR D 132 25.03 -44.39 -19.64
N VAL D 133 25.51 -43.26 -20.14
CA VAL D 133 26.54 -42.48 -19.47
C VAL D 133 25.99 -41.78 -18.22
N PRO D 134 26.76 -41.76 -17.12
CA PRO D 134 26.31 -41.06 -15.91
C PRO D 134 26.38 -39.55 -16.01
N PHE D 135 25.50 -38.88 -15.28
CA PHE D 135 25.45 -37.42 -15.23
C PHE D 135 25.86 -36.87 -13.87
N VAL D 136 26.53 -35.73 -13.90
CA VAL D 136 26.66 -34.88 -12.72
C VAL D 136 25.77 -33.66 -12.91
N CYS D 137 25.06 -33.28 -11.85
CA CYS D 137 24.19 -32.10 -11.87
C CYS D 137 24.53 -31.19 -10.71
N GLY D 138 24.20 -29.92 -10.86
CA GLY D 138 24.38 -28.93 -9.80
C GLY D 138 23.22 -28.92 -8.83
N CYS D 139 23.46 -28.45 -7.62
CA CYS D 139 22.39 -28.21 -6.67
C CYS D 139 22.81 -27.16 -5.65
N ARG D 140 21.82 -26.45 -5.10
CA ARG D 140 22.05 -25.40 -4.11
C ARG D 140 21.45 -25.74 -2.76
N ASP D 141 20.55 -26.73 -2.73
CA ASP D 141 19.91 -27.18 -1.50
C ASP D 141 19.41 -28.61 -1.68
N LEU D 142 18.88 -29.20 -0.63
CA LEU D 142 18.53 -30.62 -0.66
C LEU D 142 17.36 -30.92 -1.60
N GLY D 143 16.44 -29.96 -1.72
CA GLY D 143 15.31 -30.10 -2.65
C GLY D 143 15.81 -30.28 -4.07
N GLU D 144 16.70 -29.39 -4.50
CA GLU D 144 17.30 -29.49 -5.83
C GLU D 144 18.06 -30.79 -5.99
N ALA D 145 18.85 -31.13 -4.98
CA ALA D 145 19.64 -32.36 -5.03
C ALA D 145 18.73 -33.55 -5.27
N ALA D 146 17.64 -33.62 -4.52
CA ALA D 146 16.74 -34.74 -4.59
C ALA D 146 15.99 -34.79 -5.92
N ARG D 147 15.66 -33.63 -6.48
CA ARG D 147 15.03 -33.59 -7.79
C ARG D 147 15.99 -34.06 -8.88
N ARG D 148 17.24 -33.61 -8.82
CA ARG D 148 18.26 -34.08 -9.76
C ARG D 148 18.45 -35.59 -9.68
N ILE D 149 18.46 -36.12 -8.46
CA ILE D 149 18.58 -37.57 -8.26
C ILE D 149 17.37 -38.31 -8.87
N ALA D 150 16.17 -37.78 -8.67
CA ALA D 150 14.96 -38.40 -9.23
C ALA D 150 14.96 -38.38 -10.76
N GLU D 151 15.62 -37.39 -11.35
CA GLU D 151 15.80 -37.32 -12.80
C GLU D 151 16.89 -38.29 -13.31
N GLY D 152 17.64 -38.90 -12.40
CA GLY D 152 18.63 -39.92 -12.75
C GLY D 152 20.08 -39.50 -12.57
N ALA D 153 20.34 -38.37 -11.92
CA ALA D 153 21.71 -37.91 -11.71
C ALA D 153 22.50 -38.97 -10.97
N SER D 154 23.74 -39.20 -11.40
CA SER D 154 24.62 -40.16 -10.72
C SER D 154 25.63 -39.49 -9.81
N MET D 155 25.71 -38.17 -9.86
CA MET D 155 26.66 -37.43 -9.06
C MET D 155 26.18 -36.00 -8.92
N LEU D 156 26.52 -35.34 -7.81
CA LEU D 156 26.13 -33.96 -7.58
C LEU D 156 27.31 -33.02 -7.39
N ARG D 157 27.07 -31.78 -7.77
CA ARG D 157 28.00 -30.71 -7.62
C ARG D 157 27.25 -29.62 -6.87
N THR D 158 27.62 -29.39 -5.62
CA THR D 158 26.96 -28.39 -4.80
C THR D 158 27.70 -27.10 -5.06
N LYS D 159 26.99 -26.14 -5.66
CA LYS D 159 27.63 -24.93 -6.11
C LYS D 159 26.70 -23.74 -6.19
N GLY D 160 27.22 -22.57 -5.83
CA GLY D 160 26.52 -21.30 -6.04
C GLY D 160 26.89 -20.63 -7.35
N GLU D 161 27.33 -19.37 -7.29
CA GLU D 161 27.73 -18.62 -8.47
C GLU D 161 29.16 -19.00 -8.91
N PRO D 162 29.42 -19.06 -10.23
CA PRO D 162 30.72 -19.43 -10.79
C PRO D 162 31.59 -18.23 -11.17
N GLY D 163 32.89 -18.46 -11.29
CA GLY D 163 33.82 -17.46 -11.82
C GLY D 163 34.21 -16.29 -10.92
N THR D 164 33.83 -16.34 -9.64
CA THR D 164 34.08 -15.24 -8.73
C THR D 164 35.41 -15.35 -8.00
N GLY D 165 35.97 -16.55 -7.93
CA GLY D 165 37.11 -16.82 -7.04
C GLY D 165 36.73 -16.75 -5.55
N ASN D 166 35.44 -16.64 -5.25
CA ASN D 166 34.96 -16.44 -3.91
C ASN D 166 34.34 -17.72 -3.41
N ILE D 167 34.91 -18.30 -2.37
CA ILE D 167 34.50 -19.61 -1.86
C ILE D 167 33.11 -19.57 -1.20
N VAL D 168 32.59 -18.38 -0.89
CA VAL D 168 31.35 -18.26 -0.11
C VAL D 168 30.17 -18.97 -0.81
N GLU D 169 30.26 -19.02 -2.13
CA GLU D 169 29.23 -19.64 -2.94
C GLU D 169 29.15 -21.13 -2.64
N ALA D 170 30.29 -21.81 -2.75
CA ALA D 170 30.42 -23.21 -2.38
C ALA D 170 30.02 -23.48 -0.92
N VAL D 171 30.52 -22.64 0.00
CA VAL D 171 30.32 -22.82 1.45
C VAL D 171 28.83 -22.73 1.79
N ARG D 172 28.18 -21.66 1.36
CA ARG D 172 26.74 -21.45 1.63
C ARG D 172 25.95 -22.71 1.30
N HIS D 173 26.21 -23.26 0.13
CA HIS D 173 25.38 -24.35 -0.34
C HIS D 173 25.78 -25.71 0.19
N MET D 174 27.07 -25.91 0.46
CA MET D 174 27.48 -27.16 1.10
C MET D 174 26.96 -27.19 2.52
N ARG D 175 27.01 -26.04 3.22
CA ARG D 175 26.46 -25.95 4.58
C ARG D 175 24.96 -26.24 4.58
N LYS D 176 24.25 -25.65 3.63
CA LYS D 176 22.80 -25.83 3.52
C LYS D 176 22.43 -27.28 3.25
N VAL D 177 23.03 -27.87 2.22
CA VAL D 177 22.72 -29.22 1.80
C VAL D 177 23.02 -30.19 2.94
N ASN D 178 24.20 -30.06 3.54
CA ASN D 178 24.57 -31.00 4.61
C ASN D 178 23.78 -30.80 5.88
N ALA D 179 23.44 -29.56 6.23
CA ALA D 179 22.58 -29.32 7.38
C ALA D 179 21.20 -29.95 7.15
N GLN D 180 20.67 -29.81 5.96
CA GLN D 180 19.39 -30.41 5.63
C GLN D 180 19.43 -31.93 5.64
N ILE D 181 20.54 -32.51 5.20
CA ILE D 181 20.72 -33.94 5.26
C ILE D 181 20.73 -34.42 6.70
N ARG D 182 21.54 -33.78 7.56
CA ARG D 182 21.61 -34.17 8.98
C ARG D 182 20.25 -34.11 9.63
N LYS D 183 19.47 -33.09 9.30
CA LYS D 183 18.10 -32.98 9.83
C LYS D 183 17.26 -34.18 9.41
N VAL D 184 17.30 -34.52 8.12
CA VAL D 184 16.54 -35.64 7.58
C VAL D 184 16.96 -36.98 8.18
N VAL D 185 18.27 -37.19 8.30
CA VAL D 185 18.81 -38.43 8.84
C VAL D 185 18.28 -38.71 10.25
N ASN D 186 18.16 -37.66 11.06
CA ASN D 186 17.78 -37.83 12.45
C ASN D 186 16.31 -37.56 12.74
N MET D 187 15.53 -37.14 11.74
CA MET D 187 14.15 -36.76 12.03
C MET D 187 13.23 -37.96 12.14
N SER D 188 12.11 -37.74 12.84
CA SER D 188 11.11 -38.76 13.03
C SER D 188 10.60 -39.23 11.66
N GLU D 189 10.55 -40.53 11.47
CA GLU D 189 10.18 -41.14 10.19
C GLU D 189 8.84 -40.62 9.65
N ASP D 190 7.86 -40.45 10.53
CA ASP D 190 6.54 -40.03 10.11
C ASP D 190 6.45 -38.55 9.66
N GLU D 191 7.55 -37.80 9.81
CA GLU D 191 7.59 -36.40 9.42
C GLU D 191 8.17 -36.17 8.01
N LEU D 192 8.64 -37.24 7.38
CA LEU D 192 9.37 -37.12 6.10
C LEU D 192 8.52 -36.67 4.92
N VAL D 193 7.28 -37.13 4.86
CA VAL D 193 6.40 -36.73 3.77
C VAL D 193 6.19 -35.22 3.78
N ALA D 194 5.92 -34.66 4.95
CA ALA D 194 5.76 -33.21 5.10
C ALA D 194 7.07 -32.49 4.84
N GLU D 195 8.20 -33.06 5.27
CA GLU D 195 9.50 -32.45 5.00
C GLU D 195 9.72 -32.39 3.50
N ALA D 196 9.40 -33.48 2.82
CA ALA D 196 9.54 -33.55 1.38
C ALA D 196 8.72 -32.49 0.67
N LYS D 197 7.48 -32.31 1.10
CA LYS D 197 6.63 -31.27 0.55
C LYS D 197 7.26 -29.89 0.72
N GLN D 198 7.76 -29.59 1.91
CA GLN D 198 8.35 -28.30 2.23
C GLN D 198 9.63 -28.02 1.41
N LEU D 199 10.47 -29.05 1.23
CA LEU D 199 11.70 -28.93 0.45
C LEU D 199 11.49 -28.96 -1.06
N GLY D 200 10.33 -29.46 -1.49
CA GLY D 200 10.10 -29.73 -2.91
C GLY D 200 10.84 -30.98 -3.38
N ALA D 201 11.11 -31.90 -2.46
CA ALA D 201 11.86 -33.10 -2.74
C ALA D 201 10.94 -34.31 -2.93
N PRO D 202 11.36 -35.28 -3.73
CA PRO D 202 10.73 -36.60 -3.74
C PRO D 202 10.97 -37.37 -2.43
N VAL D 203 9.89 -37.79 -1.78
CA VAL D 203 10.01 -38.42 -0.47
C VAL D 203 10.86 -39.70 -0.49
N GLU D 204 10.80 -40.46 -1.58
CA GLU D 204 11.60 -41.69 -1.66
C GLU D 204 13.11 -41.41 -1.64
N VAL D 205 13.52 -40.27 -2.15
CA VAL D 205 14.92 -39.86 -2.05
C VAL D 205 15.27 -39.52 -0.60
N LEU D 206 14.38 -38.80 0.08
CA LEU D 206 14.61 -38.50 1.49
C LEU D 206 14.65 -39.77 2.33
N ARG D 207 13.78 -40.73 2.01
CA ARG D 207 13.77 -42.01 2.72
C ARG D 207 15.08 -42.76 2.52
N GLU D 208 15.58 -42.74 1.29
CA GLU D 208 16.88 -43.32 0.97
C GLU D 208 18.00 -42.60 1.74
N ILE D 209 17.94 -41.27 1.80
CA ILE D 209 18.95 -40.50 2.52
C ILE D 209 18.97 -40.87 4.00
N LYS D 210 17.79 -40.98 4.59
CA LYS D 210 17.66 -41.36 5.99
C LYS D 210 18.24 -42.78 6.23
N ARG D 211 17.95 -43.67 5.29
CA ARG D 211 18.44 -45.03 5.36
C ARG D 211 19.96 -45.10 5.31
N LEU D 212 20.58 -44.38 4.36
CA LEU D 212 22.03 -44.40 4.21
C LEU D 212 22.79 -43.50 5.18
N GLY D 213 22.13 -42.52 5.75
CA GLY D 213 22.81 -41.51 6.56
C GLY D 213 23.55 -40.47 5.73
N ARG D 214 23.31 -40.45 4.43
CA ARG D 214 23.95 -39.49 3.53
C ARG D 214 23.26 -39.54 2.17
N LEU D 215 23.71 -38.71 1.23
CA LEU D 215 23.21 -38.77 -0.14
C LEU D 215 23.60 -40.11 -0.78
N PRO D 216 22.71 -40.67 -1.62
CA PRO D 216 23.00 -41.92 -2.32
C PRO D 216 23.97 -41.75 -3.48
N VAL D 217 24.39 -40.52 -3.76
CA VAL D 217 25.42 -40.25 -4.75
C VAL D 217 26.50 -39.38 -4.13
N VAL D 218 27.64 -39.37 -4.80
CA VAL D 218 28.77 -38.52 -4.45
C VAL D 218 28.39 -37.05 -4.68
N ASN D 219 28.88 -36.18 -3.80
CA ASN D 219 28.60 -34.74 -3.84
C ASN D 219 29.88 -33.93 -3.72
N PHE D 220 30.31 -33.33 -4.82
CA PHE D 220 31.53 -32.53 -4.84
C PHE D 220 31.19 -31.06 -4.67
N ALA D 221 32.12 -30.29 -4.12
CA ALA D 221 31.95 -28.87 -4.01
C ALA D 221 32.50 -28.21 -5.25
N ALA D 222 31.92 -27.07 -5.60
CA ALA D 222 32.41 -26.27 -6.71
C ALA D 222 31.97 -24.84 -6.50
N GLY D 223 32.73 -23.90 -7.06
CA GLY D 223 32.42 -22.47 -6.93
C GLY D 223 33.45 -21.71 -6.14
N GLY D 224 34.44 -21.17 -6.85
CA GLY D 224 35.45 -20.29 -6.25
C GLY D 224 36.56 -20.98 -5.49
N VAL D 225 36.68 -22.31 -5.63
CA VAL D 225 37.74 -23.05 -4.98
C VAL D 225 39.05 -22.63 -5.60
N THR D 226 39.83 -21.85 -4.88
CA THR D 226 41.00 -21.18 -5.43
C THR D 226 42.31 -21.62 -4.76
N THR D 227 42.33 -21.61 -3.43
CA THR D 227 43.54 -21.96 -2.69
C THR D 227 43.47 -23.37 -2.10
N PRO D 228 44.63 -23.92 -1.74
CA PRO D 228 44.63 -25.22 -1.06
C PRO D 228 43.78 -25.23 0.20
N ALA D 229 43.80 -24.14 0.95
CA ALA D 229 42.96 -24.01 2.12
C ALA D 229 41.48 -24.08 1.74
N ASP D 230 41.10 -23.43 0.65
CA ASP D 230 39.70 -23.53 0.15
C ASP D 230 39.27 -24.97 -0.07
N ALA D 231 40.13 -25.73 -0.76
CA ALA D 231 39.80 -27.10 -1.12
C ALA D 231 39.64 -27.94 0.12
N ALA D 232 40.57 -27.78 1.07
CA ALA D 232 40.49 -28.53 2.32
C ALA D 232 39.24 -28.13 3.12
N LEU D 233 38.91 -26.84 3.09
CA LEU D 233 37.72 -26.37 3.80
C LEU D 233 36.46 -27.08 3.30
N MET D 234 36.34 -27.23 1.99
CA MET D 234 35.16 -27.90 1.45
C MET D 234 35.06 -29.34 1.94
N MET D 235 36.21 -30.00 2.06
CA MET D 235 36.24 -31.35 2.62
C MET D 235 35.85 -31.31 4.08
N HIS D 236 36.38 -30.34 4.82
CA HIS D 236 36.00 -30.16 6.22
C HIS D 236 34.48 -30.01 6.38
N LEU D 237 33.87 -29.31 5.42
CA LEU D 237 32.42 -29.09 5.44
C LEU D 237 31.60 -30.28 4.94
N GLY D 238 32.25 -31.38 4.56
CA GLY D 238 31.55 -32.61 4.24
C GLY D 238 31.43 -32.89 2.74
N ALA D 239 32.18 -32.17 1.91
CA ALA D 239 32.21 -32.48 0.49
C ALA D 239 32.89 -33.82 0.28
N ASP D 240 32.56 -34.50 -0.83
CA ASP D 240 33.25 -35.73 -1.23
C ASP D 240 34.46 -35.45 -2.13
N GLY D 241 34.64 -34.21 -2.54
CA GLY D 241 35.70 -33.84 -3.47
C GLY D 241 35.43 -32.42 -3.96
N VAL D 242 36.25 -31.92 -4.88
CA VAL D 242 36.09 -30.57 -5.40
C VAL D 242 36.30 -30.49 -6.89
N PHE D 243 35.60 -29.55 -7.52
CA PHE D 243 35.88 -29.13 -8.89
C PHE D 243 36.70 -27.86 -8.81
N VAL D 244 37.66 -27.72 -9.72
CA VAL D 244 38.43 -26.49 -9.84
C VAL D 244 38.48 -26.06 -11.30
N GLY D 245 38.50 -24.75 -11.51
CA GLY D 245 38.38 -24.17 -12.85
C GLY D 245 39.71 -23.86 -13.50
N SER D 246 39.63 -23.09 -14.59
CA SER D 246 40.79 -22.79 -15.44
C SER D 246 41.84 -21.90 -14.77
N GLY D 247 41.47 -21.24 -13.67
CA GLY D 247 42.40 -20.41 -12.90
C GLY D 247 43.76 -21.06 -12.69
N ILE D 248 43.75 -22.37 -12.47
CA ILE D 248 44.98 -23.14 -12.30
C ILE D 248 45.99 -22.89 -13.42
N PHE D 249 45.52 -22.85 -14.66
CA PHE D 249 46.41 -22.72 -15.81
C PHE D 249 46.77 -21.28 -16.15
N LYS D 250 46.20 -20.32 -15.43
CA LYS D 250 46.63 -18.93 -15.53
C LYS D 250 47.72 -18.58 -14.51
N SER D 251 48.09 -19.54 -13.67
CA SER D 251 49.17 -19.31 -12.70
C SER D 251 50.54 -19.44 -13.37
N GLU D 252 51.58 -19.06 -12.63
CA GLU D 252 52.94 -19.12 -13.14
C GLU D 252 53.43 -20.56 -13.27
N ASN D 253 52.99 -21.43 -12.36
CA ASN D 253 53.38 -22.84 -12.37
C ASN D 253 52.17 -23.76 -12.17
N PRO D 254 51.39 -23.99 -13.24
CA PRO D 254 50.15 -24.77 -13.16
C PRO D 254 50.30 -26.14 -12.52
N GLU D 255 51.35 -26.87 -12.87
CA GLU D 255 51.51 -28.23 -12.37
C GLU D 255 51.75 -28.23 -10.85
N LYS D 256 52.46 -27.24 -10.35
CA LYS D 256 52.66 -27.13 -8.90
C LYS D 256 51.36 -26.74 -8.20
N TYR D 257 50.62 -25.82 -8.80
CA TYR D 257 49.35 -25.33 -8.26
C TYR D 257 48.32 -26.47 -8.24
N ALA D 258 48.13 -27.14 -9.37
CA ALA D 258 47.22 -28.27 -9.46
C ALA D 258 47.56 -29.34 -8.41
N ARG D 259 48.83 -29.61 -8.32
CA ARG D 259 49.38 -30.53 -7.33
C ARG D 259 49.03 -30.15 -5.89
N ALA D 260 49.16 -28.86 -5.56
CA ALA D 260 48.86 -28.38 -4.22
C ALA D 260 47.38 -28.61 -3.88
N ILE D 261 46.51 -28.36 -4.85
CA ILE D 261 45.06 -28.54 -4.65
C ILE D 261 44.77 -30.02 -4.42
N VAL D 262 45.37 -30.87 -5.24
CA VAL D 262 45.17 -32.31 -5.12
C VAL D 262 45.60 -32.82 -3.75
N GLU D 263 46.77 -32.40 -3.29
CA GLU D 263 47.27 -32.88 -2.00
C GLU D 263 46.44 -32.32 -0.84
N ALA D 264 46.07 -31.04 -0.92
CA ALA D 264 45.25 -30.41 0.11
C ALA D 264 43.89 -31.07 0.22
N THR D 265 43.31 -31.46 -0.91
CA THR D 265 41.99 -32.09 -0.92
C THR D 265 42.06 -33.48 -0.31
N THR D 266 43.11 -34.22 -0.63
CA THR D 266 43.32 -35.57 -0.09
C THR D 266 43.64 -35.51 1.40
N HIS D 267 44.60 -34.66 1.75
CA HIS D 267 45.08 -34.58 3.14
C HIS D 267 44.52 -33.33 3.80
N TYR D 268 43.20 -33.27 3.86
CA TYR D 268 42.49 -32.04 4.21
C TYR D 268 42.55 -31.68 5.70
N GLU D 269 43.04 -32.58 6.54
CA GLU D 269 43.29 -32.27 7.95
C GLU D 269 44.77 -32.14 8.32
N ASP D 270 45.65 -32.19 7.32
CA ASP D 270 47.09 -32.04 7.55
C ASP D 270 47.47 -30.58 7.35
N TYR D 271 47.32 -29.80 8.42
CA TYR D 271 47.45 -28.34 8.31
C TYR D 271 48.88 -27.86 8.09
N GLU D 272 49.86 -28.60 8.62
CA GLU D 272 51.26 -28.31 8.32
C GLU D 272 51.56 -28.47 6.84
N LEU D 273 51.08 -29.56 6.26
CA LEU D 273 51.24 -29.77 4.82
C LEU D 273 50.55 -28.67 4.02
N ILE D 274 49.31 -28.38 4.39
CA ILE D 274 48.53 -27.35 3.67
C ILE D 274 49.20 -25.99 3.77
N ALA D 275 49.74 -25.68 4.95
CA ALA D 275 50.53 -24.46 5.15
C ALA D 275 51.73 -24.41 4.22
N HIS D 276 52.46 -25.52 4.16
CA HIS D 276 53.62 -25.61 3.28
C HIS D 276 53.20 -25.47 1.81
N LEU D 277 52.13 -26.17 1.42
CA LEU D 277 51.64 -26.10 0.05
C LEU D 277 51.18 -24.70 -0.36
N SER D 278 50.76 -23.89 0.61
CA SER D 278 50.27 -22.55 0.31
C SER D 278 51.38 -21.54 0.01
N LYS D 279 52.62 -21.84 0.39
CA LYS D 279 53.73 -20.88 0.23
C LYS D 279 54.00 -20.48 -1.21
N GLY D 280 54.20 -21.48 -2.08
CA GLY D 280 54.47 -21.22 -3.51
C GLY D 280 53.47 -20.28 -4.16
N GLU E 25 6.12 -36.04 39.40
CA GLU E 25 7.19 -35.29 38.67
C GLU E 25 8.43 -36.15 38.45
N MET E 26 9.08 -36.54 39.54
CA MET E 26 10.32 -37.33 39.48
C MET E 26 10.20 -38.42 38.41
N GLN E 27 9.17 -39.26 38.57
CA GLN E 27 8.96 -40.39 37.68
C GLN E 27 8.42 -39.99 36.31
N LYS E 28 9.31 -40.10 35.33
CA LYS E 28 8.95 -40.30 33.93
C LYS E 28 7.90 -41.39 33.77
N GLY E 29 7.08 -41.27 32.72
CA GLY E 29 5.94 -42.16 32.48
C GLY E 29 4.69 -41.78 33.28
N GLY E 30 4.79 -40.76 34.13
CA GLY E 30 3.74 -40.46 35.09
C GLY E 30 2.65 -39.53 34.61
N VAL E 31 1.58 -39.46 35.40
CA VAL E 31 0.46 -38.57 35.16
C VAL E 31 0.30 -37.65 36.35
N ILE E 32 0.19 -36.34 36.07
CA ILE E 32 -0.05 -35.34 37.10
C ILE E 32 -1.48 -34.86 36.94
N MET E 33 -2.22 -34.80 38.04
CA MET E 33 -3.65 -34.51 37.96
C MET E 33 -4.05 -33.26 38.73
N ASP E 34 -4.90 -32.46 38.12
CA ASP E 34 -5.50 -31.29 38.77
C ASP E 34 -6.55 -31.73 39.79
N VAL E 35 -6.43 -31.21 41.00
CA VAL E 35 -7.40 -31.49 42.08
C VAL E 35 -7.77 -30.21 42.81
N VAL E 36 -9.04 -30.08 43.19
CA VAL E 36 -9.51 -28.89 43.90
C VAL E 36 -9.74 -29.11 45.40
N ASN E 37 -9.61 -30.36 45.86
CA ASN E 37 -9.82 -30.68 47.28
C ASN E 37 -9.18 -32.00 47.68
N ALA E 38 -9.27 -32.32 48.97
CA ALA E 38 -8.65 -33.51 49.54
C ALA E 38 -9.22 -34.81 48.96
N GLU E 39 -10.53 -34.82 48.73
CA GLU E 39 -11.20 -36.00 48.18
C GLU E 39 -10.63 -36.35 46.80
N GLN E 40 -10.59 -35.35 45.92
CA GLN E 40 -10.03 -35.53 44.58
C GLN E 40 -8.56 -35.95 44.62
N ALA E 41 -7.81 -35.33 45.53
CA ALA E 41 -6.40 -35.63 45.69
C ALA E 41 -6.18 -37.09 46.06
N LYS E 42 -7.00 -37.61 46.97
CA LYS E 42 -6.89 -39.01 47.40
C LYS E 42 -7.19 -39.97 46.25
N ILE E 43 -8.24 -39.65 45.50
CA ILE E 43 -8.60 -40.43 44.32
C ILE E 43 -7.42 -40.48 43.33
N ALA E 44 -6.83 -39.31 43.07
CA ALA E 44 -5.69 -39.20 42.16
C ALA E 44 -4.53 -40.07 42.63
N GLU E 45 -4.20 -39.97 43.91
CA GLU E 45 -3.16 -40.79 44.50
C GLU E 45 -3.50 -42.27 44.35
N ALA E 46 -4.74 -42.63 44.66
CA ALA E 46 -5.20 -44.02 44.58
C ALA E 46 -5.13 -44.57 43.13
N ALA E 47 -5.44 -43.71 42.16
CA ALA E 47 -5.38 -44.09 40.76
C ALA E 47 -3.94 -44.27 40.23
N GLY E 48 -2.95 -43.81 40.97
CA GLY E 48 -1.55 -43.97 40.56
C GLY E 48 -0.87 -42.74 39.99
N ALA E 49 -1.48 -41.56 40.17
CA ALA E 49 -0.83 -40.29 39.79
C ALA E 49 0.52 -40.16 40.46
N VAL E 50 1.50 -39.61 39.74
CA VAL E 50 2.83 -39.37 40.35
C VAL E 50 2.87 -38.07 41.14
N ALA E 51 1.90 -37.19 40.91
CA ALA E 51 1.78 -35.94 41.67
C ALA E 51 0.42 -35.35 41.44
N VAL E 52 0.05 -34.38 42.27
CA VAL E 52 -1.19 -33.64 42.04
C VAL E 52 -0.92 -32.14 41.97
N MET E 53 -1.81 -31.46 41.27
CA MET E 53 -1.74 -30.03 41.06
C MET E 53 -2.94 -29.44 41.78
N ALA E 54 -2.67 -28.71 42.86
CA ALA E 54 -3.74 -28.17 43.68
C ALA E 54 -4.28 -26.88 43.07
N LEU E 55 -5.59 -26.81 42.87
CA LEU E 55 -6.24 -25.63 42.28
C LEU E 55 -7.41 -25.13 43.11
N GLU E 56 -7.78 -23.86 42.90
CA GLU E 56 -8.99 -23.32 43.50
C GLU E 56 -10.14 -23.47 42.51
N GLY E 66 -14.81 -14.52 32.37
CA GLY E 66 -13.91 -13.37 32.35
C GLY E 66 -13.60 -12.87 33.75
N GLY E 67 -12.32 -12.94 34.13
CA GLY E 67 -11.84 -12.49 35.46
C GLY E 67 -10.36 -12.80 35.66
N VAL E 68 -9.80 -12.34 36.77
CA VAL E 68 -8.36 -12.51 37.02
C VAL E 68 -8.11 -13.77 37.82
N ALA E 69 -7.23 -14.64 37.32
CA ALA E 69 -6.90 -15.89 37.97
C ALA E 69 -5.54 -15.78 38.65
N ARG E 70 -5.54 -16.03 39.96
CA ARG E 70 -4.35 -15.86 40.79
C ARG E 70 -3.95 -17.15 41.49
N MET E 71 -2.86 -17.07 42.24
CA MET E 71 -2.46 -18.14 43.14
C MET E 71 -3.66 -18.55 43.99
N ALA E 72 -3.80 -19.84 44.26
CA ALA E 72 -4.91 -20.34 45.08
C ALA E 72 -4.73 -19.96 46.54
N ASP E 73 -5.85 -19.87 47.25
CA ASP E 73 -5.86 -19.68 48.71
C ASP E 73 -4.97 -20.74 49.34
N PRO E 74 -4.01 -20.32 50.18
CA PRO E 74 -3.12 -21.27 50.86
C PRO E 74 -3.85 -22.39 51.61
N THR E 75 -5.03 -22.09 52.14
CA THR E 75 -5.85 -23.08 52.84
C THR E 75 -6.15 -24.28 51.96
N VAL E 76 -6.52 -24.02 50.71
CA VAL E 76 -6.84 -25.08 49.77
C VAL E 76 -5.62 -25.93 49.44
N ILE E 77 -4.47 -25.27 49.33
CA ILE E 77 -3.23 -25.97 49.03
C ILE E 77 -2.81 -26.85 50.21
N GLU E 78 -2.95 -26.34 51.43
CA GLU E 78 -2.63 -27.11 52.63
C GLU E 78 -3.55 -28.32 52.77
N GLU E 79 -4.84 -28.12 52.48
CA GLU E 79 -5.80 -29.23 52.49
C GLU E 79 -5.32 -30.38 51.60
N VAL E 80 -4.86 -30.04 50.40
CA VAL E 80 -4.36 -31.05 49.46
C VAL E 80 -3.04 -31.64 49.94
N MET E 81 -2.15 -30.82 50.48
CA MET E 81 -0.86 -31.32 50.99
C MET E 81 -1.04 -32.34 52.11
N ASN E 82 -2.00 -32.10 52.99
CA ASN E 82 -2.26 -32.99 54.11
C ASN E 82 -2.96 -34.27 53.69
N ALA E 83 -3.64 -34.26 52.54
CA ALA E 83 -4.46 -35.38 52.09
C ALA E 83 -3.69 -36.52 51.40
N VAL E 84 -2.46 -36.26 50.96
CA VAL E 84 -1.71 -37.24 50.17
C VAL E 84 -0.23 -37.25 50.51
N SER E 85 0.44 -38.32 50.13
CA SER E 85 1.88 -38.49 50.35
C SER E 85 2.71 -38.23 49.08
N ILE E 86 2.08 -38.28 47.92
CA ILE E 86 2.75 -37.94 46.66
C ILE E 86 3.00 -36.41 46.57
N PRO E 87 3.96 -36.00 45.73
CA PRO E 87 4.27 -34.58 45.59
C PRO E 87 3.05 -33.73 45.23
N VAL E 88 2.99 -32.53 45.79
CA VAL E 88 1.94 -31.57 45.50
C VAL E 88 2.52 -30.34 44.80
N MET E 89 1.90 -29.98 43.68
CA MET E 89 2.27 -28.80 42.91
C MET E 89 1.18 -27.76 43.05
N ALA E 90 1.54 -26.50 42.86
CA ALA E 90 0.57 -25.43 42.79
C ALA E 90 1.05 -24.31 41.86
N VAL E 92 1.39 -20.40 40.15
CA VAL E 92 1.50 -18.96 40.32
C VAL E 92 1.43 -18.24 38.97
N ARG E 93 1.09 -16.97 39.01
CA ARG E 93 1.03 -16.15 37.82
C ARG E 93 2.44 -15.91 37.30
N ILE E 94 2.57 -15.84 35.99
CA ILE E 94 3.86 -15.59 35.37
C ILE E 94 4.47 -14.29 35.90
N GLY E 95 5.70 -14.38 36.35
CA GLY E 95 6.40 -13.21 36.87
C GLY E 95 6.09 -12.84 38.32
N HIS E 96 5.15 -13.54 38.96
CA HIS E 96 4.74 -13.17 40.32
C HIS E 96 5.67 -13.76 41.37
N TYR E 97 6.80 -13.09 41.52
CA TYR E 97 7.86 -13.51 42.43
C TYR E 97 7.35 -13.82 43.85
N VAL E 98 6.47 -12.97 44.36
CA VAL E 98 6.00 -13.11 45.74
C VAL E 98 5.01 -14.28 45.91
N GLU E 99 4.08 -14.46 44.98
CA GLU E 99 3.21 -15.64 44.98
C GLU E 99 4.07 -16.90 45.09
N ALA E 100 5.15 -16.95 44.32
CA ALA E 100 6.06 -18.08 44.35
C ALA E 100 6.73 -18.25 45.70
N ARG E 101 7.18 -17.15 46.30
CA ARG E 101 7.78 -17.20 47.64
C ARG E 101 6.79 -17.67 48.69
N VAL E 102 5.54 -17.28 48.53
CA VAL E 102 4.48 -17.71 49.43
C VAL E 102 4.32 -19.22 49.36
N LEU E 103 4.20 -19.76 48.15
CA LEU E 103 4.07 -21.21 47.97
C LEU E 103 5.29 -21.93 48.48
N GLU E 104 6.46 -21.34 48.29
CA GLU E 104 7.68 -21.92 48.82
C GLU E 104 7.59 -22.02 50.33
N ALA E 105 7.14 -20.96 50.98
CA ALA E 105 7.00 -20.92 52.43
C ALA E 105 5.96 -21.93 52.94
N LEU E 106 4.92 -22.17 52.15
CA LEU E 106 3.90 -23.17 52.51
C LEU E 106 4.40 -24.62 52.47
N GLY E 107 5.54 -24.85 51.84
CA GLY E 107 6.11 -26.20 51.77
C GLY E 107 5.66 -27.04 50.58
N VAL E 108 5.05 -26.38 49.59
CA VAL E 108 4.74 -26.98 48.31
C VAL E 108 5.97 -27.68 47.70
N ASP E 109 5.75 -28.77 46.98
CA ASP E 109 6.86 -29.54 46.39
C ASP E 109 7.33 -28.98 45.05
N TYR E 110 6.41 -28.45 44.25
CA TYR E 110 6.76 -27.83 42.97
C TYR E 110 5.90 -26.62 42.75
N ILE E 111 6.48 -25.59 42.15
CA ILE E 111 5.72 -24.41 41.74
C ILE E 111 5.59 -24.41 40.23
N ASP E 112 4.36 -24.22 39.77
CA ASP E 112 4.07 -24.15 38.35
C ASP E 112 3.82 -22.69 37.95
N GLU E 113 4.81 -22.09 37.30
CA GLU E 113 4.67 -20.74 36.76
C GLU E 113 3.83 -20.88 35.52
N SER E 114 2.55 -20.57 35.65
CA SER E 114 1.53 -21.06 34.73
C SER E 114 0.91 -19.97 33.86
N GLU E 115 0.86 -20.25 32.56
CA GLU E 115 0.24 -19.35 31.60
C GLU E 115 -1.30 -19.38 31.62
N VAL E 116 -1.92 -20.36 32.30
CA VAL E 116 -3.38 -20.37 32.40
C VAL E 116 -3.88 -19.39 33.46
N LEU E 117 -3.03 -19.06 34.43
CA LEU E 117 -3.33 -17.96 35.34
C LEU E 117 -3.06 -16.66 34.60
N THR E 118 -3.60 -15.57 35.13
CA THR E 118 -3.46 -14.27 34.49
C THR E 118 -2.03 -13.74 34.70
N PRO E 119 -1.24 -13.61 33.62
CA PRO E 119 0.13 -13.16 33.81
C PRO E 119 0.27 -11.87 34.61
N ALA E 120 1.21 -11.85 35.55
CA ALA E 120 1.51 -10.67 36.34
C ALA E 120 2.59 -9.82 35.68
N ASP E 121 3.40 -10.45 34.84
CA ASP E 121 4.47 -9.76 34.12
C ASP E 121 4.52 -10.27 32.68
N GLU E 122 4.24 -9.39 31.72
CA GLU E 122 4.21 -9.74 30.29
C GLU E 122 5.59 -9.97 29.70
N GLU E 123 6.64 -9.49 30.36
CA GLU E 123 7.99 -9.47 29.78
C GLU E 123 9.01 -10.34 30.47
N PHE E 124 8.91 -10.47 31.79
CA PHE E 124 9.93 -11.15 32.57
C PHE E 124 9.32 -12.25 33.43
N HIS E 125 9.82 -13.47 33.25
CA HIS E 125 9.44 -14.58 34.11
C HIS E 125 10.24 -14.54 35.40
N ILE E 126 9.80 -15.29 36.39
CA ILE E 126 10.44 -15.36 37.68
C ILE E 126 11.87 -15.86 37.50
N ASP E 127 12.80 -15.28 38.25
CA ASP E 127 14.16 -15.82 38.31
C ASP E 127 14.17 -17.00 39.28
N LYS E 128 13.90 -18.18 38.73
CA LYS E 128 13.66 -19.37 39.52
C LYS E 128 14.93 -19.93 40.14
N ARG E 129 16.08 -19.46 39.68
CA ARG E 129 17.37 -19.86 40.26
C ARG E 129 17.50 -19.44 41.73
N GLN E 130 16.73 -18.43 42.14
CA GLN E 130 16.84 -17.90 43.49
C GLN E 130 15.99 -18.68 44.49
N PHE E 131 15.37 -19.78 44.05
CA PHE E 131 14.44 -20.51 44.89
C PHE E 131 14.98 -21.89 45.26
N THR E 132 14.49 -22.41 46.39
CA THR E 132 14.81 -23.75 46.86
C THR E 132 13.92 -24.77 46.15
N VAL E 133 12.63 -24.48 46.11
CA VAL E 133 11.65 -25.36 45.49
C VAL E 133 11.79 -25.35 43.95
N PRO E 134 11.64 -26.51 43.31
CA PRO E 134 11.74 -26.57 41.85
C PRO E 134 10.49 -26.01 41.14
N PHE E 135 10.70 -25.48 39.94
CA PHE E 135 9.62 -24.94 39.12
C PHE E 135 9.38 -25.80 37.88
N VAL E 136 8.12 -25.91 37.49
CA VAL E 136 7.75 -26.33 36.16
C VAL E 136 7.28 -25.08 35.40
N CYS E 137 7.68 -24.98 34.14
CA CYS E 137 7.26 -23.88 33.27
C CYS E 137 6.70 -24.44 31.98
N GLY E 138 5.88 -23.64 31.31
CA GLY E 138 5.34 -23.98 30.00
C GLY E 138 6.28 -23.61 28.87
N CYS E 139 6.14 -24.27 27.73
CA CYS E 139 6.86 -23.89 26.51
C CYS E 139 6.11 -24.36 25.27
N ARG E 140 6.27 -23.64 24.17
CA ARG E 140 5.64 -23.97 22.91
C ARG E 140 6.64 -24.35 21.83
N ASP E 141 7.92 -24.06 22.08
CA ASP E 141 9.00 -24.37 21.14
C ASP E 141 10.31 -24.40 21.91
N LEU E 142 11.39 -24.75 21.23
CA LEU E 142 12.66 -24.97 21.89
C LEU E 142 13.27 -23.68 22.44
N GLY E 143 13.02 -22.57 21.75
CA GLY E 143 13.49 -21.27 22.21
C GLY E 143 12.93 -20.94 23.58
N GLU E 144 11.61 -21.06 23.72
CA GLU E 144 10.96 -20.85 25.00
C GLU E 144 11.47 -21.82 26.04
N ALA E 145 11.57 -23.10 25.67
CA ALA E 145 12.06 -24.11 26.59
C ALA E 145 13.42 -23.72 27.14
N ALA E 146 14.31 -23.29 26.25
CA ALA E 146 15.68 -22.98 26.62
C ALA E 146 15.75 -21.73 27.49
N ARG E 147 14.88 -20.75 27.21
CA ARG E 147 14.81 -19.54 28.04
C ARG E 147 14.28 -19.86 29.45
N ARG E 148 13.25 -20.71 29.53
CA ARG E 148 12.75 -21.15 30.84
C ARG E 148 13.83 -21.88 31.63
N ILE E 149 14.60 -22.73 30.96
CA ILE E 149 15.71 -23.43 31.60
C ILE E 149 16.77 -22.46 32.10
N ALA E 150 17.11 -21.45 31.31
CA ALA E 150 18.10 -20.46 31.72
C ALA E 150 17.65 -19.60 32.92
N GLU E 151 16.33 -19.46 33.08
CA GLU E 151 15.75 -18.79 34.24
C GLU E 151 15.73 -19.69 35.46
N GLY E 152 16.02 -20.98 35.29
CA GLY E 152 16.13 -21.92 36.41
C GLY E 152 15.04 -22.96 36.51
N ALA E 153 14.21 -23.09 35.47
CA ALA E 153 13.16 -24.12 35.47
C ALA E 153 13.75 -25.51 35.67
N SER E 154 13.11 -26.32 36.51
CA SER E 154 13.55 -27.69 36.76
C SER E 154 12.74 -28.72 35.98
N MET E 155 11.66 -28.27 35.35
CA MET E 155 10.78 -29.17 34.60
C MET E 155 10.02 -28.35 33.57
N LEU E 156 9.65 -28.98 32.46
CA LEU E 156 8.88 -28.30 31.43
C LEU E 156 7.54 -28.97 31.16
N ARG E 157 6.62 -28.16 30.69
CA ARG E 157 5.30 -28.58 30.29
C ARG E 157 5.08 -28.02 28.90
N THR E 158 5.10 -28.89 27.90
CA THR E 158 4.94 -28.45 26.53
C THR E 158 3.46 -28.40 26.26
N LYS E 159 2.96 -27.19 26.00
CA LYS E 159 1.53 -27.00 25.94
C LYS E 159 1.10 -25.82 25.08
N GLY E 160 0.01 -26.02 24.34
CA GLY E 160 -0.63 -24.93 23.60
C GLY E 160 -1.73 -24.27 24.41
N GLU E 161 -2.93 -24.18 23.83
CA GLU E 161 -4.09 -23.59 24.49
C GLU E 161 -4.74 -24.60 25.46
N PRO E 162 -5.21 -24.12 26.63
CA PRO E 162 -5.84 -24.94 27.66
C PRO E 162 -7.37 -24.98 27.58
N GLY E 163 -7.97 -25.98 28.20
CA GLY E 163 -9.43 -26.07 28.37
C GLY E 163 -10.26 -26.44 27.15
N THR E 164 -9.63 -26.84 26.05
CA THR E 164 -10.34 -27.13 24.81
C THR E 164 -10.80 -28.58 24.70
N GLY E 165 -10.18 -29.48 25.45
CA GLY E 165 -10.34 -30.92 25.22
C GLY E 165 -9.74 -31.39 23.90
N ASN E 166 -9.00 -30.52 23.23
CA ASN E 166 -8.47 -30.80 21.92
C ASN E 166 -6.98 -31.06 22.02
N ILE E 167 -6.56 -32.27 21.66
CA ILE E 167 -5.19 -32.68 21.82
C ILE E 167 -4.22 -32.00 20.83
N VAL E 168 -4.75 -31.32 19.81
CA VAL E 168 -3.90 -30.72 18.77
C VAL E 168 -2.90 -29.72 19.35
N GLU E 169 -3.31 -29.08 20.44
CA GLU E 169 -2.50 -28.07 21.11
C GLU E 169 -1.22 -28.71 21.60
N ALA E 170 -1.38 -29.76 22.40
CA ALA E 170 -0.27 -30.54 22.89
C ALA E 170 0.60 -31.12 21.76
N VAL E 171 -0.05 -31.69 20.75
CA VAL E 171 0.64 -32.36 19.64
C VAL E 171 1.51 -31.38 18.84
N ARG E 172 0.93 -30.27 18.42
CA ARG E 172 1.66 -29.25 17.67
C ARG E 172 2.98 -28.92 18.35
N HIS E 173 2.92 -28.68 19.64
CA HIS E 173 4.09 -28.18 20.35
C HIS E 173 5.05 -29.27 20.76
N MET E 174 4.56 -30.45 21.09
CA MET E 174 5.47 -31.56 21.37
C MET E 174 6.22 -31.93 20.09
N ARG E 175 5.52 -31.92 18.95
CA ARG E 175 6.17 -32.19 17.66
C ARG E 175 7.23 -31.14 17.33
N LYS E 176 6.91 -29.88 17.58
CA LYS E 176 7.84 -28.79 17.31
C LYS E 176 9.08 -28.87 18.21
N VAL E 177 8.85 -28.99 19.51
CA VAL E 177 9.97 -29.03 20.47
C VAL E 177 10.88 -30.21 20.17
N ASN E 178 10.30 -31.39 19.96
CA ASN E 178 11.12 -32.58 19.74
C ASN E 178 11.79 -32.58 18.37
N ALA E 179 11.12 -32.07 17.35
CA ALA E 179 11.77 -31.91 16.05
C ALA E 179 12.96 -30.97 16.15
N GLN E 180 12.79 -29.86 16.87
CA GLN E 180 13.90 -28.91 17.05
C GLN E 180 15.04 -29.50 17.86
N ILE E 181 14.73 -30.32 18.85
CA ILE E 181 15.75 -31.02 19.62
C ILE E 181 16.55 -31.98 18.71
N ARG E 182 15.85 -32.81 17.96
CA ARG E 182 16.54 -33.76 17.07
C ARG E 182 17.47 -33.04 16.11
N LYS E 183 17.03 -31.89 15.60
CA LYS E 183 17.87 -31.08 14.71
C LYS E 183 19.14 -30.64 15.43
N VAL E 184 18.97 -30.08 16.63
CA VAL E 184 20.12 -29.62 17.42
C VAL E 184 21.09 -30.77 17.76
N VAL E 185 20.54 -31.91 18.17
CA VAL E 185 21.36 -33.05 18.57
C VAL E 185 22.29 -33.48 17.45
N ASN E 186 21.81 -33.46 16.22
CA ASN E 186 22.57 -33.98 15.10
C ASN E 186 23.30 -32.90 14.29
N MET E 187 23.10 -31.62 14.61
CA MET E 187 23.67 -30.58 13.77
C MET E 187 25.14 -30.32 14.05
N SER E 188 25.81 -29.79 13.04
CA SER E 188 27.22 -29.49 13.13
C SER E 188 27.45 -28.53 14.31
N GLU E 189 28.44 -28.86 15.14
CA GLU E 189 28.73 -28.12 16.36
C GLU E 189 28.92 -26.62 16.10
N ASP E 190 29.59 -26.28 15.01
CA ASP E 190 29.90 -24.88 14.72
C ASP E 190 28.70 -24.07 14.23
N GLU E 191 27.55 -24.71 14.06
CA GLU E 191 26.33 -24.02 13.64
C GLU E 191 25.41 -23.65 14.82
N LEU E 192 25.77 -24.04 16.04
CA LEU E 192 24.87 -23.88 17.19
C LEU E 192 24.65 -22.44 17.64
N VAL E 193 25.68 -21.63 17.56
CA VAL E 193 25.54 -20.22 17.95
C VAL E 193 24.52 -19.54 17.06
N ALA E 194 24.59 -19.77 15.75
CA ALA E 194 23.61 -19.21 14.82
C ALA E 194 22.22 -19.81 15.04
N GLU E 195 22.15 -21.10 15.35
CA GLU E 195 20.87 -21.74 15.64
C GLU E 195 20.25 -21.10 16.87
N ALA E 196 21.06 -20.87 17.88
CA ALA E 196 20.59 -20.22 19.11
C ALA E 196 20.04 -18.81 18.84
N LYS E 197 20.74 -18.05 18.02
CA LYS E 197 20.26 -16.73 17.63
C LYS E 197 18.90 -16.80 16.95
N GLN E 198 18.75 -17.74 16.03
CA GLN E 198 17.52 -17.91 15.28
C GLN E 198 16.34 -18.36 16.15
N LEU E 199 16.60 -19.25 17.10
CA LEU E 199 15.57 -19.74 18.02
C LEU E 199 15.25 -18.77 19.16
N GLY E 200 16.15 -17.82 19.43
CA GLY E 200 16.06 -17.00 20.63
C GLY E 200 16.47 -17.76 21.88
N ALA E 201 17.31 -18.78 21.72
CA ALA E 201 17.72 -19.64 22.82
C ALA E 201 19.12 -19.26 23.32
N PRO E 202 19.39 -19.48 24.62
CA PRO E 202 20.76 -19.47 25.12
C PRO E 202 21.58 -20.62 24.55
N VAL E 203 22.72 -20.31 23.96
CA VAL E 203 23.53 -21.32 23.29
C VAL E 203 24.01 -22.42 24.25
N GLU E 204 24.34 -22.07 25.49
CA GLU E 204 24.80 -23.08 26.44
C GLU E 204 23.75 -24.14 26.73
N VAL E 205 22.47 -23.77 26.68
CA VAL E 205 21.40 -24.74 26.81
C VAL E 205 21.35 -25.65 25.58
N LEU E 206 21.52 -25.07 24.38
CA LEU E 206 21.58 -25.90 23.18
C LEU E 206 22.76 -26.86 23.21
N ARG E 207 23.91 -26.37 23.69
CA ARG E 207 25.11 -27.20 23.82
C ARG E 207 24.86 -28.37 24.77
N GLU E 208 24.18 -28.09 25.87
CA GLU E 208 23.82 -29.12 26.84
C GLU E 208 22.85 -30.12 26.21
N ILE E 209 21.90 -29.63 25.42
CA ILE E 209 20.96 -30.51 24.72
C ILE E 209 21.66 -31.45 23.74
N LYS E 210 22.60 -30.91 22.98
CA LYS E 210 23.39 -31.70 22.05
C LYS E 210 24.20 -32.77 22.81
N ARG E 211 24.76 -32.36 23.94
CA ARG E 211 25.57 -33.25 24.75
C ARG E 211 24.75 -34.44 25.29
N LEU E 212 23.56 -34.15 25.81
CA LEU E 212 22.71 -35.18 26.40
C LEU E 212 21.83 -35.93 25.39
N GLY E 213 21.67 -35.37 24.20
CA GLY E 213 20.76 -35.96 23.22
C GLY E 213 19.30 -35.71 23.54
N ARG E 214 19.03 -34.84 24.51
CA ARG E 214 17.67 -34.52 24.91
C ARG E 214 17.69 -33.28 25.82
N LEU E 215 16.51 -32.83 26.25
CA LEU E 215 16.43 -31.74 27.22
C LEU E 215 17.01 -32.18 28.55
N PRO E 216 17.72 -31.26 29.25
CA PRO E 216 18.31 -31.56 30.56
C PRO E 216 17.29 -31.60 31.69
N VAL E 217 16.02 -31.36 31.38
CA VAL E 217 14.95 -31.55 32.34
C VAL E 217 13.85 -32.39 31.72
N VAL E 218 12.99 -32.88 32.58
CA VAL E 218 11.81 -33.61 32.19
C VAL E 218 10.83 -32.69 31.46
N ASN E 219 10.16 -33.23 30.44
CA ASN E 219 9.20 -32.48 29.63
C ASN E 219 7.87 -33.23 29.48
N PHE E 220 6.84 -32.76 30.18
CA PHE E 220 5.53 -33.40 30.15
C PHE E 220 4.64 -32.70 29.16
N ALA E 221 3.72 -33.44 28.56
CA ALA E 221 2.73 -32.87 27.66
C ALA E 221 1.55 -32.40 28.45
N ALA E 222 0.90 -31.36 27.96
CA ALA E 222 -0.33 -30.86 28.56
C ALA E 222 -1.13 -30.13 27.50
N GLY E 223 -2.44 -30.07 27.68
CA GLY E 223 -3.32 -29.40 26.75
C GLY E 223 -4.25 -30.35 26.04
N GLY E 224 -5.43 -30.53 26.61
CA GLY E 224 -6.50 -31.31 25.97
C GLY E 224 -6.35 -32.82 26.05
N VAL E 225 -5.46 -33.29 26.91
CA VAL E 225 -5.29 -34.72 27.10
C VAL E 225 -6.56 -35.23 27.78
N THR E 226 -7.38 -35.95 27.02
CA THR E 226 -8.72 -36.32 27.45
C THR E 226 -8.92 -37.83 27.53
N THR E 227 -8.53 -38.55 26.50
CA THR E 227 -8.73 -39.99 26.47
C THR E 227 -7.43 -40.74 26.76
N PRO E 228 -7.55 -42.03 27.10
CA PRO E 228 -6.36 -42.87 27.24
C PRO E 228 -5.50 -42.89 25.99
N ALA E 229 -6.14 -42.92 24.83
CA ALA E 229 -5.40 -42.84 23.57
C ALA E 229 -4.62 -41.54 23.47
N ASP E 230 -5.22 -40.42 23.88
CA ASP E 230 -4.53 -39.13 23.90
C ASP E 230 -3.23 -39.20 24.71
N ALA E 231 -3.34 -39.74 25.92
CA ALA E 231 -2.21 -39.81 26.84
C ALA E 231 -1.08 -40.64 26.26
N ALA E 232 -1.44 -41.79 25.68
CA ALA E 232 -0.45 -42.68 25.07
C ALA E 232 0.18 -42.06 23.83
N LEU E 233 -0.63 -41.31 23.07
CA LEU E 233 -0.11 -40.59 21.90
C LEU E 233 0.99 -39.62 22.30
N MET E 234 0.80 -38.87 23.38
CA MET E 234 1.80 -37.91 23.80
C MET E 234 3.10 -38.61 24.13
N MET E 235 3.01 -39.78 24.77
CA MET E 235 4.20 -40.59 25.05
C MET E 235 4.83 -41.09 23.76
N HIS E 236 4.00 -41.53 22.82
CA HIS E 236 4.50 -41.92 21.50
C HIS E 236 5.28 -40.79 20.84
N LEU E 237 4.80 -39.55 21.03
CA LEU E 237 5.47 -38.37 20.45
C LEU E 237 6.70 -37.89 21.24
N GLY E 238 7.05 -38.59 22.32
CA GLY E 238 8.30 -38.33 23.03
C GLY E 238 8.15 -37.56 24.33
N ALA E 239 6.93 -37.39 24.81
CA ALA E 239 6.72 -36.76 26.11
C ALA E 239 7.31 -37.67 27.21
N ASP E 240 7.69 -37.07 28.33
CA ASP E 240 8.12 -37.81 29.50
C ASP E 240 6.94 -38.16 30.42
N GLY E 241 5.76 -37.62 30.14
CA GLY E 241 4.59 -37.80 31.00
C GLY E 241 3.51 -36.83 30.56
N VAL E 242 2.40 -36.80 31.29
CA VAL E 242 1.30 -35.91 30.93
C VAL E 242 0.66 -35.26 32.14
N PHE E 243 0.16 -34.05 31.92
CA PHE E 243 -0.73 -33.36 32.87
C PHE E 243 -2.16 -33.58 32.37
N VAL E 244 -3.08 -33.77 33.31
CA VAL E 244 -4.50 -33.87 32.98
C VAL E 244 -5.29 -32.97 33.92
N GLY E 245 -6.36 -32.38 33.40
CA GLY E 245 -7.16 -31.40 34.13
C GLY E 245 -8.36 -31.96 34.88
N SER E 246 -9.22 -31.05 35.31
CA SER E 246 -10.36 -31.37 36.17
C SER E 246 -11.44 -32.20 35.49
N GLY E 247 -11.40 -32.27 34.15
CA GLY E 247 -12.35 -33.10 33.39
C GLY E 247 -12.55 -34.50 33.98
N ILE E 248 -11.47 -35.09 34.49
CA ILE E 248 -11.51 -36.39 35.14
C ILE E 248 -12.62 -36.49 36.20
N PHE E 249 -12.76 -35.45 37.02
CA PHE E 249 -13.70 -35.48 38.14
C PHE E 249 -15.12 -35.07 37.76
N LYS E 250 -15.31 -34.66 36.51
CA LYS E 250 -16.65 -34.43 35.97
C LYS E 250 -17.23 -35.68 35.30
N SER E 251 -16.46 -36.77 35.25
CA SER E 251 -16.95 -38.02 34.69
C SER E 251 -17.83 -38.76 35.71
N GLU E 252 -18.48 -39.82 35.23
CA GLU E 252 -19.36 -40.61 36.09
C GLU E 252 -18.55 -41.43 37.11
N ASN E 253 -17.37 -41.90 36.71
CA ASN E 253 -16.51 -42.69 37.58
C ASN E 253 -15.06 -42.19 37.52
N PRO E 254 -14.76 -41.10 38.26
CA PRO E 254 -13.45 -40.48 38.25
C PRO E 254 -12.28 -41.42 38.52
N GLU E 255 -12.42 -42.30 39.52
CA GLU E 255 -11.32 -43.19 39.87
C GLU E 255 -10.99 -44.18 38.76
N LYS E 256 -11.99 -44.64 38.04
CA LYS E 256 -11.78 -45.52 36.90
C LYS E 256 -11.14 -44.76 35.72
N TYR E 257 -11.61 -43.54 35.50
CA TYR E 257 -11.10 -42.68 34.44
C TYR E 257 -9.65 -42.31 34.69
N ALA E 258 -9.36 -41.81 35.89
CA ALA E 258 -7.99 -41.46 36.28
C ALA E 258 -7.08 -42.64 36.10
N ARG E 259 -7.55 -43.78 36.59
CA ARG E 259 -6.85 -45.06 36.45
C ARG E 259 -6.52 -45.42 35.00
N ALA E 260 -7.48 -45.24 34.10
CA ALA E 260 -7.27 -45.55 32.70
C ALA E 260 -6.17 -44.67 32.08
N ILE E 261 -6.16 -43.39 32.45
CA ILE E 261 -5.13 -42.46 31.97
C ILE E 261 -3.77 -42.90 32.47
N VAL E 262 -3.69 -43.21 33.76
CA VAL E 262 -2.44 -43.65 34.37
C VAL E 262 -1.86 -44.88 33.68
N GLU E 263 -2.72 -45.87 33.45
CA GLU E 263 -2.26 -47.13 32.84
C GLU E 263 -1.88 -46.94 31.38
N ALA E 264 -2.67 -46.14 30.65
CA ALA E 264 -2.37 -45.84 29.26
C ALA E 264 -1.04 -45.10 29.13
N THR E 265 -0.78 -44.17 30.04
CA THR E 265 0.46 -43.39 29.99
C THR E 265 1.67 -44.27 30.29
N THR E 266 1.52 -45.17 31.25
CA THR E 266 2.60 -46.09 31.60
C THR E 266 2.82 -47.12 30.49
N HIS E 267 1.74 -47.75 30.05
CA HIS E 267 1.81 -48.81 29.04
C HIS E 267 1.37 -48.27 27.70
N TYR E 268 2.10 -47.28 27.21
CA TYR E 268 1.66 -46.50 26.07
C TYR E 268 1.77 -47.21 24.72
N GLU E 269 2.46 -48.34 24.68
CA GLU E 269 2.51 -49.17 23.47
C GLU E 269 1.67 -50.47 23.55
N ASP E 270 0.90 -50.63 24.63
CA ASP E 270 0.06 -51.80 24.80
C ASP E 270 -1.35 -51.49 24.31
N TYR E 271 -1.53 -51.67 23.00
CA TYR E 271 -2.74 -51.16 22.34
C TYR E 271 -3.99 -51.96 22.70
N GLU E 272 -3.81 -53.24 22.98
CA GLU E 272 -4.92 -54.08 23.48
C GLU E 272 -5.42 -53.59 24.83
N LEU E 273 -4.49 -53.29 25.74
CA LEU E 273 -4.85 -52.71 27.03
C LEU E 273 -5.55 -51.37 26.84
N ILE E 274 -4.96 -50.50 26.02
CA ILE E 274 -5.52 -49.15 25.82
C ILE E 274 -6.92 -49.25 25.24
N ALA E 275 -7.11 -50.18 24.29
CA ALA E 275 -8.44 -50.43 23.71
C ALA E 275 -9.44 -50.86 24.78
N HIS E 276 -9.02 -51.77 25.64
CA HIS E 276 -9.87 -52.21 26.74
C HIS E 276 -10.18 -51.04 27.69
N LEU E 277 -9.15 -50.28 28.05
CA LEU E 277 -9.32 -49.15 28.96
C LEU E 277 -10.25 -48.08 28.41
N SER E 278 -10.36 -47.99 27.09
CA SER E 278 -11.21 -46.98 26.45
C SER E 278 -12.70 -47.31 26.47
N LYS E 279 -13.05 -48.57 26.72
CA LYS E 279 -14.46 -48.99 26.67
C LYS E 279 -15.36 -48.27 27.70
N GLY E 280 -14.96 -48.31 28.96
CA GLY E 280 -15.72 -47.67 30.05
C GLY E 280 -16.08 -46.22 29.77
N MET F 26 -45.20 25.53 -17.58
CA MET F 26 -44.37 26.37 -16.65
C MET F 26 -45.25 26.94 -15.56
N GLN F 27 -44.67 27.17 -14.39
CA GLN F 27 -45.47 27.37 -13.17
C GLN F 27 -44.64 27.92 -11.99
N LYS F 28 -43.87 28.98 -12.25
CA LYS F 28 -42.89 29.53 -11.30
C LYS F 28 -43.46 30.12 -10.02
N GLY F 29 -42.72 29.99 -8.92
CA GLY F 29 -43.16 30.39 -7.58
C GLY F 29 -44.04 29.37 -6.89
N GLY F 30 -44.38 28.27 -7.58
CA GLY F 30 -45.40 27.35 -7.11
C GLY F 30 -44.91 26.23 -6.23
N VAL F 31 -45.88 25.54 -5.62
CA VAL F 31 -45.62 24.40 -4.77
C VAL F 31 -46.36 23.19 -5.35
N ILE F 32 -45.64 22.08 -5.47
CA ILE F 32 -46.24 20.83 -5.93
C ILE F 32 -46.30 19.88 -4.75
N MET F 33 -47.45 19.25 -4.54
CA MET F 33 -47.68 18.48 -3.33
C MET F 33 -47.96 17.02 -3.61
N ASP F 34 -47.35 16.14 -2.81
CA ASP F 34 -47.64 14.72 -2.86
C ASP F 34 -48.99 14.42 -2.22
N VAL F 35 -49.84 13.68 -2.95
CA VAL F 35 -51.15 13.28 -2.43
C VAL F 35 -51.42 11.81 -2.72
N VAL F 36 -52.05 11.11 -1.78
CA VAL F 36 -52.34 9.68 -1.96
C VAL F 36 -53.81 9.39 -2.29
N ASN F 37 -54.67 10.41 -2.25
CA ASN F 37 -56.09 10.24 -2.55
C ASN F 37 -56.78 11.55 -2.91
N ALA F 38 -58.06 11.45 -3.27
CA ALA F 38 -58.86 12.59 -3.70
C ALA F 38 -59.00 13.67 -2.64
N GLU F 39 -59.16 13.23 -1.38
CA GLU F 39 -59.31 14.15 -0.26
C GLU F 39 -58.07 15.05 -0.14
N GLN F 40 -56.90 14.42 -0.10
CA GLN F 40 -55.64 15.15 0.00
C GLN F 40 -55.43 16.07 -1.20
N ALA F 41 -55.79 15.57 -2.39
CA ALA F 41 -55.66 16.34 -3.61
C ALA F 41 -56.48 17.62 -3.57
N LYS F 42 -57.71 17.52 -3.07
CA LYS F 42 -58.60 18.69 -2.96
C LYS F 42 -58.05 19.72 -1.98
N ILE F 43 -57.58 19.24 -0.84
CA ILE F 43 -56.91 20.11 0.14
C ILE F 43 -55.72 20.87 -0.49
N ALA F 44 -54.89 20.14 -1.24
CA ALA F 44 -53.73 20.74 -1.91
C ALA F 44 -54.16 21.81 -2.87
N GLU F 45 -55.17 21.50 -3.69
CA GLU F 45 -55.71 22.48 -4.62
C GLU F 45 -56.24 23.70 -3.87
N ALA F 46 -57.00 23.44 -2.81
CA ALA F 46 -57.59 24.52 -2.01
C ALA F 46 -56.51 25.41 -1.36
N ALA F 47 -55.41 24.79 -0.93
CA ALA F 47 -54.31 25.54 -0.34
C ALA F 47 -53.52 26.39 -1.33
N GLY F 48 -53.70 26.17 -2.63
CA GLY F 48 -53.02 26.97 -3.66
C GLY F 48 -51.85 26.27 -4.38
N ALA F 49 -51.74 24.96 -4.22
CA ALA F 49 -50.75 24.18 -4.98
C ALA F 49 -50.92 24.40 -6.47
N VAL F 50 -49.81 24.49 -7.21
CA VAL F 50 -49.87 24.63 -8.66
C VAL F 50 -50.05 23.28 -9.36
N ALA F 51 -49.78 22.19 -8.63
CA ALA F 51 -50.00 20.85 -9.16
C ALA F 51 -49.90 19.86 -8.02
N VAL F 52 -50.37 18.65 -8.27
CA VAL F 52 -50.25 17.57 -7.30
C VAL F 52 -49.53 16.38 -7.91
N MET F 53 -48.89 15.62 -7.03
CA MET F 53 -48.14 14.45 -7.41
C MET F 53 -48.87 13.27 -6.79
N ALA F 54 -49.47 12.44 -7.63
CA ALA F 54 -50.27 11.31 -7.15
C ALA F 54 -49.36 10.15 -6.77
N LEU F 55 -49.53 9.61 -5.57
CA LEU F 55 -48.74 8.48 -5.09
C LEU F 55 -49.61 7.39 -4.52
N GLU F 56 -49.05 6.18 -4.44
CA GLU F 56 -49.69 5.08 -3.75
C GLU F 56 -49.20 5.06 -2.29
N ARG F 57 -47.88 5.05 -2.11
CA ARG F 57 -47.25 5.08 -0.78
C ARG F 57 -45.86 5.77 -0.83
N VAL F 58 -45.04 5.56 0.20
CA VAL F 58 -43.64 6.01 0.23
C VAL F 58 -42.72 4.83 0.54
N GLY F 67 -38.40 -2.90 0.11
CA GLY F 67 -39.23 -3.45 -0.96
C GLY F 67 -39.12 -2.65 -2.25
N VAL F 68 -39.76 -3.13 -3.30
CA VAL F 68 -39.67 -2.50 -4.62
C VAL F 68 -40.78 -1.48 -4.80
N ALA F 69 -40.42 -0.26 -5.16
CA ALA F 69 -41.39 0.80 -5.38
C ALA F 69 -41.57 1.07 -6.87
N ARG F 70 -42.82 0.92 -7.34
CA ARG F 70 -43.15 1.00 -8.76
C ARG F 70 -44.14 2.11 -9.03
N MET F 71 -44.47 2.27 -10.31
CA MET F 71 -45.58 3.12 -10.72
C MET F 71 -46.82 2.77 -9.89
N ALA F 72 -47.60 3.78 -9.54
CA ALA F 72 -48.81 3.58 -8.76
C ALA F 72 -49.91 2.91 -9.58
N ASP F 73 -50.81 2.22 -8.89
CA ASP F 73 -52.01 1.66 -9.50
C ASP F 73 -52.73 2.77 -10.25
N PRO F 74 -53.05 2.56 -11.54
CA PRO F 74 -53.78 3.55 -12.34
C PRO F 74 -55.07 4.06 -11.69
N THR F 75 -55.75 3.20 -10.93
CA THR F 75 -56.97 3.56 -10.23
C THR F 75 -56.74 4.75 -9.30
N VAL F 76 -55.65 4.71 -8.55
CA VAL F 76 -55.30 5.77 -7.61
C VAL F 76 -55.02 7.08 -8.35
N ILE F 77 -54.36 6.97 -9.49
CA ILE F 77 -54.02 8.14 -10.28
C ILE F 77 -55.28 8.77 -10.88
N GLU F 78 -56.19 7.93 -11.36
CA GLU F 78 -57.46 8.42 -11.90
C GLU F 78 -58.32 9.08 -10.84
N GLU F 79 -58.34 8.51 -9.63
CA GLU F 79 -59.03 9.11 -8.50
C GLU F 79 -58.55 10.55 -8.28
N VAL F 80 -57.24 10.75 -8.32
CA VAL F 80 -56.66 12.08 -8.11
C VAL F 80 -56.94 13.00 -9.30
N MET F 81 -56.86 12.46 -10.51
CA MET F 81 -57.15 13.26 -11.71
C MET F 81 -58.58 13.80 -11.73
N ASN F 82 -59.53 12.97 -11.29
CA ASN F 82 -60.94 13.36 -11.25
C ASN F 82 -61.26 14.32 -10.10
N ALA F 83 -60.41 14.35 -9.07
CA ALA F 83 -60.67 15.15 -7.89
C ALA F 83 -60.28 16.64 -8.01
N VAL F 84 -59.45 17.01 -8.99
CA VAL F 84 -58.95 18.38 -9.07
C VAL F 84 -58.84 18.86 -10.51
N SER F 85 -58.72 20.18 -10.67
CA SER F 85 -58.59 20.83 -11.98
C SER F 85 -57.17 21.28 -12.28
N ILE F 86 -56.32 21.35 -11.25
CA ILE F 86 -54.91 21.66 -11.45
C ILE F 86 -54.18 20.44 -12.04
N PRO F 87 -53.01 20.66 -12.66
CA PRO F 87 -52.25 19.56 -13.24
C PRO F 87 -51.93 18.43 -12.26
N VAL F 88 -51.97 17.20 -12.75
CA VAL F 88 -51.65 16.02 -11.95
C VAL F 88 -50.40 15.34 -12.51
N MET F 89 -49.44 15.09 -11.63
CA MET F 89 -48.21 14.40 -11.97
C MET F 89 -48.24 13.03 -11.36
N ALA F 90 -47.46 12.12 -11.92
CA ALA F 90 -47.25 10.81 -11.31
C ALA F 90 -45.86 10.28 -11.66
N VAL F 92 -42.74 7.51 -12.43
CA VAL F 92 -42.29 6.23 -13.00
C VAL F 92 -40.86 5.95 -12.57
N ARG F 93 -40.49 4.68 -12.63
CA ARG F 93 -39.12 4.25 -12.35
C ARG F 93 -38.19 4.73 -13.45
N ILE F 94 -36.96 5.06 -13.08
CA ILE F 94 -35.96 5.52 -14.04
C ILE F 94 -35.75 4.45 -15.11
N GLY F 95 -35.84 4.86 -16.37
CA GLY F 95 -35.67 3.97 -17.50
C GLY F 95 -36.89 3.14 -17.88
N HIS F 96 -37.98 3.23 -17.12
CA HIS F 96 -39.14 2.37 -17.40
C HIS F 96 -40.04 3.00 -18.47
N TYR F 97 -39.62 2.82 -19.71
CA TYR F 97 -40.30 3.36 -20.87
C TYR F 97 -41.80 3.05 -20.90
N VAL F 98 -42.16 1.82 -20.55
CA VAL F 98 -43.56 1.39 -20.65
C VAL F 98 -44.42 1.95 -19.54
N GLU F 99 -43.91 2.00 -18.31
CA GLU F 99 -44.63 2.72 -17.24
C GLU F 99 -44.96 4.14 -17.70
N ALA F 100 -44.00 4.80 -18.33
CA ALA F 100 -44.22 6.14 -18.82
C ALA F 100 -45.30 6.20 -19.89
N ARG F 101 -45.27 5.26 -20.84
CA ARG F 101 -46.30 5.19 -21.88
C ARG F 101 -47.68 4.92 -21.29
N VAL F 102 -47.74 4.13 -20.23
CA VAL F 102 -48.99 3.85 -19.53
C VAL F 102 -49.56 5.15 -18.95
N LEU F 103 -48.74 5.91 -18.23
CA LEU F 103 -49.18 7.19 -17.67
C LEU F 103 -49.57 8.17 -18.75
N GLU F 104 -48.84 8.16 -19.86
CA GLU F 104 -49.20 9.00 -20.99
C GLU F 104 -50.61 8.63 -21.48
N ALA F 105 -50.88 7.34 -21.61
CA ALA F 105 -52.19 6.87 -22.06
C ALA F 105 -53.31 7.20 -21.07
N LEU F 106 -52.99 7.26 -19.79
CA LEU F 106 -53.96 7.64 -18.76
C LEU F 106 -54.33 9.12 -18.79
N GLY F 107 -53.57 9.95 -19.49
CA GLY F 107 -53.89 11.37 -19.62
C GLY F 107 -53.28 12.25 -18.53
N VAL F 108 -52.33 11.70 -17.78
CA VAL F 108 -51.51 12.44 -16.82
C VAL F 108 -50.93 13.69 -17.47
N ASP F 109 -50.76 14.76 -16.70
CA ASP F 109 -50.24 16.03 -17.23
C ASP F 109 -48.71 16.09 -17.27
N TYR F 110 -48.07 15.46 -16.28
CA TYR F 110 -46.60 15.39 -16.25
C TYR F 110 -46.18 14.03 -15.76
N ILE F 111 -45.10 13.51 -16.32
CA ILE F 111 -44.47 12.29 -15.80
C ILE F 111 -43.19 12.65 -15.08
N ASP F 112 -43.04 12.12 -13.87
CA ASP F 112 -41.84 12.32 -13.09
C ASP F 112 -41.01 11.04 -13.12
N GLU F 113 -39.93 11.05 -13.91
CA GLU F 113 -38.99 9.96 -13.93
C GLU F 113 -38.18 10.10 -12.64
N SER F 114 -38.51 9.28 -11.66
CA SER F 114 -38.16 9.56 -10.27
C SER F 114 -37.15 8.59 -9.66
N GLU F 115 -36.13 9.17 -9.05
CA GLU F 115 -35.10 8.39 -8.35
C GLU F 115 -35.56 7.80 -7.02
N VAL F 116 -36.69 8.26 -6.48
CA VAL F 116 -37.19 7.66 -5.23
C VAL F 116 -37.90 6.34 -5.47
N LEU F 117 -38.38 6.12 -6.68
CA LEU F 117 -38.84 4.79 -7.04
C LEU F 117 -37.61 3.93 -7.32
N THR F 118 -37.79 2.62 -7.37
CA THR F 118 -36.70 1.69 -7.61
C THR F 118 -36.29 1.72 -9.08
N PRO F 119 -35.06 2.20 -9.39
CA PRO F 119 -34.68 2.28 -10.80
C PRO F 119 -34.89 0.98 -11.57
N ALA F 120 -35.43 1.10 -12.77
CA ALA F 120 -35.60 -0.04 -13.68
C ALA F 120 -34.36 -0.18 -14.55
N ASP F 121 -33.67 0.92 -14.82
CA ASP F 121 -32.46 0.92 -15.65
C ASP F 121 -31.38 1.76 -14.96
N GLU F 122 -30.27 1.13 -14.60
CA GLU F 122 -29.16 1.80 -13.93
C GLU F 122 -28.34 2.70 -14.85
N GLU F 123 -28.44 2.49 -16.17
CA GLU F 123 -27.54 3.16 -17.11
C GLU F 123 -28.22 4.16 -18.01
N PHE F 124 -29.46 3.88 -18.42
CA PHE F 124 -30.11 4.68 -19.46
C PHE F 124 -31.46 5.18 -18.95
N HIS F 125 -31.65 6.48 -19.00
CA HIS F 125 -32.94 7.09 -18.72
C HIS F 125 -33.83 7.00 -19.95
N ILE F 126 -35.12 7.25 -19.74
CA ILE F 126 -36.11 7.23 -20.80
C ILE F 126 -35.78 8.28 -21.83
N ASP F 127 -35.94 7.93 -23.11
CA ASP F 127 -35.82 8.91 -24.18
C ASP F 127 -37.13 9.68 -24.24
N LYS F 128 -37.17 10.78 -23.49
CA LYS F 128 -38.40 11.53 -23.26
C LYS F 128 -38.81 12.35 -24.50
N ARG F 129 -37.89 12.52 -25.44
CA ARG F 129 -38.20 13.21 -26.69
C ARG F 129 -39.29 12.52 -27.50
N GLN F 130 -39.49 11.22 -27.26
CA GLN F 130 -40.45 10.42 -28.01
C GLN F 130 -41.87 10.52 -27.46
N PHE F 131 -42.08 11.36 -26.45
CA PHE F 131 -43.36 11.43 -25.76
C PHE F 131 -44.05 12.74 -26.02
N THR F 132 -45.37 12.72 -25.88
CA THR F 132 -46.22 13.91 -25.97
C THR F 132 -46.26 14.65 -24.64
N VAL F 133 -46.44 13.89 -23.57
CA VAL F 133 -46.50 14.45 -22.22
C VAL F 133 -45.11 14.89 -21.74
N PRO F 134 -45.03 16.04 -21.05
CA PRO F 134 -43.74 16.51 -20.56
C PRO F 134 -43.26 15.74 -19.34
N PHE F 135 -41.94 15.66 -19.18
CA PHE F 135 -41.32 14.99 -18.06
C PHE F 135 -40.64 15.99 -17.13
N VAL F 136 -40.67 15.67 -15.84
CA VAL F 136 -39.75 16.25 -14.88
C VAL F 136 -38.74 15.16 -14.50
N CYS F 137 -37.47 15.55 -14.38
CA CYS F 137 -36.40 14.67 -13.98
C CYS F 137 -35.60 15.30 -12.84
N GLY F 138 -34.94 14.44 -12.05
CA GLY F 138 -34.07 14.89 -10.98
C GLY F 138 -32.68 15.23 -11.47
N CYS F 139 -31.96 16.05 -10.70
CA CYS F 139 -30.55 16.30 -10.95
C CYS F 139 -29.84 16.79 -9.70
N ARG F 140 -28.55 16.50 -9.60
CA ARG F 140 -27.73 16.88 -8.46
C ARG F 140 -26.65 17.89 -8.82
N ASP F 141 -26.41 18.05 -10.13
CA ASP F 141 -25.43 19.00 -10.62
C ASP F 141 -25.77 19.37 -12.05
N LEU F 142 -25.00 20.29 -12.63
CA LEU F 142 -25.33 20.79 -13.95
C LEU F 142 -25.13 19.75 -15.05
N GLY F 143 -24.16 18.85 -14.87
CA GLY F 143 -23.93 17.76 -15.82
C GLY F 143 -25.17 16.89 -15.95
N GLU F 144 -25.70 16.45 -14.81
CA GLU F 144 -26.92 15.67 -14.78
C GLU F 144 -28.07 16.45 -15.39
N ALA F 145 -28.19 17.71 -15.02
CA ALA F 145 -29.27 18.55 -15.53
C ALA F 145 -29.22 18.59 -17.05
N ALA F 146 -28.03 18.81 -17.58
CA ALA F 146 -27.87 18.94 -19.01
C ALA F 146 -28.14 17.63 -19.75
N ARG F 147 -27.77 16.50 -19.15
CA ARG F 147 -28.05 15.19 -19.74
C ARG F 147 -29.56 14.91 -19.75
N ARG F 148 -30.24 15.21 -18.65
CA ARG F 148 -31.70 15.06 -18.59
C ARG F 148 -32.39 15.91 -19.66
N ILE F 149 -31.91 17.14 -19.84
CA ILE F 149 -32.46 18.01 -20.88
C ILE F 149 -32.22 17.42 -22.28
N ALA F 150 -31.03 16.89 -22.52
CA ALA F 150 -30.73 16.29 -23.82
C ALA F 150 -31.59 15.06 -24.11
N GLU F 151 -32.00 14.37 -23.05
CA GLU F 151 -32.93 13.24 -23.18
C GLU F 151 -34.37 13.70 -23.42
N GLY F 152 -34.64 15.00 -23.27
CA GLY F 152 -35.96 15.57 -23.54
C GLY F 152 -36.76 16.01 -22.33
N ALA F 153 -36.13 16.10 -21.16
CA ALA F 153 -36.80 16.60 -19.96
C ALA F 153 -37.34 18.01 -20.20
N SER F 154 -38.56 18.25 -19.72
CA SER F 154 -39.20 19.56 -19.85
C SER F 154 -39.13 20.35 -18.56
N MET F 155 -38.72 19.71 -17.48
CA MET F 155 -38.64 20.36 -16.18
C MET F 155 -37.63 19.61 -15.33
N LEU F 156 -36.99 20.33 -14.40
CA LEU F 156 -36.03 19.70 -13.48
C LEU F 156 -36.41 19.86 -12.02
N ARG F 157 -35.97 18.88 -11.24
CA ARG F 157 -36.12 18.84 -9.81
C ARG F 157 -34.71 18.65 -9.28
N THR F 158 -34.18 19.69 -8.65
CA THR F 158 -32.85 19.59 -8.06
C THR F 158 -33.00 19.05 -6.67
N LYS F 159 -32.47 17.84 -6.44
CA LYS F 159 -32.72 17.13 -5.20
C LYS F 159 -31.63 16.17 -4.82
N GLY F 160 -31.35 16.10 -3.52
CA GLY F 160 -30.45 15.07 -2.97
C GLY F 160 -31.22 13.86 -2.47
N GLU F 161 -30.99 13.48 -1.22
CA GLU F 161 -31.66 12.33 -0.61
C GLU F 161 -33.08 12.71 -0.17
N PRO F 162 -34.05 11.78 -0.32
CA PRO F 162 -35.45 11.97 0.04
C PRO F 162 -35.81 11.43 1.43
N GLY F 163 -36.92 11.93 1.98
CA GLY F 163 -37.50 11.39 3.21
C GLY F 163 -36.80 11.69 4.53
N THR F 164 -35.81 12.59 4.51
CA THR F 164 -35.03 12.89 5.71
C THR F 164 -35.62 14.02 6.55
N GLY F 165 -36.45 14.86 5.93
CA GLY F 165 -36.85 16.12 6.54
C GLY F 165 -35.69 17.12 6.65
N ASN F 166 -34.55 16.81 6.02
CA ASN F 166 -33.36 17.62 6.17
C ASN F 166 -33.12 18.39 4.89
N ILE F 167 -33.19 19.71 4.99
CA ILE F 167 -33.10 20.59 3.81
C ILE F 167 -31.70 20.60 3.17
N VAL F 168 -30.68 20.08 3.86
CA VAL F 168 -29.30 20.17 3.39
C VAL F 168 -29.13 19.51 2.02
N GLU F 169 -29.96 18.51 1.77
CA GLU F 169 -29.94 17.79 0.52
C GLU F 169 -30.27 18.73 -0.64
N ALA F 170 -31.44 19.37 -0.53
CA ALA F 170 -31.86 20.36 -1.50
C ALA F 170 -30.84 21.50 -1.66
N VAL F 171 -30.37 22.03 -0.53
CA VAL F 171 -29.45 23.18 -0.53
C VAL F 171 -28.13 22.87 -1.24
N ARG F 172 -27.50 21.77 -0.86
CA ARG F 172 -26.24 21.36 -1.48
C ARG F 172 -26.36 21.41 -3.00
N HIS F 173 -27.41 20.80 -3.52
CA HIS F 173 -27.52 20.65 -4.96
C HIS F 173 -28.03 21.88 -5.68
N MET F 174 -28.92 22.66 -5.05
CA MET F 174 -29.34 23.91 -5.67
C MET F 174 -28.16 24.88 -5.70
N ARG F 175 -27.35 24.89 -4.65
CA ARG F 175 -26.14 25.73 -4.65
C ARG F 175 -25.17 25.31 -5.74
N LYS F 176 -24.99 24.00 -5.89
CA LYS F 176 -24.07 23.46 -6.90
C LYS F 176 -24.54 23.77 -8.32
N VAL F 177 -25.79 23.45 -8.60
CA VAL F 177 -26.33 23.66 -9.95
C VAL F 177 -26.26 25.15 -10.31
N ASN F 178 -26.71 26.01 -9.40
CA ASN F 178 -26.75 27.44 -9.71
C ASN F 178 -25.38 28.07 -9.77
N ALA F 179 -24.46 27.62 -8.92
CA ALA F 179 -23.08 28.10 -9.01
C ALA F 179 -22.47 27.70 -10.34
N GLN F 180 -22.73 26.47 -10.79
CA GLN F 180 -22.21 26.00 -12.08
C GLN F 180 -22.84 26.75 -13.24
N ILE F 181 -24.12 27.09 -13.12
CA ILE F 181 -24.78 27.89 -14.14
C ILE F 181 -24.12 29.29 -14.23
N ARG F 182 -23.95 29.96 -13.09
CA ARG F 182 -23.36 31.31 -13.09
C ARG F 182 -21.96 31.29 -13.73
N LYS F 183 -21.20 30.25 -13.45
CA LYS F 183 -19.88 30.10 -14.05
C LYS F 183 -19.97 29.99 -15.57
N VAL F 184 -20.87 29.14 -16.06
CA VAL F 184 -21.08 28.97 -17.50
C VAL F 184 -21.55 30.26 -18.16
N VAL F 185 -22.52 30.93 -17.54
CA VAL F 185 -23.09 32.15 -18.11
C VAL F 185 -22.00 33.20 -18.37
N ASN F 186 -21.05 33.30 -17.46
CA ASN F 186 -20.06 34.37 -17.54
C ASN F 186 -18.73 33.91 -18.15
N MET F 187 -18.58 32.63 -18.45
CA MET F 187 -17.28 32.16 -18.91
C MET F 187 -17.02 32.47 -20.37
N SER F 188 -15.74 32.51 -20.71
CA SER F 188 -15.30 32.76 -22.08
C SER F 188 -15.88 31.70 -23.01
N GLU F 189 -16.48 32.15 -24.11
CA GLU F 189 -17.20 31.27 -25.04
C GLU F 189 -16.34 30.09 -25.48
N ASP F 190 -15.06 30.34 -25.74
CA ASP F 190 -14.17 29.30 -26.27
C ASP F 190 -13.76 28.25 -25.24
N GLU F 191 -14.20 28.41 -24.00
CA GLU F 191 -13.90 27.44 -22.95
C GLU F 191 -15.04 26.46 -22.69
N LEU F 192 -16.17 26.63 -23.39
CA LEU F 192 -17.36 25.82 -23.09
C LEU F 192 -17.22 24.36 -23.45
N VAL F 193 -16.56 24.05 -24.57
CA VAL F 193 -16.43 22.65 -24.98
C VAL F 193 -15.68 21.88 -23.90
N ALA F 194 -14.59 22.46 -23.40
CA ALA F 194 -13.83 21.83 -22.33
C ALA F 194 -14.62 21.74 -21.02
N GLU F 195 -15.42 22.77 -20.74
CA GLU F 195 -16.28 22.77 -19.57
C GLU F 195 -17.29 21.64 -19.67
N ALA F 196 -17.88 21.49 -20.85
CA ALA F 196 -18.84 20.42 -21.11
C ALA F 196 -18.23 19.04 -20.88
N LYS F 197 -17.01 18.84 -21.38
CA LYS F 197 -16.31 17.58 -21.17
C LYS F 197 -16.13 17.30 -19.69
N GLN F 198 -15.71 18.31 -18.95
CA GLN F 198 -15.43 18.19 -17.53
C GLN F 198 -16.68 17.90 -16.72
N LEU F 199 -17.79 18.53 -17.08
CA LEU F 199 -19.08 18.31 -16.41
C LEU F 199 -19.80 17.04 -16.85
N GLY F 200 -19.43 16.48 -17.99
CA GLY F 200 -20.19 15.39 -18.60
C GLY F 200 -21.48 15.89 -19.25
N ALA F 201 -21.50 17.17 -19.65
CA ALA F 201 -22.68 17.79 -20.21
C ALA F 201 -22.61 17.89 -21.72
N PRO F 202 -23.75 17.85 -22.41
CA PRO F 202 -23.81 18.23 -23.82
C PRO F 202 -23.55 19.71 -24.03
N VAL F 203 -22.58 20.05 -24.88
CA VAL F 203 -22.15 21.43 -25.06
C VAL F 203 -23.28 22.34 -25.57
N GLU F 204 -24.15 21.82 -26.42
CA GLU F 204 -25.26 22.62 -26.94
C GLU F 204 -26.22 23.08 -25.84
N VAL F 205 -26.36 22.27 -24.79
CA VAL F 205 -27.15 22.69 -23.64
C VAL F 205 -26.43 23.81 -22.90
N LEU F 206 -25.13 23.68 -22.71
CA LEU F 206 -24.35 24.74 -22.06
C LEU F 206 -24.42 26.03 -22.87
N ARG F 207 -24.34 25.92 -24.18
CA ARG F 207 -24.43 27.07 -25.06
C ARG F 207 -25.77 27.76 -24.93
N GLU F 208 -26.83 26.96 -24.84
CA GLU F 208 -28.17 27.48 -24.61
C GLU F 208 -28.27 28.17 -23.25
N ILE F 209 -27.68 27.57 -22.22
CA ILE F 209 -27.67 28.16 -20.88
C ILE F 209 -26.97 29.51 -20.87
N LYS F 210 -25.82 29.58 -21.52
CA LYS F 210 -25.08 30.83 -21.62
C LYS F 210 -25.91 31.90 -22.34
N ARG F 211 -26.61 31.48 -23.39
CA ARG F 211 -27.45 32.37 -24.18
C ARG F 211 -28.58 32.92 -23.30
N LEU F 212 -29.29 32.06 -22.59
CA LEU F 212 -30.44 32.49 -21.80
C LEU F 212 -30.08 33.10 -20.44
N GLY F 213 -28.87 32.85 -19.97
CA GLY F 213 -28.48 33.28 -18.62
C GLY F 213 -29.07 32.40 -17.52
N ARG F 214 -29.67 31.27 -17.91
CA ARG F 214 -30.28 30.34 -16.96
C ARG F 214 -30.60 29.02 -17.67
N LEU F 215 -31.10 28.05 -16.93
CA LEU F 215 -31.56 26.80 -17.54
C LEU F 215 -32.74 27.08 -18.48
N PRO F 216 -32.82 26.34 -19.60
CA PRO F 216 -33.92 26.50 -20.54
C PRO F 216 -35.22 25.84 -20.07
N VAL F 217 -35.20 25.20 -18.90
CA VAL F 217 -36.40 24.68 -18.28
C VAL F 217 -36.48 25.16 -16.84
N VAL F 218 -37.67 25.02 -16.29
CA VAL F 218 -37.95 25.32 -14.91
C VAL F 218 -37.26 24.30 -14.00
N ASN F 219 -36.73 24.77 -12.88
CA ASN F 219 -35.98 23.95 -11.93
C ASN F 219 -36.50 24.16 -10.53
N PHE F 220 -37.21 23.17 -10.00
CA PHE F 220 -37.78 23.23 -8.66
C PHE F 220 -36.86 22.52 -7.66
N ALA F 221 -36.90 22.96 -6.42
CA ALA F 221 -36.16 22.31 -5.36
C ALA F 221 -37.01 21.20 -4.77
N ALA F 222 -36.35 20.18 -4.28
CA ALA F 222 -37.02 19.09 -3.57
C ALA F 222 -36.02 18.41 -2.68
N GLY F 223 -36.51 17.81 -1.60
CA GLY F 223 -35.66 17.12 -0.64
C GLY F 223 -35.66 17.79 0.72
N GLY F 224 -36.54 17.33 1.60
CA GLY F 224 -36.57 17.78 2.99
C GLY F 224 -37.21 19.14 3.25
N VAL F 225 -37.91 19.68 2.24
CA VAL F 225 -38.58 20.96 2.41
C VAL F 225 -39.72 20.72 3.39
N THR F 226 -39.55 21.23 4.60
CA THR F 226 -40.44 20.93 5.71
C THR F 226 -41.16 22.17 6.24
N THR F 227 -40.41 23.23 6.51
CA THR F 227 -41.00 24.43 7.10
C THR F 227 -41.18 25.52 6.05
N PRO F 228 -42.02 26.53 6.37
CA PRO F 228 -42.14 27.68 5.49
C PRO F 228 -40.80 28.36 5.24
N ALA F 229 -39.97 28.43 6.27
CA ALA F 229 -38.63 29.01 6.10
C ALA F 229 -37.82 28.19 5.09
N ASP F 230 -37.91 26.86 5.16
CA ASP F 230 -37.24 26.00 4.17
C ASP F 230 -37.63 26.32 2.74
N ALA F 231 -38.94 26.46 2.52
CA ALA F 231 -39.45 26.71 1.18
C ALA F 231 -38.95 28.03 0.65
N ALA F 232 -39.01 29.08 1.50
CA ALA F 232 -38.55 30.40 1.10
C ALA F 232 -37.04 30.39 0.85
N LEU F 233 -36.31 29.62 1.66
CA LEU F 233 -34.85 29.49 1.48
C LEU F 233 -34.51 28.97 0.09
N MET F 234 -35.23 27.96 -0.35
CA MET F 234 -34.96 27.40 -1.67
C MET F 234 -35.18 28.45 -2.76
N MET F 235 -36.20 29.28 -2.59
CA MET F 235 -36.43 30.38 -3.52
C MET F 235 -35.30 31.41 -3.44
N HIS F 236 -34.87 31.72 -2.22
CA HIS F 236 -33.71 32.61 -2.03
C HIS F 236 -32.47 32.08 -2.78
N LEU F 237 -32.30 30.76 -2.77
CA LEU F 237 -31.15 30.14 -3.44
C LEU F 237 -31.34 29.99 -4.95
N GLY F 238 -32.47 30.46 -5.49
CA GLY F 238 -32.65 30.53 -6.94
C GLY F 238 -33.52 29.43 -7.53
N ALA F 239 -34.23 28.68 -6.68
CA ALA F 239 -35.19 27.71 -7.18
C ALA F 239 -36.33 28.44 -7.89
N ASP F 240 -37.00 27.77 -8.82
CA ASP F 240 -38.20 28.28 -9.47
C ASP F 240 -39.48 27.88 -8.73
N GLY F 241 -39.35 27.00 -7.72
CA GLY F 241 -40.48 26.49 -6.98
C GLY F 241 -40.04 25.32 -6.13
N VAL F 242 -40.95 24.67 -5.43
CA VAL F 242 -40.61 23.56 -4.56
C VAL F 242 -41.60 22.42 -4.64
N PHE F 243 -41.09 21.21 -4.46
CA PHE F 243 -41.91 20.01 -4.23
C PHE F 243 -41.93 19.76 -2.74
N VAL F 244 -43.07 19.32 -2.23
CA VAL F 244 -43.21 18.95 -0.83
C VAL F 244 -43.89 17.60 -0.76
N GLY F 245 -43.52 16.82 0.25
CA GLY F 245 -43.99 15.44 0.39
C GLY F 245 -45.20 15.27 1.29
N SER F 246 -45.47 14.02 1.63
CA SER F 246 -46.66 13.63 2.40
C SER F 246 -46.68 14.12 3.84
N GLY F 247 -45.52 14.56 4.35
CA GLY F 247 -45.42 15.14 5.70
C GLY F 247 -46.53 16.13 6.02
N ILE F 248 -46.92 16.92 5.03
CA ILE F 248 -48.02 17.88 5.18
C ILE F 248 -49.28 17.25 5.76
N PHE F 249 -49.65 16.07 5.27
CA PHE F 249 -50.90 15.43 5.67
C PHE F 249 -50.79 14.61 6.95
N LYS F 250 -49.59 14.52 7.51
CA LYS F 250 -49.40 13.93 8.84
C LYS F 250 -49.45 14.99 9.95
N SER F 251 -49.61 16.26 9.58
CA SER F 251 -49.74 17.33 10.58
C SER F 251 -51.16 17.37 11.15
N GLU F 252 -51.34 18.16 12.20
CA GLU F 252 -52.64 18.29 12.84
C GLU F 252 -53.64 19.05 11.96
N ASN F 253 -53.14 20.03 11.21
CA ASN F 253 -53.98 20.84 10.32
C ASN F 253 -53.33 20.97 8.93
N PRO F 254 -53.51 19.95 8.08
CA PRO F 254 -52.88 19.90 6.76
C PRO F 254 -53.15 21.13 5.89
N GLU F 255 -54.40 21.58 5.86
CA GLU F 255 -54.76 22.69 5.00
C GLU F 255 -54.06 23.98 5.40
N LYS F 256 -53.89 24.19 6.70
CA LYS F 256 -53.15 25.35 7.20
C LYS F 256 -51.65 25.24 6.87
N TYR F 257 -51.12 24.04 7.04
CA TYR F 257 -49.72 23.77 6.79
C TYR F 257 -49.38 23.92 5.32
N ALA F 258 -50.18 23.30 4.45
CA ALA F 258 -50.01 23.42 3.01
C ALA F 258 -50.06 24.88 2.59
N ARG F 259 -51.05 25.57 3.13
CA ARG F 259 -51.23 26.98 2.91
C ARG F 259 -49.99 27.81 3.27
N ALA F 260 -49.41 27.53 4.42
CA ALA F 260 -48.23 28.24 4.89
C ALA F 260 -47.06 28.07 3.93
N ILE F 261 -46.89 26.84 3.43
CA ILE F 261 -45.82 26.54 2.46
C ILE F 261 -46.05 27.32 1.18
N VAL F 262 -47.30 27.29 0.69
CA VAL F 262 -47.65 28.00 -0.54
C VAL F 262 -47.35 29.49 -0.42
N GLU F 263 -47.77 30.10 0.68
CA GLU F 263 -47.58 31.55 0.86
C GLU F 263 -46.11 31.91 1.05
N ALA F 264 -45.40 31.10 1.81
CA ALA F 264 -43.96 31.31 2.02
C ALA F 264 -43.17 31.21 0.72
N THR F 265 -43.56 30.27 -0.14
CA THR F 265 -42.88 30.08 -1.43
C THR F 265 -43.16 31.24 -2.37
N THR F 266 -44.38 31.73 -2.37
CA THR F 266 -44.75 32.88 -3.21
C THR F 266 -44.11 34.18 -2.69
N HIS F 267 -44.26 34.41 -1.38
CA HIS F 267 -43.76 35.64 -0.77
C HIS F 267 -42.47 35.36 0.00
N TYR F 268 -41.48 34.89 -0.74
CA TYR F 268 -40.28 34.32 -0.11
C TYR F 268 -39.32 35.34 0.50
N GLU F 269 -39.55 36.63 0.25
CA GLU F 269 -38.79 37.70 0.89
C GLU F 269 -39.58 38.47 1.96
N ASP F 270 -40.81 38.04 2.24
CA ASP F 270 -41.64 38.68 3.24
C ASP F 270 -41.47 37.97 4.58
N TYR F 271 -40.45 38.41 5.31
CA TYR F 271 -40.02 37.69 6.50
C TYR F 271 -40.99 37.82 7.67
N GLU F 272 -41.68 38.96 7.77
CA GLU F 272 -42.74 39.12 8.77
C GLU F 272 -43.85 38.10 8.54
N LEU F 273 -44.29 37.99 7.28
CA LEU F 273 -45.33 37.01 6.93
C LEU F 273 -44.87 35.60 7.24
N ILE F 274 -43.64 35.27 6.82
CA ILE F 274 -43.10 33.93 7.02
C ILE F 274 -43.01 33.63 8.50
N ALA F 275 -42.58 34.61 9.28
CA ALA F 275 -42.53 34.47 10.74
C ALA F 275 -43.92 34.15 11.29
N HIS F 276 -44.91 34.92 10.86
CA HIS F 276 -46.29 34.69 11.30
C HIS F 276 -46.79 33.32 10.88
N LEU F 277 -46.50 32.94 9.63
CA LEU F 277 -46.91 31.63 9.13
C LEU F 277 -46.27 30.46 9.85
N SER F 278 -45.10 30.68 10.45
CA SER F 278 -44.38 29.62 11.16
C SER F 278 -44.96 29.31 12.54
N LYS F 279 -45.75 30.23 13.11
CA LYS F 279 -46.24 30.08 14.48
C LYS F 279 -47.12 28.84 14.70
N GLY F 280 -48.14 28.69 13.86
CA GLY F 280 -49.05 27.55 13.94
C GLY F 280 -48.36 26.19 14.00
N LEU F 281 -47.68 25.82 12.92
CA LEU F 281 -46.89 24.58 12.88
C LEU F 281 -45.89 24.62 11.73
N THR G 16 10.76 25.67 48.62
CA THR G 16 9.32 25.24 48.75
C THR G 16 9.06 23.87 48.10
N ASP G 17 9.74 23.57 46.99
CA ASP G 17 9.70 22.23 46.41
C ASP G 17 10.20 21.20 47.41
N ARG G 18 11.24 21.56 48.17
CA ARG G 18 11.85 20.62 49.11
C ARG G 18 10.89 20.20 50.22
N VAL G 19 10.13 21.16 50.77
CA VAL G 19 9.13 20.83 51.79
C VAL G 19 8.01 19.91 51.25
N LYS G 20 7.46 20.27 50.09
CA LYS G 20 6.44 19.45 49.42
C LYS G 20 6.93 18.02 49.19
N ARG G 21 8.15 17.89 48.68
CA ARG G 21 8.74 16.56 48.42
C ARG G 21 9.00 15.79 49.72
N GLY G 22 9.48 16.51 50.73
CA GLY G 22 9.74 15.92 52.03
C GLY G 22 8.47 15.34 52.62
N MET G 23 7.36 16.07 52.47
CA MET G 23 6.06 15.58 52.93
C MET G 23 5.70 14.28 52.23
N ALA G 24 5.89 14.24 50.91
CA ALA G 24 5.65 13.03 50.15
C ALA G 24 6.59 11.90 50.57
N GLU G 25 7.88 12.23 50.77
CA GLU G 25 8.91 11.24 51.18
C GLU G 25 8.56 10.48 52.44
N MET G 26 8.03 11.17 53.43
CA MET G 26 7.76 10.54 54.70
C MET G 26 6.72 9.42 54.54
N GLN G 27 6.09 9.31 53.38
CA GLN G 27 5.17 8.24 53.14
C GLN G 27 5.82 6.90 52.73
N LYS G 28 7.16 6.71 52.79
CA LYS G 28 7.73 5.47 52.24
C LYS G 28 7.30 4.23 52.99
N GLY G 29 7.09 3.14 52.24
CA GLY G 29 6.62 1.87 52.79
C GLY G 29 5.13 1.82 53.04
N GLY G 30 4.44 2.93 52.76
CA GLY G 30 3.04 3.07 53.13
C GLY G 30 2.03 2.65 52.08
N VAL G 31 0.78 2.55 52.52
CA VAL G 31 -0.34 2.22 51.67
C VAL G 31 -1.33 3.36 51.72
N ILE G 32 -1.77 3.81 50.54
CA ILE G 32 -2.80 4.84 50.44
C ILE G 32 -4.08 4.18 49.93
N MET G 33 -5.21 4.46 50.57
CA MET G 33 -6.44 3.73 50.30
C MET G 33 -7.54 4.64 49.82
N ASP G 34 -8.25 4.19 48.80
CA ASP G 34 -9.46 4.86 48.33
C ASP G 34 -10.61 4.67 49.30
N VAL G 35 -11.27 5.76 49.67
CA VAL G 35 -12.43 5.71 50.56
C VAL G 35 -13.53 6.62 50.03
N VAL G 36 -14.78 6.19 50.17
CA VAL G 36 -15.93 7.00 49.71
C VAL G 36 -16.70 7.68 50.84
N ASN G 37 -16.36 7.38 52.10
CA ASN G 37 -17.04 7.98 53.25
C ASN G 37 -16.22 7.91 54.51
N ALA G 38 -16.75 8.49 55.59
CA ALA G 38 -16.08 8.53 56.89
C ALA G 38 -15.81 7.16 57.48
N GLU G 39 -16.76 6.25 57.33
CA GLU G 39 -16.66 4.90 57.87
C GLU G 39 -15.45 4.19 57.25
N GLN G 40 -15.38 4.21 55.93
CA GLN G 40 -14.25 3.60 55.22
C GLN G 40 -12.93 4.25 55.57
N ALA G 41 -12.94 5.57 55.70
CA ALA G 41 -11.75 6.33 56.08
C ALA G 41 -11.22 5.92 57.45
N LYS G 42 -12.11 5.73 58.42
CA LYS G 42 -11.71 5.30 59.76
C LYS G 42 -11.10 3.92 59.75
N ILE G 43 -11.72 3.01 59.00
CA ILE G 43 -11.19 1.66 58.83
C ILE G 43 -9.78 1.70 58.24
N ALA G 44 -9.58 2.51 57.21
CA ALA G 44 -8.28 2.65 56.56
C ALA G 44 -7.24 3.16 57.54
N GLU G 45 -7.59 4.20 58.29
CA GLU G 45 -6.71 4.72 59.32
C GLU G 45 -6.38 3.66 60.36
N ALA G 46 -7.41 2.93 60.80
CA ALA G 46 -7.23 1.87 61.80
C ALA G 46 -6.34 0.73 61.30
N ALA G 47 -6.45 0.40 60.01
CA ALA G 47 -5.63 -0.64 59.40
C ALA G 47 -4.15 -0.25 59.21
N GLY G 48 -3.83 1.03 59.34
CA GLY G 48 -2.45 1.50 59.24
C GLY G 48 -2.10 2.22 57.93
N ALA G 49 -3.09 2.60 57.15
CA ALA G 49 -2.87 3.41 55.94
C ALA G 49 -2.13 4.67 56.31
N VAL G 50 -1.20 5.11 55.45
CA VAL G 50 -0.49 6.37 55.67
C VAL G 50 -1.28 7.55 55.17
N ALA G 51 -2.26 7.33 54.31
CA ALA G 51 -3.15 8.38 53.86
C ALA G 51 -4.39 7.77 53.24
N VAL G 52 -5.42 8.59 53.04
CA VAL G 52 -6.59 8.15 52.33
C VAL G 52 -6.85 9.04 51.13
N MET G 53 -7.50 8.45 50.13
CA MET G 53 -7.86 9.13 48.89
C MET G 53 -9.39 9.20 48.85
N ALA G 54 -9.92 10.40 49.02
CA ALA G 54 -11.37 10.58 49.11
C ALA G 54 -11.99 10.58 47.71
N LEU G 55 -13.00 9.74 47.50
CA LEU G 55 -13.70 9.64 46.21
C LEU G 55 -15.19 9.74 46.37
N GLU G 56 -15.87 10.06 45.27
CA GLU G 56 -17.33 10.01 45.22
C GLU G 56 -17.73 8.63 44.72
N ARG G 57 -17.07 8.18 43.66
CA ARG G 57 -17.32 6.87 43.08
C ARG G 57 -16.07 6.39 42.34
N GLY G 67 -19.65 7.80 31.21
CA GLY G 67 -19.99 9.14 31.73
C GLY G 67 -18.76 9.94 32.13
N VAL G 68 -18.95 11.20 32.51
CA VAL G 68 -17.84 12.09 32.82
C VAL G 68 -17.53 12.04 34.30
N ALA G 69 -16.27 11.76 34.64
CA ALA G 69 -15.84 11.70 36.03
C ALA G 69 -15.06 12.96 36.41
N ARG G 70 -15.56 13.67 37.43
CA ARG G 70 -15.05 14.96 37.86
C ARG G 70 -14.54 14.94 39.31
N MET G 71 -14.04 16.09 39.74
CA MET G 71 -13.72 16.29 41.15
C MET G 71 -14.94 15.93 41.97
N ALA G 72 -14.71 15.31 43.13
CA ALA G 72 -15.80 14.91 44.01
C ALA G 72 -16.45 16.12 44.68
N ASP G 73 -17.72 15.96 45.06
CA ASP G 73 -18.45 16.96 45.84
C ASP G 73 -17.60 17.31 47.08
N PRO G 74 -17.32 18.60 47.28
CA PRO G 74 -16.59 19.03 48.47
C PRO G 74 -17.13 18.49 49.80
N THR G 75 -18.44 18.30 49.89
CA THR G 75 -19.07 17.74 51.09
C THR G 75 -18.48 16.37 51.44
N VAL G 76 -18.33 15.51 50.43
CA VAL G 76 -17.79 14.18 50.65
C VAL G 76 -16.33 14.25 51.12
N ILE G 77 -15.58 15.19 50.56
CA ILE G 77 -14.18 15.36 50.93
C ILE G 77 -14.04 15.86 52.37
N GLU G 78 -14.89 16.81 52.74
CA GLU G 78 -14.91 17.31 54.11
C GLU G 78 -15.30 16.23 55.11
N GLU G 79 -16.28 15.41 54.75
CA GLU G 79 -16.66 14.28 55.58
C GLU G 79 -15.45 13.39 55.88
N VAL G 80 -14.65 13.11 54.86
CA VAL G 80 -13.46 12.28 55.03
C VAL G 80 -12.40 13.02 55.86
N MET G 81 -12.20 14.29 55.57
CA MET G 81 -11.19 15.08 56.30
C MET G 81 -11.47 15.11 57.80
N ASN G 82 -12.74 15.25 58.16
CA ASN G 82 -13.15 15.32 59.56
C ASN G 82 -13.07 13.97 60.27
N ALA G 83 -13.11 12.88 59.50
CA ALA G 83 -13.17 11.55 60.07
C ALA G 83 -11.82 10.97 60.51
N VAL G 84 -10.70 11.54 60.04
CA VAL G 84 -9.38 10.96 60.30
C VAL G 84 -8.31 12.02 60.56
N SER G 85 -7.20 11.58 61.13
CA SER G 85 -6.06 12.45 61.42
C SER G 85 -4.90 12.29 60.42
N ILE G 86 -4.89 11.18 59.69
CA ILE G 86 -3.90 10.99 58.63
C ILE G 86 -4.20 11.89 57.44
N PRO G 87 -3.20 12.15 56.58
CA PRO G 87 -3.41 12.99 55.40
C PRO G 87 -4.54 12.50 54.49
N VAL G 88 -5.25 13.47 53.92
CA VAL G 88 -6.33 13.18 52.98
C VAL G 88 -5.97 13.72 51.61
N MET G 89 -6.10 12.87 50.60
CA MET G 89 -5.88 13.24 49.21
C MET G 89 -7.21 13.24 48.50
N ALA G 90 -7.29 13.99 47.42
CA ALA G 90 -8.44 13.93 46.53
C ALA G 90 -8.00 14.19 45.10
N VAL G 92 -8.34 15.37 41.04
CA VAL G 92 -8.90 16.30 40.07
C VAL G 92 -8.67 15.79 38.66
N ARG G 93 -9.46 16.30 37.72
CA ARG G 93 -9.29 15.95 36.33
C ARG G 93 -7.99 16.57 35.79
N ILE G 94 -7.35 15.85 34.88
CA ILE G 94 -6.11 16.32 34.28
C ILE G 94 -6.33 17.68 33.61
N GLY G 95 -5.48 18.64 33.97
CA GLY G 95 -5.57 19.98 33.41
C GLY G 95 -6.57 20.91 34.10
N HIS G 96 -7.36 20.41 35.05
CA HIS G 96 -8.43 21.21 35.64
C HIS G 96 -7.88 22.09 36.76
N TYR G 97 -7.28 23.21 36.36
CA TYR G 97 -6.65 24.14 37.27
C TYR G 97 -7.58 24.57 38.41
N VAL G 98 -8.84 24.85 38.10
CA VAL G 98 -9.75 25.38 39.11
C VAL G 98 -10.20 24.32 40.11
N GLU G 99 -10.46 23.10 39.65
CA GLU G 99 -10.76 22.00 40.57
C GLU G 99 -9.63 21.87 41.58
N ALA G 100 -8.39 21.97 41.10
CA ALA G 100 -7.24 21.89 41.98
C ALA G 100 -7.24 23.03 43.00
N ARG G 101 -7.50 24.27 42.54
CA ARG G 101 -7.55 25.42 43.43
C ARG G 101 -8.65 25.28 44.47
N VAL G 102 -9.77 24.67 44.07
CA VAL G 102 -10.86 24.40 45.00
C VAL G 102 -10.39 23.47 46.10
N LEU G 103 -9.75 22.37 45.73
CA LEU G 103 -9.24 21.41 46.73
C LEU G 103 -8.19 22.03 47.61
N GLU G 104 -7.35 22.88 47.04
CA GLU G 104 -6.36 23.62 47.82
C GLU G 104 -7.10 24.45 48.88
N ALA G 105 -8.12 25.18 48.46
CA ALA G 105 -8.89 26.02 49.39
C ALA G 105 -9.58 25.23 50.48
N LEU G 106 -9.98 24.00 50.17
CA LEU G 106 -10.60 23.11 51.16
C LEU G 106 -9.64 22.58 52.22
N GLY G 107 -8.33 22.71 51.99
CA GLY G 107 -7.34 22.29 52.99
C GLY G 107 -6.91 20.84 52.85
N VAL G 108 -7.21 20.24 51.71
CA VAL G 108 -6.68 18.93 51.33
C VAL G 108 -5.16 18.89 51.45
N ASP G 109 -4.62 17.73 51.81
CA ASP G 109 -3.16 17.59 52.01
C ASP G 109 -2.40 17.30 50.73
N TYR G 110 -3.01 16.56 49.82
CA TYR G 110 -2.42 16.29 48.51
C TYR G 110 -3.49 16.30 47.45
N ILE G 111 -3.15 16.82 46.27
CA ILE G 111 -4.04 16.74 45.11
C ILE G 111 -3.48 15.68 44.15
N ASP G 112 -4.36 14.81 43.68
CA ASP G 112 -4.01 13.79 42.71
C ASP G 112 -4.59 14.18 41.35
N GLU G 113 -3.72 14.66 40.46
CA GLU G 113 -4.13 14.97 39.08
C GLU G 113 -4.23 13.64 38.36
N SER G 114 -5.45 13.14 38.24
CA SER G 114 -5.69 11.73 38.02
C SER G 114 -6.25 11.40 36.65
N GLU G 115 -5.63 10.41 36.02
CA GLU G 115 -6.06 9.90 34.72
C GLU G 115 -7.32 9.03 34.76
N VAL G 116 -7.74 8.58 35.94
CA VAL G 116 -9.00 7.81 36.04
C VAL G 116 -10.21 8.72 35.98
N LEU G 117 -10.05 10.00 36.34
CA LEU G 117 -11.11 10.97 36.11
C LEU G 117 -11.05 11.36 34.65
N THR G 118 -12.12 11.99 34.16
CA THR G 118 -12.24 12.33 32.75
C THR G 118 -11.38 13.56 32.46
N PRO G 119 -10.34 13.40 31.63
CA PRO G 119 -9.45 14.52 31.43
C PRO G 119 -10.16 15.80 30.97
N ALA G 120 -9.78 16.92 31.57
CA ALA G 120 -10.32 18.22 31.20
C ALA G 120 -9.48 18.87 30.10
N ASP G 121 -8.21 18.48 30.02
CA ASP G 121 -7.27 19.00 29.04
C ASP G 121 -6.42 17.86 28.49
N GLU G 122 -6.55 17.56 27.20
CA GLU G 122 -5.84 16.45 26.54
C GLU G 122 -4.37 16.75 26.30
N GLU G 123 -3.97 18.01 26.37
CA GLU G 123 -2.63 18.43 25.97
C GLU G 123 -1.75 19.01 27.08
N PHE G 124 -2.36 19.70 28.04
CA PHE G 124 -1.60 20.41 29.05
C PHE G 124 -2.04 20.03 30.45
N HIS G 125 -1.11 19.55 31.26
CA HIS G 125 -1.37 19.26 32.65
C HIS G 125 -1.29 20.56 33.44
N ILE G 126 -1.80 20.51 34.67
CA ILE G 126 -1.79 21.66 35.56
C ILE G 126 -0.35 22.10 35.85
N ASP G 127 -0.14 23.41 35.87
CA ASP G 127 1.14 23.93 36.31
C ASP G 127 1.18 23.89 37.83
N LYS G 128 1.63 22.78 38.35
CA LYS G 128 1.57 22.50 39.77
C LYS G 128 2.57 23.31 40.60
N ARG G 129 3.53 23.94 39.93
CA ARG G 129 4.50 24.83 40.60
C ARG G 129 3.80 26.03 41.25
N GLN G 130 2.63 26.40 40.73
CA GLN G 130 1.91 27.59 41.20
C GLN G 130 1.09 27.33 42.47
N PHE G 131 1.17 26.12 43.02
CA PHE G 131 0.33 25.71 44.14
C PHE G 131 1.12 25.51 45.42
N THR G 132 0.43 25.69 46.54
CA THR G 132 1.00 25.45 47.87
C THR G 132 0.96 23.96 48.22
N VAL G 133 -0.19 23.36 47.95
CA VAL G 133 -0.39 21.95 48.22
C VAL G 133 0.39 21.09 47.21
N PRO G 134 0.99 19.98 47.69
CA PRO G 134 1.69 19.08 46.77
C PRO G 134 0.78 18.21 45.93
N PHE G 135 1.26 17.84 44.74
CA PHE G 135 0.53 17.01 43.81
C PHE G 135 1.17 15.65 43.64
N VAL G 136 0.33 14.64 43.47
CA VAL G 136 0.74 13.37 42.93
C VAL G 136 0.22 13.26 41.49
N CYS G 137 1.06 12.76 40.59
CA CYS G 137 0.69 12.55 39.18
C CYS G 137 1.01 11.13 38.78
N GLY G 138 0.32 10.65 37.75
CA GLY G 138 0.56 9.34 37.19
C GLY G 138 1.70 9.35 36.18
N CYS G 139 2.27 8.20 35.91
CA CYS G 139 3.24 8.08 34.82
C CYS G 139 3.35 6.63 34.39
N ARG G 140 3.67 6.41 33.12
CA ARG G 140 3.83 5.06 32.56
C ARG G 140 5.27 4.78 32.14
N ASP G 141 6.07 5.82 32.04
CA ASP G 141 7.48 5.67 31.68
C ASP G 141 8.25 6.88 32.19
N LEU G 142 9.55 6.88 32.00
CA LEU G 142 10.40 7.91 32.60
C LEU G 142 10.20 9.28 31.97
N GLY G 143 9.88 9.31 30.67
CA GLY G 143 9.59 10.55 29.99
C GLY G 143 8.40 11.25 30.63
N GLU G 144 7.31 10.52 30.82
CA GLU G 144 6.13 11.06 31.52
C GLU G 144 6.49 11.51 32.93
N ALA G 145 7.22 10.68 33.64
CA ALA G 145 7.59 10.99 35.00
C ALA G 145 8.33 12.33 35.06
N ALA G 146 9.28 12.49 34.14
CA ALA G 146 10.12 13.67 34.13
C ALA G 146 9.33 14.91 33.74
N ARG G 147 8.38 14.77 32.83
CA ARG G 147 7.52 15.89 32.44
C ARG G 147 6.62 16.30 33.61
N ARG G 148 6.04 15.32 34.31
CA ARG G 148 5.22 15.62 35.49
C ARG G 148 6.04 16.37 36.55
N ILE G 149 7.28 15.92 36.76
CA ILE G 149 8.17 16.58 37.71
C ILE G 149 8.47 18.03 37.28
N ALA G 150 8.72 18.24 35.99
CA ALA G 150 8.97 19.59 35.50
C ALA G 150 7.76 20.51 35.66
N GLU G 151 6.56 19.93 35.64
CA GLU G 151 5.34 20.69 35.89
C GLU G 151 5.11 20.99 37.35
N GLY G 152 5.90 20.37 38.23
CA GLY G 152 5.85 20.63 39.66
C GLY G 152 5.33 19.52 40.53
N ALA G 153 5.15 18.31 39.98
CA ALA G 153 4.68 17.18 40.76
C ALA G 153 5.62 16.90 41.93
N SER G 154 5.04 16.62 43.09
CA SER G 154 5.81 16.30 44.29
C SER G 154 5.87 14.81 44.57
N MET G 155 5.08 14.04 43.83
CA MET G 155 4.99 12.60 44.05
C MET G 155 4.48 11.94 42.77
N LEU G 156 4.91 10.70 42.52
CA LEU G 156 4.45 9.97 41.35
C LEU G 156 3.76 8.67 41.69
N ARG G 157 2.87 8.30 40.78
CA ARG G 157 2.12 7.08 40.84
C ARG G 157 2.36 6.41 39.50
N THR G 158 3.08 5.31 39.53
CA THR G 158 3.37 4.60 38.30
C THR G 158 2.26 3.60 38.09
N LYS G 159 1.48 3.81 37.04
CA LYS G 159 0.26 3.05 36.85
C LYS G 159 -0.15 2.90 35.41
N GLY G 160 -0.65 1.70 35.08
CA GLY G 160 -1.27 1.45 33.78
C GLY G 160 -2.78 1.67 33.82
N GLU G 161 -3.54 0.67 33.38
CA GLU G 161 -5.01 0.74 33.37
C GLU G 161 -5.57 0.46 34.77
N PRO G 162 -6.66 1.16 35.17
CA PRO G 162 -7.31 1.02 36.47
C PRO G 162 -8.52 0.08 36.46
N GLY G 163 -8.89 -0.41 37.65
CA GLY G 163 -10.13 -1.17 37.82
C GLY G 163 -10.17 -2.60 37.31
N THR G 164 -9.02 -3.15 36.91
CA THR G 164 -8.98 -4.49 36.32
C THR G 164 -8.74 -5.59 37.36
N GLY G 165 -8.22 -5.23 38.53
CA GLY G 165 -7.72 -6.22 39.48
C GLY G 165 -6.48 -6.96 38.98
N ASN G 166 -5.92 -6.51 37.86
CA ASN G 166 -4.82 -7.20 37.21
C ASN G 166 -3.54 -6.40 37.46
N ILE G 167 -2.60 -7.02 38.15
CA ILE G 167 -1.36 -6.37 38.55
C ILE G 167 -0.41 -6.04 37.37
N VAL G 168 -0.65 -6.65 36.21
CA VAL G 168 0.26 -6.54 35.07
C VAL G 168 0.45 -5.08 34.65
N GLU G 169 -0.58 -4.27 34.89
CA GLU G 169 -0.57 -2.86 34.56
C GLU G 169 0.52 -2.17 35.36
N ALA G 170 0.45 -2.31 36.67
CA ALA G 170 1.44 -1.77 37.59
C ALA G 170 2.84 -2.31 37.31
N VAL G 171 2.95 -3.62 37.10
CA VAL G 171 4.24 -4.26 36.88
C VAL G 171 4.93 -3.76 35.62
N ARG G 172 4.24 -3.76 34.49
CA ARG G 172 4.78 -3.28 33.21
C ARG G 172 5.45 -1.92 33.41
N HIS G 173 4.74 -1.02 34.06
CA HIS G 173 5.21 0.35 34.13
C HIS G 173 6.24 0.60 35.21
N MET G 174 6.15 -0.11 36.32
CA MET G 174 7.20 0.00 37.33
C MET G 174 8.50 -0.59 36.79
N ARG G 175 8.40 -1.70 36.04
CA ARG G 175 9.59 -2.28 35.38
C ARG G 175 10.21 -1.33 34.39
N LYS G 176 9.37 -0.69 33.58
CA LYS G 176 9.83 0.25 32.58
C LYS G 176 10.51 1.46 33.21
N VAL G 177 9.80 2.11 34.13
CA VAL G 177 10.32 3.31 34.77
C VAL G 177 11.64 3.04 35.48
N ASN G 178 11.70 1.96 36.24
CA ASN G 178 12.90 1.65 36.99
C ASN G 178 14.05 1.19 36.11
N ALA G 179 13.74 0.45 35.04
CA ALA G 179 14.77 0.06 34.08
C ALA G 179 15.38 1.29 33.40
N GLN G 180 14.52 2.23 33.03
CA GLN G 180 14.97 3.47 32.42
C GLN G 180 15.79 4.33 33.40
N ILE G 181 15.39 4.32 34.68
CA ILE G 181 16.18 5.03 35.69
C ILE G 181 17.57 4.42 35.83
N ARG G 182 17.66 3.10 35.96
CA ARG G 182 18.96 2.42 36.10
C ARG G 182 19.87 2.72 34.91
N LYS G 183 19.29 2.77 33.72
CA LYS G 183 20.05 3.11 32.53
C LYS G 183 20.62 4.50 32.64
N VAL G 184 19.78 5.46 33.00
CA VAL G 184 20.20 6.86 33.16
C VAL G 184 21.28 7.01 34.24
N VAL G 185 21.08 6.35 35.37
CA VAL G 185 22.00 6.47 36.51
C VAL G 185 23.42 6.07 36.07
N ASN G 186 23.52 5.03 35.27
CA ASN G 186 24.82 4.47 34.92
C ASN G 186 25.34 4.94 33.56
N MET G 187 24.58 5.74 32.82
CA MET G 187 25.03 6.09 31.49
C MET G 187 26.06 7.22 31.47
N SER G 188 26.82 7.26 30.39
CA SER G 188 27.82 8.27 30.20
C SER G 188 27.15 9.66 30.23
N GLU G 189 27.72 10.57 31.02
CA GLU G 189 27.15 11.91 31.25
C GLU G 189 26.86 12.64 29.94
N ASP G 190 27.75 12.52 28.97
CA ASP G 190 27.61 13.24 27.70
C ASP G 190 26.50 12.70 26.79
N GLU G 191 25.88 11.57 27.17
CA GLU G 191 24.80 10.99 26.39
C GLU G 191 23.39 11.39 26.87
N LEU G 192 23.32 12.17 27.95
CA LEU G 192 22.02 12.47 28.58
C LEU G 192 21.13 13.38 27.77
N VAL G 193 21.70 14.37 27.10
CA VAL G 193 20.89 15.28 26.30
C VAL G 193 20.16 14.49 25.19
N ALA G 194 20.87 13.59 24.52
CA ALA G 194 20.25 12.75 23.51
C ALA G 194 19.23 11.78 24.13
N GLU G 195 19.53 11.24 25.30
CA GLU G 195 18.61 10.36 25.99
C GLU G 195 17.32 11.12 26.28
N ALA G 196 17.47 12.35 26.77
CA ALA G 196 16.33 13.18 27.09
C ALA G 196 15.47 13.42 25.88
N LYS G 197 16.11 13.72 24.75
CA LYS G 197 15.38 13.91 23.50
C LYS G 197 14.56 12.68 23.13
N GLN G 198 15.20 11.51 23.23
CA GLN G 198 14.56 10.27 22.87
C GLN G 198 13.38 9.92 23.80
N LEU G 199 13.53 10.18 25.10
CA LEU G 199 12.48 9.89 26.08
C LEU G 199 11.35 10.93 26.08
N GLY G 200 11.63 12.12 25.55
CA GLY G 200 10.73 13.26 25.69
C GLY G 200 10.81 13.86 27.09
N ALA G 201 11.96 13.71 27.75
CA ALA G 201 12.16 14.19 29.10
C ALA G 201 12.93 15.50 29.12
N PRO G 202 12.70 16.34 30.13
CA PRO G 202 13.60 17.46 30.43
C PRO G 202 14.95 16.95 30.94
N VAL G 203 16.04 17.41 30.32
CA VAL G 203 17.37 16.91 30.63
C VAL G 203 17.78 17.21 32.07
N GLU G 204 17.38 18.36 32.60
CA GLU G 204 17.73 18.69 33.99
C GLU G 204 17.14 17.70 34.99
N VAL G 205 15.99 17.11 34.67
CA VAL G 205 15.42 16.07 35.54
C VAL G 205 16.25 14.81 35.44
N LEU G 206 16.65 14.45 34.23
CA LEU G 206 17.54 13.29 34.06
C LEU G 206 18.85 13.49 34.79
N ARG G 207 19.40 14.70 34.72
CA ARG G 207 20.64 15.02 35.41
C ARG G 207 20.48 14.87 36.91
N GLU G 208 19.36 15.35 37.44
CA GLU G 208 19.02 15.18 38.85
C GLU G 208 18.88 13.70 39.21
N ILE G 209 18.22 12.92 38.35
CA ILE G 209 18.09 11.50 38.58
C ILE G 209 19.44 10.81 38.65
N LYS G 210 20.32 11.13 37.71
CA LYS G 210 21.68 10.57 37.70
C LYS G 210 22.45 10.93 38.97
N ARG G 211 22.30 12.17 39.40
CA ARG G 211 22.94 12.67 40.61
C ARG G 211 22.46 11.89 41.85
N LEU G 212 21.14 11.73 42.00
CA LEU G 212 20.57 11.06 43.17
C LEU G 212 20.60 9.54 43.11
N GLY G 213 20.71 8.97 41.92
CA GLY G 213 20.61 7.53 41.75
C GLY G 213 19.18 7.03 41.77
N ARG G 214 18.22 7.96 41.73
CA ARG G 214 16.81 7.61 41.77
C ARG G 214 15.98 8.84 41.39
N LEU G 215 14.67 8.68 41.33
CA LEU G 215 13.79 9.82 41.14
C LEU G 215 13.89 10.77 42.33
N PRO G 216 13.80 12.08 42.09
CA PRO G 216 13.84 13.06 43.17
C PRO G 216 12.51 13.16 43.94
N VAL G 217 11.50 12.39 43.53
CA VAL G 217 10.27 12.29 44.31
C VAL G 217 9.94 10.83 44.55
N VAL G 218 9.07 10.61 45.52
CA VAL G 218 8.54 9.30 45.84
C VAL G 218 7.72 8.78 44.66
N ASN G 219 7.79 7.47 44.43
CA ASN G 219 7.07 6.83 43.33
C ASN G 219 6.31 5.57 43.77
N PHE G 220 4.99 5.68 43.91
CA PHE G 220 4.17 4.57 44.40
C PHE G 220 3.64 3.78 43.23
N ALA G 221 3.39 2.49 43.44
CA ALA G 221 2.74 1.68 42.44
C ALA G 221 1.23 1.76 42.60
N ALA G 222 0.52 1.63 41.49
CA ALA G 222 -0.93 1.59 41.51
C ALA G 222 -1.41 0.88 40.25
N GLY G 223 -2.59 0.26 40.36
CA GLY G 223 -3.17 -0.48 39.23
C GLY G 223 -3.28 -1.97 39.50
N GLY G 224 -4.42 -2.39 40.02
CA GLY G 224 -4.71 -3.80 40.19
C GLY G 224 -4.07 -4.45 41.39
N VAL G 225 -3.51 -3.65 42.30
CA VAL G 225 -2.94 -4.21 43.53
C VAL G 225 -4.07 -4.77 44.38
N THR G 226 -4.18 -6.09 44.43
CA THR G 226 -5.32 -6.76 45.00
C THR G 226 -4.93 -7.59 46.23
N THR G 227 -3.91 -8.44 46.10
CA THR G 227 -3.54 -9.33 47.17
C THR G 227 -2.33 -8.79 47.93
N PRO G 228 -2.08 -9.34 49.14
CA PRO G 228 -0.85 -9.01 49.85
C PRO G 228 0.39 -9.35 49.06
N ALA G 229 0.37 -10.46 48.33
CA ALA G 229 1.49 -10.79 47.45
C ALA G 229 1.71 -9.72 46.38
N ASP G 230 0.61 -9.20 45.80
CA ASP G 230 0.70 -8.10 44.81
C ASP G 230 1.43 -6.89 45.39
N ALA G 231 1.05 -6.50 46.60
CA ALA G 231 1.61 -5.31 47.23
C ALA G 231 3.11 -5.48 47.50
N ALA G 232 3.47 -6.64 48.00
CA ALA G 232 4.87 -6.95 48.26
C ALA G 232 5.69 -7.05 46.96
N LEU G 233 5.08 -7.57 45.91
CA LEU G 233 5.72 -7.62 44.60
C LEU G 233 6.11 -6.23 44.10
N MET G 234 5.20 -5.28 44.24
CA MET G 234 5.49 -3.93 43.78
C MET G 234 6.68 -3.35 44.53
N MET G 235 6.76 -3.64 45.82
CA MET G 235 7.92 -3.22 46.61
C MET G 235 9.18 -3.93 46.16
N HIS G 236 9.08 -5.23 45.88
CA HIS G 236 10.19 -5.99 45.31
C HIS G 236 10.70 -5.35 44.02
N LEU G 237 9.79 -4.84 43.19
CA LEU G 237 10.13 -4.20 41.92
C LEU G 237 10.60 -2.75 42.07
N GLY G 238 10.69 -2.24 43.29
CA GLY G 238 11.32 -0.94 43.54
C GLY G 238 10.35 0.19 43.79
N ALA G 239 9.07 -0.12 43.99
CA ALA G 239 8.09 0.91 44.36
C ALA G 239 8.42 1.46 45.74
N ASP G 240 8.02 2.70 45.98
CA ASP G 240 8.18 3.31 47.31
C ASP G 240 6.96 3.09 48.17
N GLY G 241 5.91 2.50 47.61
CA GLY G 241 4.66 2.27 48.32
C GLY G 241 3.59 1.88 47.33
N VAL G 242 2.34 1.71 47.80
CA VAL G 242 1.26 1.32 46.90
C VAL G 242 -0.04 2.07 47.18
N PHE G 243 -0.82 2.29 46.12
CA PHE G 243 -2.19 2.75 46.21
C PHE G 243 -3.06 1.52 46.06
N VAL G 244 -4.14 1.47 46.83
CA VAL G 244 -5.13 0.41 46.71
C VAL G 244 -6.51 1.04 46.62
N GLY G 245 -7.39 0.41 45.85
CA GLY G 245 -8.72 0.93 45.57
C GLY G 245 -9.83 0.40 46.48
N SER G 246 -11.06 0.68 46.08
CA SER G 246 -12.24 0.39 46.89
C SER G 246 -12.54 -1.09 47.09
N GLY G 247 -11.92 -1.95 46.28
CA GLY G 247 -12.03 -3.40 46.44
C GLY G 247 -11.92 -3.89 47.87
N ILE G 248 -11.03 -3.26 48.64
CA ILE G 248 -10.88 -3.58 50.06
C ILE G 248 -12.21 -3.60 50.80
N PHE G 249 -13.06 -2.61 50.56
CA PHE G 249 -14.30 -2.44 51.31
C PHE G 249 -15.46 -3.28 50.77
N LYS G 250 -15.22 -3.97 49.66
CA LYS G 250 -16.17 -4.95 49.16
C LYS G 250 -15.88 -6.36 49.67
N SER G 251 -14.83 -6.52 50.46
CA SER G 251 -14.52 -7.82 51.07
C SER G 251 -15.40 -8.08 52.29
N GLU G 252 -15.34 -9.30 52.80
CA GLU G 252 -16.14 -9.68 53.97
C GLU G 252 -15.62 -9.02 55.24
N ASN G 253 -14.30 -8.84 55.33
CA ASN G 253 -13.65 -8.23 56.48
C ASN G 253 -12.63 -7.16 56.03
N PRO G 254 -13.12 -5.96 55.69
CA PRO G 254 -12.27 -4.87 55.19
C PRO G 254 -11.07 -4.52 56.08
N GLU G 255 -11.28 -4.43 57.38
CA GLU G 255 -10.19 -4.05 58.29
C GLU G 255 -9.08 -5.09 58.28
N LYS G 256 -9.43 -6.37 58.22
CA LYS G 256 -8.44 -7.44 58.16
C LYS G 256 -7.69 -7.39 56.82
N TYR G 257 -8.43 -7.15 55.75
CA TYR G 257 -7.88 -7.10 54.41
C TYR G 257 -6.92 -5.90 54.26
N ALA G 258 -7.39 -4.73 54.65
CA ALA G 258 -6.57 -3.53 54.62
C ALA G 258 -5.29 -3.75 55.40
N ARG G 259 -5.46 -4.32 56.59
CA ARG G 259 -4.35 -4.66 57.47
C ARG G 259 -3.32 -5.56 56.78
N ALA G 260 -3.79 -6.60 56.09
CA ALA G 260 -2.92 -7.54 55.42
C ALA G 260 -2.08 -6.84 54.35
N ILE G 261 -2.71 -5.92 53.61
CA ILE G 261 -2.01 -5.16 52.58
C ILE G 261 -0.94 -4.27 53.23
N VAL G 262 -1.31 -3.59 54.30
CA VAL G 262 -0.38 -2.72 55.01
C VAL G 262 0.85 -3.48 55.50
N GLU G 263 0.62 -4.64 56.11
CA GLU G 263 1.73 -5.41 56.67
C GLU G 263 2.59 -6.03 55.58
N ALA G 264 1.96 -6.51 54.51
CA ALA G 264 2.70 -7.05 53.38
C ALA G 264 3.58 -5.99 52.72
N THR G 265 3.07 -4.78 52.62
CA THR G 265 3.81 -3.68 51.98
C THR G 265 5.01 -3.29 52.85
N THR G 266 4.80 -3.26 54.14
CA THR G 266 5.89 -2.91 55.07
C THR G 266 6.93 -4.01 55.15
N HIS G 267 6.48 -5.24 55.31
CA HIS G 267 7.36 -6.39 55.46
C HIS G 267 7.38 -7.22 54.18
N TYR G 268 7.78 -6.56 53.10
CA TYR G 268 7.62 -7.13 51.76
C TYR G 268 8.55 -8.30 51.44
N GLU G 269 9.57 -8.54 52.27
CA GLU G 269 10.44 -9.72 52.11
C GLU G 269 10.19 -10.82 53.16
N ASP G 270 9.16 -10.65 53.99
CA ASP G 270 8.83 -11.65 55.01
C ASP G 270 7.77 -12.61 54.47
N TYR G 271 8.23 -13.62 53.75
CA TYR G 271 7.32 -14.45 52.95
C TYR G 271 6.44 -15.34 53.82
N GLU G 272 6.96 -15.76 54.97
CA GLU G 272 6.14 -16.52 55.93
C GLU G 272 4.97 -15.70 56.45
N LEU G 273 5.24 -14.45 56.79
CA LEU G 273 4.18 -13.54 57.18
C LEU G 273 3.18 -13.31 56.04
N ILE G 274 3.70 -13.03 54.84
CA ILE G 274 2.83 -12.78 53.70
C ILE G 274 1.95 -14.01 53.42
N ALA G 275 2.56 -15.19 53.51
CA ALA G 275 1.80 -16.44 53.33
C ALA G 275 0.66 -16.56 54.34
N HIS G 276 0.99 -16.27 55.60
CA HIS G 276 -0.01 -16.29 56.66
C HIS G 276 -1.10 -15.26 56.41
N LEU G 277 -0.71 -14.04 56.04
CA LEU G 277 -1.66 -12.97 55.77
C LEU G 277 -2.58 -13.28 54.59
N SER G 278 -2.14 -14.13 53.67
CA SER G 278 -2.93 -14.46 52.49
C SER G 278 -4.06 -15.47 52.78
N LYS G 279 -3.99 -16.17 53.90
CA LYS G 279 -4.96 -17.25 54.20
C LYS G 279 -6.40 -16.75 54.34
N GLY G 280 -6.61 -15.74 55.19
CA GLY G 280 -7.93 -15.17 55.40
C GLY G 280 -8.71 -14.78 54.15
N LEU G 281 -8.22 -13.76 53.46
CA LEU G 281 -8.94 -13.14 52.34
C LEU G 281 -10.07 -13.98 51.73
N GLU H 25 -38.32 -23.85 -32.11
CA GLU H 25 -38.13 -22.65 -31.24
C GLU H 25 -39.43 -22.24 -30.56
N MET H 26 -39.32 -21.47 -29.49
CA MET H 26 -40.47 -21.04 -28.71
C MET H 26 -41.23 -19.89 -29.39
N GLN H 27 -42.56 -19.84 -29.20
CA GLN H 27 -43.34 -18.71 -29.67
C GLN H 27 -42.73 -17.50 -29.04
N LYS H 28 -41.81 -16.91 -29.76
CA LYS H 28 -41.45 -15.55 -29.48
C LYS H 28 -42.71 -14.78 -29.08
N GLY H 29 -42.55 -13.77 -28.22
CA GLY H 29 -43.66 -13.02 -27.62
C GLY H 29 -44.30 -13.69 -26.40
N GLY H 30 -43.86 -14.90 -26.07
CA GLY H 30 -44.56 -15.71 -25.09
C GLY H 30 -44.14 -15.51 -23.64
N VAL H 31 -44.95 -16.07 -22.75
CA VAL H 31 -44.68 -16.03 -21.33
C VAL H 31 -44.56 -17.46 -20.83
N ILE H 32 -43.51 -17.72 -20.07
CA ILE H 32 -43.32 -19.02 -19.43
C ILE H 32 -43.53 -18.85 -17.94
N MET H 33 -44.34 -19.73 -17.33
CA MET H 33 -44.78 -19.54 -15.95
C MET H 33 -44.35 -20.69 -15.05
N ASP H 34 -43.88 -20.33 -13.86
CA ASP H 34 -43.56 -21.30 -12.82
C ASP H 34 -44.83 -21.85 -12.21
N VAL H 35 -44.93 -23.18 -12.14
CA VAL H 35 -46.08 -23.83 -11.52
C VAL H 35 -45.61 -24.96 -10.60
N VAL H 36 -46.29 -25.14 -9.48
CA VAL H 36 -45.93 -26.21 -8.52
C VAL H 36 -46.87 -27.42 -8.55
N ASN H 37 -47.97 -27.33 -9.30
CA ASN H 37 -48.92 -28.43 -9.38
C ASN H 37 -49.81 -28.34 -10.63
N ALA H 38 -50.66 -29.35 -10.79
CA ALA H 38 -51.55 -29.46 -11.96
C ALA H 38 -52.55 -28.30 -12.06
N GLU H 39 -53.08 -27.87 -10.92
CA GLU H 39 -54.03 -26.77 -10.87
C GLU H 39 -53.40 -25.51 -11.44
N GLN H 40 -52.23 -25.14 -10.93
CA GLN H 40 -51.51 -23.95 -11.41
C GLN H 40 -51.15 -24.05 -12.90
N ALA H 41 -50.73 -25.25 -13.30
CA ALA H 41 -50.39 -25.50 -14.68
C ALA H 41 -51.55 -25.26 -15.62
N LYS H 42 -52.74 -25.72 -15.24
CA LYS H 42 -53.94 -25.53 -16.06
C LYS H 42 -54.30 -24.05 -16.18
N ILE H 43 -54.22 -23.33 -15.06
CA ILE H 43 -54.46 -21.89 -15.06
C ILE H 43 -53.49 -21.18 -16.01
N ALA H 44 -52.21 -21.56 -15.94
CA ALA H 44 -51.19 -20.97 -16.81
C ALA H 44 -51.50 -21.21 -18.27
N GLU H 45 -51.85 -22.45 -18.59
CA GLU H 45 -52.27 -22.81 -19.95
C GLU H 45 -53.48 -22.00 -20.37
N ALA H 46 -54.48 -21.93 -19.50
CA ALA H 46 -55.71 -21.20 -19.80
C ALA H 46 -55.45 -19.70 -20.01
N ALA H 47 -54.51 -19.13 -19.25
CA ALA H 47 -54.16 -17.72 -19.39
C ALA H 47 -53.39 -17.39 -20.68
N GLY H 48 -52.85 -18.41 -21.34
CA GLY H 48 -52.16 -18.22 -22.62
C GLY H 48 -50.65 -18.37 -22.57
N ALA H 49 -50.12 -18.92 -21.48
CA ALA H 49 -48.69 -19.22 -21.39
C ALA H 49 -48.25 -20.12 -22.54
N VAL H 50 -47.04 -19.88 -23.07
CA VAL H 50 -46.50 -20.74 -24.12
C VAL H 50 -45.86 -22.00 -23.56
N ALA H 51 -45.54 -21.98 -22.28
CA ALA H 51 -44.99 -23.15 -21.62
C ALA H 51 -45.06 -22.96 -20.13
N VAL H 52 -44.87 -24.04 -19.39
CA VAL H 52 -44.80 -23.96 -17.94
C VAL H 52 -43.51 -24.57 -17.44
N MET H 53 -43.09 -24.07 -16.27
CA MET H 53 -41.86 -24.49 -15.62
C MET H 53 -42.29 -25.17 -14.34
N ALA H 54 -42.10 -26.49 -14.28
CA ALA H 54 -42.55 -27.27 -13.15
C ALA H 54 -41.54 -27.16 -12.00
N LEU H 55 -42.03 -26.80 -10.81
CA LEU H 55 -41.18 -26.67 -9.62
C LEU H 55 -41.73 -27.44 -8.43
N GLU H 56 -40.85 -27.73 -7.47
CA GLU H 56 -41.26 -28.28 -6.19
C GLU H 56 -41.48 -27.15 -5.20
N GLY H 67 -30.82 -23.76 2.50
CA GLY H 67 -30.81 -25.18 2.22
C GLY H 67 -30.43 -25.47 0.77
N VAL H 68 -30.28 -26.74 0.43
CA VAL H 68 -29.86 -27.15 -0.92
C VAL H 68 -31.07 -27.36 -1.84
N ALA H 69 -31.09 -26.67 -2.98
CA ALA H 69 -32.18 -26.78 -3.94
C ALA H 69 -31.76 -27.67 -5.10
N ARG H 70 -32.52 -28.74 -5.33
CA ARG H 70 -32.19 -29.77 -6.32
C ARG H 70 -33.29 -29.91 -7.36
N MET H 71 -33.06 -30.79 -8.33
CA MET H 71 -34.09 -31.21 -9.26
C MET H 71 -35.35 -31.61 -8.47
N ALA H 72 -36.51 -31.27 -9.01
CA ALA H 72 -37.78 -31.61 -8.35
C ALA H 72 -38.06 -33.10 -8.42
N ASP H 73 -38.84 -33.59 -7.46
CA ASP H 73 -39.34 -34.96 -7.46
C ASP H 73 -40.02 -35.23 -8.81
N PRO H 74 -39.61 -36.31 -9.50
CA PRO H 74 -40.23 -36.67 -10.77
C PRO H 74 -41.76 -36.74 -10.74
N THR H 75 -42.32 -37.15 -9.60
CA THR H 75 -43.76 -37.24 -9.43
C THR H 75 -44.44 -35.90 -9.71
N VAL H 76 -43.86 -34.83 -9.17
CA VAL H 76 -44.40 -33.49 -9.35
C VAL H 76 -44.34 -33.06 -10.81
N ILE H 77 -43.25 -33.43 -11.48
CA ILE H 77 -43.05 -33.08 -12.87
C ILE H 77 -44.05 -33.81 -13.76
N GLU H 78 -44.26 -35.10 -13.47
CA GLU H 78 -45.23 -35.89 -14.21
C GLU H 78 -46.66 -35.37 -14.01
N GLU H 79 -46.98 -34.97 -12.79
CA GLU H 79 -48.27 -34.36 -12.50
C GLU H 79 -48.51 -33.16 -13.42
N VAL H 80 -47.50 -32.32 -13.59
CA VAL H 80 -47.61 -31.14 -14.45
C VAL H 80 -47.67 -31.52 -15.92
N MET H 81 -46.86 -32.49 -16.32
CA MET H 81 -46.86 -32.96 -17.71
C MET H 81 -48.23 -33.49 -18.15
N ASN H 82 -48.87 -34.24 -17.26
CA ASN H 82 -50.18 -34.81 -17.53
C ASN H 82 -51.31 -33.79 -17.53
N ALA H 83 -51.09 -32.65 -16.87
CA ALA H 83 -52.15 -31.66 -16.70
C ALA H 83 -52.34 -30.70 -17.88
N VAL H 84 -51.37 -30.61 -18.78
CA VAL H 84 -51.41 -29.62 -19.86
C VAL H 84 -50.87 -30.15 -21.18
N SER H 85 -51.22 -29.47 -22.26
CA SER H 85 -50.77 -29.81 -23.61
C SER H 85 -49.62 -28.95 -24.11
N ILE H 86 -49.42 -27.80 -23.48
CA ILE H 86 -48.27 -26.95 -23.81
C ILE H 86 -46.97 -27.56 -23.28
N PRO H 87 -45.83 -27.15 -23.85
CA PRO H 87 -44.54 -27.65 -23.38
C PRO H 87 -44.32 -27.47 -21.88
N VAL H 88 -43.68 -28.46 -21.27
CA VAL H 88 -43.31 -28.42 -19.86
C VAL H 88 -41.79 -28.42 -19.70
N MET H 89 -41.29 -27.45 -18.92
CA MET H 89 -39.88 -27.33 -18.61
C MET H 89 -39.67 -27.73 -17.16
N ALA H 90 -38.44 -28.14 -16.85
CA ALA H 90 -38.05 -28.36 -15.46
C ALA H 90 -36.57 -28.08 -15.27
N LYS H 91 -36.22 -27.73 -14.04
CA LYS H 91 -34.90 -27.23 -13.71
C LYS H 91 -33.97 -28.33 -13.20
N VAL H 92 -32.69 -28.23 -13.56
CA VAL H 92 -31.63 -29.01 -12.94
C VAL H 92 -30.52 -28.08 -12.44
N ARG H 93 -29.71 -28.61 -11.52
CA ARG H 93 -28.57 -27.86 -11.00
C ARG H 93 -27.51 -27.76 -12.07
N ILE H 94 -26.78 -26.64 -12.09
CA ILE H 94 -25.73 -26.42 -13.07
C ILE H 94 -24.71 -27.54 -12.97
N GLY H 95 -24.40 -28.15 -14.10
CA GLY H 95 -23.42 -29.22 -14.16
C GLY H 95 -23.92 -30.60 -13.78
N HIS H 96 -25.17 -30.71 -13.35
CA HIS H 96 -25.68 -31.99 -12.88
C HIS H 96 -26.18 -32.85 -14.04
N TYR H 97 -25.23 -33.46 -14.72
CA TYR H 97 -25.48 -34.29 -15.91
C TYR H 97 -26.57 -35.35 -15.69
N VAL H 98 -26.56 -36.00 -14.54
CA VAL H 98 -27.51 -37.08 -14.27
C VAL H 98 -28.91 -36.58 -13.99
N GLU H 99 -29.05 -35.50 -13.23
CA GLU H 99 -30.37 -34.87 -13.06
C GLU H 99 -30.98 -34.60 -14.42
N ALA H 100 -30.18 -34.09 -15.35
CA ALA H 100 -30.64 -33.80 -16.68
C ALA H 100 -31.08 -35.07 -17.43
N ARG H 101 -30.28 -36.12 -17.32
CA ARG H 101 -30.64 -37.39 -17.95
C ARG H 101 -31.92 -37.98 -17.37
N VAL H 102 -32.15 -37.77 -16.08
CA VAL H 102 -33.37 -38.19 -15.42
C VAL H 102 -34.57 -37.47 -16.04
N LEU H 103 -34.48 -36.15 -16.13
CA LEU H 103 -35.56 -35.36 -16.70
C LEU H 103 -35.80 -35.75 -18.15
N GLU H 104 -34.73 -36.02 -18.88
CA GLU H 104 -34.84 -36.48 -20.26
C GLU H 104 -35.64 -37.77 -20.30
N ALA H 105 -35.31 -38.71 -19.41
CA ALA H 105 -36.01 -39.99 -19.36
C ALA H 105 -37.48 -39.84 -18.96
N LEU H 106 -37.80 -38.84 -18.15
CA LEU H 106 -39.18 -38.56 -17.77
C LEU H 106 -40.03 -38.03 -18.92
N GLY H 107 -39.40 -37.56 -20.00
CA GLY H 107 -40.15 -37.05 -21.15
C GLY H 107 -40.45 -35.57 -21.10
N VAL H 108 -39.78 -34.85 -20.21
CA VAL H 108 -39.81 -33.39 -20.16
C VAL H 108 -39.54 -32.78 -21.54
N ASP H 109 -40.15 -31.64 -21.84
CA ASP H 109 -39.96 -31.00 -23.14
C ASP H 109 -38.71 -30.10 -23.21
N TYR H 110 -38.38 -29.43 -22.10
CA TYR H 110 -37.15 -28.63 -22.01
C TYR H 110 -36.53 -28.81 -20.65
N ILE H 111 -35.20 -28.80 -20.62
CA ILE H 111 -34.48 -28.77 -19.36
C ILE H 111 -33.87 -27.39 -19.16
N ASP H 112 -34.07 -26.84 -17.97
CA ASP H 112 -33.50 -25.56 -17.62
C ASP H 112 -32.33 -25.78 -16.67
N GLU H 113 -31.11 -25.62 -17.19
CA GLU H 113 -29.89 -25.69 -16.36
C GLU H 113 -29.82 -24.36 -15.62
N SER H 114 -30.23 -24.39 -14.35
CA SER H 114 -30.66 -23.18 -13.67
C SER H 114 -29.74 -22.73 -12.56
N GLU H 115 -29.40 -21.45 -12.59
CA GLU H 115 -28.57 -20.84 -11.55
C GLU H 115 -29.30 -20.58 -10.23
N VAL H 116 -30.64 -20.67 -10.22
CA VAL H 116 -31.38 -20.49 -8.96
C VAL H 116 -31.36 -21.75 -8.12
N LEU H 117 -31.12 -22.90 -8.75
CA LEU H 117 -30.85 -24.11 -7.98
C LEU H 117 -29.41 -24.04 -7.51
N THR H 118 -29.04 -24.89 -6.56
CA THR H 118 -27.70 -24.89 -6.00
C THR H 118 -26.74 -25.54 -6.97
N PRO H 119 -25.77 -24.78 -7.52
CA PRO H 119 -24.89 -25.37 -8.51
C PRO H 119 -24.22 -26.67 -8.03
N ALA H 120 -24.19 -27.67 -8.90
CA ALA H 120 -23.49 -28.92 -8.63
C ALA H 120 -22.04 -28.88 -9.12
N ASP H 121 -21.77 -28.02 -10.09
CA ASP H 121 -20.42 -27.85 -10.63
C ASP H 121 -20.16 -26.36 -10.82
N GLU H 122 -19.18 -25.82 -10.10
CA GLU H 122 -18.82 -24.40 -10.18
C GLU H 122 -18.05 -24.02 -11.46
N GLU H 123 -17.50 -25.00 -12.16
CA GLU H 123 -16.62 -24.74 -13.30
C GLU H 123 -17.14 -25.17 -14.67
N PHE H 124 -17.88 -26.27 -14.71
CA PHE H 124 -18.26 -26.86 -15.99
C PHE H 124 -19.76 -27.05 -16.04
N HIS H 125 -20.39 -26.49 -17.06
CA HIS H 125 -21.80 -26.73 -17.31
C HIS H 125 -21.97 -28.05 -18.05
N ILE H 126 -23.19 -28.53 -18.08
CA ILE H 126 -23.54 -29.77 -18.77
C ILE H 126 -23.19 -29.66 -20.25
N ASP H 127 -22.64 -30.72 -20.82
CA ASP H 127 -22.46 -30.80 -22.26
C ASP H 127 -23.79 -31.17 -22.91
N LYS H 128 -24.56 -30.14 -23.22
CA LYS H 128 -25.94 -30.30 -23.66
C LYS H 128 -26.05 -30.84 -25.09
N ARG H 129 -24.95 -30.83 -25.83
CA ARG H 129 -24.93 -31.42 -27.17
C ARG H 129 -25.22 -32.93 -27.16
N GLN H 130 -24.97 -33.59 -26.03
CA GLN H 130 -25.14 -35.03 -25.93
C GLN H 130 -26.58 -35.45 -25.62
N PHE H 131 -27.52 -34.49 -25.60
CA PHE H 131 -28.88 -34.76 -25.20
C PHE H 131 -29.86 -34.60 -26.36
N THR H 132 -30.98 -35.32 -26.26
CA THR H 132 -32.07 -35.23 -27.22
C THR H 132 -32.94 -34.03 -26.90
N VAL H 133 -33.28 -33.87 -25.63
CA VAL H 133 -34.12 -32.77 -25.19
C VAL H 133 -33.37 -31.42 -25.22
N PRO H 134 -34.05 -30.35 -25.64
CA PRO H 134 -33.37 -29.06 -25.67
C PRO H 134 -33.22 -28.42 -24.30
N PHE H 135 -32.16 -27.62 -24.14
CA PHE H 135 -31.90 -26.90 -22.89
C PHE H 135 -32.13 -25.41 -23.03
N VAL H 136 -32.60 -24.80 -21.95
CA VAL H 136 -32.49 -23.37 -21.77
C VAL H 136 -31.40 -23.13 -20.70
N CYS H 137 -30.58 -22.10 -20.93
CA CYS H 137 -29.54 -21.70 -19.98
C CYS H 137 -29.64 -20.21 -19.71
N GLY H 138 -29.11 -19.81 -18.56
CA GLY H 138 -29.04 -18.40 -18.18
C GLY H 138 -27.81 -17.72 -18.73
N CYS H 139 -27.86 -16.40 -18.88
CA CYS H 139 -26.70 -15.62 -19.24
C CYS H 139 -26.86 -14.20 -18.75
N ARG H 140 -25.72 -13.54 -18.50
CA ARG H 140 -25.70 -12.14 -18.05
C ARG H 140 -25.03 -11.21 -19.06
N ASP H 141 -24.33 -11.77 -20.02
CA ASP H 141 -23.65 -11.00 -21.06
C ASP H 141 -23.41 -11.90 -22.27
N LEU H 142 -22.89 -11.33 -23.34
CA LEU H 142 -22.77 -12.07 -24.59
C LEU H 142 -21.74 -13.19 -24.50
N GLY H 143 -20.70 -13.00 -23.72
CA GLY H 143 -19.70 -14.03 -23.50
C GLY H 143 -20.30 -15.29 -22.92
N GLU H 144 -21.08 -15.13 -21.86
CA GLU H 144 -21.81 -16.24 -21.25
C GLU H 144 -22.79 -16.86 -22.22
N ALA H 145 -23.51 -16.02 -22.93
CA ALA H 145 -24.49 -16.51 -23.91
C ALA H 145 -23.82 -17.41 -24.93
N ALA H 146 -22.66 -16.97 -25.42
CA ALA H 146 -21.95 -17.68 -26.47
C ALA H 146 -21.34 -18.98 -25.96
N ARG H 147 -20.90 -18.98 -24.71
CA ARG H 147 -20.38 -20.20 -24.10
C ARG H 147 -21.50 -21.24 -23.90
N ARG H 148 -22.66 -20.78 -23.42
CA ARG H 148 -23.82 -21.66 -23.27
C ARG H 148 -24.24 -22.27 -24.62
N ILE H 149 -24.23 -21.45 -25.67
CA ILE H 149 -24.54 -21.93 -27.01
C ILE H 149 -23.53 -22.98 -27.48
N ALA H 150 -22.24 -22.73 -27.24
CA ALA H 150 -21.21 -23.68 -27.64
C ALA H 150 -21.32 -25.02 -26.87
N GLU H 151 -21.88 -24.97 -25.67
CA GLU H 151 -22.16 -26.20 -24.90
C GLU H 151 -23.43 -26.92 -25.37
N GLY H 152 -24.18 -26.30 -26.28
CA GLY H 152 -25.35 -26.92 -26.90
C GLY H 152 -26.70 -26.39 -26.45
N ALA H 153 -26.72 -25.25 -25.75
CA ALA H 153 -27.98 -24.63 -25.34
C ALA H 153 -28.87 -24.35 -26.55
N SER H 154 -30.15 -24.65 -26.43
CA SER H 154 -31.11 -24.38 -27.51
C SER H 154 -31.91 -23.08 -27.28
N MET H 155 -31.79 -22.51 -26.10
CA MET H 155 -32.54 -21.32 -25.73
C MET H 155 -31.81 -20.60 -24.60
N LEU H 156 -31.97 -19.29 -24.53
CA LEU H 156 -31.36 -18.52 -23.47
C LEU H 156 -32.35 -17.77 -22.63
N ARG H 157 -31.95 -17.55 -21.39
CA ARG H 157 -32.68 -16.77 -20.42
C ARG H 157 -31.70 -15.72 -19.91
N THR H 158 -31.93 -14.45 -20.28
CA THR H 158 -31.05 -13.38 -19.86
C THR H 158 -31.57 -12.87 -18.52
N LYS H 159 -30.78 -13.08 -17.47
CA LYS H 159 -31.27 -12.84 -16.13
C LYS H 159 -30.18 -12.50 -15.13
N GLY H 160 -30.49 -11.55 -14.24
CA GLY H 160 -29.63 -11.25 -13.11
C GLY H 160 -30.00 -12.03 -11.87
N GLU H 161 -30.23 -11.33 -10.76
CA GLU H 161 -30.63 -11.96 -9.49
C GLU H 161 -32.13 -12.29 -9.48
N PRO H 162 -32.50 -13.45 -8.89
CA PRO H 162 -33.89 -13.91 -8.80
C PRO H 162 -34.59 -13.56 -7.49
N GLY H 163 -35.91 -13.59 -7.52
CA GLY H 163 -36.72 -13.45 -6.30
C GLY H 163 -36.84 -12.06 -5.67
N THR H 164 -36.36 -11.03 -6.36
CA THR H 164 -36.34 -9.66 -5.81
C THR H 164 -37.60 -8.87 -6.13
N GLY H 165 -38.34 -9.28 -7.15
CA GLY H 165 -39.42 -8.47 -7.71
C GLY H 165 -38.91 -7.20 -8.40
N ASN H 166 -37.60 -7.10 -8.57
CA ASN H 166 -36.99 -5.88 -9.10
C ASN H 166 -36.51 -6.12 -10.52
N ILE H 167 -37.09 -5.39 -11.45
CA ILE H 167 -36.85 -5.62 -12.87
C ILE H 167 -35.43 -5.20 -13.32
N VAL H 168 -34.70 -4.47 -12.46
CA VAL H 168 -33.39 -3.94 -12.83
C VAL H 168 -32.41 -5.05 -13.22
N GLU H 169 -32.60 -6.21 -12.63
CA GLU H 169 -31.77 -7.37 -12.88
C GLU H 169 -31.88 -7.78 -14.34
N ALA H 170 -33.12 -8.02 -14.77
CA ALA H 170 -33.42 -8.33 -16.15
C ALA H 170 -32.95 -7.23 -17.11
N VAL H 171 -33.25 -5.98 -16.78
CA VAL H 171 -32.95 -4.84 -17.66
C VAL H 171 -31.45 -4.68 -17.90
N ARG H 172 -30.67 -4.67 -16.82
CA ARG H 172 -29.21 -4.55 -16.90
C ARG H 172 -28.64 -5.55 -17.91
N HIS H 173 -29.06 -6.79 -17.81
CA HIS H 173 -28.47 -7.84 -18.62
C HIS H 173 -29.03 -7.92 -20.03
N MET H 174 -30.32 -7.62 -20.21
CA MET H 174 -30.87 -7.57 -21.55
C MET H 174 -30.23 -6.39 -22.31
N ARG H 175 -30.06 -5.26 -21.64
CA ARG H 175 -29.37 -4.12 -22.27
C ARG H 175 -27.93 -4.45 -22.65
N LYS H 176 -27.23 -5.16 -21.77
CA LYS H 176 -25.85 -5.55 -22.01
C LYS H 176 -25.75 -6.53 -23.19
N VAL H 177 -26.51 -7.60 -23.13
CA VAL H 177 -26.46 -8.64 -24.16
C VAL H 177 -26.80 -8.06 -25.53
N ASN H 178 -27.87 -7.28 -25.60
CA ASN H 178 -28.32 -6.73 -26.88
C ASN H 178 -27.41 -5.63 -27.40
N ALA H 179 -26.86 -4.82 -26.51
CA ALA H 179 -25.87 -3.81 -26.93
C ALA H 179 -24.65 -4.50 -27.51
N GLN H 180 -24.19 -5.57 -26.86
CA GLN H 180 -23.03 -6.33 -27.34
C GLN H 180 -23.33 -7.01 -28.68
N ILE H 181 -24.55 -7.50 -28.85
CA ILE H 181 -24.94 -8.09 -30.13
C ILE H 181 -24.91 -7.05 -31.24
N ARG H 182 -25.52 -5.89 -31.01
CA ARG H 182 -25.52 -4.82 -32.01
C ARG H 182 -24.11 -4.44 -32.42
N LYS H 183 -23.20 -4.38 -31.45
CA LYS H 183 -21.80 -4.06 -31.72
C LYS H 183 -21.21 -5.11 -32.65
N VAL H 184 -21.40 -6.39 -32.31
CA VAL H 184 -20.88 -7.50 -33.11
C VAL H 184 -21.45 -7.54 -34.51
N VAL H 185 -22.76 -7.32 -34.63
CA VAL H 185 -23.44 -7.33 -35.92
C VAL H 185 -22.85 -6.31 -36.89
N ASN H 186 -22.50 -5.13 -36.39
CA ASN H 186 -22.03 -4.05 -37.23
C ASN H 186 -20.50 -3.90 -37.28
N MET H 187 -19.76 -4.69 -36.51
CA MET H 187 -18.32 -4.47 -36.45
C MET H 187 -17.57 -5.07 -37.65
N SER H 188 -16.39 -4.53 -37.89
CA SER H 188 -15.54 -4.99 -38.95
C SER H 188 -15.22 -6.47 -38.77
N GLU H 189 -15.41 -7.26 -39.82
CA GLU H 189 -15.25 -8.72 -39.77
C GLU H 189 -13.89 -9.15 -39.19
N ASP H 190 -12.84 -8.43 -39.54
CA ASP H 190 -11.50 -8.79 -39.09
C ASP H 190 -11.23 -8.50 -37.61
N GLU H 191 -12.18 -7.87 -36.92
CA GLU H 191 -12.03 -7.57 -35.50
C GLU H 191 -12.70 -8.58 -34.58
N LEU H 192 -13.38 -9.58 -35.15
CA LEU H 192 -14.18 -10.51 -34.37
C LEU H 192 -13.39 -11.47 -33.48
N VAL H 193 -12.23 -11.92 -33.97
CA VAL H 193 -11.41 -12.84 -33.19
C VAL H 193 -10.96 -12.15 -31.90
N ALA H 194 -10.52 -10.90 -32.01
CA ALA H 194 -10.12 -10.14 -30.84
C ALA H 194 -11.33 -9.85 -29.93
N GLU H 195 -12.49 -9.56 -30.53
CA GLU H 195 -13.70 -9.32 -29.76
C GLU H 195 -14.06 -10.56 -28.97
N ALA H 196 -13.95 -11.72 -29.61
CA ALA H 196 -14.23 -12.98 -28.96
C ALA H 196 -13.31 -13.20 -27.78
N LYS H 197 -12.02 -12.93 -27.96
CA LYS H 197 -11.06 -13.07 -26.86
C LYS H 197 -11.46 -12.18 -25.67
N GLN H 198 -11.82 -10.95 -25.97
CA GLN H 198 -12.15 -9.98 -24.94
C GLN H 198 -13.42 -10.36 -24.19
N LEU H 199 -14.43 -10.88 -24.91
CA LEU H 199 -15.69 -11.32 -24.31
C LEU H 199 -15.63 -12.69 -23.63
N GLY H 200 -14.61 -13.47 -23.94
CA GLY H 200 -14.56 -14.87 -23.52
C GLY H 200 -15.53 -15.74 -24.31
N ALA H 201 -15.82 -15.33 -25.54
CA ALA H 201 -16.78 -16.03 -26.40
C ALA H 201 -16.07 -16.89 -27.44
N PRO H 202 -16.72 -17.97 -27.87
CA PRO H 202 -16.28 -18.69 -29.08
C PRO H 202 -16.53 -17.86 -30.34
N VAL H 203 -15.49 -17.65 -31.13
CA VAL H 203 -15.58 -16.78 -32.30
C VAL H 203 -16.63 -17.26 -33.31
N GLU H 204 -16.77 -18.58 -33.50
CA GLU H 204 -17.76 -19.10 -34.46
C GLU H 204 -19.19 -18.72 -34.07
N VAL H 205 -19.46 -18.58 -32.78
CA VAL H 205 -20.78 -18.11 -32.35
C VAL H 205 -20.93 -16.63 -32.70
N LEU H 206 -19.88 -15.83 -32.49
CA LEU H 206 -19.93 -14.43 -32.88
C LEU H 206 -20.13 -14.28 -34.39
N ARG H 207 -19.43 -15.12 -35.15
CA ARG H 207 -19.57 -15.09 -36.60
C ARG H 207 -21.00 -15.41 -37.02
N GLU H 208 -21.58 -16.42 -36.38
CA GLU H 208 -22.98 -16.77 -36.62
C GLU H 208 -23.92 -15.61 -36.24
N ILE H 209 -23.65 -14.95 -35.11
CA ILE H 209 -24.45 -13.80 -34.69
C ILE H 209 -24.39 -12.69 -35.73
N LYS H 210 -23.20 -12.39 -36.22
CA LYS H 210 -23.02 -11.35 -37.24
C LYS H 210 -23.76 -11.72 -38.53
N ARG H 211 -23.72 -12.99 -38.88
CA ARG H 211 -24.40 -13.49 -40.07
C ARG H 211 -25.93 -13.34 -39.96
N LEU H 212 -26.49 -13.75 -38.82
CA LEU H 212 -27.95 -13.67 -38.62
C LEU H 212 -28.47 -12.29 -38.24
N GLY H 213 -27.61 -11.43 -37.71
CA GLY H 213 -28.05 -10.15 -37.15
C GLY H 213 -28.68 -10.28 -35.78
N ARG H 214 -28.56 -11.46 -35.15
CA ARG H 214 -29.12 -11.71 -33.82
C ARG H 214 -28.59 -13.02 -33.28
N LEU H 215 -28.97 -13.37 -32.06
CA LEU H 215 -28.60 -14.68 -31.51
C LEU H 215 -29.25 -15.79 -32.33
N PRO H 216 -28.54 -16.93 -32.49
CA PRO H 216 -29.10 -18.06 -33.23
C PRO H 216 -30.12 -18.85 -32.42
N VAL H 217 -30.35 -18.46 -31.18
CA VAL H 217 -31.41 -19.06 -30.38
C VAL H 217 -32.28 -17.96 -29.82
N VAL H 218 -33.46 -18.37 -29.35
CA VAL H 218 -34.40 -17.50 -28.68
C VAL H 218 -33.81 -17.07 -27.34
N ASN H 219 -34.09 -15.83 -26.94
CA ASN H 219 -33.57 -15.26 -25.69
C ASN H 219 -34.69 -14.54 -24.91
N PHE H 220 -35.13 -15.17 -23.82
CA PHE H 220 -36.21 -14.64 -23.01
C PHE H 220 -35.64 -13.87 -21.82
N ALA H 221 -36.38 -12.89 -21.34
CA ALA H 221 -35.98 -12.16 -20.16
C ALA H 221 -36.52 -12.87 -18.94
N ALA H 222 -35.78 -12.74 -17.84
CA ALA H 222 -36.24 -13.26 -16.57
C ALA H 222 -35.57 -12.50 -15.44
N GLY H 223 -36.24 -12.42 -14.30
CA GLY H 223 -35.70 -11.70 -13.14
C GLY H 223 -36.53 -10.50 -12.75
N GLY H 224 -37.48 -10.73 -11.84
CA GLY H 224 -38.26 -9.63 -11.28
C GLY H 224 -39.38 -9.10 -12.16
N VAL H 225 -39.73 -9.84 -13.21
CA VAL H 225 -40.85 -9.45 -14.07
C VAL H 225 -42.12 -9.63 -13.25
N THR H 226 -42.72 -8.51 -12.86
CA THR H 226 -43.80 -8.51 -11.89
C THR H 226 -45.08 -7.92 -12.49
N THR H 227 -44.99 -6.75 -13.12
CA THR H 227 -46.16 -6.09 -13.66
C THR H 227 -46.28 -6.25 -15.16
N PRO H 228 -47.48 -6.00 -15.70
CA PRO H 228 -47.62 -6.02 -17.16
C PRO H 228 -46.68 -5.05 -17.84
N ALA H 229 -46.47 -3.88 -17.23
CA ALA H 229 -45.52 -2.92 -17.77
C ALA H 229 -44.09 -3.50 -17.80
N ASP H 230 -43.71 -4.24 -16.77
CA ASP H 230 -42.41 -4.92 -16.75
C ASP H 230 -42.22 -5.85 -17.94
N ALA H 231 -43.24 -6.67 -18.19
CA ALA H 231 -43.18 -7.67 -19.25
C ALA H 231 -43.05 -7.00 -20.60
N ALA H 232 -43.86 -5.97 -20.83
CA ALA H 232 -43.80 -5.23 -22.08
C ALA H 232 -42.45 -4.51 -22.24
N LEU H 233 -41.91 -4.00 -21.14
CA LEU H 233 -40.60 -3.33 -21.16
C LEU H 233 -39.53 -4.28 -21.68
N MET H 234 -39.52 -5.51 -21.18
CA MET H 234 -38.52 -6.47 -21.60
C MET H 234 -38.61 -6.70 -23.12
N MET H 235 -39.84 -6.75 -23.65
CA MET H 235 -40.03 -6.88 -25.09
C MET H 235 -39.53 -5.63 -25.81
N HIS H 236 -39.81 -4.47 -25.25
CA HIS H 236 -39.30 -3.22 -25.81
C HIS H 236 -37.77 -3.24 -25.90
N LEU H 237 -37.12 -3.86 -24.91
CA LEU H 237 -35.67 -3.93 -24.86
C LEU H 237 -35.09 -5.04 -25.73
N GLY H 238 -35.94 -5.78 -26.44
CA GLY H 238 -35.50 -6.76 -27.43
C GLY H 238 -35.54 -8.20 -26.96
N ALA H 239 -36.22 -8.48 -25.86
CA ALA H 239 -36.42 -9.87 -25.45
C ALA H 239 -37.32 -10.57 -26.46
N ASP H 240 -37.20 -11.89 -26.54
CA ASP H 240 -38.10 -12.71 -27.37
C ASP H 240 -39.31 -13.17 -26.57
N GLY H 241 -39.33 -12.93 -25.27
CA GLY H 241 -40.39 -13.42 -24.39
C GLY H 241 -39.96 -13.24 -22.95
N VAL H 242 -40.77 -13.72 -22.00
CA VAL H 242 -40.44 -13.58 -20.58
C VAL H 242 -40.77 -14.82 -19.77
N PHE H 243 -39.98 -15.04 -18.73
CA PHE H 243 -40.30 -15.99 -17.67
C PHE H 243 -40.89 -15.20 -16.51
N VAL H 244 -41.88 -15.79 -15.86
CA VAL H 244 -42.48 -15.20 -14.66
C VAL H 244 -42.56 -16.27 -13.58
N GLY H 245 -42.37 -15.86 -12.33
CA GLY H 245 -42.31 -16.78 -11.21
C GLY H 245 -43.63 -17.01 -10.49
N SER H 246 -43.54 -17.62 -9.31
CA SER H 246 -44.71 -18.04 -8.53
C SER H 246 -45.53 -16.87 -7.96
N GLY H 247 -44.97 -15.67 -7.94
CA GLY H 247 -45.69 -14.48 -7.50
C GLY H 247 -47.11 -14.40 -8.05
N ILE H 248 -47.29 -14.81 -9.31
CA ILE H 248 -48.61 -14.84 -9.94
C ILE H 248 -49.67 -15.54 -9.08
N PHE H 249 -49.30 -16.67 -8.50
CA PHE H 249 -50.26 -17.48 -7.75
C PHE H 249 -50.43 -17.07 -6.29
N LYS H 250 -49.65 -16.08 -5.86
CA LYS H 250 -49.86 -15.45 -4.55
C LYS H 250 -50.78 -14.23 -4.63
N SER H 251 -51.23 -13.88 -5.84
CA SER H 251 -52.17 -12.77 -5.99
C SER H 251 -53.60 -13.20 -5.65
N GLU H 252 -54.50 -12.23 -5.58
CA GLU H 252 -55.89 -12.51 -5.26
C GLU H 252 -56.61 -13.22 -6.41
N ASN H 253 -56.24 -12.89 -7.65
CA ASN H 253 -56.84 -13.48 -8.83
C ASN H 253 -55.75 -13.90 -9.84
N PRO H 254 -55.14 -15.07 -9.61
CA PRO H 254 -54.04 -15.56 -10.44
C PRO H 254 -54.34 -15.60 -11.93
N GLU H 255 -55.52 -16.10 -12.30
CA GLU H 255 -55.85 -16.25 -13.71
C GLU H 255 -55.94 -14.91 -14.42
N LYS H 256 -56.45 -13.89 -13.72
CA LYS H 256 -56.50 -12.55 -14.29
C LYS H 256 -55.11 -11.94 -14.40
N TYR H 257 -54.28 -12.18 -13.39
CA TYR H 257 -52.92 -11.66 -13.35
C TYR H 257 -52.06 -12.30 -14.44
N ALA H 258 -52.08 -13.63 -14.51
CA ALA H 258 -51.35 -14.36 -15.55
C ALA H 258 -51.76 -13.88 -16.93
N ARG H 259 -53.06 -13.75 -17.10
CA ARG H 259 -53.65 -13.24 -18.33
C ARG H 259 -53.10 -11.87 -18.71
N ALA H 260 -53.02 -10.96 -17.74
CA ALA H 260 -52.55 -9.60 -17.99
C ALA H 260 -51.10 -9.61 -18.48
N ILE H 261 -50.28 -10.48 -17.88
CA ILE H 261 -48.88 -10.62 -18.28
C ILE H 261 -48.79 -11.14 -19.71
N VAL H 262 -49.56 -12.19 -20.00
CA VAL H 262 -49.61 -12.77 -21.34
C VAL H 262 -49.98 -11.72 -22.38
N GLU H 263 -51.04 -10.96 -22.13
CA GLU H 263 -51.51 -9.99 -23.12
C GLU H 263 -50.52 -8.83 -23.28
N ALA H 264 -49.95 -8.38 -22.16
CA ALA H 264 -48.95 -7.31 -22.20
C ALA H 264 -47.71 -7.71 -22.98
N THR H 265 -47.29 -8.96 -22.80
CA THR H 265 -46.11 -9.47 -23.48
C THR H 265 -46.34 -9.58 -24.98
N THR H 266 -47.53 -10.04 -25.37
CA THR H 266 -47.89 -10.16 -26.79
C THR H 266 -48.09 -8.79 -27.43
N HIS H 267 -48.87 -7.94 -26.77
CA HIS H 267 -49.19 -6.61 -27.29
C HIS H 267 -48.39 -5.56 -26.57
N TYR H 268 -47.07 -5.68 -26.67
CA TYR H 268 -46.16 -4.90 -25.85
C TYR H 268 -46.04 -3.42 -26.24
N GLU H 269 -46.59 -3.04 -27.39
CA GLU H 269 -46.67 -1.62 -27.78
C GLU H 269 -48.07 -1.02 -27.69
N ASP H 270 -49.03 -1.78 -27.16
CA ASP H 270 -50.41 -1.28 -27.00
C ASP H 270 -50.57 -0.73 -25.61
N TYR H 271 -50.22 0.55 -25.44
CA TYR H 271 -50.09 1.13 -24.11
C TYR H 271 -51.46 1.35 -23.45
N GLU H 272 -52.48 1.64 -24.25
CA GLU H 272 -53.85 1.74 -23.71
C GLU H 272 -54.31 0.43 -23.12
N LEU H 273 -54.05 -0.67 -23.83
CA LEU H 273 -54.36 -2.00 -23.31
C LEU H 273 -53.57 -2.30 -22.04
N ILE H 274 -52.27 -2.02 -22.08
CA ILE H 274 -51.41 -2.30 -20.91
C ILE H 274 -51.89 -1.49 -19.71
N ALA H 275 -52.24 -0.22 -19.95
CA ALA H 275 -52.78 0.63 -18.90
C ALA H 275 -54.04 0.02 -18.29
N HIS H 276 -54.95 -0.42 -19.16
CA HIS H 276 -56.17 -1.06 -18.70
C HIS H 276 -55.87 -2.33 -17.92
N LEU H 277 -54.96 -3.14 -18.44
CA LEU H 277 -54.58 -4.39 -17.78
C LEU H 277 -53.93 -4.19 -16.41
N SER H 278 -53.32 -3.03 -16.20
CA SER H 278 -52.65 -2.73 -14.94
C SER H 278 -53.60 -2.36 -13.80
N LYS H 279 -54.84 -1.99 -14.13
CA LYS H 279 -55.80 -1.52 -13.11
C LYS H 279 -56.14 -2.56 -12.05
N GLY H 280 -56.56 -3.74 -12.48
CA GLY H 280 -56.91 -4.83 -11.56
C GLY H 280 -55.83 -5.12 -10.52
N MET I 26 46.75 -7.53 23.42
CA MET I 26 46.42 -7.93 24.82
C MET I 26 46.76 -6.84 25.84
N GLN I 27 47.87 -6.13 25.66
CA GLN I 27 48.20 -5.07 26.59
C GLN I 27 47.27 -3.88 26.36
N LYS I 28 46.45 -3.63 27.36
CA LYS I 28 45.60 -2.45 27.39
C LYS I 28 46.40 -1.16 27.25
N GLY I 29 45.78 -0.15 26.63
CA GLY I 29 46.44 1.11 26.31
C GLY I 29 47.27 1.06 25.03
N GLY I 30 47.35 -0.10 24.38
CA GLY I 30 48.28 -0.30 23.27
C GLY I 30 47.74 0.02 21.89
N VAL I 31 48.66 0.08 20.94
CA VAL I 31 48.36 0.31 19.54
C VAL I 31 48.85 -0.88 18.73
N ILE I 32 47.97 -1.41 17.88
CA ILE I 32 48.32 -2.50 16.97
C ILE I 32 48.38 -1.93 15.58
N MET I 33 49.46 -2.21 14.84
CA MET I 33 49.73 -1.58 13.56
C MET I 33 49.78 -2.56 12.40
N ASP I 34 49.16 -2.18 11.28
CA ASP I 34 49.22 -2.95 10.04
C ASP I 34 50.57 -2.76 9.39
N VAL I 35 51.22 -3.88 9.04
CA VAL I 35 52.52 -3.85 8.36
C VAL I 35 52.52 -4.84 7.20
N VAL I 36 53.16 -4.47 6.09
CA VAL I 36 53.25 -5.34 4.91
C VAL I 36 54.60 -6.02 4.72
N ASN I 37 55.59 -5.64 5.54
CA ASN I 37 56.94 -6.22 5.44
C ASN I 37 57.75 -6.02 6.71
N ALA I 38 58.96 -6.58 6.71
CA ALA I 38 59.86 -6.55 7.86
C ALA I 38 60.28 -5.14 8.27
N GLU I 39 60.51 -4.29 7.28
CA GLU I 39 60.91 -2.91 7.54
C GLU I 39 59.82 -2.18 8.33
N GLN I 40 58.59 -2.24 7.85
CA GLN I 40 57.46 -1.60 8.52
C GLN I 40 57.25 -2.18 9.91
N ALA I 41 57.39 -3.49 10.03
CA ALA I 41 57.24 -4.16 11.30
C ALA I 41 58.23 -3.66 12.35
N LYS I 42 59.49 -3.48 11.93
CA LYS I 42 60.53 -2.98 12.83
C LYS I 42 60.25 -1.55 13.28
N ILE I 43 59.82 -0.72 12.36
CA ILE I 43 59.41 0.64 12.67
C ILE I 43 58.27 0.65 13.72
N ALA I 44 57.27 -0.19 13.50
CA ALA I 44 56.13 -0.30 14.41
C ALA I 44 56.59 -0.70 15.80
N GLU I 45 57.45 -1.71 15.87
CA GLU I 45 58.02 -2.16 17.13
C GLU I 45 58.80 -1.03 17.80
N ALA I 46 59.62 -0.35 17.01
CA ALA I 46 60.45 0.76 17.52
C ALA I 46 59.59 1.92 18.06
N ALA I 47 58.47 2.19 17.38
CA ALA I 47 57.56 3.26 17.81
C ALA I 47 56.78 2.93 19.09
N GLY I 48 56.77 1.66 19.50
CA GLY I 48 56.10 1.26 20.73
C GLY I 48 54.78 0.49 20.56
N ALA I 49 54.49 0.02 19.35
CA ALA I 49 53.32 -0.83 19.11
C ALA I 49 53.35 -2.05 20.03
N VAL I 50 52.19 -2.46 20.54
CA VAL I 50 52.11 -3.67 21.36
C VAL I 50 52.01 -4.94 20.51
N ALA I 51 51.66 -4.78 19.24
CA ALA I 51 51.66 -5.89 18.31
C ALA I 51 51.58 -5.36 16.89
N VAL I 52 51.84 -6.24 15.93
CA VAL I 52 51.68 -5.90 14.53
C VAL I 52 50.73 -6.86 13.85
N MET I 53 50.10 -6.35 12.80
CA MET I 53 49.15 -7.11 12.01
C MET I 53 49.79 -7.23 10.63
N ALA I 54 50.17 -8.46 10.29
CA ALA I 54 50.86 -8.71 9.03
C ALA I 54 49.85 -8.79 7.89
N LEU I 55 50.06 -8.02 6.83
CA LEU I 55 49.18 -8.01 5.65
C LEU I 55 49.95 -8.19 4.36
N GLU I 56 49.24 -8.61 3.31
CA GLU I 56 49.79 -8.64 1.96
C GLU I 56 49.48 -7.28 1.31
N ARG I 57 48.23 -6.83 1.44
CA ARG I 57 47.85 -5.49 1.01
C ARG I 57 46.79 -4.89 1.92
N GLY I 66 37.56 -4.13 -6.54
CA GLY I 66 36.80 -5.28 -7.02
C GLY I 66 37.65 -6.52 -7.21
N GLY I 67 37.89 -7.25 -6.12
CA GLY I 67 38.62 -8.52 -6.14
C GLY I 67 38.47 -9.25 -4.81
N VAL I 68 38.92 -10.50 -4.75
CA VAL I 68 38.76 -11.32 -3.54
C VAL I 68 39.99 -11.20 -2.64
N ALA I 69 39.75 -10.86 -1.37
CA ALA I 69 40.84 -10.69 -0.40
C ALA I 69 40.89 -11.91 0.53
N ARG I 70 42.04 -12.57 0.55
CA ARG I 70 42.22 -13.82 1.28
C ARG I 70 43.33 -13.71 2.30
N MET I 71 43.54 -14.79 3.03
CA MET I 71 44.68 -14.92 3.92
C MET I 71 45.95 -14.59 3.14
N ALA I 72 46.89 -13.91 3.79
CA ALA I 72 48.15 -13.53 3.15
C ALA I 72 49.03 -14.75 2.90
N ASP I 73 49.89 -14.62 1.90
CA ASP I 73 50.95 -15.62 1.64
C ASP I 73 51.73 -15.86 2.94
N PRO I 74 51.86 -17.13 3.36
CA PRO I 74 52.63 -17.46 4.56
C PRO I 74 54.03 -16.87 4.60
N THR I 75 54.66 -16.74 3.44
CA THR I 75 55.99 -16.17 3.33
C THR I 75 56.04 -14.76 3.92
N VAL I 76 55.03 -13.95 3.59
CA VAL I 76 54.96 -12.58 4.08
C VAL I 76 54.78 -12.55 5.60
N ILE I 77 53.97 -13.48 6.10
CA ILE I 77 53.72 -13.55 7.53
C ILE I 77 54.98 -13.97 8.29
N GLU I 78 55.71 -14.94 7.74
CA GLU I 78 56.97 -15.39 8.34
C GLU I 78 58.02 -14.28 8.34
N GLU I 79 58.09 -13.52 7.26
CA GLU I 79 58.99 -12.38 7.18
C GLU I 79 58.75 -11.43 8.35
N VAL I 80 57.48 -11.14 8.63
CA VAL I 80 57.12 -10.24 9.73
C VAL I 80 57.40 -10.89 11.09
N MET I 81 57.09 -12.18 11.23
CA MET I 81 57.35 -12.89 12.48
C MET I 81 58.83 -12.89 12.86
N ASN I 82 59.69 -13.05 11.86
CA ASN I 82 61.14 -13.07 12.09
C ASN I 82 61.71 -11.68 12.36
N ALA I 83 61.01 -10.63 11.93
CA ALA I 83 61.52 -9.28 12.04
C ALA I 83 61.33 -8.61 13.41
N VAL I 84 60.45 -9.14 14.26
CA VAL I 84 60.13 -8.49 15.53
C VAL I 84 59.93 -9.48 16.65
N SER I 85 59.99 -8.97 17.88
CA SER I 85 59.80 -9.77 19.09
C SER I 85 58.41 -9.59 19.72
N ILE I 86 57.72 -8.52 19.35
CA ILE I 86 56.33 -8.31 19.79
C ILE I 86 55.39 -9.28 19.06
N PRO I 87 54.18 -9.50 19.64
CA PRO I 87 53.22 -10.40 19.02
C PRO I 87 52.85 -10.04 17.58
N VAL I 88 52.69 -11.05 16.75
CA VAL I 88 52.30 -10.88 15.36
C VAL I 88 50.92 -11.48 15.11
N MET I 89 50.04 -10.68 14.51
CA MET I 89 48.69 -11.09 14.18
C MET I 89 48.60 -11.22 12.68
N ALA I 90 47.66 -12.05 12.22
CA ALA I 90 47.32 -12.09 10.80
C ALA I 90 45.84 -12.42 10.59
N VAL I 92 42.28 -13.88 8.70
CA VAL I 92 41.64 -14.88 7.86
C VAL I 92 40.22 -14.43 7.51
N ARG I 93 39.68 -15.02 6.46
CA ARG I 93 38.31 -14.76 6.05
C ARG I 93 37.35 -15.35 7.08
N ILE I 94 36.22 -14.67 7.27
CA ILE I 94 35.21 -15.13 8.21
C ILE I 94 34.74 -16.52 7.83
N GLY I 95 34.77 -17.43 8.79
CA GLY I 95 34.35 -18.81 8.57
C GLY I 95 35.40 -19.73 7.95
N HIS I 96 36.57 -19.20 7.59
CA HIS I 96 37.55 -20.02 6.88
C HIS I 96 38.40 -20.81 7.88
N TYR I 97 37.82 -21.90 8.34
CA TYR I 97 38.44 -22.77 9.33
C TYR I 97 39.86 -23.18 8.95
N VAL I 98 40.08 -23.51 7.68
CA VAL I 98 41.41 -24.00 7.25
C VAL I 98 42.45 -22.91 7.15
N GLU I 99 42.09 -21.75 6.63
CA GLU I 99 43.00 -20.60 6.68
C GLU I 99 43.50 -20.40 8.11
N ALA I 100 42.59 -20.49 9.07
CA ALA I 100 42.93 -20.31 10.46
C ALA I 100 43.88 -21.39 10.96
N ARG I 101 43.63 -22.64 10.59
CA ARG I 101 44.51 -23.74 10.94
C ARG I 101 45.90 -23.57 10.32
N VAL I 102 45.95 -23.02 9.12
CA VAL I 102 47.22 -22.74 8.46
C VAL I 102 48.01 -21.74 9.28
N LEU I 103 47.38 -20.63 9.65
CA LEU I 103 48.07 -19.60 10.45
C LEU I 103 48.49 -20.14 11.80
N GLU I 104 47.65 -20.97 12.39
CA GLU I 104 48.00 -21.63 13.63
C GLU I 104 49.30 -22.45 13.45
N ALA I 105 49.36 -23.23 12.37
CA ALA I 105 50.54 -24.04 12.08
C ALA I 105 51.79 -23.19 11.83
N LEU I 106 51.62 -22.01 11.23
CA LEU I 106 52.74 -21.11 11.00
C LEU I 106 53.33 -20.50 12.27
N GLY I 107 52.62 -20.59 13.39
CA GLY I 107 53.12 -20.08 14.67
C GLY I 107 52.75 -18.63 14.96
N VAL I 108 51.81 -18.09 14.17
CA VAL I 108 51.21 -16.78 14.44
C VAL I 108 50.75 -16.64 15.89
N ASP I 109 50.83 -15.44 16.46
CA ASP I 109 50.43 -15.23 17.86
C ASP I 109 48.92 -14.99 18.06
N TYR I 110 48.29 -14.34 17.08
CA TYR I 110 46.85 -14.14 17.10
C TYR I 110 46.29 -14.25 15.71
N ILE I 111 45.09 -14.80 15.60
CA ILE I 111 44.37 -14.82 14.34
C ILE I 111 43.21 -13.83 14.39
N ASP I 112 43.12 -13.01 13.35
CA ASP I 112 42.06 -12.05 13.23
C ASP I 112 41.05 -12.54 12.19
N GLU I 113 39.91 -13.03 12.68
CA GLU I 113 38.82 -13.42 11.81
C GLU I 113 38.16 -12.14 11.36
N SER I 114 38.49 -11.69 10.14
CA SER I 114 38.33 -10.30 9.75
C SER I 114 37.27 -10.06 8.68
N GLU I 115 36.42 -9.09 8.96
CA GLU I 115 35.36 -8.69 8.03
C GLU I 115 35.87 -7.88 6.84
N VAL I 116 37.10 -7.37 6.89
CA VAL I 116 37.65 -6.65 5.73
C VAL I 116 38.13 -7.60 4.64
N LEU I 117 38.44 -8.84 5.00
CA LEU I 117 38.65 -9.86 3.98
C LEU I 117 37.29 -10.33 3.47
N THR I 118 37.29 -11.00 2.33
CA THR I 118 36.06 -11.44 1.71
C THR I 118 35.50 -12.65 2.48
N PRO I 119 34.32 -12.48 3.12
CA PRO I 119 33.82 -13.61 3.91
C PRO I 119 33.76 -14.92 3.14
N ALA I 120 34.18 -16.00 3.79
CA ALA I 120 34.08 -17.34 3.22
C ALA I 120 32.76 -17.99 3.61
N ASP I 121 32.19 -17.58 4.74
CA ASP I 121 30.93 -18.12 5.24
C ASP I 121 30.06 -16.96 5.74
N GLU I 122 28.92 -16.76 5.10
CA GLU I 122 27.99 -15.67 5.45
C GLU I 122 27.21 -15.92 6.74
N GLU I 123 27.15 -17.17 7.19
CA GLU I 123 26.27 -17.54 8.29
C GLU I 123 26.97 -18.00 9.56
N PHE I 124 28.11 -18.66 9.43
CA PHE I 124 28.77 -19.29 10.56
C PHE I 124 30.21 -18.84 10.66
N HIS I 125 30.57 -18.30 11.82
CA HIS I 125 31.97 -17.96 12.08
C HIS I 125 32.71 -19.20 12.54
N ILE I 126 34.03 -19.10 12.54
CA ILE I 126 34.89 -20.19 12.97
C ILE I 126 34.60 -20.55 14.40
N ASP I 127 34.56 -21.84 14.71
CA ASP I 127 34.47 -22.30 16.09
C ASP I 127 35.87 -22.22 16.70
N LYS I 128 36.15 -21.06 17.28
CA LYS I 128 37.49 -20.70 17.74
C LYS I 128 37.89 -21.44 19.01
N ARG I 129 36.93 -22.06 19.69
CA ARG I 129 37.19 -22.86 20.87
C ARG I 129 38.09 -24.06 20.58
N GLN I 130 38.13 -24.49 19.32
CA GLN I 130 38.87 -25.67 18.92
C GLN I 130 40.33 -25.39 18.62
N PHE I 131 40.77 -24.14 18.84
CA PHE I 131 42.12 -23.70 18.48
C PHE I 131 42.98 -23.40 19.70
N THR I 132 44.29 -23.54 19.51
CA THR I 132 45.28 -23.19 20.52
C THR I 132 45.53 -21.69 20.51
N VAL I 133 45.71 -21.14 19.33
CA VAL I 133 46.00 -19.72 19.16
C VAL I 133 44.74 -18.89 19.44
N PRO I 134 44.91 -17.74 20.11
CA PRO I 134 43.76 -16.87 20.35
C PRO I 134 43.30 -16.10 19.12
N PHE I 135 42.00 -15.78 19.10
CA PHE I 135 41.40 -15.02 18.00
C PHE I 135 40.93 -13.65 18.46
N VAL I 136 41.07 -12.68 17.58
CA VAL I 136 40.36 -11.42 17.68
C VAL I 136 39.26 -11.44 16.63
N CYS I 137 38.08 -10.96 17.02
CA CYS I 137 36.93 -10.84 16.13
C CYS I 137 36.37 -9.42 16.17
N GLY I 138 35.70 -9.03 15.10
CA GLY I 138 35.03 -7.73 15.02
C GLY I 138 33.65 -7.78 15.65
N CYS I 139 33.13 -6.63 16.07
CA CYS I 139 31.75 -6.50 16.52
C CYS I 139 31.26 -5.08 16.37
N ARG I 140 29.95 -4.93 16.18
CA ARG I 140 29.32 -3.62 16.02
C ARG I 140 28.36 -3.32 17.16
N ASP I 141 28.01 -4.32 17.95
CA ASP I 141 27.12 -4.15 19.08
C ASP I 141 27.31 -5.30 20.05
N LEU I 142 26.65 -5.23 21.20
CA LEU I 142 26.91 -6.20 22.26
C LEU I 142 26.45 -7.60 21.89
N GLY I 143 25.40 -7.71 21.09
CA GLY I 143 24.92 -9.01 20.61
C GLY I 143 25.99 -9.73 19.80
N GLU I 144 26.57 -9.02 18.85
CA GLU I 144 27.69 -9.56 18.08
C GLU I 144 28.86 -9.92 18.96
N ALA I 145 29.21 -9.01 19.88
CA ALA I 145 30.34 -9.24 20.77
C ALA I 145 30.13 -10.53 21.55
N ALA I 146 28.93 -10.69 22.08
CA ALA I 146 28.64 -11.85 22.91
C ALA I 146 28.64 -13.15 22.12
N ARG I 147 28.16 -13.10 20.87
CA ARG I 147 28.18 -14.26 19.99
C ARG I 147 29.62 -14.66 19.62
N ARG I 148 30.46 -13.66 19.32
CA ARG I 148 31.87 -13.91 19.05
C ARG I 148 32.56 -14.56 20.26
N ILE I 149 32.26 -14.07 21.47
CA ILE I 149 32.81 -14.63 22.68
C ILE I 149 32.35 -16.10 22.86
N ALA I 150 31.07 -16.36 22.60
CA ALA I 150 30.56 -17.74 22.73
C ALA I 150 31.18 -18.71 21.73
N GLU I 151 31.62 -18.18 20.59
CA GLU I 151 32.36 -18.96 19.61
C GLU I 151 33.81 -19.17 20.01
N GLY I 152 34.27 -18.48 21.06
CA GLY I 152 35.64 -18.66 21.57
C GLY I 152 36.61 -17.51 21.33
N ALA I 153 36.13 -16.37 20.86
CA ALA I 153 36.99 -15.20 20.66
C ALA I 153 37.71 -14.84 21.96
N SER I 154 38.99 -14.51 21.87
CA SER I 154 39.79 -14.10 23.03
C SER I 154 39.98 -12.60 23.08
N MET I 155 39.57 -11.89 22.04
CA MET I 155 39.74 -10.45 21.97
C MET I 155 38.71 -9.89 20.99
N LEU I 156 38.30 -8.64 21.21
CA LEU I 156 37.36 -8.00 20.30
C LEU I 156 37.92 -6.74 19.70
N ARG I 157 37.42 -6.44 18.51
CA ARG I 157 37.72 -5.23 17.76
C ARG I 157 36.36 -4.61 17.41
N THR I 158 36.03 -3.50 18.05
CA THR I 158 34.77 -2.84 17.82
C THR I 158 34.99 -1.90 16.65
N LYS I 159 34.32 -2.18 15.54
CA LYS I 159 34.59 -1.48 14.31
C LYS I 159 33.42 -1.43 13.36
N GLY I 160 33.26 -0.28 12.70
CA GLY I 160 32.29 -0.13 11.60
C GLY I 160 32.92 -0.41 10.24
N GLU I 161 32.78 0.54 9.32
CA GLU I 161 33.35 0.41 7.97
C GLU I 161 34.84 0.77 7.97
N PRO I 162 35.65 0.04 7.17
CA PRO I 162 37.10 0.23 7.06
C PRO I 162 37.52 1.12 5.90
N GLY I 163 38.74 1.65 5.97
CA GLY I 163 39.36 2.37 4.87
C GLY I 163 38.85 3.78 4.55
N THR I 164 38.01 4.34 5.41
CA THR I 164 37.41 5.65 5.15
C THR I 164 38.25 6.81 5.68
N GLY I 165 39.12 6.54 6.65
CA GLY I 165 39.76 7.60 7.42
C GLY I 165 38.79 8.36 8.31
N ASN I 166 37.56 7.86 8.44
CA ASN I 166 36.51 8.55 9.16
C ASN I 166 36.26 7.82 10.48
N ILE I 167 36.50 8.52 11.59
CA ILE I 167 36.42 7.92 12.91
C ILE I 167 34.98 7.59 13.35
N VAL I 168 33.97 8.11 12.64
CA VAL I 168 32.58 7.95 13.04
C VAL I 168 32.19 6.48 13.14
N GLU I 169 32.84 5.67 12.34
CA GLU I 169 32.59 4.24 12.30
C GLU I 169 32.92 3.61 13.63
N ALA I 170 34.17 3.83 14.06
CA ALA I 170 34.62 3.40 15.37
C ALA I 170 33.77 3.98 16.52
N VAL I 171 33.49 5.27 16.46
CA VAL I 171 32.76 5.96 17.54
C VAL I 171 31.34 5.39 17.72
N ARG I 172 30.59 5.32 16.62
CA ARG I 172 29.23 4.79 16.65
C ARG I 172 29.17 3.47 17.40
N HIS I 173 30.09 2.57 17.07
CA HIS I 173 30.02 1.22 17.62
C HIS I 173 30.62 1.09 18.99
N MET I 174 31.66 1.85 19.30
CA MET I 174 32.19 1.85 20.67
C MET I 174 31.15 2.44 21.62
N ARG I 175 30.48 3.51 21.19
CA ARG I 175 29.40 4.09 22.00
C ARG I 175 28.26 3.11 22.22
N LYS I 176 27.88 2.40 21.18
CA LYS I 176 26.80 1.41 21.27
C LYS I 176 27.16 0.25 22.20
N VAL I 177 28.32 -0.36 21.97
CA VAL I 177 28.76 -1.50 22.75
C VAL I 177 28.89 -1.13 24.21
N ASN I 178 29.55 -0.02 24.52
CA ASN I 178 29.74 0.39 25.91
C ASN I 178 28.46 0.85 26.58
N ALA I 179 27.58 1.53 25.84
CA ALA I 179 26.27 1.89 26.40
C ALA I 179 25.49 0.63 26.78
N GLN I 180 25.52 -0.38 25.91
CA GLN I 180 24.82 -1.63 26.15
C GLN I 180 25.43 -2.41 27.32
N ILE I 181 26.75 -2.33 27.46
CA ILE I 181 27.41 -2.94 28.61
C ILE I 181 26.99 -2.27 29.90
N ARG I 182 27.04 -0.94 29.95
CA ARG I 182 26.63 -0.21 31.15
C ARG I 182 25.20 -0.57 31.55
N LYS I 183 24.30 -0.67 30.57
CA LYS I 183 22.92 -1.06 30.84
C LYS I 183 22.87 -2.44 31.51
N VAL I 184 23.59 -3.40 30.93
CA VAL I 184 23.61 -4.76 31.45
C VAL I 184 24.22 -4.85 32.85
N VAL I 185 25.29 -4.11 33.07
CA VAL I 185 25.98 -4.11 34.36
C VAL I 185 25.06 -3.67 35.49
N ASN I 186 24.20 -2.69 35.23
CA ASN I 186 23.34 -2.12 36.26
C ASN I 186 21.90 -2.67 36.27
N MET I 187 21.53 -3.49 35.29
CA MET I 187 20.13 -3.89 35.19
C MET I 187 19.77 -4.99 36.20
N SER I 188 18.48 -5.06 36.48
CA SER I 188 17.94 -6.05 37.39
C SER I 188 18.31 -7.45 36.87
N GLU I 189 18.83 -8.29 37.76
CA GLU I 189 19.31 -9.62 37.39
C GLU I 189 18.25 -10.45 36.66
N ASP I 190 17.00 -10.34 37.10
CA ASP I 190 15.92 -11.15 36.53
C ASP I 190 15.49 -10.70 35.13
N GLU I 191 16.04 -9.59 34.64
CA GLU I 191 15.71 -9.09 33.31
C GLU I 191 16.73 -9.52 32.23
N LEU I 192 17.78 -10.23 32.63
CA LEU I 192 18.87 -10.53 31.69
C LEU I 192 18.52 -11.53 30.61
N VAL I 193 17.70 -12.52 30.93
CA VAL I 193 17.30 -13.51 29.92
C VAL I 193 16.58 -12.80 28.78
N ALA I 194 15.65 -11.91 29.13
CA ALA I 194 14.91 -11.16 28.11
C ALA I 194 15.83 -10.19 27.35
N GLU I 195 16.77 -9.59 28.06
CA GLU I 195 17.74 -8.70 27.41
C GLU I 195 18.55 -9.50 26.40
N ALA I 196 18.98 -10.68 26.79
CA ALA I 196 19.75 -11.55 25.91
C ALA I 196 18.95 -11.90 24.66
N LYS I 197 17.68 -12.24 24.83
CA LYS I 197 16.82 -12.52 23.68
C LYS I 197 16.75 -11.33 22.72
N GLN I 198 16.57 -10.15 23.27
CA GLN I 198 16.44 -8.94 22.49
C GLN I 198 17.72 -8.56 21.75
N LEU I 199 18.87 -8.76 22.39
CA LEU I 199 20.18 -8.48 21.77
C LEU I 199 20.64 -9.57 20.82
N GLY I 200 20.07 -10.78 20.93
CA GLY I 200 20.60 -11.94 20.23
C GLY I 200 21.89 -12.45 20.87
N ALA I 201 22.05 -12.20 22.16
CA ALA I 201 23.24 -12.60 22.90
C ALA I 201 23.02 -13.87 23.71
N PRO I 202 24.08 -14.64 23.95
CA PRO I 202 24.05 -15.72 24.95
C PRO I 202 23.97 -15.15 26.36
N VAL I 203 22.98 -15.59 27.13
CA VAL I 203 22.73 -15.02 28.44
C VAL I 203 23.91 -15.21 29.39
N GLU I 204 24.61 -16.35 29.31
CA GLU I 204 25.76 -16.59 30.17
C GLU I 204 26.88 -15.58 29.96
N VAL I 205 27.02 -15.06 28.74
CA VAL I 205 27.99 -13.99 28.50
C VAL I 205 27.52 -12.72 29.17
N LEU I 206 26.23 -12.39 29.04
CA LEU I 206 25.69 -11.21 29.72
C LEU I 206 25.87 -11.32 31.22
N ARG I 207 25.64 -12.51 31.77
CA ARG I 207 25.81 -12.74 33.21
C ARG I 207 27.24 -12.51 33.64
N GLU I 208 28.17 -12.99 32.83
CA GLU I 208 29.59 -12.76 33.05
C GLU I 208 29.92 -11.25 32.98
N ILE I 209 29.35 -10.55 32.00
CA ILE I 209 29.57 -9.12 31.87
C ILE I 209 29.09 -8.37 33.10
N LYS I 210 27.89 -8.71 33.57
CA LYS I 210 27.34 -8.11 34.79
C LYS I 210 28.23 -8.38 35.99
N ARG I 211 28.75 -9.61 36.07
CA ARG I 211 29.62 -10.01 37.17
C ARG I 211 30.93 -9.23 37.18
N LEU I 212 31.56 -9.07 36.01
CA LEU I 212 32.83 -8.34 35.91
C LEU I 212 32.72 -6.83 35.82
N GLY I 213 31.55 -6.33 35.43
CA GLY I 213 31.37 -4.91 35.18
C GLY I 213 31.95 -4.46 33.85
N ARG I 214 32.31 -5.42 33.00
CA ARG I 214 32.86 -5.13 31.68
C ARG I 214 32.93 -6.41 30.86
N LEU I 215 33.37 -6.30 29.62
CA LEU I 215 33.59 -7.48 28.78
C LEU I 215 34.69 -8.37 29.36
N PRO I 216 34.52 -9.69 29.28
CA PRO I 216 35.53 -10.62 29.77
C PRO I 216 36.75 -10.73 28.89
N VAL I 217 36.75 -10.01 27.76
CA VAL I 217 37.93 -9.91 26.93
C VAL I 217 38.23 -8.45 26.64
N VAL I 218 39.45 -8.21 26.18
CA VAL I 218 39.89 -6.91 25.75
C VAL I 218 39.15 -6.48 24.49
N ASN I 219 38.83 -5.20 24.39
CA ASN I 219 38.08 -4.65 23.27
C ASN I 219 38.74 -3.40 22.69
N PHE I 220 39.37 -3.54 21.53
CA PHE I 220 40.09 -2.43 20.90
C PHE I 220 39.21 -1.75 19.88
N ALA I 221 39.44 -0.47 19.66
CA ALA I 221 38.72 0.27 18.64
C ALA I 221 39.45 0.14 17.33
N ALA I 222 38.70 0.18 16.25
CA ALA I 222 39.28 0.18 14.91
C ALA I 222 38.28 0.79 13.94
N GLY I 223 38.79 1.39 12.88
CA GLY I 223 37.97 2.05 11.88
C GLY I 223 38.21 3.53 11.79
N GLY I 224 39.11 3.94 10.91
CA GLY I 224 39.35 5.34 10.62
C GLY I 224 40.19 6.10 11.62
N VAL I 225 40.85 5.38 12.53
CA VAL I 225 41.70 6.02 13.52
C VAL I 225 42.89 6.59 12.75
N THR I 226 42.94 7.90 12.64
CA THR I 226 43.89 8.58 11.76
C THR I 226 44.83 9.51 12.51
N THR I 227 44.28 10.36 13.38
CA THR I 227 45.08 11.33 14.09
C THR I 227 45.30 10.91 15.54
N PRO I 228 46.29 11.52 16.20
CA PRO I 228 46.49 11.27 17.63
C PRO I 228 45.25 11.59 18.45
N ALA I 229 44.54 12.64 18.08
CA ALA I 229 43.29 12.97 18.74
C ALA I 229 42.24 11.86 18.59
N ASP I 230 42.17 11.25 17.40
CA ASP I 230 41.29 10.11 17.16
C ASP I 230 41.58 8.96 18.12
N ALA I 231 42.85 8.62 18.24
CA ALA I 231 43.26 7.50 19.08
C ALA I 231 42.89 7.75 20.53
N ALA I 232 43.19 8.94 21.01
CA ALA I 232 42.88 9.31 22.38
C ALA I 232 41.36 9.35 22.63
N LEU I 233 40.62 9.79 21.62
CA LEU I 233 39.16 9.80 21.69
C LEU I 233 38.60 8.42 21.92
N MET I 234 39.14 7.43 21.22
CA MET I 234 38.64 6.07 21.37
C MET I 234 38.88 5.58 22.79
N MET I 235 40.02 5.93 23.36
CA MET I 235 40.31 5.61 24.75
C MET I 235 39.35 6.36 25.68
N HIS I 236 39.08 7.62 25.38
CA HIS I 236 38.12 8.38 26.16
C HIS I 236 36.74 7.72 26.15
N LEU I 237 36.38 7.10 25.03
CA LEU I 237 35.11 6.40 24.90
C LEU I 237 35.10 4.98 25.48
N GLY I 238 36.21 4.56 26.08
CA GLY I 238 36.25 3.29 26.81
C GLY I 238 36.88 2.12 26.06
N ALA I 239 37.55 2.40 24.96
CA ALA I 239 38.33 1.36 24.29
C ALA I 239 39.48 0.90 25.17
N ASP I 240 39.93 -0.33 24.98
CA ASP I 240 41.12 -0.84 25.67
C ASP I 240 42.41 -0.58 24.86
N GLY I 241 42.27 -0.07 23.64
CA GLY I 241 43.40 0.15 22.75
C GLY I 241 42.87 0.41 21.34
N VAL I 242 43.77 0.55 20.37
CA VAL I 242 43.36 0.84 19.00
C VAL I 242 44.16 0.06 17.97
N PHE I 243 43.50 -0.26 16.86
CA PHE I 243 44.15 -0.74 15.65
C PHE I 243 44.32 0.46 14.72
N VAL I 244 45.43 0.51 14.01
CA VAL I 244 45.66 1.52 13.00
C VAL I 244 46.15 0.83 11.73
N GLY I 245 45.76 1.39 10.59
CA GLY I 245 46.03 0.80 9.28
C GLY I 245 47.30 1.31 8.61
N SER I 246 47.43 0.97 7.33
CA SER I 246 48.63 1.26 6.54
C SER I 246 48.86 2.74 6.27
N GLY I 247 47.83 3.58 6.47
CA GLY I 247 47.96 5.02 6.33
C GLY I 247 49.24 5.58 6.95
N ILE I 248 49.61 5.04 8.10
CA ILE I 248 50.85 5.43 8.79
C ILE I 248 52.09 5.44 7.89
N PHE I 249 52.22 4.42 7.05
CA PHE I 249 53.39 4.27 6.21
C PHE I 249 53.31 5.03 4.88
N LYS I 250 52.16 5.66 4.61
CA LYS I 250 52.04 6.57 3.47
C LYS I 250 52.36 8.01 3.85
N SER I 251 52.67 8.25 5.12
CA SER I 251 53.04 9.59 5.56
C SER I 251 54.49 9.89 5.22
N GLU I 252 54.89 11.15 5.40
CA GLU I 252 56.25 11.57 5.10
C GLU I 252 57.25 11.00 6.11
N ASN I 253 56.83 10.88 7.37
CA ASN I 253 57.67 10.36 8.44
C ASN I 253 56.92 9.31 9.28
N PRO I 254 56.84 8.08 8.77
CA PRO I 254 56.08 7.02 9.42
C PRO I 254 56.44 6.81 10.90
N GLU I 255 57.72 6.77 11.21
CA GLU I 255 58.15 6.48 12.58
C GLU I 255 57.70 7.55 13.57
N LYS I 256 57.70 8.80 13.14
CA LYS I 256 57.20 9.89 13.97
C LYS I 256 55.66 9.80 14.14
N TYR I 257 54.97 9.47 13.05
CA TYR I 257 53.52 9.35 13.04
C TYR I 257 53.09 8.18 13.94
N ALA I 258 53.67 7.01 13.73
CA ALA I 258 53.37 5.83 14.53
C ALA I 258 53.60 6.14 16.00
N ARG I 259 54.72 6.78 16.27
CA ARG I 259 55.07 7.23 17.60
C ARG I 259 54.00 8.14 18.24
N ALA I 260 53.52 9.10 17.48
CA ALA I 260 52.52 10.03 17.97
C ALA I 260 51.22 9.29 18.36
N ILE I 261 50.84 8.30 17.56
CA ILE I 261 49.64 7.51 17.84
C ILE I 261 49.84 6.73 19.12
N VAL I 262 50.99 6.08 19.23
CA VAL I 262 51.32 5.30 20.43
C VAL I 262 51.25 6.14 21.70
N GLU I 263 51.87 7.31 21.66
CA GLU I 263 51.91 8.17 22.84
C GLU I 263 50.53 8.74 23.19
N ALA I 264 49.78 9.11 22.16
CA ALA I 264 48.43 9.63 22.36
C ALA I 264 47.50 8.56 22.94
N THR I 265 47.68 7.33 22.53
CA THR I 265 46.84 6.25 23.03
C THR I 265 47.16 5.95 24.49
N THR I 266 48.45 5.97 24.82
CA THR I 266 48.89 5.71 26.19
C THR I 266 48.53 6.88 27.11
N HIS I 267 48.80 8.10 26.67
CA HIS I 267 48.57 9.28 27.48
C HIS I 267 47.34 10.03 26.98
N TYR I 268 46.22 9.33 26.99
CA TYR I 268 45.03 9.81 26.28
C TYR I 268 44.32 10.99 26.92
N GLU I 269 44.67 11.33 28.17
CA GLU I 269 44.15 12.51 28.83
C GLU I 269 45.15 13.66 28.94
N ASP I 270 46.34 13.50 28.35
CA ASP I 270 47.36 14.54 28.37
C ASP I 270 47.22 15.40 27.12
N TYR I 271 46.35 16.39 27.22
CA TYR I 271 45.94 17.15 26.04
C TYR I 271 47.03 18.09 25.51
N GLU I 272 47.87 18.61 26.41
CA GLU I 272 49.06 19.37 25.99
C GLU I 272 50.01 18.53 25.16
N LEU I 273 50.29 17.31 25.61
CA LEU I 273 51.10 16.37 24.85
C LEU I 273 50.46 16.05 23.51
N ILE I 274 49.16 15.73 23.52
CA ILE I 274 48.45 15.37 22.28
C ILE I 274 48.47 16.53 21.30
N ALA I 275 48.28 17.74 21.81
CA ALA I 275 48.37 18.94 20.99
C ALA I 275 49.75 19.07 20.34
N HIS I 276 50.79 18.89 21.14
CA HIS I 276 52.16 18.94 20.63
C HIS I 276 52.40 17.86 19.58
N LEU I 277 51.96 16.64 19.88
CA LEU I 277 52.12 15.52 18.95
C LEU I 277 51.40 15.71 17.62
N SER I 278 50.32 16.51 17.63
CA SER I 278 49.54 16.75 16.41
C SER I 278 50.22 17.73 15.44
N LYS I 279 51.20 18.51 15.90
CA LYS I 279 51.81 19.55 15.05
C LYS I 279 52.53 19.02 13.82
N GLY I 280 53.43 18.06 14.01
CA GLY I 280 54.18 17.46 12.91
C GLY I 280 53.31 17.00 11.76
N LEU I 281 52.38 16.12 12.09
CA LEU I 281 51.67 15.32 11.10
C LEU I 281 51.06 16.20 10.00
N GLY I 282 51.79 16.30 8.87
CA GLY I 282 51.40 17.17 7.76
C GLY I 282 50.48 16.47 6.79
N GLN J 27 1.17 51.15 -17.29
CA GLN J 27 0.41 51.75 -18.43
C GLN J 27 -0.02 50.67 -19.45
N LYS J 28 -1.34 50.49 -19.56
CA LYS J 28 -1.98 49.40 -20.32
C LYS J 28 -1.72 49.38 -21.83
N GLY J 29 -1.70 48.18 -22.40
CA GLY J 29 -1.35 47.97 -23.81
C GLY J 29 0.15 47.95 -24.09
N GLY J 30 0.96 48.18 -23.05
CA GLY J 30 2.39 48.39 -23.23
C GLY J 30 3.25 47.14 -23.22
N VAL J 31 4.50 47.33 -23.62
CA VAL J 31 5.50 46.30 -23.60
C VAL J 31 6.67 46.73 -22.70
N ILE J 32 7.07 45.85 -21.80
CA ILE J 32 8.23 46.11 -20.95
C ILE J 32 9.35 45.19 -21.43
N MET J 33 10.54 45.75 -21.60
CA MET J 33 11.66 45.01 -22.20
C MET J 33 12.86 44.87 -21.29
N ASP J 34 13.44 43.69 -21.28
CA ASP J 34 14.68 43.42 -20.54
C ASP J 34 15.84 44.03 -21.29
N VAL J 35 16.68 44.79 -20.58
CA VAL J 35 17.87 45.39 -21.16
C VAL J 35 19.07 45.23 -20.21
N VAL J 36 20.24 44.99 -20.77
CA VAL J 36 21.46 44.81 -19.96
C VAL J 36 22.40 46.01 -19.98
N ASN J 37 22.10 47.02 -20.80
CA ASN J 37 22.94 48.22 -20.90
C ASN J 37 22.20 49.42 -21.50
N ALA J 38 22.90 50.55 -21.55
CA ALA J 38 22.32 51.80 -22.04
C ALA J 38 21.90 51.73 -23.51
N GLU J 39 22.71 51.05 -24.32
CA GLU J 39 22.43 50.91 -25.74
C GLU J 39 21.09 50.20 -25.96
N GLN J 40 20.93 49.05 -25.31
CA GLN J 40 19.68 48.28 -25.40
C GLN J 40 18.49 49.07 -24.87
N ALA J 41 18.70 49.79 -23.77
CA ALA J 41 17.67 50.61 -23.17
C ALA J 41 17.15 51.69 -24.12
N LYS J 42 18.07 52.33 -24.84
CA LYS J 42 17.71 53.38 -25.79
C LYS J 42 16.90 52.81 -26.95
N ILE J 43 17.34 51.66 -27.46
CA ILE J 43 16.61 50.94 -28.51
C ILE J 43 15.18 50.63 -28.05
N ALA J 44 15.05 50.12 -26.83
CA ALA J 44 13.74 49.76 -26.29
C ALA J 44 12.83 50.98 -26.21
N GLU J 45 13.38 52.08 -25.70
CA GLU J 45 12.67 53.36 -25.64
C GLU J 45 12.26 53.82 -27.03
N ALA J 46 13.20 53.75 -27.98
CA ALA J 46 12.94 54.17 -29.36
C ALA J 46 11.87 53.30 -30.04
N ALA J 47 11.87 52.01 -29.74
CA ALA J 47 10.86 51.09 -30.29
C ALA J 47 9.46 51.31 -29.72
N GLY J 48 9.33 52.05 -28.62
CA GLY J 48 8.02 52.35 -28.02
C GLY J 48 7.66 51.57 -26.76
N ALA J 49 8.66 50.93 -26.13
CA ALA J 49 8.47 50.27 -24.83
C ALA J 49 7.93 51.26 -23.81
N VAL J 50 7.01 50.83 -22.95
CA VAL J 50 6.50 51.70 -21.87
C VAL J 50 7.43 51.71 -20.66
N ALA J 51 8.33 50.74 -20.56
CA ALA J 51 9.33 50.71 -19.50
C ALA J 51 10.40 49.71 -19.85
N VAL J 52 11.52 49.78 -19.14
CA VAL J 52 12.57 48.79 -19.31
C VAL J 52 12.89 48.13 -17.98
N MET J 53 13.39 46.89 -18.08
CA MET J 53 13.76 46.09 -16.94
C MET J 53 15.27 45.94 -17.04
N ALA J 54 15.99 46.54 -16.10
CA ALA J 54 17.45 46.52 -16.11
C ALA J 54 17.96 45.22 -15.51
N LEU J 55 18.82 44.52 -16.24
CA LEU J 55 19.40 43.24 -15.79
C LEU J 55 20.92 43.22 -15.91
N GLU J 56 21.55 42.33 -15.15
CA GLU J 56 22.97 42.06 -15.31
C GLU J 56 23.17 40.90 -16.28
N GLY J 67 23.98 28.49 -10.81
CA GLY J 67 24.54 29.49 -9.91
C GLY J 67 23.46 30.36 -9.26
N VAL J 68 23.87 31.25 -8.36
CA VAL J 68 22.93 32.08 -7.62
C VAL J 68 22.72 33.41 -8.33
N ALA J 69 21.46 33.74 -8.61
CA ALA J 69 21.10 34.98 -9.30
C ALA J 69 20.56 35.99 -8.30
N ARG J 70 21.23 37.14 -8.21
CA ARG J 70 20.92 38.17 -7.23
C ARG J 70 20.54 39.48 -7.90
N MET J 71 20.20 40.47 -7.07
CA MET J 71 20.02 41.84 -7.52
C MET J 71 21.24 42.25 -8.35
N ALA J 72 21.00 43.01 -9.41
CA ALA J 72 22.08 43.48 -10.28
C ALA J 72 22.96 44.51 -9.58
N ASP J 73 24.20 44.62 -10.03
CA ASP J 73 25.11 45.68 -9.60
C ASP J 73 24.42 47.03 -9.81
N PRO J 74 24.40 47.87 -8.77
CA PRO J 74 23.79 49.20 -8.88
C PRO J 74 24.31 50.05 -10.04
N THR J 75 25.58 49.86 -10.38
CA THR J 75 26.19 50.57 -11.49
C THR J 75 25.43 50.33 -12.80
N VAL J 76 25.08 49.07 -13.06
CA VAL J 76 24.36 48.69 -14.27
C VAL J 76 22.97 49.32 -14.28
N ILE J 77 22.34 49.36 -13.12
CA ILE J 77 21.01 49.93 -13.03
C ILE J 77 21.05 51.44 -13.27
N GLU J 78 22.05 52.10 -12.70
CA GLU J 78 22.22 53.53 -12.91
C GLU J 78 22.52 53.87 -14.36
N GLU J 79 23.33 53.06 -15.01
CA GLU J 79 23.61 53.22 -16.43
C GLU J 79 22.32 53.23 -17.24
N VAL J 80 21.40 52.32 -16.94
CA VAL J 80 20.12 52.22 -17.63
C VAL J 80 19.22 53.40 -17.25
N MET J 81 19.20 53.78 -15.98
CA MET J 81 18.38 54.90 -15.53
C MET J 81 18.76 56.21 -16.23
N ASN J 82 20.07 56.42 -16.41
CA ASN J 82 20.57 57.63 -17.07
C ASN J 82 20.35 57.64 -18.58
N ALA J 83 20.17 56.45 -19.17
CA ALA J 83 20.06 56.32 -20.62
C ALA J 83 18.67 56.60 -21.20
N VAL J 84 17.63 56.60 -20.38
CA VAL J 84 16.25 56.74 -20.88
C VAL J 84 15.38 57.58 -19.97
N SER J 85 14.26 58.03 -20.52
CA SER J 85 13.29 58.83 -19.78
C SER J 85 12.07 58.05 -19.34
N ILE J 86 11.84 56.90 -19.96
CA ILE J 86 10.75 56.00 -19.54
C ILE J 86 11.10 55.29 -18.21
N PRO J 87 10.08 54.80 -17.51
CA PRO J 87 10.31 54.12 -16.23
C PRO J 87 11.29 52.95 -16.33
N VAL J 88 12.13 52.81 -15.30
CA VAL J 88 13.10 51.73 -15.20
C VAL J 88 12.75 50.83 -14.03
N MET J 89 12.66 49.53 -14.32
CA MET J 89 12.41 48.52 -13.31
C MET J 89 13.69 47.71 -13.09
N ALA J 90 13.79 47.11 -11.91
CA ALA J 90 14.86 46.16 -11.63
C ALA J 90 14.38 45.09 -10.64
N VAL J 92 14.58 42.07 -7.66
CA VAL J 92 15.17 41.57 -6.42
C VAL J 92 14.73 40.14 -6.16
N ARG J 93 15.49 39.44 -5.33
CA ARG J 93 15.15 38.09 -4.95
C ARG J 93 13.92 38.10 -4.03
N ILE J 94 13.10 37.08 -4.15
CA ILE J 94 11.89 36.98 -3.35
C ILE J 94 12.27 37.01 -1.87
N GLY J 95 11.61 37.89 -1.13
CA GLY J 95 11.85 38.04 0.30
C GLY J 95 13.04 38.89 0.70
N HIS J 96 13.82 39.37 -0.27
CA HIS J 96 15.04 40.10 0.06
C HIS J 96 14.73 41.58 0.31
N TYR J 97 14.26 41.84 1.51
CA TYR J 97 13.88 43.16 1.95
C TYR J 97 14.96 44.22 1.71
N VAL J 98 16.22 43.88 1.96
CA VAL J 98 17.30 44.87 1.84
C VAL J 98 17.68 45.16 0.39
N GLU J 99 17.73 44.15 -0.46
CA GLU J 99 17.90 44.39 -1.89
C GLU J 99 16.86 45.39 -2.39
N ALA J 100 15.63 45.23 -1.94
CA ALA J 100 14.55 46.11 -2.33
C ALA J 100 14.79 47.53 -1.82
N ARG J 101 15.23 47.66 -0.58
CA ARG J 101 15.55 48.98 -0.03
C ARG J 101 16.71 49.65 -0.76
N VAL J 102 17.65 48.85 -1.21
CA VAL J 102 18.76 49.36 -1.98
C VAL J 102 18.27 49.95 -3.29
N LEU J 103 17.43 49.20 -4.01
CA LEU J 103 16.87 49.70 -5.27
C LEU J 103 16.01 50.92 -5.06
N GLU J 104 15.27 50.96 -3.95
CA GLU J 104 14.49 52.12 -3.60
C GLU J 104 15.39 53.33 -3.44
N ALA J 105 16.49 53.16 -2.73
CA ALA J 105 17.46 54.24 -2.51
C ALA J 105 18.13 54.70 -3.81
N LEU J 106 18.31 53.79 -4.76
CA LEU J 106 18.88 54.16 -6.07
C LEU J 106 17.95 54.99 -6.94
N GLY J 107 16.67 55.05 -6.61
CA GLY J 107 15.70 55.85 -7.37
C GLY J 107 15.01 55.11 -8.51
N VAL J 108 15.13 53.80 -8.52
CA VAL J 108 14.38 52.93 -9.42
C VAL J 108 12.89 53.27 -9.40
N ASP J 109 12.21 53.12 -10.53
CA ASP J 109 10.78 53.43 -10.62
C ASP J 109 9.87 52.29 -10.17
N TYR J 110 10.29 51.05 -10.44
CA TYR J 110 9.54 49.87 -9.98
C TYR J 110 10.50 48.80 -9.53
N ILE J 111 10.12 48.05 -8.50
CA ILE J 111 10.87 46.88 -8.07
C ILE J 111 10.09 45.64 -8.44
N ASP J 112 10.78 44.70 -9.08
CA ASP J 112 10.20 43.43 -9.46
C ASP J 112 10.71 42.35 -8.50
N GLU J 113 9.85 41.93 -7.58
CA GLU J 113 10.16 40.82 -6.70
C GLU J 113 10.00 39.55 -7.53
N SER J 114 11.12 39.02 -7.99
CA SER J 114 11.13 38.13 -9.14
C SER J 114 11.50 36.71 -8.81
N GLU J 115 10.67 35.79 -9.29
CA GLU J 115 10.89 34.35 -9.13
C GLU J 115 12.00 33.78 -10.02
N VAL J 116 12.46 34.53 -11.03
CA VAL J 116 13.57 34.06 -11.86
C VAL J 116 14.92 34.26 -11.17
N LEU J 117 14.99 35.20 -10.22
CA LEU J 117 16.15 35.27 -9.36
C LEU J 117 16.05 34.18 -8.30
N THR J 118 17.14 33.88 -7.64
CA THR J 118 17.19 32.82 -6.65
C THR J 118 16.49 33.28 -5.36
N PRO J 119 15.36 32.64 -5.00
CA PRO J 119 14.64 33.13 -3.84
C PRO J 119 15.50 33.23 -2.58
N ALA J 120 15.36 34.34 -1.86
CA ALA J 120 16.04 34.53 -0.57
C ALA J 120 15.19 34.03 0.60
N ASP J 121 13.88 33.98 0.40
CA ASP J 121 12.96 33.49 1.43
C ASP J 121 11.90 32.61 0.77
N GLU J 122 11.89 31.33 1.13
CA GLU J 122 10.96 30.35 0.55
C GLU J 122 9.53 30.52 1.05
N GLU J 123 9.34 31.22 2.17
CA GLU J 123 8.04 31.27 2.85
C GLU J 123 7.37 32.64 2.89
N PHE J 124 8.15 33.70 2.98
CA PHE J 124 7.60 35.04 3.17
C PHE J 124 8.10 35.98 2.10
N HIS J 125 7.19 36.62 1.39
CA HIS J 125 7.55 37.66 0.45
C HIS J 125 7.75 38.97 1.19
N ILE J 126 8.35 39.94 0.51
CA ILE J 126 8.58 41.25 1.07
C ILE J 126 7.26 41.92 1.47
N ASP J 127 7.24 42.59 2.61
CA ASP J 127 6.10 43.42 2.96
C ASP J 127 6.20 44.74 2.20
N LYS J 128 5.61 44.75 1.01
CA LYS J 128 5.78 45.83 0.07
C LYS J 128 5.00 47.08 0.47
N ARG J 129 4.09 46.96 1.42
CA ARG J 129 3.34 48.10 1.94
C ARG J 129 4.26 49.13 2.62
N GLN J 130 5.43 48.67 3.08
CA GLN J 130 6.35 49.53 3.83
C GLN J 130 7.24 50.38 2.92
N PHE J 131 7.03 50.31 1.60
CA PHE J 131 7.90 50.96 0.63
C PHE J 131 7.20 52.09 -0.10
N THR J 132 7.99 53.05 -0.56
CA THR J 132 7.53 54.17 -1.36
C THR J 132 7.38 53.76 -2.82
N VAL J 133 8.40 53.08 -3.34
CA VAL J 133 8.42 52.62 -4.71
C VAL J 133 7.43 51.45 -4.91
N PRO J 134 6.71 51.42 -6.05
CA PRO J 134 5.79 50.33 -6.31
C PRO J 134 6.48 49.03 -6.72
N PHE J 135 5.84 47.90 -6.41
CA PHE J 135 6.35 46.59 -6.77
C PHE J 135 5.49 45.91 -7.81
N VAL J 136 6.15 45.16 -8.69
CA VAL J 136 5.47 44.15 -9.49
C VAL J 136 5.83 42.78 -8.92
N CYS J 137 4.85 41.89 -8.85
CA CYS J 137 5.05 40.51 -8.38
C CYS J 137 4.47 39.52 -9.37
N GLY J 138 5.02 38.30 -9.35
CA GLY J 138 4.52 37.22 -10.20
C GLY J 138 3.32 36.52 -9.58
N CYS J 139 2.51 35.88 -10.42
CA CYS J 139 1.45 35.02 -9.92
C CYS J 139 1.10 33.97 -10.97
N ARG J 140 0.62 32.81 -10.50
CA ARG J 140 0.21 31.72 -11.36
C ARG J 140 -1.29 31.44 -11.28
N ASP J 141 -1.95 31.99 -10.28
CA ASP J 141 -3.39 31.80 -10.09
C ASP J 141 -3.90 32.93 -9.21
N LEU J 142 -5.22 32.97 -9.00
CA LEU J 142 -5.83 34.11 -8.32
C LEU J 142 -5.47 34.16 -6.84
N GLY J 143 -5.28 32.99 -6.22
CA GLY J 143 -4.84 32.94 -4.84
C GLY J 143 -3.51 33.65 -4.64
N GLU J 144 -2.53 33.32 -5.46
CA GLU J 144 -1.23 33.97 -5.44
C GLU J 144 -1.38 35.47 -5.70
N ALA J 145 -2.17 35.80 -6.72
CA ALA J 145 -2.34 37.20 -7.08
C ALA J 145 -2.87 37.98 -5.89
N ALA J 146 -3.86 37.41 -5.20
CA ALA J 146 -4.49 38.10 -4.09
C ALA J 146 -3.56 38.22 -2.91
N ARG J 147 -2.74 37.20 -2.68
CA ARG J 147 -1.76 37.26 -1.61
C ARG J 147 -0.70 38.33 -1.89
N ARG J 148 -0.25 38.40 -3.14
CA ARG J 148 0.72 39.44 -3.52
C ARG J 148 0.12 40.85 -3.33
N ILE J 149 -1.14 41.00 -3.68
CA ILE J 149 -1.82 42.28 -3.49
C ILE J 149 -1.93 42.63 -2.01
N ALA J 150 -2.26 41.66 -1.18
CA ALA J 150 -2.34 41.89 0.28
C ALA J 150 -0.99 42.28 0.90
N GLU J 151 0.10 41.82 0.31
CA GLU J 151 1.44 42.20 0.73
C GLU J 151 1.83 43.59 0.24
N GLY J 152 1.03 44.17 -0.66
CA GLY J 152 1.24 45.54 -1.12
C GLY J 152 1.69 45.68 -2.57
N ALA J 153 1.63 44.60 -3.34
CA ALA J 153 1.99 44.67 -4.76
C ALA J 153 1.15 45.71 -5.47
N SER J 154 1.79 46.51 -6.32
CA SER J 154 1.10 47.53 -7.13
C SER J 154 0.84 47.08 -8.57
N MET J 155 1.42 45.95 -8.96
CA MET J 155 1.26 45.45 -10.31
C MET J 155 1.54 43.94 -10.30
N LEU J 156 0.92 43.21 -11.23
CA LEU J 156 1.15 41.79 -11.33
C LEU J 156 1.70 41.37 -12.68
N ARG J 157 2.43 40.26 -12.65
CA ARG J 157 2.98 39.61 -13.81
C ARG J 157 2.51 38.16 -13.73
N THR J 158 1.61 37.78 -14.63
CA THR J 158 1.09 36.42 -14.64
C THR J 158 2.02 35.60 -15.50
N LYS J 159 2.70 34.64 -14.89
CA LYS J 159 3.77 33.95 -15.56
C LYS J 159 4.04 32.56 -15.02
N GLY J 160 4.31 31.64 -15.94
CA GLY J 160 4.77 30.28 -15.59
C GLY J 160 6.29 30.19 -15.55
N GLU J 161 6.84 29.22 -16.27
CA GLU J 161 8.30 29.02 -16.35
C GLU J 161 8.93 30.03 -17.32
N PRO J 162 10.14 30.52 -17.00
CA PRO J 162 10.87 31.49 -17.82
C PRO J 162 11.92 30.85 -18.74
N GLY J 163 12.32 31.59 -19.77
CA GLY J 163 13.43 31.20 -20.64
C GLY J 163 13.20 30.07 -21.63
N THR J 164 11.95 29.64 -21.80
CA THR J 164 11.65 28.51 -22.68
C THR J 164 11.35 28.92 -24.12
N GLY J 165 11.00 30.19 -24.33
CA GLY J 165 10.44 30.62 -25.60
C GLY J 165 9.06 30.03 -25.88
N ASN J 166 8.47 29.38 -24.88
CA ASN J 166 7.22 28.67 -25.07
C ASN J 166 6.10 29.43 -24.39
N ILE J 167 5.13 29.87 -25.18
CA ILE J 167 4.05 30.73 -24.69
C ILE J 167 3.06 30.00 -23.78
N VAL J 168 3.11 28.66 -23.74
CA VAL J 168 2.13 27.88 -22.99
C VAL J 168 2.13 28.24 -21.51
N GLU J 169 3.30 28.66 -21.02
CA GLU J 169 3.46 29.04 -19.64
C GLU J 169 2.58 30.23 -19.32
N ALA J 170 2.76 31.30 -20.09
CA ALA J 170 1.94 32.50 -19.97
C ALA J 170 0.45 32.20 -20.15
N VAL J 171 0.11 31.43 -21.19
CA VAL J 171 -1.27 31.12 -21.53
C VAL J 171 -1.98 30.39 -20.40
N ARG J 172 -1.39 29.31 -19.92
CA ARG J 172 -1.96 28.50 -18.84
C ARG J 172 -2.41 29.39 -17.70
N HIS J 173 -1.51 30.28 -17.28
CA HIS J 173 -1.76 31.05 -16.09
C HIS J 173 -2.65 32.26 -16.33
N MET J 174 -2.55 32.88 -17.50
CA MET J 174 -3.46 33.98 -17.80
C MET J 174 -4.87 33.42 -17.92
N ARG J 175 -5.03 32.25 -18.53
CA ARG J 175 -6.34 31.62 -18.61
C ARG J 175 -6.90 31.30 -17.23
N LYS J 176 -6.03 30.78 -16.36
CA LYS J 176 -6.44 30.40 -15.00
C LYS J 176 -6.87 31.62 -14.19
N VAL J 177 -6.01 32.63 -14.15
CA VAL J 177 -6.27 33.82 -13.38
C VAL J 177 -7.56 34.50 -13.84
N ASN J 178 -7.70 34.68 -15.14
CA ASN J 178 -8.86 35.37 -15.66
C ASN J 178 -10.15 34.55 -15.53
N ALA J 179 -10.05 33.23 -15.69
CA ALA J 179 -11.23 32.36 -15.46
C ALA J 179 -11.68 32.45 -14.00
N GLN J 180 -10.72 32.45 -13.09
CA GLN J 180 -11.03 32.57 -11.66
C GLN J 180 -11.62 33.95 -11.33
N ILE J 181 -11.14 34.99 -11.99
CA ILE J 181 -11.68 36.33 -11.78
C ILE J 181 -13.14 36.37 -12.26
N ARG J 182 -13.40 35.88 -13.47
CA ARG J 182 -14.77 35.89 -14.00
C ARG J 182 -15.72 35.14 -13.06
N LYS J 183 -15.26 34.04 -12.51
CA LYS J 183 -16.06 33.28 -11.55
C LYS J 183 -16.39 34.12 -10.33
N VAL J 184 -15.38 34.77 -9.76
CA VAL J 184 -15.56 35.62 -8.59
C VAL J 184 -16.47 36.81 -8.87
N VAL J 185 -16.29 37.45 -10.01
CA VAL J 185 -17.08 38.61 -10.38
C VAL J 185 -18.57 38.28 -10.40
N ASN J 186 -18.92 37.12 -10.91
CA ASN J 186 -20.33 36.75 -11.10
C ASN J 186 -20.91 35.88 -9.99
N MET J 187 -20.10 35.47 -9.01
CA MET J 187 -20.61 34.53 -8.02
C MET J 187 -21.43 35.22 -6.93
N SER J 188 -22.27 34.42 -6.30
CA SER J 188 -23.11 34.88 -5.22
C SER J 188 -22.25 35.45 -4.10
N GLU J 189 -22.61 36.65 -3.64
CA GLU J 189 -21.81 37.39 -2.64
C GLU J 189 -21.52 36.54 -1.40
N ASP J 190 -22.51 35.78 -0.95
CA ASP J 190 -22.38 34.99 0.27
C ASP J 190 -21.46 33.76 0.13
N GLU J 191 -20.98 33.49 -1.07
CA GLU J 191 -20.07 32.36 -1.30
C GLU J 191 -18.59 32.77 -1.32
N LEU J 192 -18.29 34.06 -1.20
CA LEU J 192 -16.93 34.55 -1.35
C LEU J 192 -15.98 34.11 -0.27
N VAL J 193 -16.44 34.08 0.98
CA VAL J 193 -15.57 33.70 2.10
C VAL J 193 -15.07 32.27 1.88
N ALA J 194 -15.97 31.38 1.49
CA ALA J 194 -15.60 30.00 1.20
C ALA J 194 -14.69 29.90 -0.04
N GLU J 195 -14.96 30.74 -1.04
CA GLU J 195 -14.12 30.78 -2.23
C GLU J 195 -12.71 31.19 -1.83
N ALA J 196 -12.63 32.23 -1.00
CA ALA J 196 -11.34 32.73 -0.53
C ALA J 196 -10.57 31.63 0.20
N LYS J 197 -11.25 30.90 1.08
CA LYS J 197 -10.60 29.78 1.78
C LYS J 197 -10.02 28.76 0.80
N GLN J 198 -10.83 28.39 -0.20
CA GLN J 198 -10.44 27.40 -1.18
C GLN J 198 -9.26 27.85 -2.05
N LEU J 199 -9.24 29.14 -2.43
CA LEU J 199 -8.15 29.70 -3.23
C LEU J 199 -6.90 30.03 -2.43
N GLY J 200 -7.02 30.14 -1.11
CA GLY J 200 -5.96 30.67 -0.27
C GLY J 200 -5.81 32.18 -0.42
N ALA J 201 -6.91 32.85 -0.77
CA ALA J 201 -6.91 34.29 -1.00
C ALA J 201 -7.48 35.05 0.20
N PRO J 202 -7.01 36.29 0.42
CA PRO J 202 -7.70 37.22 1.32
C PRO J 202 -9.06 37.63 0.78
N VAL J 203 -10.11 37.45 1.57
CA VAL J 203 -11.47 37.71 1.11
C VAL J 203 -11.69 39.17 0.69
N GLU J 204 -11.07 40.11 1.40
CA GLU J 204 -11.23 41.53 1.04
C GLU J 204 -10.71 41.85 -0.37
N VAL J 205 -9.69 41.13 -0.81
CA VAL J 205 -9.22 41.29 -2.19
C VAL J 205 -10.23 40.71 -3.17
N LEU J 206 -10.81 39.55 -2.85
CA LEU J 206 -11.89 39.01 -3.69
C LEU J 206 -13.08 39.95 -3.76
N ARG J 207 -13.44 40.54 -2.62
CA ARG J 207 -14.55 41.49 -2.56
C ARG J 207 -14.28 42.70 -3.43
N GLU J 208 -13.05 43.19 -3.38
CA GLU J 208 -12.62 44.29 -4.25
C GLU J 208 -12.69 43.89 -5.73
N ILE J 209 -12.25 42.66 -6.05
CA ILE J 209 -12.31 42.17 -7.43
C ILE J 209 -13.75 42.12 -7.92
N LYS J 210 -14.63 41.60 -7.09
CA LYS J 210 -16.05 41.53 -7.45
C LYS J 210 -16.63 42.92 -7.69
N ARG J 211 -16.23 43.87 -6.85
CA ARG J 211 -16.68 45.24 -6.94
C ARG J 211 -16.23 45.90 -8.26
N LEU J 212 -14.94 45.76 -8.59
CA LEU J 212 -14.39 46.38 -9.79
C LEU J 212 -14.67 45.61 -11.08
N GLY J 213 -14.99 44.34 -10.98
CA GLY J 213 -15.12 43.49 -12.16
C GLY J 213 -13.77 43.04 -12.74
N ARG J 214 -12.68 43.29 -12.02
CA ARG J 214 -11.34 42.92 -12.47
C ARG J 214 -10.36 43.09 -11.31
N LEU J 215 -9.10 42.74 -11.54
CA LEU J 215 -8.07 42.97 -10.52
C LEU J 215 -7.92 44.46 -10.27
N PRO J 216 -7.65 44.84 -9.01
CA PRO J 216 -7.43 46.25 -8.67
C PRO J 216 -6.06 46.77 -9.08
N VAL J 217 -5.22 45.91 -9.66
CA VAL J 217 -3.96 46.34 -10.23
C VAL J 217 -3.83 45.82 -11.65
N VAL J 218 -2.91 46.42 -12.38
CA VAL J 218 -2.57 46.00 -13.72
C VAL J 218 -1.92 44.61 -13.70
N ASN J 219 -2.22 43.80 -14.71
CA ASN J 219 -1.71 42.43 -14.80
C ASN J 219 -1.14 42.18 -16.19
N PHE J 220 0.18 42.09 -16.28
CA PHE J 220 0.85 41.85 -17.55
C PHE J 220 1.19 40.37 -17.69
N ALA J 221 1.24 39.90 -18.93
CA ALA J 221 1.65 38.53 -19.21
C ALA J 221 3.15 38.47 -19.38
N ALA J 222 3.74 37.35 -19.00
CA ALA J 222 5.15 37.13 -19.19
C ALA J 222 5.40 35.62 -19.26
N GLY J 223 6.47 35.24 -19.94
CA GLY J 223 6.83 33.84 -20.09
C GLY J 223 6.72 33.37 -21.52
N GLY J 224 7.83 33.43 -22.24
CA GLY J 224 7.93 32.87 -23.58
C GLY J 224 7.28 33.71 -24.67
N VAL J 225 6.96 34.96 -24.38
CA VAL J 225 6.41 35.86 -25.39
C VAL J 225 7.53 36.13 -26.39
N THR J 226 7.42 35.56 -27.57
CA THR J 226 8.49 35.55 -28.55
C THR J 226 8.09 36.25 -29.85
N THR J 227 6.94 35.91 -30.41
CA THR J 227 6.51 36.49 -31.68
C THR J 227 5.44 37.55 -31.49
N PRO J 228 5.23 38.40 -32.52
CA PRO J 228 4.15 39.37 -32.46
C PRO J 228 2.81 38.71 -32.24
N ALA J 229 2.59 37.55 -32.84
CA ALA J 229 1.36 36.81 -32.60
C ALA J 229 1.23 36.41 -31.12
N ASP J 230 2.33 35.99 -30.50
CA ASP J 230 2.31 35.68 -29.06
C ASP J 230 1.83 36.86 -28.25
N ALA J 231 2.40 38.03 -28.50
CA ALA J 231 2.09 39.22 -27.73
C ALA J 231 0.62 39.57 -27.87
N ALA J 232 0.12 39.55 -29.09
CA ALA J 232 -1.28 39.85 -29.34
C ALA J 232 -2.21 38.82 -28.71
N LEU J 233 -1.79 37.56 -28.72
CA LEU J 233 -2.55 36.49 -28.06
C LEU J 233 -2.77 36.78 -26.59
N MET J 234 -1.71 37.20 -25.92
CA MET J 234 -1.81 37.47 -24.50
C MET J 234 -2.84 38.57 -24.24
N MET J 235 -2.84 39.58 -25.11
CA MET J 235 -3.85 40.64 -25.02
C MET J 235 -5.25 40.10 -25.30
N HIS J 236 -5.37 39.24 -26.30
CA HIS J 236 -6.64 38.56 -26.57
C HIS J 236 -7.15 37.81 -25.33
N LEU J 237 -6.23 37.21 -24.58
CA LEU J 237 -6.59 36.46 -23.38
C LEU J 237 -6.84 37.34 -22.15
N GLY J 238 -6.72 38.66 -22.30
CA GLY J 238 -7.11 39.56 -21.24
C GLY J 238 -5.96 40.16 -20.45
N ALA J 239 -4.73 40.01 -20.92
CA ALA J 239 -3.59 40.68 -20.30
C ALA J 239 -3.71 42.19 -20.47
N ASP J 240 -3.11 42.94 -19.56
CA ASP J 240 -3.04 44.39 -19.68
C ASP J 240 -1.78 44.83 -20.45
N GLY J 241 -0.90 43.88 -20.76
CA GLY J 241 0.37 44.21 -21.44
C GLY J 241 1.27 43.01 -21.37
N VAL J 242 2.51 43.13 -21.84
CA VAL J 242 3.43 42.01 -21.84
C VAL J 242 4.85 42.40 -21.46
N PHE J 243 5.55 41.47 -20.83
CA PHE J 243 6.99 41.56 -20.60
C PHE J 243 7.65 40.72 -21.67
N VAL J 244 8.79 41.18 -22.17
CA VAL J 244 9.58 40.43 -23.12
C VAL J 244 11.03 40.44 -22.68
N GLY J 245 11.73 39.35 -22.94
CA GLY J 245 13.08 39.14 -22.46
C GLY J 245 14.17 39.54 -23.46
N SER J 246 15.39 39.12 -23.14
CA SER J 246 16.58 39.50 -23.90
C SER J 246 16.64 38.93 -25.32
N GLY J 247 15.82 37.93 -25.61
CA GLY J 247 15.74 37.35 -26.96
C GLY J 247 15.69 38.40 -28.06
N ILE J 248 14.99 39.49 -27.81
CA ILE J 248 14.91 40.61 -28.76
C ILE J 248 16.29 41.07 -29.27
N PHE J 249 17.25 41.18 -28.36
CA PHE J 249 18.57 41.70 -28.71
C PHE J 249 19.53 40.66 -29.26
N LYS J 250 19.09 39.41 -29.30
CA LYS J 250 19.84 38.35 -29.99
C LYS J 250 19.39 38.19 -31.44
N SER J 251 18.39 38.96 -31.87
CA SER J 251 17.95 38.91 -33.27
C SER J 251 18.88 39.72 -34.16
N GLU J 252 18.68 39.58 -35.47
CA GLU J 252 19.50 40.30 -36.44
C GLU J 252 19.21 41.80 -36.44
N ASN J 253 17.95 42.17 -36.21
CA ASN J 253 17.52 43.56 -36.19
C ASN J 253 16.63 43.83 -34.96
N PRO J 254 17.26 44.04 -33.79
CA PRO J 254 16.54 44.25 -32.53
C PRO J 254 15.49 45.35 -32.58
N GLU J 255 15.84 46.49 -33.16
CA GLU J 255 14.92 47.63 -33.16
C GLU J 255 13.65 47.33 -33.96
N LYS J 256 13.79 46.59 -35.05
CA LYS J 256 12.64 46.18 -35.85
C LYS J 256 11.79 45.15 -35.11
N TYR J 257 12.47 44.21 -34.44
CA TYR J 257 11.80 43.15 -33.68
C TYR J 257 11.04 43.74 -32.48
N ALA J 258 11.71 44.56 -31.68
CA ALA J 258 11.09 45.24 -30.56
C ALA J 258 9.87 46.02 -31.00
N ARG J 259 10.05 46.76 -32.09
CA ARG J 259 8.99 47.53 -32.73
C ARG J 259 7.78 46.67 -33.09
N ALA J 260 8.02 45.51 -33.68
CA ALA J 260 6.95 44.60 -34.08
C ALA J 260 6.14 44.13 -32.88
N ILE J 261 6.83 43.84 -31.77
CA ILE J 261 6.17 43.40 -30.54
C ILE J 261 5.31 44.54 -29.99
N VAL J 262 5.88 45.74 -29.95
CA VAL J 262 5.16 46.92 -29.47
C VAL J 262 3.87 47.15 -30.27
N GLU J 263 3.97 47.10 -31.58
CA GLU J 263 2.81 47.40 -32.43
C GLU J 263 1.77 46.30 -32.34
N ALA J 264 2.23 45.05 -32.28
CA ALA J 264 1.32 43.92 -32.14
C ALA J 264 0.57 43.98 -30.82
N THR J 265 1.25 44.37 -29.76
CA THR J 265 0.63 44.45 -28.43
C THR J 265 -0.42 45.56 -28.39
N THR J 266 -0.09 46.69 -29.00
CA THR J 266 -1.03 47.82 -29.06
C THR J 266 -2.21 47.50 -29.96
N HIS J 267 -1.92 47.01 -31.16
CA HIS J 267 -2.97 46.74 -32.15
C HIS J 267 -3.25 45.26 -32.24
N TYR J 268 -3.64 44.68 -31.11
CA TYR J 268 -3.69 43.23 -30.96
C TYR J 268 -4.84 42.54 -31.72
N GLU J 269 -5.78 43.31 -32.25
CA GLU J 269 -6.83 42.76 -33.12
C GLU J 269 -6.66 43.10 -34.60
N ASP J 270 -5.55 43.74 -34.95
CA ASP J 270 -5.28 44.11 -36.34
C ASP J 270 -4.43 43.02 -37.00
N TYR J 271 -5.12 42.00 -37.50
CA TYR J 271 -4.44 40.77 -37.92
C TYR J 271 -3.65 40.93 -39.21
N GLU J 272 -4.10 41.83 -40.09
CA GLU J 272 -3.32 42.19 -41.28
C GLU J 272 -1.99 42.85 -40.91
N LEU J 273 -2.04 43.77 -39.96
CA LEU J 273 -0.81 44.39 -39.47
C LEU J 273 0.10 43.34 -38.83
N ILE J 274 -0.47 42.52 -37.96
CA ILE J 274 0.34 41.51 -37.25
C ILE J 274 0.97 40.53 -38.25
N ALA J 275 0.20 40.16 -39.27
CA ALA J 275 0.73 39.30 -40.34
C ALA J 275 1.91 39.96 -41.04
N HIS J 276 1.75 41.24 -41.37
CA HIS J 276 2.82 41.99 -42.00
C HIS J 276 4.03 42.07 -41.08
N LEU J 277 3.79 42.40 -39.81
CA LEU J 277 4.87 42.52 -38.83
C LEU J 277 5.64 41.22 -38.61
N SER J 278 4.99 40.09 -38.86
CA SER J 278 5.62 38.78 -38.67
C SER J 278 6.59 38.38 -39.78
N LYS J 279 6.52 39.04 -40.94
CA LYS J 279 7.34 38.65 -42.09
C LYS J 279 8.85 38.78 -41.85
N GLY J 280 9.27 39.96 -41.41
CA GLY J 280 10.70 40.23 -41.14
C GLY J 280 11.42 39.20 -40.29
N LEU J 281 11.11 39.17 -39.00
CA LEU J 281 11.82 38.29 -38.07
C LEU J 281 11.67 36.81 -38.44
N GLU K 25 -15.77 18.45 -49.27
CA GLU K 25 -15.13 19.24 -50.35
C GLU K 25 -13.68 18.83 -50.59
N MET K 26 -12.97 18.51 -49.51
CA MET K 26 -11.64 17.92 -49.61
C MET K 26 -11.75 16.56 -50.26
N GLN K 27 -11.29 16.50 -51.50
CA GLN K 27 -11.38 15.27 -52.29
C GLN K 27 -11.13 14.04 -51.43
N LYS K 28 -12.20 13.38 -51.01
CA LYS K 28 -12.08 12.01 -50.52
C LYS K 28 -11.22 11.21 -51.50
N GLY K 29 -10.47 10.25 -50.97
CA GLY K 29 -9.51 9.47 -51.74
C GLY K 29 -8.16 10.14 -51.96
N GLY K 30 -8.03 11.39 -51.48
CA GLY K 30 -6.87 12.20 -51.80
C GLY K 30 -5.67 12.05 -50.88
N VAL K 31 -4.56 12.63 -51.32
CA VAL K 31 -3.33 12.68 -50.57
C VAL K 31 -2.94 14.14 -50.37
N ILE K 32 -2.62 14.50 -49.12
CA ILE K 32 -2.14 15.84 -48.80
C ILE K 32 -0.66 15.74 -48.45
N MET K 33 0.16 16.61 -49.03
CA MET K 33 1.61 16.45 -48.92
C MET K 33 2.27 17.65 -48.27
N ASP K 34 3.21 17.37 -47.38
CA ASP K 34 4.02 18.41 -46.74
C ASP K 34 5.06 18.94 -47.74
N VAL K 35 5.12 20.26 -47.89
CA VAL K 35 6.10 20.90 -48.77
C VAL K 35 6.73 22.09 -48.07
N VAL K 36 8.03 22.29 -48.29
CA VAL K 36 8.75 23.41 -47.66
C VAL K 36 9.05 24.57 -48.62
N ASN K 37 8.76 24.39 -49.90
CA ASN K 37 8.99 25.44 -50.90
C ASN K 37 8.18 25.26 -52.18
N ALA K 38 8.30 26.23 -53.08
CA ALA K 38 7.54 26.24 -54.34
C ALA K 38 7.83 25.03 -55.22
N GLU K 39 9.10 24.65 -55.28
CA GLU K 39 9.52 23.50 -56.09
C GLU K 39 8.80 22.22 -55.65
N GLN K 40 8.85 21.93 -54.35
CA GLN K 40 8.19 20.75 -53.79
C GLN K 40 6.68 20.82 -53.99
N ALA K 41 6.12 22.01 -53.81
CA ALA K 41 4.68 22.21 -54.00
C ALA K 41 4.24 21.86 -55.42
N LYS K 42 5.03 22.28 -56.41
CA LYS K 42 4.71 22.01 -57.81
C LYS K 42 4.76 20.52 -58.10
N ILE K 43 5.79 19.86 -57.59
CA ILE K 43 5.92 18.41 -57.71
C ILE K 43 4.70 17.71 -57.11
N ALA K 44 4.28 18.14 -55.93
CA ALA K 44 3.11 17.56 -55.26
C ALA K 44 1.86 17.71 -56.12
N GLU K 45 1.65 18.92 -56.62
CA GLU K 45 0.53 19.20 -57.50
C GLU K 45 0.59 18.33 -58.75
N ALA K 46 1.77 18.25 -59.34
CA ALA K 46 1.97 17.44 -60.56
C ALA K 46 1.70 15.96 -60.32
N ALA K 47 2.09 15.46 -59.14
CA ALA K 47 1.85 14.05 -58.78
C ALA K 47 0.38 13.72 -58.54
N GLY K 48 -0.45 14.74 -58.34
CA GLY K 48 -1.89 14.53 -58.13
C GLY K 48 -2.41 14.75 -56.72
N ALA K 49 -1.60 15.35 -55.85
CA ALA K 49 -2.02 15.72 -54.49
C ALA K 49 -3.28 16.56 -54.56
N VAL K 50 -4.21 16.34 -53.62
CA VAL K 50 -5.41 17.17 -53.55
C VAL K 50 -5.17 18.48 -52.82
N ALA K 51 -4.09 18.55 -52.05
CA ALA K 51 -3.70 19.78 -51.37
C ALA K 51 -2.28 19.65 -50.87
N VAL K 52 -1.69 20.78 -50.52
CA VAL K 52 -0.36 20.78 -49.92
C VAL K 52 -0.38 21.45 -48.55
N MET K 53 0.56 21.03 -47.72
CA MET K 53 0.70 21.55 -46.37
C MET K 53 2.03 22.28 -46.35
N ALA K 54 1.98 23.59 -46.24
CA ALA K 54 3.19 24.41 -46.28
C ALA K 54 3.89 24.41 -44.92
N LEU K 55 5.18 24.08 -44.90
CA LEU K 55 5.96 24.04 -43.67
C LEU K 55 7.25 24.83 -43.79
N GLU K 56 7.82 25.20 -42.64
CA GLU K 56 9.15 25.79 -42.59
C GLU K 56 10.18 24.67 -42.39
N ARG K 57 9.98 23.84 -41.37
CA ARG K 57 10.91 22.75 -41.04
C ARG K 57 11.50 22.07 -42.28
N GLY K 67 13.52 22.16 -29.43
CA GLY K 67 13.20 23.57 -29.60
C GLY K 67 11.71 23.80 -29.78
N VAL K 68 11.30 25.06 -29.87
CA VAL K 68 9.89 25.41 -29.99
C VAL K 68 9.49 25.54 -31.45
N ALA K 69 8.43 24.82 -31.84
CA ALA K 69 7.93 24.83 -33.22
C ALA K 69 6.67 25.68 -33.31
N ARG K 70 6.72 26.70 -34.17
CA ARG K 70 5.64 27.67 -34.28
C ARG K 70 5.09 27.72 -35.70
N MET K 71 4.08 28.56 -35.88
CA MET K 71 3.58 28.89 -37.21
C MET K 71 4.75 29.29 -38.10
N ALA K 72 4.69 28.87 -39.36
CA ALA K 72 5.76 29.17 -40.32
C ALA K 72 5.77 30.65 -40.68
N ASP K 73 6.94 31.15 -41.09
CA ASP K 73 7.07 32.50 -41.64
C ASP K 73 6.06 32.67 -42.78
N PRO K 74 5.26 33.74 -42.73
CA PRO K 74 4.27 34.01 -43.80
C PRO K 74 4.86 34.02 -45.21
N THR K 75 6.11 34.44 -45.34
CA THR K 75 6.81 34.47 -46.62
C THR K 75 6.83 33.09 -47.26
N VAL K 76 7.15 32.07 -46.47
CA VAL K 76 7.22 30.69 -46.96
C VAL K 76 5.84 30.20 -47.39
N ILE K 77 4.82 30.59 -46.64
CA ILE K 77 3.46 30.19 -46.95
C ILE K 77 2.98 30.84 -48.25
N GLU K 78 3.30 32.11 -48.42
CA GLU K 78 2.93 32.83 -49.65
C GLU K 78 3.65 32.25 -50.86
N GLU K 79 4.92 31.90 -50.70
CA GLU K 79 5.69 31.25 -51.76
C GLU K 79 4.96 29.99 -52.26
N VAL K 80 4.44 29.19 -51.32
CA VAL K 80 3.73 27.97 -51.67
C VAL K 80 2.36 28.29 -52.28
N MET K 81 1.65 29.27 -51.72
CA MET K 81 0.36 29.67 -52.26
C MET K 81 0.45 30.13 -53.72
N ASN K 82 1.50 30.87 -54.05
CA ASN K 82 1.69 31.38 -55.40
C ASN K 82 2.13 30.30 -56.39
N ALA K 83 2.71 29.22 -55.87
CA ALA K 83 3.28 28.17 -56.71
C ALA K 83 2.27 27.15 -57.26
N VAL K 84 1.07 27.08 -56.69
CA VAL K 84 0.11 26.04 -57.06
C VAL K 84 -1.32 26.54 -57.07
N SER K 85 -2.18 25.79 -57.74
CA SER K 85 -3.60 26.10 -57.83
C SER K 85 -4.47 25.26 -56.90
N ILE K 86 -3.94 24.14 -56.44
CA ILE K 86 -4.65 23.31 -55.45
C ILE K 86 -4.62 23.99 -54.09
N PRO K 87 -5.56 23.61 -53.19
CA PRO K 87 -5.62 24.19 -51.85
C PRO K 87 -4.30 24.09 -51.06
N VAL K 88 -4.00 25.15 -50.31
CA VAL K 88 -2.81 25.21 -49.47
C VAL K 88 -3.21 25.27 -48.01
N MET K 89 -2.63 24.38 -47.22
CA MET K 89 -2.87 24.33 -45.78
C MET K 89 -1.62 24.79 -45.07
N ALA K 90 -1.79 25.28 -43.85
CA ALA K 90 -0.65 25.58 -42.97
C ALA K 90 -1.01 25.40 -41.52
N VAL K 92 -0.96 25.83 -37.29
CA VAL K 92 -0.83 26.69 -36.11
C VAL K 92 -0.74 25.85 -34.84
N ARG K 93 -0.20 26.44 -33.79
CA ARG K 93 -0.15 25.80 -32.49
C ARG K 93 -1.55 25.68 -31.89
N ILE K 94 -1.80 24.60 -31.16
CA ILE K 94 -3.10 24.37 -30.54
C ILE K 94 -3.42 25.53 -29.62
N GLY K 95 -4.62 26.07 -29.79
CA GLY K 95 -5.09 27.21 -28.99
C GLY K 95 -4.59 28.58 -29.41
N HIS K 96 -3.74 28.65 -30.44
CA HIS K 96 -3.14 29.95 -30.80
C HIS K 96 -4.08 30.71 -31.74
N TYR K 97 -5.07 31.34 -31.15
CA TYR K 97 -6.09 32.09 -31.87
C TYR K 97 -5.50 33.10 -32.87
N VAL K 98 -4.44 33.79 -32.48
CA VAL K 98 -3.89 34.85 -33.32
C VAL K 98 -3.06 34.31 -34.49
N GLU K 99 -2.28 33.26 -34.27
CA GLU K 99 -1.60 32.58 -35.38
C GLU K 99 -2.64 32.20 -36.44
N ALA K 100 -3.78 31.67 -35.99
CA ALA K 100 -4.83 31.29 -36.91
C ALA K 100 -5.38 32.50 -37.68
N ARG K 101 -5.62 33.59 -36.97
CA ARG K 101 -6.11 34.81 -37.62
C ARG K 101 -5.11 35.36 -38.63
N VAL K 102 -3.82 35.23 -38.31
CA VAL K 102 -2.77 35.63 -39.24
C VAL K 102 -2.88 34.82 -40.53
N LEU K 103 -2.95 33.49 -40.40
CA LEU K 103 -3.04 32.62 -41.58
C LEU K 103 -4.30 32.90 -42.37
N GLU K 104 -5.38 33.20 -41.65
CA GLU K 104 -6.63 33.57 -42.30
C GLU K 104 -6.42 34.82 -43.15
N ALA K 105 -5.75 35.82 -42.59
CA ALA K 105 -5.48 37.06 -43.29
C ALA K 105 -4.55 36.86 -44.49
N LEU K 106 -3.64 35.89 -44.42
CA LEU K 106 -2.75 35.58 -45.54
C LEU K 106 -3.46 34.92 -46.72
N GLY K 107 -4.68 34.44 -46.53
CA GLY K 107 -5.46 33.83 -47.60
C GLY K 107 -5.27 32.33 -47.76
N VAL K 108 -4.64 31.71 -46.77
CA VAL K 108 -4.53 30.25 -46.68
C VAL K 108 -5.91 29.57 -46.88
N ASP K 109 -5.90 28.40 -47.50
CA ASP K 109 -7.16 27.69 -47.78
C ASP K 109 -7.67 26.86 -46.59
N TYR K 110 -6.75 26.27 -45.83
CA TYR K 110 -7.09 25.53 -44.62
C TYR K 110 -6.08 25.81 -43.53
N ILE K 111 -6.56 25.87 -42.29
CA ILE K 111 -5.69 25.94 -41.13
C ILE K 111 -5.68 24.60 -40.40
N ASP K 112 -4.48 24.11 -40.12
CA ASP K 112 -4.31 22.90 -39.38
C ASP K 112 -3.89 23.23 -37.96
N GLU K 113 -4.84 23.11 -37.02
CA GLU K 113 -4.53 23.26 -35.60
C GLU K 113 -3.83 21.98 -35.18
N SER K 114 -2.50 22.05 -35.09
CA SER K 114 -1.66 20.87 -35.14
C SER K 114 -0.96 20.53 -33.83
N GLU K 115 -1.07 19.27 -33.43
CA GLU K 115 -0.42 18.77 -32.24
C GLU K 115 1.10 18.56 -32.42
N VAL K 116 1.61 18.58 -33.64
CA VAL K 116 3.06 18.44 -33.83
C VAL K 116 3.80 19.75 -33.57
N LEU K 117 3.10 20.87 -33.68
CA LEU K 117 3.66 22.14 -33.20
C LEU K 117 3.54 22.15 -31.69
N THR K 118 4.26 23.07 -31.05
CA THR K 118 4.25 23.17 -29.60
C THR K 118 2.96 23.81 -29.10
N PRO K 119 2.12 23.06 -28.37
CA PRO K 119 0.83 23.65 -27.96
C PRO K 119 0.98 24.99 -27.25
N ALA K 120 0.13 25.94 -27.62
CA ALA K 120 0.06 27.24 -26.96
C ALA K 120 -0.92 27.21 -25.78
N ASP K 121 -1.90 26.32 -25.85
CA ASP K 121 -2.91 26.19 -24.81
C ASP K 121 -3.13 24.69 -24.55
N GLU K 122 -2.83 24.26 -23.32
CA GLU K 122 -3.00 22.85 -22.94
C GLU K 122 -4.44 22.43 -22.70
N GLU K 123 -5.34 23.40 -22.51
CA GLU K 123 -6.71 23.09 -22.10
C GLU K 123 -7.78 23.42 -23.13
N PHE K 124 -7.58 24.49 -23.90
CA PHE K 124 -8.63 24.99 -24.79
C PHE K 124 -8.11 25.10 -26.19
N HIS K 125 -8.80 24.44 -27.12
CA HIS K 125 -8.52 24.62 -28.53
C HIS K 125 -9.18 25.88 -29.05
N ILE K 126 -8.77 26.30 -30.24
CA ILE K 126 -9.33 27.49 -30.90
C ILE K 126 -10.83 27.30 -31.14
N ASP K 127 -11.59 28.37 -30.91
CA ASP K 127 -13.00 28.36 -31.28
C ASP K 127 -13.09 28.63 -32.78
N LYS K 128 -13.06 27.54 -33.55
CA LYS K 128 -12.94 27.62 -34.99
C LYS K 128 -14.23 28.10 -35.68
N ARG K 129 -15.34 28.07 -34.95
CA ARG K 129 -16.62 28.57 -35.47
C ARG K 129 -16.55 30.07 -35.83
N GLN K 130 -15.62 30.80 -35.22
CA GLN K 130 -15.50 32.25 -35.41
C GLN K 130 -14.68 32.62 -36.65
N PHE K 131 -14.28 31.63 -37.44
CA PHE K 131 -13.40 31.85 -38.58
C PHE K 131 -14.11 31.59 -39.91
N THR K 132 -13.60 32.24 -40.96
CA THR K 132 -14.07 32.05 -42.32
C THR K 132 -13.40 30.83 -42.95
N VAL K 133 -12.09 30.72 -42.75
CA VAL K 133 -11.32 29.62 -43.30
C VAL K 133 -11.60 28.33 -42.51
N PRO K 134 -11.71 27.19 -43.23
CA PRO K 134 -11.93 25.92 -42.53
C PRO K 134 -10.68 25.40 -41.81
N PHE K 135 -10.91 24.62 -40.75
CA PHE K 135 -9.84 24.01 -39.99
C PHE K 135 -9.83 22.50 -40.13
N VAL K 136 -8.63 21.93 -40.12
CA VAL K 136 -8.44 20.52 -39.86
C VAL K 136 -7.85 20.38 -38.45
N CYS K 137 -8.36 19.42 -37.70
CA CYS K 137 -7.87 19.11 -36.36
C CYS K 137 -7.51 17.63 -36.25
N GLY K 138 -6.62 17.32 -35.32
CA GLY K 138 -6.26 15.94 -35.01
C GLY K 138 -7.24 15.29 -34.04
N CYS K 139 -7.30 13.96 -34.06
CA CYS K 139 -8.06 13.21 -33.07
C CYS K 139 -7.51 11.80 -32.94
N ARG K 140 -7.68 11.22 -31.75
CA ARG K 140 -7.20 9.86 -31.47
C ARG K 140 -8.34 8.91 -31.16
N ASP K 141 -9.53 9.45 -30.90
CA ASP K 141 -10.72 8.65 -30.63
C ASP K 141 -11.96 9.48 -30.92
N LEU K 142 -13.12 8.87 -30.83
CA LEU K 142 -14.35 9.54 -31.24
C LEU K 142 -14.72 10.71 -30.34
N GLY K 143 -14.38 10.61 -29.05
CA GLY K 143 -14.61 11.71 -28.11
C GLY K 143 -13.89 12.97 -28.56
N GLU K 144 -12.60 12.83 -28.86
CA GLU K 144 -11.80 13.95 -29.37
C GLU K 144 -12.37 14.47 -30.67
N ALA K 145 -12.69 13.55 -31.58
CA ALA K 145 -13.23 13.93 -32.86
C ALA K 145 -14.47 14.79 -32.70
N ALA K 146 -15.36 14.35 -31.83
CA ALA K 146 -16.62 15.05 -31.60
C ALA K 146 -16.40 16.41 -30.94
N ARG K 147 -15.43 16.50 -30.03
CA ARG K 147 -15.11 17.78 -29.38
C ARG K 147 -14.52 18.77 -30.39
N ARG K 148 -13.62 18.30 -31.25
CA ARG K 148 -13.08 19.13 -32.32
C ARG K 148 -14.20 19.63 -33.25
N ILE K 149 -15.14 18.75 -33.58
CA ILE K 149 -16.28 19.15 -34.42
C ILE K 149 -17.13 20.21 -33.74
N ALA K 150 -17.37 20.05 -32.45
CA ALA K 150 -18.16 21.02 -31.70
C ALA K 150 -17.48 22.38 -31.61
N GLU K 151 -16.16 22.40 -31.67
CA GLU K 151 -15.38 23.64 -31.71
C GLU K 151 -15.39 24.28 -33.10
N GLY K 152 -15.91 23.56 -34.10
CA GLY K 152 -16.05 24.09 -35.46
C GLY K 152 -15.10 23.51 -36.50
N ALA K 153 -14.39 22.43 -36.18
CA ALA K 153 -13.51 21.78 -37.15
C ALA K 153 -14.29 21.37 -38.40
N SER K 154 -13.70 21.61 -39.55
CA SER K 154 -14.32 21.24 -40.82
C SER K 154 -13.77 19.95 -41.38
N MET K 155 -12.66 19.46 -40.81
CA MET K 155 -12.01 18.26 -41.30
C MET K 155 -11.23 17.64 -40.14
N LEU K 156 -11.05 16.32 -40.18
CA LEU K 156 -10.28 15.64 -39.16
C LEU K 156 -9.10 14.88 -39.72
N ARG K 157 -8.10 14.75 -38.86
CA ARG K 157 -6.90 13.99 -39.12
C ARG K 157 -6.76 13.02 -37.96
N THR K 158 -6.97 11.74 -38.23
CA THR K 158 -6.86 10.73 -37.19
C THR K 158 -5.42 10.29 -37.14
N LYS K 159 -4.76 10.60 -36.03
CA LYS K 159 -3.33 10.41 -35.94
C LYS K 159 -2.82 10.18 -34.54
N GLY K 160 -1.84 9.28 -34.43
CA GLY K 160 -1.10 9.07 -33.17
C GLY K 160 0.15 9.92 -33.10
N GLU K 161 1.29 9.27 -32.85
CA GLU K 161 2.58 9.95 -32.77
C GLU K 161 3.15 10.22 -34.18
N PRO K 162 3.81 11.38 -34.37
CA PRO K 162 4.40 11.78 -35.65
C PRO K 162 5.88 11.46 -35.77
N GLY K 163 6.38 11.42 -37.00
CA GLY K 163 7.81 11.32 -37.28
C GLY K 163 8.49 9.96 -37.08
N THR K 164 7.70 8.92 -36.82
CA THR K 164 8.26 7.60 -36.52
C THR K 164 8.49 6.75 -37.76
N GLY K 165 7.79 7.07 -38.85
CA GLY K 165 7.71 6.17 -39.99
C GLY K 165 6.94 4.90 -39.70
N ASN K 166 6.28 4.84 -38.54
CA ASN K 166 5.60 3.64 -38.09
C ASN K 166 4.11 3.83 -38.23
N ILE K 167 3.48 3.00 -39.05
CA ILE K 167 2.06 3.14 -39.37
C ILE K 167 1.14 2.79 -38.19
N VAL K 168 1.68 2.14 -37.15
CA VAL K 168 0.84 1.62 -36.05
C VAL K 168 0.07 2.73 -35.36
N GLU K 169 0.64 3.92 -35.39
CA GLU K 169 0.05 5.11 -34.80
C GLU K 169 -1.26 5.43 -35.49
N ALA K 170 -1.19 5.60 -36.81
CA ALA K 170 -2.36 5.82 -37.64
C ALA K 170 -3.38 4.68 -37.49
N VAL K 171 -2.91 3.44 -37.55
CA VAL K 171 -3.80 2.27 -37.53
C VAL K 171 -4.59 2.20 -36.21
N ARG K 172 -3.89 2.29 -35.10
CA ARG K 172 -4.52 2.21 -33.78
C ARG K 172 -5.71 3.16 -33.70
N HIS K 173 -5.51 4.39 -34.14
CA HIS K 173 -6.51 5.41 -33.98
C HIS K 173 -7.59 5.38 -35.03
N MET K 174 -7.26 5.02 -36.27
CA MET K 174 -8.29 4.86 -37.28
C MET K 174 -9.20 3.68 -36.91
N ARG K 175 -8.60 2.60 -36.39
CA ARG K 175 -9.40 1.45 -35.93
C ARG K 175 -10.32 1.84 -34.77
N LYS K 176 -9.79 2.60 -33.82
CA LYS K 176 -10.56 3.04 -32.68
C LYS K 176 -11.74 3.96 -33.09
N VAL K 177 -11.43 5.00 -33.83
CA VAL K 177 -12.43 5.96 -34.25
C VAL K 177 -13.54 5.27 -35.06
N ASN K 178 -13.16 4.45 -36.02
CA ASN K 178 -14.15 3.82 -36.88
C ASN K 178 -14.95 2.73 -36.17
N ALA K 179 -14.31 2.01 -35.25
CA ALA K 179 -15.02 1.03 -34.42
C ALA K 179 -16.06 1.74 -33.57
N GLN K 180 -15.66 2.87 -32.97
CA GLN K 180 -16.58 3.65 -32.14
C GLN K 180 -17.73 4.25 -32.94
N ILE K 181 -17.44 4.66 -34.17
CA ILE K 181 -18.49 5.15 -35.07
C ILE K 181 -19.49 4.03 -35.38
N ARG K 182 -19.00 2.88 -35.81
CA ARG K 182 -19.90 1.76 -36.12
C ARG K 182 -20.81 1.40 -34.94
N LYS K 183 -20.25 1.45 -33.73
CA LYS K 183 -21.03 1.19 -32.51
C LYS K 183 -22.16 2.20 -32.38
N VAL K 184 -21.81 3.48 -32.52
CA VAL K 184 -22.80 4.56 -32.41
C VAL K 184 -23.87 4.47 -33.50
N VAL K 185 -23.45 4.19 -34.72
CA VAL K 185 -24.39 4.10 -35.84
C VAL K 185 -25.47 3.06 -35.61
N ASN K 186 -25.10 1.94 -35.01
CA ASN K 186 -26.04 0.83 -34.81
C ASN K 186 -26.65 0.75 -33.41
N MET K 187 -26.25 1.63 -32.49
CA MET K 187 -26.75 1.47 -31.12
C MET K 187 -28.15 2.00 -30.95
N SER K 188 -28.81 1.52 -29.91
CA SER K 188 -30.15 1.96 -29.56
C SER K 188 -30.12 3.48 -29.29
N GLU K 189 -31.06 4.20 -29.90
CA GLU K 189 -31.12 5.66 -29.83
C GLU K 189 -31.10 6.17 -28.39
N ASP K 190 -31.80 5.48 -27.49
CA ASP K 190 -31.93 5.95 -26.11
C ASP K 190 -30.66 5.75 -25.27
N GLU K 191 -29.64 5.12 -25.86
CA GLU K 191 -28.38 4.90 -25.16
C GLU K 191 -27.30 5.93 -25.53
N LEU K 192 -27.61 6.86 -26.43
CA LEU K 192 -26.62 7.81 -26.92
C LEU K 192 -26.15 8.83 -25.89
N VAL K 193 -27.06 9.32 -25.05
CA VAL K 193 -26.67 10.32 -24.05
C VAL K 193 -25.62 9.74 -23.11
N ALA K 194 -25.85 8.52 -22.66
CA ALA K 194 -24.89 7.84 -21.80
C ALA K 194 -23.59 7.54 -22.56
N GLU K 195 -23.69 7.16 -23.83
CA GLU K 195 -22.51 6.91 -24.65
C GLU K 195 -21.69 8.19 -24.77
N ALA K 196 -22.37 9.31 -24.99
CA ALA K 196 -21.70 10.60 -25.07
C ALA K 196 -20.97 10.94 -23.79
N LYS K 197 -21.61 10.70 -22.65
CA LYS K 197 -20.98 10.93 -21.35
C LYS K 197 -19.70 10.12 -21.22
N GLN K 198 -19.78 8.85 -21.58
CA GLN K 198 -18.65 7.93 -21.44
C GLN K 198 -17.48 8.30 -22.36
N LEU K 199 -17.80 8.73 -23.59
CA LEU K 199 -16.78 9.14 -24.54
C LEU K 199 -16.24 10.55 -24.31
N GLY K 200 -16.95 11.37 -23.55
CA GLY K 200 -16.63 12.78 -23.41
C GLY K 200 -17.01 13.57 -24.65
N ALA K 201 -18.00 13.07 -25.39
CA ALA K 201 -18.45 13.67 -26.65
C ALA K 201 -19.74 14.48 -26.47
N PRO K 202 -19.93 15.52 -27.28
CA PRO K 202 -21.22 16.18 -27.38
C PRO K 202 -22.24 15.26 -28.02
N VAL K 203 -23.39 15.07 -27.36
CA VAL K 203 -24.39 14.12 -27.83
C VAL K 203 -24.95 14.48 -29.20
N GLU K 204 -25.10 15.78 -29.49
CA GLU K 204 -25.63 16.20 -30.79
C GLU K 204 -24.72 15.75 -31.94
N VAL K 205 -23.41 15.67 -31.69
CA VAL K 205 -22.51 15.18 -32.72
C VAL K 205 -22.74 13.68 -32.90
N LEU K 206 -22.88 12.95 -31.81
CA LEU K 206 -23.18 11.52 -31.92
C LEU K 206 -24.50 11.29 -32.65
N ARG K 207 -25.49 12.11 -32.37
CA ARG K 207 -26.78 12.00 -33.03
C ARG K 207 -26.64 12.24 -34.53
N GLU K 208 -25.84 13.22 -34.90
CA GLU K 208 -25.54 13.50 -36.29
C GLU K 208 -24.80 12.32 -36.94
N ILE K 209 -23.85 11.74 -36.23
CA ILE K 209 -23.12 10.58 -36.73
C ILE K 209 -24.06 9.40 -36.99
N LYS K 210 -24.97 9.15 -36.06
CA LYS K 210 -25.94 8.08 -36.21
C LYS K 210 -26.86 8.33 -37.40
N ARG K 211 -27.23 9.58 -37.59
CA ARG K 211 -28.08 9.97 -38.69
C ARG K 211 -27.40 9.75 -40.04
N LEU K 212 -26.14 10.20 -40.17
CA LEU K 212 -25.41 10.07 -41.42
C LEU K 212 -24.80 8.69 -41.68
N GLY K 213 -24.62 7.91 -40.63
CA GLY K 213 -23.87 6.66 -40.74
C GLY K 213 -22.37 6.86 -40.84
N ARG K 214 -21.89 8.07 -40.56
CA ARG K 214 -20.47 8.37 -40.57
C ARG K 214 -20.22 9.73 -39.95
N LEU K 215 -18.95 10.12 -39.84
CA LEU K 215 -18.62 11.47 -39.38
C LEU K 215 -19.17 12.48 -40.37
N PRO K 216 -19.65 13.64 -39.87
CA PRO K 216 -20.15 14.72 -40.73
C PRO K 216 -19.04 15.50 -41.41
N VAL K 217 -17.79 15.18 -41.13
CA VAL K 217 -16.66 15.78 -41.84
C VAL K 217 -15.76 14.69 -42.36
N VAL K 218 -14.91 15.08 -43.30
CA VAL K 218 -13.89 14.21 -43.86
C VAL K 218 -12.85 13.86 -42.78
N ASN K 219 -12.34 12.63 -42.81
CA ASN K 219 -11.37 12.14 -41.84
C ASN K 219 -10.19 11.44 -42.51
N PHE K 220 -9.04 12.10 -42.55
CA PHE K 220 -7.86 11.57 -43.22
C PHE K 220 -6.97 10.91 -42.17
N ALA K 221 -6.21 9.91 -42.60
CA ALA K 221 -5.24 9.27 -41.74
C ALA K 221 -3.93 10.01 -41.82
N ALA K 222 -3.19 9.99 -40.74
CA ALA K 222 -1.85 10.57 -40.72
C ALA K 222 -1.06 9.88 -39.62
N GLY K 223 0.26 9.85 -39.79
CA GLY K 223 1.16 9.23 -38.83
C GLY K 223 1.88 8.03 -39.38
N GLY K 224 3.07 8.26 -39.90
CA GLY K 224 3.94 7.17 -40.35
C GLY K 224 3.61 6.57 -41.70
N VAL K 225 2.71 7.20 -42.46
CA VAL K 225 2.35 6.69 -43.77
C VAL K 225 3.57 6.86 -44.65
N THR K 226 4.21 5.73 -44.98
CA THR K 226 5.51 5.73 -45.62
C THR K 226 5.48 5.06 -46.99
N THR K 227 4.91 3.86 -47.07
CA THR K 227 4.88 3.12 -48.32
C THR K 227 3.53 3.21 -49.00
N PRO K 228 3.47 2.85 -50.29
CA PRO K 228 2.19 2.75 -50.98
C PRO K 228 1.23 1.79 -50.29
N ALA K 229 1.75 0.68 -49.81
CA ALA K 229 0.93 -0.27 -49.07
C ALA K 229 0.34 0.37 -47.81
N ASP K 230 1.13 1.18 -47.10
CA ASP K 230 0.62 1.93 -45.93
C ASP K 230 -0.58 2.79 -46.30
N ALA K 231 -0.44 3.55 -47.38
CA ALA K 231 -1.47 4.48 -47.78
C ALA K 231 -2.75 3.74 -48.12
N ALA K 232 -2.63 2.68 -48.89
CA ALA K 232 -3.78 1.86 -49.26
C ALA K 232 -4.41 1.20 -48.02
N LEU K 233 -3.58 0.79 -47.06
CA LEU K 233 -4.08 0.18 -45.81
C LEU K 233 -4.99 1.17 -45.05
N MET K 234 -4.59 2.42 -44.98
CA MET K 234 -5.38 3.39 -44.27
C MET K 234 -6.74 3.54 -44.94
N MET K 235 -6.77 3.49 -46.28
CA MET K 235 -8.03 3.52 -47.01
C MET K 235 -8.85 2.26 -46.74
N HIS K 236 -8.19 1.10 -46.73
CA HIS K 236 -8.86 -0.14 -46.36
C HIS K 236 -9.53 -0.05 -44.99
N LEU K 237 -8.86 0.64 -44.06
CA LEU K 237 -9.38 0.81 -42.70
C LEU K 237 -10.44 1.89 -42.56
N GLY K 238 -10.79 2.55 -43.66
CA GLY K 238 -11.93 3.47 -43.67
C GLY K 238 -11.56 4.94 -43.62
N ALA K 239 -10.30 5.28 -43.85
CA ALA K 239 -9.88 6.66 -43.98
C ALA K 239 -10.51 7.25 -45.24
N ASP K 240 -10.67 8.57 -45.26
CA ASP K 240 -11.11 9.28 -46.45
C ASP K 240 -9.93 9.73 -47.31
N GLY K 241 -8.71 9.56 -46.82
CA GLY K 241 -7.51 10.06 -47.51
C GLY K 241 -6.34 10.00 -46.57
N VAL K 242 -5.17 10.49 -46.99
CA VAL K 242 -3.98 10.45 -46.15
C VAL K 242 -3.16 11.72 -46.21
N PHE K 243 -2.50 12.02 -45.11
CA PHE K 243 -1.43 13.02 -45.05
C PHE K 243 -0.11 12.29 -45.13
N VAL K 244 0.85 12.87 -45.84
CA VAL K 244 2.20 12.32 -45.89
C VAL K 244 3.19 13.44 -45.65
N GLY K 245 4.30 13.11 -44.98
CA GLY K 245 5.28 14.09 -44.55
C GLY K 245 6.45 14.28 -45.51
N SER K 246 7.47 14.97 -45.02
CA SER K 246 8.61 15.38 -45.82
C SER K 246 9.48 14.22 -46.30
N GLY K 247 9.33 13.05 -45.69
CA GLY K 247 10.07 11.85 -46.11
C GLY K 247 10.11 11.67 -47.62
N ILE K 248 9.02 12.00 -48.29
CA ILE K 248 8.92 11.93 -49.75
C ILE K 248 10.08 12.63 -50.47
N PHE K 249 10.44 13.81 -49.98
CA PHE K 249 11.46 14.62 -50.62
C PHE K 249 12.89 14.28 -50.20
N LYS K 250 13.04 13.36 -49.24
CA LYS K 250 14.35 12.80 -48.90
C LYS K 250 14.67 11.55 -49.71
N SER K 251 13.75 11.11 -50.55
CA SER K 251 14.00 9.95 -51.41
C SER K 251 14.82 10.34 -52.63
N GLU K 252 15.29 9.33 -53.36
CA GLU K 252 16.11 9.55 -54.54
C GLU K 252 15.29 10.16 -55.69
N ASN K 253 14.02 9.77 -55.79
CA ASN K 253 13.13 10.28 -56.84
C ASN K 253 11.76 10.69 -56.26
N PRO K 254 11.70 11.89 -55.67
CA PRO K 254 10.49 12.36 -55.00
C PRO K 254 9.23 12.30 -55.86
N GLU K 255 9.33 12.73 -57.11
CA GLU K 255 8.14 12.77 -57.96
C GLU K 255 7.57 11.38 -58.25
N LYS K 256 8.44 10.40 -58.37
CA LYS K 256 7.99 9.03 -58.53
C LYS K 256 7.36 8.49 -57.24
N TYR K 257 7.98 8.81 -56.10
CA TYR K 257 7.52 8.36 -54.80
C TYR K 257 6.15 8.99 -54.50
N ALA K 258 6.06 10.30 -54.64
CA ALA K 258 4.80 11.01 -54.40
C ALA K 258 3.68 10.42 -55.26
N ARG K 259 4.03 10.21 -56.52
CA ARG K 259 3.15 9.59 -57.49
C ARG K 259 2.64 8.20 -57.03
N ALA K 260 3.55 7.38 -56.52
CA ALA K 260 3.17 6.05 -56.05
C ALA K 260 2.16 6.10 -54.89
N ILE K 261 2.36 7.05 -53.99
CA ILE K 261 1.47 7.23 -52.86
C ILE K 261 0.09 7.67 -53.35
N VAL K 262 0.07 8.65 -54.26
CA VAL K 262 -1.16 9.15 -54.83
C VAL K 262 -1.97 8.03 -55.48
N GLU K 263 -1.30 7.24 -56.32
CA GLU K 263 -2.00 6.18 -57.07
C GLU K 263 -2.46 5.07 -56.14
N ALA K 264 -1.63 4.72 -55.16
CA ALA K 264 -2.01 3.68 -54.19
C ALA K 264 -3.20 4.11 -53.33
N THR K 265 -3.26 5.40 -52.99
CA THR K 265 -4.36 5.91 -52.17
C THR K 265 -5.67 5.93 -52.97
N THR K 266 -5.59 6.30 -54.24
CA THR K 266 -6.75 6.31 -55.14
C THR K 266 -7.21 4.89 -55.45
N HIS K 267 -6.27 4.04 -55.85
CA HIS K 267 -6.57 2.67 -56.28
C HIS K 267 -6.21 1.67 -55.20
N TYR K 268 -6.79 1.87 -54.04
CA TYR K 268 -6.35 1.20 -52.83
C TYR K 268 -6.70 -0.28 -52.76
N GLU K 269 -7.53 -0.77 -53.68
CA GLU K 269 -7.81 -2.21 -53.79
C GLU K 269 -7.15 -2.88 -55.01
N ASP K 270 -6.36 -2.13 -55.75
CA ASP K 270 -5.69 -2.68 -56.91
C ASP K 270 -4.29 -3.15 -56.54
N TYR K 271 -4.23 -4.39 -56.07
CA TYR K 271 -3.04 -4.88 -55.41
C TYR K 271 -1.90 -5.15 -56.38
N GLU K 272 -2.23 -5.51 -57.62
CA GLU K 272 -1.21 -5.64 -58.68
C GLU K 272 -0.54 -4.30 -58.95
N LEU K 273 -1.33 -3.25 -59.07
CA LEU K 273 -0.78 -1.91 -59.24
C LEU K 273 0.09 -1.50 -58.06
N ILE K 274 -0.43 -1.72 -56.86
CA ILE K 274 0.30 -1.35 -55.64
C ILE K 274 1.61 -2.11 -55.54
N ALA K 275 1.58 -3.39 -55.90
CA ALA K 275 2.79 -4.21 -55.95
C ALA K 275 3.79 -3.61 -56.93
N HIS K 276 3.33 -3.27 -58.13
CA HIS K 276 4.20 -2.66 -59.13
C HIS K 276 4.75 -1.32 -58.64
N LEU K 277 3.89 -0.50 -58.06
CA LEU K 277 4.32 0.79 -57.53
C LEU K 277 5.34 0.67 -56.40
N SER K 278 5.35 -0.44 -55.68
CA SER K 278 6.28 -0.62 -54.57
C SER K 278 7.71 -0.95 -55.02
N LYS K 279 7.88 -1.39 -56.25
CA LYS K 279 9.20 -1.87 -56.72
C LYS K 279 10.29 -0.78 -56.70
N GLY K 280 10.00 0.36 -57.31
CA GLY K 280 10.94 1.48 -57.34
C GLY K 280 11.57 1.82 -55.98
N LEU K 281 10.77 2.15 -54.97
CA LEU K 281 11.33 2.52 -53.65
C LEU K 281 12.41 1.54 -53.20
N MET L 26 -12.11 -51.97 -0.66
CA MET L 26 -13.54 -52.26 -0.97
C MET L 26 -13.71 -52.61 -2.46
N GLN L 27 -14.94 -52.89 -2.86
CA GLN L 27 -15.25 -53.26 -4.24
C GLN L 27 -15.76 -52.07 -5.03
N LYS L 28 -15.19 -51.87 -6.23
CA LYS L 28 -15.62 -50.82 -7.16
C LYS L 28 -17.11 -50.89 -7.49
N GLY L 29 -17.72 -49.72 -7.74
CA GLY L 29 -19.15 -49.59 -7.96
C GLY L 29 -19.98 -49.56 -6.68
N GLY L 30 -19.34 -49.71 -5.53
CA GLY L 30 -20.04 -49.90 -4.26
C GLY L 30 -20.41 -48.63 -3.52
N VAL L 31 -21.25 -48.81 -2.51
CA VAL L 31 -21.67 -47.75 -1.62
C VAL L 31 -21.27 -48.11 -0.20
N ILE L 32 -20.63 -47.17 0.49
CA ILE L 32 -20.29 -47.35 1.90
C ILE L 32 -21.18 -46.45 2.73
N MET L 33 -21.78 -47.00 3.77
CA MET L 33 -22.81 -46.28 4.54
C MET L 33 -22.43 -46.06 5.99
N ASP L 34 -22.70 -44.85 6.49
CA ASP L 34 -22.53 -44.52 7.89
C ASP L 34 -23.64 -45.15 8.71
N VAL L 35 -23.25 -45.86 9.78
CA VAL L 35 -24.21 -46.47 10.69
C VAL L 35 -23.80 -46.22 12.14
N VAL L 36 -24.79 -45.98 13.01
CA VAL L 36 -24.51 -45.72 14.43
C VAL L 36 -24.83 -46.91 15.34
N ASN L 37 -25.43 -47.97 14.79
CA ASN L 37 -25.79 -49.15 15.58
C ASN L 37 -26.02 -50.39 14.72
N ALA L 38 -26.24 -51.52 15.39
CA ALA L 38 -26.43 -52.82 14.72
C ALA L 38 -27.62 -52.84 13.78
N GLU L 39 -28.72 -52.19 14.20
CA GLU L 39 -29.93 -52.14 13.38
C GLU L 39 -29.63 -51.48 12.04
N GLN L 40 -29.03 -50.30 12.09
CA GLN L 40 -28.68 -49.57 10.88
C GLN L 40 -27.71 -50.35 10.02
N ALA L 41 -26.74 -50.98 10.66
CA ALA L 41 -25.75 -51.79 9.96
C ALA L 41 -26.37 -52.94 9.18
N LYS L 42 -27.35 -53.61 9.77
CA LYS L 42 -28.06 -54.71 9.10
C LYS L 42 -28.84 -54.21 7.89
N ILE L 43 -29.54 -53.10 8.07
CA ILE L 43 -30.25 -52.47 6.97
C ILE L 43 -29.31 -52.16 5.81
N ALA L 44 -28.15 -51.57 6.11
CA ALA L 44 -27.16 -51.22 5.10
C ALA L 44 -26.69 -52.46 4.36
N GLU L 45 -26.37 -53.51 5.11
CA GLU L 45 -25.98 -54.78 4.51
C GLU L 45 -27.09 -55.34 3.63
N ALA L 46 -28.31 -55.29 4.12
CA ALA L 46 -29.47 -55.80 3.39
C ALA L 46 -29.71 -55.02 2.09
N ALA L 47 -29.49 -53.71 2.14
CA ALA L 47 -29.65 -52.85 0.96
C ALA L 47 -28.57 -53.05 -0.11
N GLY L 48 -27.47 -53.72 0.24
CA GLY L 48 -26.41 -54.02 -0.73
C GLY L 48 -25.13 -53.20 -0.59
N ALA L 49 -24.98 -52.48 0.52
CA ALA L 49 -23.73 -51.76 0.82
C ALA L 49 -22.54 -52.70 0.77
N VAL L 50 -21.43 -52.23 0.22
CA VAL L 50 -20.21 -53.03 0.20
C VAL L 50 -19.44 -52.95 1.52
N ALA L 51 -19.74 -51.96 2.35
CA ALA L 51 -19.15 -51.84 3.67
C ALA L 51 -19.93 -50.84 4.48
N VAL L 52 -19.71 -50.85 5.78
CA VAL L 52 -20.32 -49.85 6.65
C VAL L 52 -19.25 -49.10 7.42
N MET L 53 -19.61 -47.87 7.80
CA MET L 53 -18.72 -46.99 8.54
C MET L 53 -19.38 -46.79 9.89
N ALA L 54 -18.76 -47.34 10.93
CA ALA L 54 -19.33 -47.28 12.27
C ALA L 54 -19.04 -45.94 12.92
N LEU L 55 -20.08 -45.26 13.41
CA LEU L 55 -19.96 -43.95 14.06
C LEU L 55 -20.64 -43.92 15.41
N GLU L 56 -20.24 -42.96 16.25
CA GLU L 56 -20.94 -42.66 17.49
C GLU L 56 -21.97 -41.56 17.25
N GLY L 67 -17.84 -28.81 19.55
CA GLY L 67 -17.17 -29.75 20.46
C GLY L 67 -16.12 -30.60 19.75
N VAL L 68 -15.40 -31.41 20.50
CA VAL L 68 -14.32 -32.23 19.95
C VAL L 68 -14.84 -33.61 19.54
N ALA L 69 -14.59 -33.98 18.29
CA ALA L 69 -15.03 -35.27 17.75
C ALA L 69 -13.85 -36.23 17.67
N ARG L 70 -13.97 -37.37 18.36
CA ARG L 70 -12.90 -38.34 18.50
C ARG L 70 -13.30 -39.70 17.97
N MET L 71 -12.36 -40.64 18.02
CA MET L 71 -12.64 -42.04 17.75
C MET L 71 -13.85 -42.47 18.57
N ALA L 72 -14.70 -43.31 17.97
CA ALA L 72 -15.90 -43.78 18.65
C ALA L 72 -15.54 -44.77 19.77
N ASP L 73 -16.44 -44.86 20.74
CA ASP L 73 -16.35 -45.88 21.80
C ASP L 73 -16.22 -47.26 21.15
N PRO L 74 -15.18 -48.03 21.53
CA PRO L 74 -14.98 -49.37 20.99
C PRO L 74 -16.23 -50.27 21.07
N THR L 75 -17.03 -50.09 22.12
CA THR L 75 -18.27 -50.85 22.29
C THR L 75 -19.19 -50.70 21.08
N VAL L 76 -19.35 -49.47 20.61
CA VAL L 76 -20.21 -49.17 19.46
C VAL L 76 -19.66 -49.83 18.19
N ILE L 77 -18.34 -49.83 18.06
CA ILE L 77 -17.71 -50.42 16.88
C ILE L 77 -17.86 -51.94 16.90
N GLU L 78 -17.69 -52.55 18.06
CA GLU L 78 -17.88 -54.00 18.20
C GLU L 78 -19.33 -54.41 17.92
N GLU L 79 -20.28 -53.62 18.42
CA GLU L 79 -21.70 -53.84 18.13
C GLU L 79 -21.94 -53.94 16.62
N VAL L 80 -21.36 -53.02 15.86
CA VAL L 80 -21.48 -53.01 14.41
C VAL L 80 -20.74 -54.18 13.78
N MET L 81 -19.54 -54.46 14.24
CA MET L 81 -18.77 -55.59 13.71
C MET L 81 -19.50 -56.93 13.84
N ASN L 82 -20.16 -57.13 14.99
CA ASN L 82 -20.90 -58.36 15.25
C ASN L 82 -22.20 -58.45 14.48
N ALA L 83 -22.74 -57.33 14.04
CA ALA L 83 -24.04 -57.28 13.39
C ALA L 83 -24.03 -57.64 11.89
N VAL L 84 -22.87 -57.61 11.24
CA VAL L 84 -22.80 -57.79 9.79
C VAL L 84 -21.57 -58.59 9.37
N SER L 85 -21.62 -59.11 8.14
CA SER L 85 -20.54 -59.88 7.55
C SER L 85 -19.70 -59.09 6.56
N ILE L 86 -20.24 -57.99 6.07
CA ILE L 86 -19.49 -57.10 5.19
C ILE L 86 -18.44 -56.31 5.98
N PRO L 87 -17.40 -55.81 5.30
CA PRO L 87 -16.35 -55.04 5.98
C PRO L 87 -16.86 -53.87 6.81
N VAL L 88 -16.23 -53.65 7.95
CA VAL L 88 -16.57 -52.54 8.84
C VAL L 88 -15.40 -51.56 8.93
N MET L 89 -15.70 -50.30 8.69
CA MET L 89 -14.72 -49.22 8.79
C MET L 89 -15.04 -48.39 10.02
N ALA L 90 -14.03 -47.71 10.53
CA ALA L 90 -14.23 -46.72 11.59
C ALA L 90 -13.21 -45.59 11.49
N VAL L 92 -10.69 -42.37 12.72
CA VAL L 92 -9.79 -41.77 13.70
C VAL L 92 -9.45 -40.33 13.31
N ARG L 93 -9.00 -39.56 14.30
CA ARG L 93 -8.57 -38.19 14.07
C ARG L 93 -7.24 -38.19 13.30
N ILE L 94 -7.07 -37.20 12.43
CA ILE L 94 -5.87 -37.10 11.62
C ILE L 94 -4.66 -37.01 12.54
N GLY L 95 -3.68 -37.87 12.27
CA GLY L 95 -2.45 -37.92 13.07
C GLY L 95 -2.51 -38.73 14.34
N HIS L 96 -3.69 -39.25 14.70
CA HIS L 96 -3.84 -39.91 16.00
C HIS L 96 -3.42 -41.39 15.89
N TYR L 97 -2.12 -41.59 15.94
CA TYR L 97 -1.50 -42.89 15.81
C TYR L 97 -2.11 -43.93 16.74
N VAL L 98 -2.37 -43.55 17.99
CA VAL L 98 -2.86 -44.51 18.99
C VAL L 98 -4.33 -44.87 18.80
N GLU L 99 -5.17 -43.90 18.46
CA GLU L 99 -6.55 -44.22 18.10
C GLU L 99 -6.56 -45.28 16.99
N ALA L 100 -5.68 -45.13 16.02
CA ALA L 100 -5.58 -46.08 14.92
C ALA L 100 -5.14 -47.45 15.40
N ARG L 101 -4.14 -47.50 16.28
CA ARG L 101 -3.69 -48.77 16.85
C ARG L 101 -4.79 -49.45 17.65
N VAL L 102 -5.61 -48.65 18.34
CA VAL L 102 -6.74 -49.18 19.10
C VAL L 102 -7.73 -49.86 18.17
N LEU L 103 -8.10 -49.18 17.09
CA LEU L 103 -9.02 -49.76 16.11
C LEU L 103 -8.44 -51.00 15.45
N GLU L 104 -7.14 -50.97 15.19
CA GLU L 104 -6.46 -52.13 14.65
C GLU L 104 -6.62 -53.31 15.62
N ALA L 105 -6.39 -53.06 16.91
CA ALA L 105 -6.52 -54.11 17.92
C ALA L 105 -7.95 -54.63 18.07
N LEU L 106 -8.93 -53.77 17.83
CA LEU L 106 -10.34 -54.20 17.87
C LEU L 106 -10.75 -55.10 16.70
N GLY L 107 -9.94 -55.18 15.65
CA GLY L 107 -10.21 -56.05 14.51
C GLY L 107 -11.02 -55.41 13.41
N VAL L 108 -11.15 -54.08 13.45
CA VAL L 108 -11.74 -53.29 12.38
C VAL L 108 -11.13 -53.67 11.01
N ASP L 109 -11.92 -53.60 9.95
CA ASP L 109 -11.45 -53.96 8.61
C ASP L 109 -10.72 -52.82 7.88
N TYR L 110 -11.17 -51.58 8.11
CA TYR L 110 -10.50 -50.41 7.55
C TYR L 110 -10.52 -49.28 8.56
N ILE L 111 -9.45 -48.50 8.56
CA ILE L 111 -9.40 -47.28 9.36
C ILE L 111 -9.51 -46.08 8.43
N ASP L 112 -10.41 -45.17 8.78
CA ASP L 112 -10.58 -43.94 8.05
C ASP L 112 -9.95 -42.78 8.83
N GLU L 113 -8.78 -42.34 8.37
CA GLU L 113 -8.13 -41.17 8.95
C GLU L 113 -8.90 -39.97 8.41
N SER L 114 -9.78 -39.44 9.25
CA SER L 114 -10.88 -38.60 8.78
C SER L 114 -10.77 -37.15 9.16
N GLU L 115 -10.93 -36.28 8.18
CA GLU L 115 -10.94 -34.82 8.38
C GLU L 115 -12.22 -34.28 9.05
N VAL L 116 -13.28 -35.08 9.11
CA VAL L 116 -14.49 -34.62 9.79
C VAL L 116 -14.38 -34.75 11.30
N LEU L 117 -13.49 -35.63 11.78
CA LEU L 117 -13.15 -35.62 13.19
C LEU L 117 -12.18 -34.47 13.43
N THR L 118 -11.99 -34.12 14.71
CA THR L 118 -11.14 -32.99 15.06
C THR L 118 -9.68 -33.41 14.92
N PRO L 119 -8.95 -32.80 13.98
CA PRO L 119 -7.55 -33.23 13.80
C PRO L 119 -6.73 -33.21 15.08
N ALA L 120 -5.96 -34.27 15.30
CA ALA L 120 -5.04 -34.36 16.41
C ALA L 120 -3.67 -33.80 16.07
N ASP L 121 -3.34 -33.81 14.77
CA ASP L 121 -2.06 -33.30 14.29
C ASP L 121 -2.29 -32.49 13.03
N GLU L 122 -1.99 -31.18 13.09
CA GLU L 122 -2.20 -30.27 11.96
C GLU L 122 -1.19 -30.43 10.84
N GLU L 123 -0.06 -31.07 11.13
CA GLU L 123 1.07 -31.11 10.18
C GLU L 123 1.40 -32.50 9.63
N PHE L 124 1.23 -33.54 10.44
CA PHE L 124 1.68 -34.87 10.09
C PHE L 124 0.54 -35.88 10.20
N HIS L 125 0.26 -36.57 9.10
CA HIS L 125 -0.69 -37.66 9.12
C HIS L 125 0.00 -38.92 9.65
N ILE L 126 -0.83 -39.90 9.99
CA ILE L 126 -0.34 -41.18 10.48
C ILE L 126 0.56 -41.85 9.44
N ASP L 127 1.65 -42.44 9.89
CA ASP L 127 2.45 -43.28 9.02
C ASP L 127 1.77 -44.63 8.90
N LYS L 128 0.89 -44.73 7.90
CA LYS L 128 0.01 -45.88 7.74
C LYS L 128 0.74 -47.13 7.22
N ARG L 129 1.96 -46.97 6.74
CA ARG L 129 2.79 -48.09 6.31
C ARG L 129 3.12 -49.05 7.46
N GLN L 130 3.06 -48.56 8.70
CA GLN L 130 3.41 -49.35 9.87
C GLN L 130 2.26 -50.21 10.39
N PHE L 131 1.13 -50.22 9.67
CA PHE L 131 -0.07 -50.90 10.14
C PHE L 131 -0.42 -52.12 9.28
N THR L 132 -1.13 -53.06 9.89
CA THR L 132 -1.62 -54.25 9.21
C THR L 132 -2.92 -53.91 8.49
N VAL L 133 -3.81 -53.23 9.20
CA VAL L 133 -5.10 -52.85 8.65
C VAL L 133 -4.95 -51.72 7.61
N PRO L 134 -5.71 -51.81 6.50
CA PRO L 134 -5.64 -50.74 5.50
C PRO L 134 -6.35 -49.47 5.93
N PHE L 135 -5.87 -48.33 5.41
CA PHE L 135 -6.47 -47.01 5.68
C PHE L 135 -7.12 -46.42 4.44
N VAL L 136 -8.22 -45.72 4.67
CA VAL L 136 -8.75 -44.77 3.72
C VAL L 136 -8.45 -43.37 4.21
N CYS L 137 -8.03 -42.49 3.29
CA CYS L 137 -7.75 -41.09 3.59
C CYS L 137 -8.49 -40.19 2.64
N GLY L 138 -8.72 -38.96 3.07
CA GLY L 138 -9.35 -37.95 2.24
C GLY L 138 -8.34 -37.24 1.34
N CYS L 139 -8.81 -36.65 0.25
CA CYS L 139 -7.98 -35.79 -0.60
C CYS L 139 -8.85 -34.82 -1.37
N ARG L 140 -8.29 -33.65 -1.69
CA ARG L 140 -8.98 -32.63 -2.44
C ARG L 140 -8.34 -32.38 -3.80
N ASP L 141 -7.12 -32.87 -3.99
CA ASP L 141 -6.40 -32.72 -5.25
C ASP L 141 -5.34 -33.80 -5.34
N LEU L 142 -4.66 -33.87 -6.48
CA LEU L 142 -3.75 -34.99 -6.73
C LEU L 142 -2.51 -34.96 -5.83
N GLY L 143 -2.09 -33.74 -5.45
CA GLY L 143 -0.98 -33.59 -4.53
C GLY L 143 -1.27 -34.26 -3.21
N GLU L 144 -2.43 -33.94 -2.64
CA GLU L 144 -2.88 -34.57 -1.40
C GLU L 144 -3.00 -36.08 -1.55
N ALA L 145 -3.61 -36.51 -2.66
CA ALA L 145 -3.80 -37.93 -2.92
C ALA L 145 -2.46 -38.64 -2.91
N ALA L 146 -1.49 -38.06 -3.58
CA ALA L 146 -0.18 -38.68 -3.71
C ALA L 146 0.58 -38.69 -2.39
N ARG L 147 0.40 -37.66 -1.58
CA ARG L 147 1.02 -37.62 -0.26
C ARG L 147 0.40 -38.67 0.67
N ARG L 148 -0.92 -38.81 0.63
CA ARG L 148 -1.61 -39.85 1.39
C ARG L 148 -1.13 -41.25 0.99
N ILE L 149 -0.98 -41.47 -0.31
CA ILE L 149 -0.48 -42.74 -0.80
C ILE L 149 0.94 -43.00 -0.30
N ALA L 150 1.78 -41.98 -0.33
CA ALA L 150 3.16 -42.14 0.15
C ALA L 150 3.25 -42.46 1.64
N GLU L 151 2.26 -42.00 2.40
CA GLU L 151 2.15 -42.33 3.81
C GLU L 151 1.62 -43.74 4.05
N GLY L 152 1.14 -44.40 2.99
CA GLY L 152 0.66 -45.80 3.08
C GLY L 152 -0.85 -46.00 2.95
N ALA L 153 -1.58 -44.96 2.53
CA ALA L 153 -3.02 -45.10 2.32
C ALA L 153 -3.32 -46.22 1.32
N SER L 154 -4.33 -47.03 1.62
CA SER L 154 -4.75 -48.11 0.72
C SER L 154 -5.98 -47.75 -0.09
N MET L 155 -6.62 -46.64 0.23
CA MET L 155 -7.84 -46.22 -0.44
C MET L 155 -7.99 -44.72 -0.25
N LEU L 156 -8.64 -44.05 -1.20
CA LEU L 156 -8.88 -42.63 -1.10
C LEU L 156 -10.35 -42.28 -1.14
N ARG L 157 -10.65 -41.15 -0.50
CA ARG L 157 -11.96 -40.55 -0.47
C ARG L 157 -11.78 -39.12 -0.96
N THR L 158 -12.26 -38.82 -2.14
CA THR L 158 -12.13 -37.48 -2.67
C THR L 158 -13.32 -36.69 -2.19
N LYS L 159 -13.07 -35.69 -1.36
CA LYS L 159 -14.13 -34.99 -0.67
C LYS L 159 -13.79 -33.56 -0.30
N GLY L 160 -14.77 -32.68 -0.42
CA GLY L 160 -14.67 -31.30 0.08
C GLY L 160 -15.22 -31.16 1.48
N GLU L 161 -16.16 -30.24 1.67
CA GLU L 161 -16.80 -30.00 2.96
C GLU L 161 -17.91 -31.04 3.24
N PRO L 162 -18.04 -31.49 4.50
CA PRO L 162 -19.05 -32.48 4.91
C PRO L 162 -20.33 -31.86 5.47
N GLY L 163 -21.40 -32.65 5.49
CA GLY L 163 -22.64 -32.27 6.18
C GLY L 163 -23.50 -31.21 5.53
N THR L 164 -23.20 -30.83 4.30
CA THR L 164 -23.95 -29.76 3.62
C THR L 164 -25.16 -30.28 2.82
N GLY L 165 -25.16 -31.56 2.46
CA GLY L 165 -26.09 -32.08 1.47
C GLY L 165 -25.85 -31.54 0.05
N ASN L 166 -24.73 -30.86 -0.15
CA ASN L 166 -24.43 -30.18 -1.39
C ASN L 166 -23.34 -30.95 -2.13
N ILE L 167 -23.69 -31.46 -3.30
CA ILE L 167 -22.79 -32.32 -4.05
C ILE L 167 -21.60 -31.55 -4.67
N VAL L 168 -21.65 -30.22 -4.66
CA VAL L 168 -20.60 -29.41 -5.31
C VAL L 168 -19.21 -29.69 -4.72
N GLU L 169 -19.21 -30.06 -3.45
CA GLU L 169 -17.99 -30.35 -2.73
C GLU L 169 -17.29 -31.55 -3.36
N ALA L 170 -18.04 -32.64 -3.47
CA ALA L 170 -17.56 -33.85 -4.11
C ALA L 170 -17.18 -33.62 -5.58
N VAL L 171 -18.03 -32.89 -6.32
CA VAL L 171 -17.81 -32.65 -7.74
C VAL L 171 -16.52 -31.86 -8.01
N ARG L 172 -16.36 -30.74 -7.32
CA ARG L 172 -15.17 -29.88 -7.48
C ARG L 172 -13.92 -30.74 -7.41
N HIS L 173 -13.84 -31.57 -6.37
CA HIS L 173 -12.60 -32.28 -6.10
C HIS L 173 -12.42 -33.54 -6.93
N MET L 174 -13.51 -34.22 -7.28
CA MET L 174 -13.39 -35.35 -8.19
C MET L 174 -12.98 -34.87 -9.57
N ARG L 175 -13.53 -33.72 -10.01
CA ARG L 175 -13.14 -33.12 -11.29
C ARG L 175 -11.67 -32.70 -11.29
N LYS L 176 -11.22 -32.11 -10.18
CA LYS L 176 -9.83 -31.67 -10.04
C LYS L 176 -8.86 -32.86 -10.06
N VAL L 177 -9.11 -33.84 -9.20
CA VAL L 177 -8.25 -35.00 -9.08
C VAL L 177 -8.17 -35.74 -10.41
N ASN L 178 -9.30 -35.99 -11.05
CA ASN L 178 -9.29 -36.76 -12.29
C ASN L 178 -8.71 -35.96 -13.48
N ALA L 179 -8.96 -34.66 -13.53
CA ALA L 179 -8.34 -33.83 -14.54
C ALA L 179 -6.82 -33.85 -14.40
N GLN L 180 -6.33 -33.77 -13.16
CA GLN L 180 -4.89 -33.80 -12.88
C GLN L 180 -4.29 -35.17 -13.20
N ILE L 181 -5.06 -36.24 -12.99
CA ILE L 181 -4.60 -37.56 -13.38
C ILE L 181 -4.48 -37.68 -14.89
N ARG L 182 -5.53 -37.28 -15.61
CA ARG L 182 -5.48 -37.35 -17.08
C ARG L 182 -4.29 -36.56 -17.65
N LYS L 183 -3.98 -35.43 -17.04
CA LYS L 183 -2.83 -34.64 -17.45
C LYS L 183 -1.54 -35.42 -17.27
N VAL L 184 -1.36 -36.00 -16.08
CA VAL L 184 -0.18 -36.78 -15.76
C VAL L 184 -0.03 -38.03 -16.66
N VAL L 185 -1.14 -38.72 -16.88
CA VAL L 185 -1.13 -39.93 -17.71
C VAL L 185 -0.62 -39.65 -19.11
N ASN L 186 -0.97 -38.50 -19.67
CA ASN L 186 -0.61 -38.20 -21.04
C ASN L 186 0.61 -37.29 -21.18
N MET L 187 1.17 -36.81 -20.08
CA MET L 187 2.25 -35.82 -20.20
C MET L 187 3.60 -36.46 -20.51
N SER L 188 4.46 -35.66 -21.12
CA SER L 188 5.79 -36.08 -21.47
C SER L 188 6.50 -36.58 -20.20
N GLU L 189 7.12 -37.75 -20.29
CA GLU L 189 7.76 -38.39 -19.14
C GLU L 189 8.77 -37.47 -18.43
N ASP L 190 9.54 -36.72 -19.20
CA ASP L 190 10.59 -35.87 -18.63
C ASP L 190 10.06 -34.65 -17.88
N GLU L 191 8.75 -34.42 -17.93
CA GLU L 191 8.13 -33.27 -17.26
C GLU L 191 7.55 -33.61 -15.89
N LEU L 192 7.61 -34.89 -15.50
CA LEU L 192 6.96 -35.35 -14.28
C LEU L 192 7.59 -34.83 -13.00
N VAL L 193 8.92 -34.75 -12.96
CA VAL L 193 9.60 -34.26 -11.76
C VAL L 193 9.16 -32.83 -11.45
N ALA L 194 9.09 -31.98 -12.47
CA ALA L 194 8.63 -30.62 -12.28
C ALA L 194 7.13 -30.58 -11.93
N GLU L 195 6.34 -31.45 -12.53
CA GLU L 195 4.92 -31.55 -12.20
C GLU L 195 4.75 -31.90 -10.72
N ALA L 196 5.54 -32.88 -10.27
CA ALA L 196 5.49 -33.30 -8.88
C ALA L 196 5.82 -32.14 -7.94
N LYS L 197 6.88 -31.40 -8.27
CA LYS L 197 7.24 -30.24 -7.46
C LYS L 197 6.08 -29.26 -7.36
N GLN L 198 5.44 -28.98 -8.49
CA GLN L 198 4.35 -28.02 -8.56
C GLN L 198 3.11 -28.50 -7.78
N LEU L 199 2.81 -29.80 -7.86
CA LEU L 199 1.67 -30.36 -7.14
C LEU L 199 1.94 -30.61 -5.66
N GLY L 200 3.22 -30.65 -5.28
CA GLY L 200 3.59 -31.09 -3.93
C GLY L 200 3.48 -32.60 -3.76
N ALA L 201 3.58 -33.34 -4.87
CA ALA L 201 3.43 -34.79 -4.90
C ALA L 201 4.79 -35.49 -4.92
N PRO L 202 4.86 -36.71 -4.36
CA PRO L 202 5.99 -37.60 -4.60
C PRO L 202 6.03 -38.08 -6.06
N VAL L 203 7.16 -37.89 -6.73
CA VAL L 203 7.26 -38.20 -8.15
C VAL L 203 7.01 -39.69 -8.45
N GLU L 204 7.45 -40.57 -7.56
CA GLU L 204 7.26 -42.00 -7.77
C GLU L 204 5.79 -42.39 -7.81
N VAL L 205 4.95 -41.66 -7.08
CA VAL L 205 3.51 -41.89 -7.17
C VAL L 205 3.00 -41.41 -8.53
N LEU L 206 3.46 -40.25 -8.99
CA LEU L 206 3.07 -39.78 -10.31
C LEU L 206 3.51 -40.73 -11.41
N ARG L 207 4.71 -41.27 -11.27
CA ARG L 207 5.23 -42.23 -12.23
C ARG L 207 4.37 -43.49 -12.27
N GLU L 208 3.97 -43.96 -11.09
CA GLU L 208 3.05 -45.09 -10.97
C GLU L 208 1.71 -44.77 -11.61
N ILE L 209 1.20 -43.56 -11.38
CA ILE L 209 -0.09 -43.15 -11.96
C ILE L 209 -0.01 -43.16 -13.48
N LYS L 210 1.08 -42.63 -14.03
CA LYS L 210 1.30 -42.63 -15.47
C LYS L 210 1.36 -44.05 -16.02
N ARG L 211 2.03 -44.93 -15.29
CA ARG L 211 2.18 -46.32 -15.69
C ARG L 211 0.83 -47.04 -15.74
N LEU L 212 0.00 -46.87 -14.70
CA LEU L 212 -1.29 -47.55 -14.62
C LEU L 212 -2.42 -46.86 -15.39
N GLY L 213 -2.25 -45.59 -15.70
CA GLY L 213 -3.32 -44.82 -16.32
C GLY L 213 -4.38 -44.39 -15.33
N ARG L 214 -4.11 -44.56 -14.05
CA ARG L 214 -5.06 -44.19 -13.00
C ARG L 214 -4.36 -44.23 -11.65
N LEU L 215 -5.08 -43.88 -10.58
CA LEU L 215 -4.54 -44.03 -9.24
C LEU L 215 -4.30 -45.50 -8.92
N PRO L 216 -3.23 -45.80 -8.15
CA PRO L 216 -2.94 -47.18 -7.77
C PRO L 216 -3.84 -47.70 -6.65
N VAL L 217 -4.72 -46.86 -6.15
CA VAL L 217 -5.71 -47.28 -5.17
C VAL L 217 -7.09 -46.83 -5.64
N VAL L 218 -8.09 -47.43 -5.04
CA VAL L 218 -9.48 -47.08 -5.25
C VAL L 218 -9.76 -45.69 -4.71
N ASN L 219 -10.61 -44.94 -5.42
CA ASN L 219 -10.96 -43.57 -5.04
C ASN L 219 -12.46 -43.36 -5.06
N PHE L 220 -13.06 -43.25 -3.89
CA PHE L 220 -14.50 -43.06 -3.75
C PHE L 220 -14.81 -41.60 -3.56
N ALA L 221 -16.00 -41.19 -4.00
CA ALA L 221 -16.48 -39.83 -3.80
C ALA L 221 -17.19 -39.76 -2.46
N ALA L 222 -17.14 -38.59 -1.85
CA ALA L 222 -17.87 -38.32 -0.63
C ALA L 222 -18.09 -36.82 -0.51
N GLY L 223 -19.14 -36.45 0.20
CA GLY L 223 -19.48 -35.05 0.41
C GLY L 223 -20.79 -34.67 -0.26
N GLY L 224 -21.87 -34.73 0.51
CA GLY L 224 -23.16 -34.25 0.04
C GLY L 224 -23.91 -35.18 -0.92
N VAL L 225 -23.44 -36.41 -1.06
CA VAL L 225 -24.12 -37.37 -1.92
C VAL L 225 -25.45 -37.69 -1.26
N THR L 226 -26.54 -37.18 -1.84
CA THR L 226 -27.85 -37.20 -1.22
C THR L 226 -28.86 -37.99 -2.04
N THR L 227 -28.97 -37.72 -3.34
CA THR L 227 -29.94 -38.38 -4.19
C THR L 227 -29.30 -39.47 -5.05
N PRO L 228 -30.14 -40.37 -5.60
CA PRO L 228 -29.62 -41.36 -6.52
C PRO L 228 -28.90 -40.74 -7.71
N ALA L 229 -29.43 -39.63 -8.20
CA ALA L 229 -28.79 -38.91 -9.28
C ALA L 229 -27.39 -38.45 -8.87
N ASP L 230 -27.25 -37.96 -7.63
CA ASP L 230 -25.93 -37.53 -7.09
C ASP L 230 -24.93 -38.67 -7.15
N ALA L 231 -25.35 -39.84 -6.68
CA ALA L 231 -24.47 -40.99 -6.63
C ALA L 231 -24.02 -41.39 -8.02
N ALA L 232 -24.96 -41.46 -8.95
CA ALA L 232 -24.64 -41.82 -10.33
C ALA L 232 -23.75 -40.77 -11.00
N LEU L 233 -23.98 -39.50 -10.68
CA LEU L 233 -23.11 -38.42 -11.18
C LEU L 233 -21.66 -38.64 -10.78
N MET L 234 -21.42 -38.98 -9.53
CA MET L 234 -20.06 -39.16 -9.06
C MET L 234 -19.39 -40.29 -9.86
N MET L 235 -20.14 -41.36 -10.14
CA MET L 235 -19.63 -42.44 -10.99
C MET L 235 -19.37 -41.93 -12.41
N HIS L 236 -20.30 -41.15 -12.96
CA HIS L 236 -20.09 -40.52 -14.26
C HIS L 236 -18.77 -39.72 -14.29
N LEU L 237 -18.46 -39.05 -13.19
CA LEU L 237 -17.24 -38.24 -13.10
C LEU L 237 -15.98 -39.04 -12.81
N GLY L 238 -16.10 -40.36 -12.72
CA GLY L 238 -14.94 -41.23 -12.62
C GLY L 238 -14.64 -41.75 -11.24
N ALA L 239 -15.56 -41.59 -10.29
CA ALA L 239 -15.39 -42.18 -8.97
C ALA L 239 -15.42 -43.71 -9.08
N ASP L 240 -14.79 -44.40 -8.13
CA ASP L 240 -14.87 -45.86 -8.03
C ASP L 240 -16.03 -46.31 -7.15
N GLY L 241 -16.72 -45.36 -6.50
CA GLY L 241 -17.79 -45.68 -5.57
C GLY L 241 -18.13 -44.45 -4.78
N VAL L 242 -19.03 -44.56 -3.81
CA VAL L 242 -19.43 -43.41 -3.01
C VAL L 242 -19.61 -43.76 -1.52
N PHE L 243 -19.34 -42.76 -0.68
CA PHE L 243 -19.69 -42.78 0.73
C PHE L 243 -20.98 -42.00 0.89
N VAL L 244 -21.85 -42.46 1.76
CA VAL L 244 -23.07 -41.74 2.10
C VAL L 244 -23.20 -41.69 3.60
N GLY L 245 -23.76 -40.58 4.09
CA GLY L 245 -23.87 -40.32 5.53
C GLY L 245 -25.18 -40.74 6.16
N SER L 246 -25.38 -40.27 7.38
CA SER L 246 -26.52 -40.68 8.21
C SER L 246 -27.88 -40.19 7.70
N GLY L 247 -27.87 -39.21 6.79
CA GLY L 247 -29.10 -38.72 6.17
C GLY L 247 -30.06 -39.82 5.74
N ILE L 248 -29.51 -40.93 5.26
CA ILE L 248 -30.30 -42.10 4.87
C ILE L 248 -31.28 -42.55 5.96
N PHE L 249 -30.82 -42.58 7.19
CA PHE L 249 -31.62 -43.09 8.31
C PHE L 249 -32.55 -42.06 8.93
N LYS L 250 -32.47 -40.81 8.47
CA LYS L 250 -33.43 -39.78 8.83
C LYS L 250 -34.61 -39.71 7.85
N SER L 251 -34.60 -40.53 6.80
CA SER L 251 -35.71 -40.59 5.85
C SER L 251 -36.86 -41.43 6.41
N GLU L 252 -37.99 -41.38 5.72
CA GLU L 252 -39.18 -42.11 6.14
C GLU L 252 -38.99 -43.62 5.94
N ASN L 253 -38.28 -44.00 4.88
CA ASN L 253 -38.04 -45.41 4.57
C ASN L 253 -36.56 -45.63 4.23
N PRO L 254 -35.71 -45.76 5.27
CA PRO L 254 -34.27 -45.91 5.10
C PRO L 254 -33.84 -47.03 4.18
N GLU L 255 -34.45 -48.20 4.32
CA GLU L 255 -34.06 -49.36 3.52
C GLU L 255 -34.32 -49.13 2.04
N LYS L 256 -35.41 -48.46 1.71
CA LYS L 256 -35.72 -48.13 0.32
C LYS L 256 -34.73 -47.09 -0.22
N TYR L 257 -34.43 -46.10 0.61
CA TYR L 257 -33.51 -45.01 0.24
C TYR L 257 -32.11 -45.56 0.02
N ALA L 258 -31.60 -46.32 0.99
CA ALA L 258 -30.29 -46.94 0.89
C ALA L 258 -30.20 -47.78 -0.38
N ARG L 259 -31.24 -48.57 -0.59
CA ARG L 259 -31.37 -49.39 -1.78
C ARG L 259 -31.26 -48.58 -3.07
N ALA L 260 -31.97 -47.46 -3.14
CA ALA L 260 -31.97 -46.62 -4.33
C ALA L 260 -30.56 -46.10 -4.64
N ILE L 261 -29.83 -45.71 -3.59
CA ILE L 261 -28.45 -45.24 -3.75
C ILE L 261 -27.58 -46.36 -4.27
N VAL L 262 -27.70 -47.54 -3.66
CA VAL L 262 -26.93 -48.69 -4.10
C VAL L 262 -27.16 -49.00 -5.58
N GLU L 263 -28.42 -49.05 -5.99
CA GLU L 263 -28.73 -49.42 -7.38
C GLU L 263 -28.29 -48.33 -8.36
N ALA L 264 -28.49 -47.07 -7.97
CA ALA L 264 -28.05 -45.96 -8.80
C ALA L 264 -26.54 -45.94 -9.00
N THR L 265 -25.79 -46.28 -7.94
CA THR L 265 -24.34 -46.29 -8.01
C THR L 265 -23.84 -47.43 -8.88
N THR L 266 -24.49 -48.58 -8.79
CA THR L 266 -24.14 -49.74 -9.61
C THR L 266 -24.53 -49.53 -11.07
N HIS L 267 -25.76 -49.09 -11.29
CA HIS L 267 -26.28 -48.91 -12.63
C HIS L 267 -26.33 -47.43 -12.98
N TYR L 268 -25.15 -46.81 -12.96
CA TYR L 268 -25.06 -45.35 -13.01
C TYR L 268 -25.35 -44.74 -14.39
N GLU L 269 -25.44 -45.56 -15.43
CA GLU L 269 -25.85 -45.08 -16.75
C GLU L 269 -27.27 -45.51 -17.15
N ASP L 270 -28.00 -46.15 -16.23
CA ASP L 270 -29.37 -46.58 -16.50
C ASP L 270 -30.33 -45.51 -16.02
N TYR L 271 -30.59 -44.53 -16.88
CA TYR L 271 -31.28 -43.33 -16.47
C TYR L 271 -32.77 -43.56 -16.21
N GLU L 272 -33.37 -44.50 -16.94
CA GLU L 272 -34.76 -44.90 -16.67
C GLU L 272 -34.90 -45.50 -15.28
N LEU L 273 -33.98 -46.39 -14.92
CA LEU L 273 -33.96 -46.94 -13.56
C LEU L 273 -33.77 -45.83 -12.52
N ILE L 274 -32.78 -44.97 -12.75
CA ILE L 274 -32.47 -43.89 -11.79
C ILE L 274 -33.67 -42.96 -11.62
N ALA L 275 -34.34 -42.67 -12.73
CA ALA L 275 -35.57 -41.85 -12.71
C ALA L 275 -36.63 -42.53 -11.85
N HIS L 276 -36.83 -43.82 -12.07
CA HIS L 276 -37.80 -44.58 -11.29
C HIS L 276 -37.42 -44.58 -9.81
N LEU L 277 -36.15 -44.84 -9.53
CA LEU L 277 -35.66 -44.88 -8.15
C LEU L 277 -35.79 -43.55 -7.43
N SER L 278 -35.83 -42.44 -8.18
CA SER L 278 -35.93 -41.11 -7.59
C SER L 278 -37.35 -40.74 -7.13
N LYS L 279 -38.36 -41.47 -7.61
CA LYS L 279 -39.76 -41.14 -7.33
C LYS L 279 -40.12 -41.21 -5.86
N GLY L 280 -39.84 -42.35 -5.22
CA GLY L 280 -40.12 -42.55 -3.80
C GLY L 280 -39.65 -41.38 -2.94
N LEU L 281 -38.41 -40.95 -3.18
CA LEU L 281 -37.72 -40.00 -2.32
C LEU L 281 -38.16 -38.57 -2.63
#